data_7U3A
#
_entry.id   7U3A
#
_cell.length_a   129.470
_cell.length_b   127.660
_cell.length_c   179.720
_cell.angle_alpha   90.000
_cell.angle_beta   93.730
_cell.angle_gamma   90.000
#
_symmetry.space_group_name_H-M   'C 1 2 1'
#
loop_
_entity.id
_entity.type
_entity.pdbx_description
1 polymer 'Glycogen debranching enzyme GlgX'
2 non-polymer "9,9'-[(2R,3R,3aS,5S,7aR,9R,10R,10aS,12S,14aR)-3,5,10,12-tetrahydroxy-5,12-dioxidooctahydro-2H,7H-difuro[3,2-d:3',2'-j][1,3,7,9,2,8]tetraoxadiphosphacyclododecine-2,9-diyl]bis(2-amino-1,9-dihydro-6H-purin-6-one)"
#
_entity_poly.entity_id   1
_entity_poly.type   'polypeptide(L)'
_entity_poly.pdbx_seq_one_letter_code
;GSHMQVWPGQAYPLGATYDGAGTNFAVFSEAAHRIELCLLHDDGSETAVELRETDAFVRHAYLPGVMPGQRYGFRVHGPY
APERGLRCNAAKLLLDPYARAVSGRVRWGEAVYGYPFGRPDARNDLDSAPDTMTSVVVNPYFDWGDDRRPRTEYHHTVIY
EAHVKGLTMLHPDLPEELRGTYAGLAHPSVIGHLRELGVTALELMPVHQFVNDHRLVDAGLSNYWGYNTIGFFAPHNAYA
SWGDRGQQVLEFKSAVRALHQAGIEVILDVVYNHTAEGNHLGPTLSMRGLDNPSYYRLADDPRYYMDTTGTGNSLLMRSP
HVLQLIMDSLRYWVTEMHVDGFRFDLAATLARQFHEVDRLSSFFDLVQQDPVVSQVKLIAEPWDVGEGGYQVGNFPPLWT
EWNGKYRDCVRDLWRGEPRTLAEFASRLTGSSDLYQDDGRRPLASVNFVTCHDGFTLRDLVSYNEKRNEANGEGNRDGEN
YNRSWNCGEEGETEDVGITELRARQMRNFLATLMLSQGVPMLSHGDEFGRTQGGNNNAYCQDNEVSWVRWPKENSEAEAT
LLRFTRSMVRLRREHPVFRRRRFFHGRPVEGTHDELTDIAWFTPEGEEMTSRDWQAAHAQALTVFLNGNAISEPGTQGER
IADDSFLLMFNASAKELEFVVPDSHGRYWRMVVDTSDPEGMPPQQGPELAGGERVTLAPLSLTVLRRPA
;
_entity_poly.pdbx_strand_id   A,B,C,D
#
# COMPACT_ATOMS: atom_id res chain seq x y z
N MET A 4 41.34 -21.23 -24.66
CA MET A 4 40.94 -21.41 -23.24
C MET A 4 39.63 -22.17 -23.17
N GLN A 5 39.36 -22.80 -22.03
CA GLN A 5 38.12 -23.59 -21.84
C GLN A 5 37.21 -22.86 -20.88
N VAL A 6 36.05 -22.42 -21.35
CA VAL A 6 35.05 -21.62 -20.58
C VAL A 6 33.70 -22.31 -20.58
N TRP A 7 33.34 -22.95 -19.47
CA TRP A 7 32.07 -23.60 -19.25
C TRP A 7 31.06 -22.61 -18.67
N PRO A 8 29.77 -22.79 -18.94
CA PRO A 8 28.78 -21.85 -18.40
C PRO A 8 28.75 -21.80 -16.88
N GLY A 9 28.80 -22.95 -16.22
CA GLY A 9 28.89 -22.96 -14.78
C GLY A 9 27.61 -22.52 -14.09
N GLN A 10 27.75 -22.20 -12.82
CA GLN A 10 26.64 -21.82 -11.96
C GLN A 10 26.62 -20.31 -11.73
N ALA A 11 25.48 -19.82 -11.25
CA ALA A 11 25.33 -18.45 -10.80
C ALA A 11 25.48 -18.31 -9.30
N TYR A 12 25.64 -19.41 -8.57
CA TYR A 12 25.83 -19.41 -7.13
C TYR A 12 27.02 -20.28 -6.77
N PRO A 13 27.81 -19.87 -5.76
CA PRO A 13 27.67 -18.58 -5.07
C PRO A 13 28.40 -17.46 -5.78
N LEU A 14 28.03 -16.23 -5.49
CA LEU A 14 28.68 -15.08 -6.11
C LEU A 14 30.17 -15.06 -5.76
N GLY A 15 30.97 -14.54 -6.68
CA GLY A 15 32.41 -14.51 -6.52
C GLY A 15 33.09 -15.68 -7.18
N ALA A 16 34.41 -15.71 -7.03
CA ALA A 16 35.23 -16.79 -7.58
C ALA A 16 35.30 -17.91 -6.56
N THR A 17 34.63 -19.01 -6.87
CA THR A 17 34.67 -20.15 -5.94
C THR A 17 35.39 -21.29 -6.64
N TYR A 18 36.46 -21.78 -6.01
CA TYR A 18 37.31 -22.87 -6.49
C TYR A 18 36.64 -24.19 -6.22
N ASP A 19 36.76 -25.15 -7.10
CA ASP A 19 36.02 -26.40 -6.81
C ASP A 19 36.97 -27.59 -6.72
N GLY A 20 37.99 -27.61 -7.52
CA GLY A 20 38.97 -28.69 -7.57
C GLY A 20 39.53 -28.65 -8.96
N ALA A 21 38.67 -28.77 -9.97
CA ALA A 21 39.13 -28.63 -11.35
C ALA A 21 39.58 -27.19 -11.53
N GLY A 22 38.66 -26.26 -11.46
CA GLY A 22 39.08 -24.87 -11.62
C GLY A 22 38.23 -23.98 -10.76
N THR A 23 37.88 -22.81 -11.27
CA THR A 23 37.11 -21.82 -10.51
C THR A 23 35.83 -21.47 -11.27
N ASN A 24 34.78 -21.13 -10.52
CA ASN A 24 33.54 -20.62 -11.07
C ASN A 24 33.36 -19.18 -10.64
N PHE A 25 33.16 -18.30 -11.60
CA PHE A 25 33.06 -16.87 -11.36
C PHE A 25 31.62 -16.41 -11.56
N ALA A 26 31.14 -15.55 -10.67
CA ALA A 26 29.75 -15.09 -10.74
C ALA A 26 29.69 -13.65 -10.22
N VAL A 27 29.37 -12.72 -11.11
CA VAL A 27 29.26 -11.31 -10.76
C VAL A 27 27.88 -10.81 -11.19
N PHE A 28 27.33 -9.88 -10.42
CA PHE A 28 26.00 -9.35 -10.67
C PHE A 28 26.08 -7.96 -11.30
N SER A 29 25.27 -7.74 -12.34
CA SER A 29 25.05 -6.39 -12.86
C SER A 29 23.79 -6.41 -13.71
N GLU A 30 22.83 -5.61 -13.29
CA GLU A 30 21.57 -5.53 -14.03
C GLU A 30 21.64 -4.38 -15.02
N ALA A 31 22.69 -3.72 -15.04
CA ALA A 31 22.90 -2.61 -15.96
C ALA A 31 24.22 -2.76 -16.69
N ALA A 32 24.47 -3.96 -17.20
CA ALA A 32 25.69 -4.28 -17.93
C ALA A 32 25.31 -5.03 -19.20
N HIS A 33 25.47 -4.36 -20.34
CA HIS A 33 25.22 -5.03 -21.61
C HIS A 33 26.15 -6.22 -21.80
N ARG A 34 27.41 -6.07 -21.38
CA ARG A 34 28.38 -7.17 -21.44
C ARG A 34 29.30 -7.07 -20.23
N ILE A 35 29.66 -8.23 -19.68
CA ILE A 35 30.64 -8.34 -18.60
C ILE A 35 31.72 -9.32 -19.06
N GLU A 36 32.96 -9.00 -18.72
CA GLU A 36 34.09 -9.86 -19.05
C GLU A 36 34.92 -10.14 -17.80
N LEU A 37 35.68 -11.23 -17.85
CA LEU A 37 36.51 -11.68 -16.74
C LEU A 37 37.97 -11.59 -17.15
N CYS A 38 38.67 -10.58 -16.64
CA CYS A 38 40.07 -10.38 -16.95
C CYS A 38 40.92 -11.21 -15.98
N LEU A 39 41.75 -12.09 -16.53
CA LEU A 39 42.63 -12.95 -15.75
C LEU A 39 44.04 -12.39 -15.83
N LEU A 40 44.56 -11.91 -14.70
CA LEU A 40 45.86 -11.26 -14.66
C LEU A 40 46.96 -12.28 -14.41
N HIS A 41 48.06 -12.13 -15.15
CA HIS A 41 49.27 -12.91 -14.94
C HIS A 41 50.27 -12.07 -14.14
N ASP A 42 51.47 -12.61 -13.99
CA ASP A 42 52.51 -11.89 -13.26
C ASP A 42 53.24 -10.86 -14.12
N ASP A 43 52.91 -10.74 -15.40
CA ASP A 43 53.46 -9.72 -16.27
C ASP A 43 52.39 -8.69 -16.68
N GLY A 44 51.38 -8.51 -15.82
CA GLY A 44 50.37 -7.50 -16.05
C GLY A 44 49.47 -7.71 -17.24
N SER A 45 49.59 -8.84 -17.95
CA SER A 45 48.78 -9.10 -19.12
C SER A 45 47.44 -9.70 -18.74
N GLU A 46 46.43 -9.47 -19.58
CA GLU A 46 45.07 -9.95 -19.35
C GLU A 46 44.77 -11.12 -20.28
N THR A 47 44.01 -12.09 -19.76
CA THR A 47 43.35 -13.10 -20.56
C THR A 47 41.86 -12.88 -20.37
N ALA A 48 41.25 -12.15 -21.30
CA ALA A 48 39.86 -11.75 -21.17
C ALA A 48 38.92 -12.89 -21.54
N VAL A 49 37.82 -13.00 -20.81
CA VAL A 49 36.78 -13.99 -21.06
C VAL A 49 35.42 -13.34 -20.83
N GLU A 50 34.58 -13.31 -21.85
CA GLU A 50 33.22 -12.82 -21.68
C GLU A 50 32.44 -13.79 -20.80
N LEU A 51 31.95 -13.31 -19.66
CA LEU A 51 30.99 -14.07 -18.85
C LEU A 51 29.63 -13.94 -19.49
N ARG A 52 29.40 -14.73 -20.54
CA ARG A 52 28.20 -14.56 -21.34
C ARG A 52 26.95 -14.97 -20.57
N GLU A 53 27.00 -16.06 -19.80
CA GLU A 53 25.80 -16.67 -19.25
C GLU A 53 25.25 -15.82 -18.11
N THR A 54 24.32 -14.94 -18.45
CA THR A 54 23.54 -14.23 -17.45
C THR A 54 22.50 -15.16 -16.85
N ASP A 55 22.23 -14.97 -15.56
CA ASP A 55 21.15 -15.72 -14.89
C ASP A 55 20.57 -14.81 -13.81
N ALA A 56 19.39 -14.26 -14.09
CA ALA A 56 18.75 -13.27 -13.24
C ALA A 56 19.72 -12.12 -12.94
N PHE A 57 20.37 -11.64 -14.00
CA PHE A 57 21.29 -10.50 -14.04
C PHE A 57 22.66 -10.83 -13.43
N VAL A 58 22.89 -12.06 -13.00
CA VAL A 58 24.20 -12.50 -12.53
C VAL A 58 24.90 -13.19 -13.68
N ARG A 59 25.98 -12.58 -14.17
CA ARG A 59 26.76 -13.16 -15.26
C ARG A 59 27.83 -14.07 -14.68
N HIS A 60 28.06 -15.20 -15.34
CA HIS A 60 28.88 -16.23 -14.73
C HIS A 60 29.48 -17.14 -15.79
N ALA A 61 30.58 -17.78 -15.40
CA ALA A 61 31.20 -18.84 -16.18
C ALA A 61 32.03 -19.69 -15.23
N TYR A 62 32.21 -20.96 -15.59
CA TYR A 62 33.13 -21.84 -14.90
C TYR A 62 34.36 -22.00 -15.79
N LEU A 63 35.52 -21.60 -15.29
CA LEU A 63 36.76 -21.69 -16.04
C LEU A 63 37.60 -22.82 -15.48
N PRO A 64 37.57 -24.02 -16.08
CA PRO A 64 38.39 -25.11 -15.57
C PRO A 64 39.88 -24.81 -15.76
N GLY A 65 40.66 -25.18 -14.75
CA GLY A 65 42.08 -24.92 -14.73
C GLY A 65 42.48 -23.68 -13.96
N VAL A 66 41.55 -22.78 -13.69
CA VAL A 66 41.85 -21.59 -12.89
C VAL A 66 41.88 -22.07 -11.45
N MET A 67 43.00 -21.85 -10.77
CA MET A 67 43.21 -22.33 -9.42
C MET A 67 43.52 -21.17 -8.50
N PRO A 68 43.54 -21.37 -7.17
CA PRO A 68 43.84 -20.25 -6.27
C PRO A 68 45.15 -19.51 -6.47
N GLY A 69 45.20 -18.29 -5.94
CA GLY A 69 46.27 -17.37 -6.25
C GLY A 69 46.17 -16.71 -7.60
N GLN A 70 45.19 -17.09 -8.42
CA GLN A 70 44.96 -16.45 -9.71
C GLN A 70 44.37 -15.07 -9.48
N ARG A 71 45.17 -14.04 -9.73
CA ARG A 71 44.66 -12.67 -9.67
C ARG A 71 43.70 -12.42 -10.83
N TYR A 72 42.57 -11.81 -10.53
CA TYR A 72 41.53 -11.61 -11.53
C TYR A 72 40.77 -10.33 -11.26
N GLY A 73 39.87 -10.00 -12.17
CA GLY A 73 39.06 -8.80 -12.05
C GLY A 73 37.95 -8.85 -13.07
N PHE A 74 37.14 -7.81 -13.11
CA PHE A 74 36.01 -7.79 -14.05
C PHE A 74 36.05 -6.49 -14.81
N ARG A 75 35.57 -6.52 -16.02
CA ARG A 75 35.46 -5.33 -16.87
C ARG A 75 34.02 -5.35 -17.32
N VAL A 76 33.26 -4.32 -17.01
CA VAL A 76 31.83 -4.34 -17.37
C VAL A 76 31.58 -3.28 -18.43
N HIS A 77 31.18 -3.70 -19.61
CA HIS A 77 30.82 -2.82 -20.71
C HIS A 77 29.38 -2.35 -20.50
N GLY A 78 29.22 -1.05 -20.24
CA GLY A 78 27.92 -0.48 -20.01
C GLY A 78 27.90 1.00 -20.30
N PRO A 79 26.71 1.57 -20.47
CA PRO A 79 26.60 3.00 -20.79
C PRO A 79 27.11 3.85 -19.64
N TYR A 80 28.07 4.73 -19.93
CA TYR A 80 28.48 5.75 -18.98
C TYR A 80 27.48 6.91 -19.07
N ALA A 81 26.62 7.02 -18.07
CA ALA A 81 25.56 8.04 -18.08
C ALA A 81 25.20 8.40 -16.65
N PRO A 82 26.00 9.25 -16.01
CA PRO A 82 25.64 9.71 -14.66
C PRO A 82 24.35 10.49 -14.60
N GLU A 83 23.89 11.04 -15.72
CA GLU A 83 22.60 11.73 -15.74
C GLU A 83 21.46 10.76 -15.47
N ARG A 84 21.64 9.49 -15.80
CA ARG A 84 20.67 8.45 -15.48
C ARG A 84 21.07 7.59 -14.28
N GLY A 85 22.32 7.72 -13.81
CA GLY A 85 22.78 6.98 -12.66
C GLY A 85 23.79 5.89 -12.95
N LEU A 86 24.19 5.71 -14.21
CA LEU A 86 25.15 4.68 -14.58
C LEU A 86 26.55 5.29 -14.67
N ARG A 87 27.52 4.60 -14.11
CA ARG A 87 28.91 5.00 -14.20
C ARG A 87 29.78 3.82 -14.61
N CYS A 88 29.23 2.96 -15.47
CA CYS A 88 29.96 1.81 -15.97
C CYS A 88 31.08 2.25 -16.90
N ASN A 89 32.23 1.59 -16.80
CA ASN A 89 33.38 1.93 -17.62
C ASN A 89 34.26 0.69 -17.75
N ALA A 90 34.34 0.14 -18.96
CA ALA A 90 35.23 -0.99 -19.22
C ALA A 90 36.70 -0.60 -19.14
N ALA A 91 37.01 0.70 -19.13
CA ALA A 91 38.39 1.13 -18.94
C ALA A 91 38.90 0.78 -17.56
N LYS A 92 38.01 0.56 -16.60
CA LYS A 92 38.40 0.25 -15.22
C LYS A 92 38.32 -1.25 -14.98
N LEU A 93 39.28 -1.77 -14.24
CA LEU A 93 39.31 -3.19 -13.86
C LEU A 93 38.62 -3.32 -12.51
N LEU A 94 37.33 -3.70 -12.54
CA LEU A 94 36.54 -3.74 -11.32
C LEU A 94 36.93 -4.93 -10.46
N LEU A 95 36.96 -4.72 -9.15
CA LEU A 95 37.18 -5.81 -8.22
C LEU A 95 35.95 -6.72 -8.17
N ASP A 96 36.08 -7.82 -7.45
CA ASP A 96 34.94 -8.65 -7.14
C ASP A 96 34.43 -8.27 -5.76
N PRO A 97 33.20 -7.75 -5.63
CA PRO A 97 32.69 -7.43 -4.29
C PRO A 97 32.71 -8.62 -3.35
N TYR A 98 32.63 -9.83 -3.89
CA TYR A 98 32.73 -11.07 -3.12
C TYR A 98 34.13 -11.63 -3.08
N ALA A 99 35.11 -10.74 -3.19
CA ALA A 99 36.54 -11.09 -3.16
C ALA A 99 36.85 -11.72 -1.83
N ARG A 100 37.47 -12.88 -1.84
CA ARG A 100 37.85 -13.65 -0.64
C ARG A 100 39.25 -13.23 -0.26
N ALA A 101 39.88 -12.58 -1.21
CA ALA A 101 41.25 -12.13 -1.04
C ALA A 101 41.54 -11.07 -2.10
N VAL A 102 41.94 -9.87 -1.65
CA VAL A 102 42.35 -8.80 -2.55
C VAL A 102 43.82 -8.53 -2.31
N SER A 103 44.61 -8.57 -3.38
CA SER A 103 46.05 -8.40 -3.28
C SER A 103 46.45 -7.00 -3.74
N GLY A 104 47.56 -6.52 -3.20
CA GLY A 104 48.08 -5.22 -3.56
C GLY A 104 47.29 -4.08 -2.96
N ARG A 105 47.72 -2.87 -3.30
CA ARG A 105 47.11 -1.64 -2.83
C ARG A 105 46.69 -0.79 -4.02
N VAL A 106 45.96 0.28 -3.73
CA VAL A 106 45.54 1.22 -4.77
C VAL A 106 46.69 2.16 -5.07
N ARG A 107 47.13 2.18 -6.33
CA ARG A 107 48.20 3.07 -6.78
C ARG A 107 47.53 4.35 -7.25
N TRP A 108 47.31 5.28 -6.33
CA TRP A 108 46.51 6.49 -6.59
C TRP A 108 47.01 7.28 -7.77
N GLY A 109 46.28 7.25 -8.87
CA GLY A 109 46.66 8.03 -10.06
C GLY A 109 45.46 8.69 -10.68
N GLU A 110 45.50 8.97 -11.97
CA GLU A 110 44.34 9.61 -12.67
C GLU A 110 43.63 8.53 -13.45
N ALA A 111 43.88 7.30 -13.05
CA ALA A 111 43.43 6.14 -13.80
C ALA A 111 42.21 5.52 -13.15
N VAL A 112 42.25 5.44 -11.84
CA VAL A 112 41.21 4.76 -11.03
C VAL A 112 40.03 5.65 -10.73
N TYR A 113 39.76 6.71 -11.48
CA TYR A 113 38.70 7.67 -11.11
C TYR A 113 37.49 7.53 -12.02
N GLY A 114 37.65 6.90 -13.14
CA GLY A 114 36.52 6.73 -14.02
C GLY A 114 36.09 7.95 -14.79
N TYR A 115 36.47 9.13 -14.34
CA TYR A 115 36.23 10.39 -15.03
C TYR A 115 37.55 11.11 -15.17
N PRO A 116 37.67 12.00 -16.16
CA PRO A 116 38.89 12.82 -16.26
C PRO A 116 38.92 13.87 -15.15
N PHE A 117 40.10 14.04 -14.55
CA PHE A 117 40.26 14.84 -13.34
C PHE A 117 39.68 16.24 -13.45
N GLY A 118 39.44 16.73 -14.67
CA GLY A 118 38.90 18.06 -14.84
C GLY A 118 37.45 18.11 -15.28
N ARG A 119 36.86 16.94 -15.53
CA ARG A 119 35.48 16.85 -16.01
C ARG A 119 34.79 15.67 -15.33
N PRO A 120 33.97 15.92 -14.31
CA PRO A 120 33.26 14.82 -13.64
C PRO A 120 32.30 14.08 -14.55
N ASP A 121 31.67 14.76 -15.50
CA ASP A 121 30.66 14.17 -16.36
C ASP A 121 31.22 13.66 -17.68
N ALA A 122 32.54 13.66 -17.84
CA ALA A 122 33.17 13.01 -18.98
C ALA A 122 33.50 11.56 -18.59
N ARG A 123 34.26 10.87 -19.45
CA ARG A 123 34.52 9.45 -19.27
C ARG A 123 36.02 9.21 -19.35
N ASN A 124 36.61 8.72 -18.26
CA ASN A 124 38.02 8.35 -18.28
C ASN A 124 38.19 7.06 -19.06
N ASP A 125 39.12 7.07 -20.02
CA ASP A 125 39.45 5.90 -20.82
C ASP A 125 40.88 5.44 -20.55
N LEU A 126 41.29 5.49 -19.28
CA LEU A 126 42.59 5.01 -18.86
C LEU A 126 42.44 3.65 -18.19
N ASP A 127 43.24 2.68 -18.63
CA ASP A 127 43.17 1.34 -18.07
C ASP A 127 43.55 1.37 -16.59
N SER A 128 42.60 1.02 -15.73
CA SER A 128 42.82 1.02 -14.29
C SER A 128 43.61 -0.20 -13.82
N ALA A 129 43.81 -1.19 -14.68
CA ALA A 129 44.45 -2.45 -14.27
C ALA A 129 45.78 -2.27 -13.54
N PRO A 130 46.75 -1.50 -14.03
CA PRO A 130 48.05 -1.44 -13.33
C PRO A 130 48.01 -0.65 -12.02
N ASP A 131 46.96 0.14 -11.77
CA ASP A 131 46.91 1.00 -10.60
C ASP A 131 45.91 0.52 -9.55
N THR A 132 45.13 -0.51 -9.83
CA THR A 132 44.06 -0.93 -8.95
C THR A 132 44.41 -2.13 -8.08
N MET A 133 43.53 -2.45 -7.15
CA MET A 133 43.61 -3.68 -6.37
C MET A 133 43.17 -4.87 -7.20
N THR A 134 43.63 -6.07 -6.83
CA THR A 134 43.35 -7.28 -7.60
C THR A 134 42.70 -8.30 -6.69
N SER A 135 41.47 -8.69 -7.02
CA SER A 135 40.84 -9.81 -6.35
C SER A 135 41.55 -11.12 -6.71
N VAL A 136 41.61 -12.03 -5.75
CA VAL A 136 42.36 -13.27 -5.88
C VAL A 136 41.46 -14.45 -5.56
N VAL A 137 41.58 -15.52 -6.35
CA VAL A 137 40.90 -16.77 -6.04
C VAL A 137 41.56 -17.44 -4.85
N VAL A 138 40.75 -17.99 -3.96
CA VAL A 138 41.23 -18.58 -2.72
C VAL A 138 40.90 -20.06 -2.70
N ASN A 139 41.81 -20.85 -2.13
CA ASN A 139 41.51 -22.24 -1.78
C ASN A 139 40.85 -22.23 -0.42
N PRO A 140 39.53 -22.49 -0.31
CA PRO A 140 38.84 -22.29 0.96
C PRO A 140 39.18 -23.32 2.03
N TYR A 141 40.13 -24.22 1.80
CA TYR A 141 40.44 -25.24 2.78
C TYR A 141 41.05 -24.63 4.04
N PHE A 142 40.62 -25.11 5.20
CA PHE A 142 41.25 -24.80 6.50
C PHE A 142 40.83 -25.93 7.42
N ASP A 143 41.77 -26.40 8.22
CA ASP A 143 41.50 -27.50 9.16
C ASP A 143 41.45 -26.90 10.53
N TRP A 144 40.29 -26.35 10.82
CA TRP A 144 39.97 -25.62 12.05
C TRP A 144 40.02 -26.57 13.21
N GLY A 145 40.48 -27.77 13.03
CA GLY A 145 40.64 -28.75 14.11
C GLY A 145 39.42 -28.88 14.98
N ASP A 146 39.61 -28.70 16.28
CA ASP A 146 38.62 -28.78 17.37
C ASP A 146 38.07 -27.37 17.59
N ASP A 147 37.71 -26.65 16.54
CA ASP A 147 37.28 -25.26 16.85
C ASP A 147 35.98 -25.32 17.60
N ARG A 148 36.00 -24.92 18.87
CA ARG A 148 34.83 -24.64 19.68
C ARG A 148 34.65 -23.12 19.73
N ARG A 149 33.62 -22.64 19.06
CA ARG A 149 33.26 -21.24 19.24
C ARG A 149 32.97 -21.00 20.71
N PRO A 150 33.76 -20.19 21.39
CA PRO A 150 33.54 -20.02 22.83
C PRO A 150 32.28 -19.19 23.07
N ARG A 151 31.13 -19.86 23.05
CA ARG A 151 29.86 -19.15 23.09
C ARG A 151 29.67 -18.54 24.47
N THR A 152 30.53 -17.57 24.79
CA THR A 152 30.47 -16.88 26.07
C THR A 152 29.13 -16.20 26.23
N GLU A 153 28.51 -16.39 27.38
CA GLU A 153 27.20 -15.82 27.64
C GLU A 153 27.27 -14.29 27.59
N TYR A 154 26.09 -13.67 27.49
CA TYR A 154 26.06 -12.22 27.36
C TYR A 154 26.31 -11.52 28.69
N HIS A 155 25.88 -12.13 29.79
CA HIS A 155 26.14 -11.60 31.13
C HIS A 155 27.51 -12.01 31.68
N HIS A 156 28.40 -12.48 30.81
CA HIS A 156 29.80 -12.70 31.16
C HIS A 156 30.75 -11.90 30.28
N THR A 157 30.26 -11.25 29.23
CA THR A 157 31.11 -10.68 28.21
C THR A 157 31.88 -9.47 28.73
N VAL A 158 33.12 -9.34 28.27
CA VAL A 158 33.95 -8.16 28.49
C VAL A 158 34.58 -7.85 27.14
N ILE A 159 34.04 -6.86 26.44
CA ILE A 159 34.49 -6.55 25.09
C ILE A 159 35.72 -5.65 25.17
N TYR A 160 36.76 -6.02 24.44
CA TYR A 160 38.04 -5.30 24.41
C TYR A 160 38.23 -4.79 22.98
N GLU A 161 37.96 -3.51 22.75
CA GLU A 161 38.09 -2.92 21.42
C GLU A 161 39.58 -2.73 21.13
N ALA A 162 40.09 -3.47 20.17
CA ALA A 162 41.51 -3.43 19.83
C ALA A 162 41.69 -3.45 18.32
N HIS A 163 42.67 -2.69 17.84
CA HIS A 163 43.02 -2.69 16.43
C HIS A 163 44.05 -3.79 16.16
N VAL A 164 44.02 -4.31 14.93
CA VAL A 164 44.95 -5.37 14.55
C VAL A 164 46.39 -4.85 14.59
N LYS A 165 46.62 -3.71 13.96
CA LYS A 165 47.98 -3.18 13.87
C LYS A 165 48.42 -2.49 15.15
N GLY A 166 47.50 -1.88 15.88
CA GLY A 166 47.87 -1.15 17.08
C GLY A 166 48.19 -2.02 18.28
N LEU A 167 47.53 -3.18 18.37
CA LEU A 167 47.70 -4.03 19.55
C LEU A 167 49.12 -4.57 19.65
N THR A 168 49.74 -4.88 18.51
CA THR A 168 50.95 -5.69 18.50
C THR A 168 52.19 -5.13 17.81
N MET A 169 52.13 -3.94 17.24
CA MET A 169 53.26 -3.39 16.49
C MET A 169 54.44 -2.96 17.37
N LEU A 170 54.16 -2.74 18.66
CA LEU A 170 55.15 -2.22 19.59
C LEU A 170 55.40 -3.23 20.71
N HIS A 171 55.05 -4.50 20.50
CA HIS A 171 55.19 -5.50 21.53
C HIS A 171 56.64 -5.98 21.61
N PRO A 172 57.33 -5.83 22.75
CA PRO A 172 58.70 -6.34 22.84
C PRO A 172 58.72 -7.83 23.13
N ASP A 173 57.85 -8.58 22.46
CA ASP A 173 57.79 -10.03 22.55
C ASP A 173 57.74 -10.70 21.19
N LEU A 174 57.02 -10.11 20.24
CA LEU A 174 56.83 -10.74 18.94
C LEU A 174 58.03 -10.50 18.04
N PRO A 175 58.23 -11.36 17.05
CA PRO A 175 59.22 -11.05 16.01
C PRO A 175 58.79 -9.85 15.20
N GLU A 176 59.79 -9.15 14.64
CA GLU A 176 59.52 -7.99 13.79
C GLU A 176 58.52 -8.33 12.69
N GLU A 177 58.61 -9.55 12.14
CA GLU A 177 57.71 -9.95 11.07
C GLU A 177 56.26 -10.04 11.54
N LEU A 178 56.02 -10.44 12.78
CA LEU A 178 54.67 -10.64 13.29
C LEU A 178 54.05 -9.37 13.88
N ARG A 179 54.86 -8.38 14.22
CA ARG A 179 54.33 -7.19 14.88
C ARG A 179 53.37 -6.44 13.97
N GLY A 180 52.16 -6.21 14.47
CA GLY A 180 51.15 -5.47 13.73
C GLY A 180 50.33 -6.28 12.77
N THR A 181 50.52 -7.59 12.70
CA THR A 181 49.83 -8.45 11.76
C THR A 181 48.82 -9.33 12.48
N TYR A 182 48.10 -10.14 11.69
CA TYR A 182 47.11 -11.05 12.26
C TYR A 182 47.76 -12.11 13.14
N ALA A 183 48.86 -12.70 12.68
CA ALA A 183 49.52 -13.75 13.45
C ALA A 183 50.12 -13.21 14.75
N GLY A 184 50.58 -11.95 14.74
CA GLY A 184 51.03 -11.35 15.98
C GLY A 184 49.92 -11.18 17.00
N LEU A 185 48.69 -10.96 16.52
CA LEU A 185 47.55 -10.95 17.42
C LEU A 185 47.34 -12.31 18.07
N ALA A 186 47.75 -13.38 17.39
CA ALA A 186 47.58 -14.74 17.88
C ALA A 186 48.79 -15.26 18.65
N HIS A 187 49.83 -14.45 18.81
CA HIS A 187 51.00 -14.87 19.56
C HIS A 187 50.61 -15.21 21.00
N PRO A 188 51.24 -16.21 21.62
CA PRO A 188 50.86 -16.60 22.98
C PRO A 188 51.09 -15.51 24.02
N SER A 189 52.00 -14.57 23.74
CA SER A 189 52.22 -13.47 24.68
C SER A 189 51.07 -12.47 24.64
N VAL A 190 50.40 -12.34 23.51
CA VAL A 190 49.28 -11.40 23.39
C VAL A 190 48.02 -12.01 23.95
N ILE A 191 47.66 -13.21 23.48
CA ILE A 191 46.50 -13.91 24.02
C ILE A 191 46.68 -14.20 25.50
N GLY A 192 47.93 -14.22 25.98
CA GLY A 192 48.17 -14.31 27.41
C GLY A 192 47.75 -13.04 28.13
N HIS A 193 48.06 -11.88 27.54
CA HIS A 193 47.67 -10.61 28.16
C HIS A 193 46.16 -10.43 28.17
N LEU A 194 45.50 -10.81 27.07
CA LEU A 194 44.04 -10.77 27.04
C LEU A 194 43.45 -11.68 28.11
N ARG A 195 44.08 -12.83 28.35
CA ARG A 195 43.63 -13.71 29.43
C ARG A 195 43.84 -13.06 30.79
N GLU A 196 45.07 -12.60 31.06
CA GLU A 196 45.36 -11.92 32.32
C GLU A 196 44.41 -10.77 32.60
N LEU A 197 43.89 -10.15 31.54
CA LEU A 197 43.01 -8.99 31.69
C LEU A 197 41.63 -9.38 32.18
N GLY A 198 41.03 -10.40 31.54
CA GLY A 198 39.65 -10.79 31.80
C GLY A 198 38.73 -10.65 30.61
N VAL A 199 39.24 -10.23 29.44
CA VAL A 199 38.39 -10.07 28.26
C VAL A 199 37.88 -11.43 27.80
N THR A 200 36.64 -11.44 27.33
CA THR A 200 36.03 -12.66 26.78
C THR A 200 35.63 -12.48 25.32
N ALA A 201 35.83 -11.30 24.76
CA ALA A 201 35.51 -11.04 23.36
C ALA A 201 36.42 -9.91 22.87
N LEU A 202 37.02 -10.12 21.70
CA LEU A 202 37.95 -9.17 21.11
C LEU A 202 37.24 -8.42 20.00
N GLU A 203 36.89 -7.16 20.26
CA GLU A 203 36.37 -6.32 19.18
C GLU A 203 37.52 -5.89 18.28
N LEU A 204 37.50 -6.36 17.04
CA LEU A 204 38.56 -6.09 16.08
C LEU A 204 38.08 -4.96 15.18
N MET A 205 38.75 -3.81 15.28
CA MET A 205 38.50 -2.68 14.40
C MET A 205 38.65 -3.13 12.95
N PRO A 206 37.90 -2.50 12.02
CA PRO A 206 37.64 -3.11 10.71
C PRO A 206 38.75 -3.88 10.04
N VAL A 207 38.52 -5.18 9.81
CA VAL A 207 39.44 -6.02 9.08
C VAL A 207 38.99 -6.27 7.66
N HIS A 208 37.84 -5.74 7.31
CA HIS A 208 37.33 -5.84 5.94
C HIS A 208 38.30 -5.03 5.12
N GLN A 209 38.66 -5.46 3.93
CA GLN A 209 39.72 -4.69 3.27
C GLN A 209 39.29 -3.30 2.86
N PHE A 210 39.96 -2.31 3.41
CA PHE A 210 39.69 -0.92 3.05
C PHE A 210 40.80 -0.38 2.17
N VAL A 211 40.57 0.83 1.72
CA VAL A 211 41.42 1.59 0.81
C VAL A 211 42.00 2.78 1.54
N ASN A 212 43.27 3.08 1.28
CA ASN A 212 43.87 4.32 1.73
C ASN A 212 43.26 5.48 0.93
N ASP A 213 42.64 6.43 1.64
CA ASP A 213 41.99 7.54 0.95
C ASP A 213 43.01 8.39 0.21
N HIS A 214 42.71 8.72 -1.04
CA HIS A 214 43.57 9.60 -1.82
C HIS A 214 43.81 10.92 -1.10
N ARG A 215 42.78 11.42 -0.42
CA ARG A 215 42.94 12.60 0.42
C ARG A 215 43.99 12.37 1.51
N LEU A 216 44.22 11.11 1.85
CA LEU A 216 45.08 10.76 3.00
C LEU A 216 46.43 10.22 2.54
N VAL A 217 46.53 9.70 1.32
CA VAL A 217 47.81 9.16 0.81
C VAL A 217 48.62 10.33 0.32
N ASP A 218 47.96 11.28 -0.35
CA ASP A 218 48.58 12.49 -0.94
C ASP A 218 48.72 13.62 0.07
N ALA A 219 48.60 13.29 1.35
CA ALA A 219 48.72 14.29 2.43
C ALA A 219 49.72 13.79 3.45
N GLY A 220 50.37 12.65 3.17
CA GLY A 220 51.43 12.08 4.03
C GLY A 220 50.90 11.16 5.11
N LEU A 221 49.59 11.02 5.19
CA LEU A 221 48.98 10.17 6.20
C LEU A 221 48.54 8.88 5.55
N SER A 222 47.63 8.19 6.20
CA SER A 222 47.09 6.94 5.66
C SER A 222 45.79 6.62 6.38
N ASN A 223 44.97 5.78 5.81
CA ASN A 223 43.76 5.34 6.51
C ASN A 223 44.13 4.26 7.51
N TYR A 224 44.03 4.58 8.81
CA TYR A 224 44.50 3.70 9.87
C TYR A 224 43.39 2.85 10.47
N TRP A 225 42.30 3.48 10.93
CA TRP A 225 41.21 2.72 11.53
C TRP A 225 40.58 1.76 10.53
N GLY A 226 40.47 2.19 9.27
CA GLY A 226 39.98 1.32 8.23
C GLY A 226 38.48 1.29 8.03
N TYR A 227 37.76 2.33 8.46
CA TYR A 227 36.33 2.37 8.22
C TYR A 227 36.04 2.91 6.82
N ASN A 228 36.73 2.37 5.80
CA ASN A 228 36.49 2.77 4.42
C ASN A 228 36.86 1.57 3.53
N THR A 229 35.91 0.67 3.32
CA THR A 229 36.21 -0.68 2.85
C THR A 229 35.59 -0.93 1.48
N ILE A 230 36.21 -1.85 0.73
CA ILE A 230 35.73 -2.23 -0.60
C ILE A 230 35.41 -3.72 -0.67
N GLY A 231 36.14 -4.52 0.11
CA GLY A 231 35.92 -5.95 0.09
C GLY A 231 35.36 -6.47 1.40
N PHE A 232 34.08 -6.80 1.41
CA PHE A 232 33.43 -7.29 2.62
C PHE A 232 33.62 -8.78 2.80
N PHE A 233 34.53 -9.38 2.05
CA PHE A 233 34.83 -10.80 2.14
C PHE A 233 36.32 -11.09 2.30
N ALA A 234 37.19 -10.10 2.11
CA ALA A 234 38.62 -10.29 2.20
C ALA A 234 39.17 -9.63 3.45
N PRO A 235 40.04 -10.30 4.19
CA PRO A 235 40.72 -9.63 5.31
C PRO A 235 41.71 -8.61 4.77
N HIS A 236 41.92 -7.55 5.55
CA HIS A 236 42.79 -6.46 5.10
C HIS A 236 44.20 -6.99 4.88
N ASN A 237 44.67 -6.90 3.64
CA ASN A 237 45.94 -7.51 3.26
C ASN A 237 47.12 -6.87 3.99
N ALA A 238 47.01 -5.60 4.36
CA ALA A 238 48.11 -4.91 5.02
C ALA A 238 48.29 -5.33 6.48
N TYR A 239 47.46 -6.23 6.99
CA TYR A 239 47.67 -6.85 8.29
C TYR A 239 48.18 -8.27 8.17
N ALA A 240 48.70 -8.65 7.01
CA ALA A 240 49.13 -10.02 6.73
C ALA A 240 50.62 -10.04 6.52
N SER A 241 51.33 -10.82 7.35
CA SER A 241 52.75 -11.06 7.18
C SER A 241 53.03 -12.30 6.35
N TRP A 242 51.99 -12.99 5.87
CA TRP A 242 52.17 -14.20 5.07
C TRP A 242 51.93 -14.00 3.59
N GLY A 243 51.48 -12.83 3.18
CA GLY A 243 51.27 -12.53 1.78
C GLY A 243 49.85 -12.05 1.50
N ASP A 244 49.65 -11.62 0.25
CA ASP A 244 48.37 -11.10 -0.20
C ASP A 244 47.70 -11.92 -1.30
N ARG A 245 48.39 -12.90 -1.89
CA ARG A 245 47.79 -13.74 -2.92
C ARG A 245 46.88 -14.79 -2.30
N GLY A 246 45.93 -14.36 -1.47
CA GLY A 246 45.09 -15.26 -0.73
C GLY A 246 45.67 -15.74 0.58
N GLN A 247 46.94 -15.41 0.86
CA GLN A 247 47.58 -15.89 2.09
C GLN A 247 47.03 -15.20 3.34
N GLN A 248 46.43 -14.02 3.19
CA GLN A 248 45.94 -13.30 4.37
C GLN A 248 44.74 -14.01 5.00
N VAL A 249 43.89 -14.64 4.19
CA VAL A 249 42.75 -15.36 4.75
C VAL A 249 43.22 -16.53 5.59
N LEU A 250 44.41 -17.05 5.31
CA LEU A 250 44.99 -18.11 6.14
C LEU A 250 45.42 -17.57 7.50
N GLU A 251 46.02 -16.37 7.51
CA GLU A 251 46.41 -15.76 8.78
C GLU A 251 45.21 -15.54 9.68
N PHE A 252 44.17 -14.92 9.16
CA PHE A 252 43.01 -14.58 9.97
C PHE A 252 42.34 -15.84 10.51
N LYS A 253 42.22 -16.87 9.68
CA LYS A 253 41.60 -18.12 10.13
C LYS A 253 42.39 -18.74 11.27
N SER A 254 43.72 -18.82 11.12
CA SER A 254 44.55 -19.30 12.22
C SER A 254 44.55 -18.34 13.40
N ALA A 255 44.34 -17.05 13.13
CA ALA A 255 44.23 -16.07 14.21
C ALA A 255 42.93 -16.23 14.99
N VAL A 256 41.94 -16.91 14.42
CA VAL A 256 40.69 -17.18 15.14
C VAL A 256 40.79 -18.45 15.96
N ARG A 257 41.35 -19.52 15.38
CA ARG A 257 41.50 -20.75 16.14
C ARG A 257 42.47 -20.59 17.30
N ALA A 258 43.43 -19.66 17.17
CA ALA A 258 44.35 -19.40 18.28
C ALA A 258 43.63 -18.69 19.43
N LEU A 259 42.83 -17.68 19.11
CA LEU A 259 42.00 -17.04 20.14
C LEU A 259 40.97 -18.01 20.69
N HIS A 260 40.27 -18.73 19.80
CA HIS A 260 39.25 -19.66 20.25
C HIS A 260 39.83 -20.78 21.11
N GLN A 261 41.10 -21.13 20.90
CA GLN A 261 41.73 -22.12 21.75
C GLN A 261 41.86 -21.61 23.19
N ALA A 262 42.16 -20.33 23.35
CA ALA A 262 42.21 -19.70 24.66
C ALA A 262 40.87 -19.14 25.09
N GLY A 263 39.79 -19.46 24.39
CA GLY A 263 38.46 -19.07 24.79
C GLY A 263 38.14 -17.60 24.67
N ILE A 264 38.57 -16.96 23.59
CA ILE A 264 38.31 -15.54 23.35
C ILE A 264 37.49 -15.41 22.07
N GLU A 265 36.45 -14.59 22.09
CA GLU A 265 35.60 -14.44 20.90
C GLU A 265 36.12 -13.31 20.02
N VAL A 266 36.16 -13.52 18.73
CA VAL A 266 36.60 -12.46 17.80
C VAL A 266 35.34 -11.82 17.30
N ILE A 267 35.01 -10.64 17.82
CA ILE A 267 33.78 -9.86 17.49
C ILE A 267 34.22 -8.77 16.56
N LEU A 268 34.24 -9.07 15.27
CA LEU A 268 34.68 -8.20 14.17
C LEU A 268 33.94 -6.87 14.14
N ASP A 269 34.59 -5.81 13.73
CA ASP A 269 33.87 -4.54 13.52
C ASP A 269 33.67 -4.47 12.04
N VAL A 270 32.46 -4.18 11.60
CA VAL A 270 32.15 -4.18 10.15
C VAL A 270 31.59 -2.82 9.79
N VAL A 271 31.82 -2.41 8.55
CA VAL A 271 31.42 -1.11 8.03
C VAL A 271 30.68 -1.38 6.72
N TYR A 272 29.36 -1.55 6.79
CA TYR A 272 28.56 -1.83 5.61
C TYR A 272 27.80 -0.62 5.10
N ASN A 273 27.83 0.50 5.83
CA ASN A 273 27.04 1.66 5.43
C ASN A 273 27.57 2.29 4.16
N HIS A 274 28.89 2.48 4.07
CA HIS A 274 29.50 3.17 2.94
C HIS A 274 30.64 2.34 2.38
N THR A 275 31.10 2.73 1.19
CA THR A 275 32.19 2.08 0.49
C THR A 275 33.33 3.06 0.28
N ALA A 276 34.52 2.52 0.01
CA ALA A 276 35.70 3.34 -0.22
C ALA A 276 35.70 4.04 -1.57
N GLU A 277 34.72 3.73 -2.44
CA GLU A 277 34.59 4.47 -3.68
C GLU A 277 34.05 5.88 -3.48
N GLY A 278 33.54 6.19 -2.29
CA GLY A 278 33.06 7.50 -1.92
C GLY A 278 31.95 7.99 -2.83
N ASN A 279 31.83 9.30 -2.91
CA ASN A 279 30.84 9.96 -3.75
C ASN A 279 31.33 9.94 -5.20
N HIS A 280 30.68 10.74 -6.05
CA HIS A 280 31.35 11.13 -7.28
C HIS A 280 32.59 11.94 -6.91
N LEU A 281 33.41 12.23 -7.92
CA LEU A 281 34.78 12.70 -7.74
C LEU A 281 35.67 11.64 -7.09
N GLY A 282 35.17 10.42 -6.93
CA GLY A 282 35.90 9.36 -6.29
C GLY A 282 36.25 8.26 -7.27
N PRO A 283 37.01 7.27 -6.81
CA PRO A 283 37.52 6.23 -7.72
C PRO A 283 36.46 5.21 -8.08
N THR A 284 36.57 4.71 -9.30
CA THR A 284 35.73 3.60 -9.79
C THR A 284 36.53 2.32 -9.60
N LEU A 285 36.28 1.63 -8.49
CA LEU A 285 37.08 0.46 -8.11
C LEU A 285 36.28 -0.84 -8.14
N SER A 286 35.18 -0.93 -7.40
CA SER A 286 34.48 -2.21 -7.24
C SER A 286 33.06 -2.18 -7.77
N MET A 287 32.20 -1.30 -7.27
CA MET A 287 30.76 -1.42 -7.51
C MET A 287 30.21 -0.33 -8.42
N ARG A 288 30.82 0.85 -8.34
CA ARG A 288 30.46 1.93 -9.26
C ARG A 288 30.47 1.52 -10.72
N GLY A 289 31.45 0.69 -11.11
CA GLY A 289 31.48 0.18 -12.47
C GLY A 289 30.60 -1.03 -12.71
N LEU A 290 30.24 -1.76 -11.65
CA LEU A 290 29.44 -2.98 -11.83
C LEU A 290 27.97 -2.64 -12.07
N ASP A 291 27.29 -2.14 -11.07
CA ASP A 291 25.89 -1.69 -11.22
C ASP A 291 25.79 -0.50 -10.30
N ASN A 292 26.08 0.70 -10.74
CA ASN A 292 26.17 1.79 -9.75
C ASN A 292 24.85 2.08 -9.07
N PRO A 293 23.71 2.17 -9.77
CA PRO A 293 22.49 2.60 -9.16
C PRO A 293 21.77 1.69 -8.17
N SER A 294 22.05 0.40 -8.19
CA SER A 294 21.33 -0.59 -7.38
C SER A 294 22.15 -1.04 -6.20
N TYR A 295 23.28 -0.37 -5.96
CA TYR A 295 24.20 -0.66 -4.84
C TYR A 295 24.34 0.57 -3.96
N TYR A 296 24.31 1.75 -4.55
CA TYR A 296 24.57 2.97 -3.78
C TYR A 296 23.39 3.91 -3.74
N ARG A 297 23.14 4.48 -2.58
CA ARG A 297 22.01 5.39 -2.45
C ARG A 297 22.30 6.65 -3.24
N LEU A 298 21.86 6.68 -4.50
CA LEU A 298 22.01 7.88 -5.30
C LEU A 298 21.02 8.94 -4.83
N ALA A 299 21.33 10.19 -5.15
CA ALA A 299 20.49 11.30 -4.73
C ALA A 299 19.28 11.43 -5.67
N ASP A 300 18.44 12.43 -5.41
CA ASP A 300 17.39 12.76 -6.37
C ASP A 300 17.99 13.64 -7.46
N ASP A 301 19.15 13.21 -7.93
CA ASP A 301 19.94 13.69 -9.05
C ASP A 301 20.97 12.59 -9.26
N PRO A 302 20.59 11.48 -9.92
CA PRO A 302 21.37 10.23 -9.86
C PRO A 302 22.88 10.39 -10.01
N ARG A 303 23.28 11.54 -10.56
CA ARG A 303 24.69 11.87 -10.69
C ARG A 303 25.38 11.96 -9.33
N TYR A 304 24.66 12.33 -8.28
CA TYR A 304 25.25 12.59 -6.97
C TYR A 304 24.78 11.53 -5.97
N TYR A 305 25.47 11.49 -4.83
CA TYR A 305 25.37 10.37 -3.90
C TYR A 305 24.81 10.88 -2.58
N MET A 306 23.73 10.25 -2.12
CA MET A 306 23.22 10.50 -0.77
C MET A 306 24.23 9.99 0.25
N ASP A 307 24.43 10.76 1.31
CA ASP A 307 25.50 10.47 2.28
C ASP A 307 24.95 10.70 3.68
N THR A 308 24.53 9.62 4.34
CA THR A 308 24.12 9.66 5.73
C THR A 308 25.22 9.21 6.67
N THR A 309 26.46 9.12 6.19
CA THR A 309 27.62 8.80 7.01
C THR A 309 28.67 9.90 7.02
N GLY A 310 28.56 10.90 6.14
CA GLY A 310 29.56 11.94 6.06
C GLY A 310 30.88 11.49 5.48
N THR A 311 30.90 10.36 4.78
CA THR A 311 32.11 9.79 4.20
C THR A 311 31.90 9.43 2.74
N GLY A 312 31.32 10.35 1.99
CA GLY A 312 31.20 10.17 0.55
C GLY A 312 29.88 9.62 0.06
N ASN A 313 29.55 8.38 0.40
CA ASN A 313 28.39 7.72 -0.18
C ASN A 313 27.66 6.92 0.90
N SER A 314 26.65 6.19 0.47
CA SER A 314 25.89 5.28 1.32
C SER A 314 25.24 4.24 0.43
N LEU A 315 24.95 3.08 1.01
CA LEU A 315 24.46 1.94 0.25
C LEU A 315 22.93 1.91 0.21
N LEU A 316 22.39 1.34 -0.86
CA LEU A 316 20.95 1.26 -1.07
C LEU A 316 20.46 0.03 -0.31
N MET A 317 19.87 0.27 0.86
CA MET A 317 19.48 -0.82 1.75
C MET A 317 18.05 -1.36 1.47
N ARG A 318 17.66 -1.22 0.20
CA ARG A 318 16.37 -1.71 -0.28
C ARG A 318 16.64 -2.64 -1.45
N SER A 319 17.64 -2.37 -2.27
CA SER A 319 17.97 -3.24 -3.38
C SER A 319 18.52 -4.56 -2.84
N PRO A 320 17.90 -5.70 -3.13
CA PRO A 320 18.32 -6.95 -2.47
C PRO A 320 19.74 -7.36 -2.80
N HIS A 321 20.26 -6.94 -3.95
CA HIS A 321 21.64 -7.30 -4.31
C HIS A 321 22.64 -6.71 -3.33
N VAL A 322 22.30 -5.58 -2.70
CA VAL A 322 23.10 -5.08 -1.58
C VAL A 322 22.83 -5.91 -0.32
N LEU A 323 21.54 -6.08 0.01
CA LEU A 323 21.17 -6.88 1.16
C LEU A 323 21.78 -8.28 1.08
N GLN A 324 21.73 -8.89 -0.11
CA GLN A 324 22.40 -10.17 -0.30
C GLN A 324 23.89 -10.06 0.01
N LEU A 325 24.54 -9.03 -0.52
CA LEU A 325 25.99 -8.86 -0.30
C LEU A 325 26.30 -8.69 1.17
N ILE A 326 25.50 -7.89 1.89
CA ILE A 326 25.74 -7.70 3.32
C ILE A 326 25.56 -8.98 4.13
N MET A 327 24.60 -9.82 3.76
CA MET A 327 24.39 -11.08 4.47
C MET A 327 25.32 -12.19 3.96
N ASP A 328 25.58 -12.18 2.66
CA ASP A 328 26.55 -13.11 2.10
C ASP A 328 27.89 -12.84 2.77
N SER A 329 28.19 -11.57 3.06
CA SER A 329 29.42 -11.23 3.77
C SER A 329 29.32 -11.62 5.24
N LEU A 330 28.27 -11.13 5.93
CA LEU A 330 28.10 -11.43 7.34
C LEU A 330 28.10 -12.93 7.60
N ARG A 331 27.43 -13.70 6.73
CA ARG A 331 27.44 -15.15 6.88
C ARG A 331 28.83 -15.72 6.61
N TYR A 332 29.55 -15.15 5.65
CA TYR A 332 30.86 -15.68 5.28
C TYR A 332 31.81 -15.67 6.46
N TRP A 333 31.87 -14.57 7.19
CA TRP A 333 32.81 -14.48 8.32
C TRP A 333 32.39 -15.39 9.47
N VAL A 334 31.11 -15.71 9.58
CA VAL A 334 30.65 -16.58 10.66
C VAL A 334 30.99 -18.04 10.36
N THR A 335 30.54 -18.54 9.21
CA THR A 335 30.67 -19.95 8.90
C THR A 335 31.93 -20.29 8.10
N GLU A 336 32.71 -19.30 7.69
CA GLU A 336 33.97 -19.56 7.02
C GLU A 336 35.19 -19.00 7.74
N MET A 337 35.05 -17.91 8.49
CA MET A 337 36.17 -17.33 9.22
C MET A 337 35.99 -17.54 10.73
N HIS A 338 34.88 -18.16 11.10
CA HIS A 338 34.59 -18.54 12.49
C HIS A 338 34.59 -17.34 13.43
N VAL A 339 34.07 -16.22 12.95
CA VAL A 339 33.98 -15.01 13.77
C VAL A 339 32.75 -15.11 14.66
N ASP A 340 32.89 -14.65 15.90
CA ASP A 340 31.88 -14.86 16.92
C ASP A 340 30.82 -13.75 16.96
N GLY A 341 31.06 -12.61 16.35
CA GLY A 341 30.06 -11.55 16.37
C GLY A 341 30.49 -10.38 15.52
N PHE A 342 29.57 -9.43 15.37
CA PHE A 342 29.81 -8.23 14.59
C PHE A 342 29.44 -7.00 15.39
N ARG A 343 30.29 -5.98 15.30
CA ARG A 343 29.97 -4.62 15.76
C ARG A 343 29.75 -3.76 14.54
N PHE A 344 28.58 -3.14 14.45
CA PHE A 344 28.19 -2.39 13.26
C PHE A 344 28.51 -0.89 13.30
N ASP A 345 29.21 -0.42 12.28
CA ASP A 345 29.51 1.01 12.17
C ASP A 345 28.45 1.93 11.59
N LEU A 346 28.03 2.93 12.36
CA LEU A 346 26.89 3.79 12.00
C LEU A 346 25.73 2.90 11.55
N ALA A 347 25.25 2.07 12.48
CA ALA A 347 24.25 1.07 12.15
C ALA A 347 22.88 1.66 11.91
N ALA A 348 22.68 2.96 12.12
CA ALA A 348 21.42 3.58 11.75
C ALA A 348 21.28 3.68 10.23
N THR A 349 22.40 3.78 9.51
CA THR A 349 22.35 3.82 8.06
C THR A 349 21.82 2.52 7.48
N LEU A 350 22.06 1.40 8.15
CA LEU A 350 21.55 0.13 7.68
C LEU A 350 20.03 0.03 7.82
N ALA A 351 19.43 0.85 8.67
CA ALA A 351 17.98 0.86 8.86
C ALA A 351 17.26 1.83 7.93
N ARG A 352 17.99 2.68 7.21
CA ARG A 352 17.40 3.68 6.33
C ARG A 352 16.96 2.99 5.05
N GLN A 353 15.72 2.51 5.03
CA GLN A 353 15.25 1.79 3.84
C GLN A 353 14.96 2.75 2.70
N PHE A 354 14.27 3.87 2.96
CA PHE A 354 14.20 4.93 1.97
C PHE A 354 14.82 6.24 2.47
N HIS A 355 14.23 6.90 3.46
CA HIS A 355 14.86 8.07 4.07
C HIS A 355 14.92 7.93 5.59
N GLU A 356 13.78 7.59 6.19
CA GLU A 356 13.67 7.52 7.64
C GLU A 356 14.44 6.32 8.17
N VAL A 357 14.81 6.41 9.44
CA VAL A 357 15.44 5.29 10.13
C VAL A 357 14.32 4.33 10.52
N ASP A 358 14.11 3.31 9.68
CA ASP A 358 13.02 2.36 9.87
C ASP A 358 13.29 1.26 10.89
N ARG A 359 12.31 0.95 11.72
CA ARG A 359 12.44 -0.20 12.65
C ARG A 359 12.33 -1.50 11.86
N LEU A 360 11.43 -1.58 10.90
CA LEU A 360 11.12 -2.75 10.04
C LEU A 360 11.94 -2.71 8.75
N SER A 361 13.13 -2.16 8.78
CA SER A 361 13.98 -2.09 7.59
C SER A 361 14.30 -3.50 7.17
N SER A 362 14.26 -3.76 5.87
CA SER A 362 14.51 -5.09 5.33
C SER A 362 15.80 -5.69 5.89
N PHE A 363 16.80 -4.85 6.16
CA PHE A 363 18.03 -5.31 6.78
C PHE A 363 17.76 -5.95 8.14
N PHE A 364 17.02 -5.24 9.00
CA PHE A 364 16.71 -5.77 10.33
C PHE A 364 15.88 -7.05 10.23
N ASP A 365 14.90 -7.07 9.32
CA ASP A 365 14.12 -8.29 9.10
C ASP A 365 15.02 -9.43 8.63
N LEU A 366 16.02 -9.12 7.79
CA LEU A 366 16.91 -10.13 7.28
C LEU A 366 17.81 -10.69 8.37
N VAL A 367 18.43 -9.81 9.16
CA VAL A 367 19.37 -10.25 10.19
C VAL A 367 18.64 -10.98 11.31
N GLN A 368 17.41 -10.57 11.62
CA GLN A 368 16.66 -11.19 12.71
C GLN A 368 16.36 -12.66 12.43
N GLN A 369 16.22 -13.03 11.16
CA GLN A 369 15.75 -14.36 10.80
C GLN A 369 16.87 -15.35 10.48
N ASP A 370 17.98 -14.89 9.90
CA ASP A 370 18.99 -15.82 9.39
C ASP A 370 19.64 -16.57 10.53
N PRO A 371 19.62 -17.91 10.51
CA PRO A 371 20.17 -18.67 11.65
C PRO A 371 21.66 -18.49 11.83
N VAL A 372 22.41 -18.21 10.76
CA VAL A 372 23.84 -18.05 10.89
C VAL A 372 24.19 -16.72 11.55
N VAL A 373 23.39 -15.68 11.31
CA VAL A 373 23.72 -14.34 11.79
C VAL A 373 22.89 -13.92 13.00
N SER A 374 21.64 -14.38 13.11
CA SER A 374 20.83 -14.01 14.28
C SER A 374 21.38 -14.58 15.57
N GLN A 375 22.32 -15.53 15.50
CA GLN A 375 22.85 -16.18 16.69
C GLN A 375 24.19 -15.61 17.14
N VAL A 376 25.01 -15.09 16.22
CA VAL A 376 26.22 -14.41 16.64
C VAL A 376 25.87 -13.10 17.33
N LYS A 377 26.78 -12.62 18.17
CA LYS A 377 26.55 -11.41 18.94
C LYS A 377 26.42 -10.22 18.00
N LEU A 378 25.23 -9.62 17.96
CA LEU A 378 24.94 -8.47 17.10
C LEU A 378 24.97 -7.22 17.96
N ILE A 379 25.98 -6.38 17.72
CA ILE A 379 26.16 -5.13 18.45
C ILE A 379 26.25 -4.00 17.44
N ALA A 380 25.66 -2.86 17.79
CA ALA A 380 25.57 -1.73 16.89
C ALA A 380 26.01 -0.45 17.59
N GLU A 381 26.53 0.48 16.81
CA GLU A 381 26.59 1.86 17.28
C GLU A 381 25.35 2.55 16.71
N PRO A 382 24.40 2.95 17.55
CA PRO A 382 23.02 3.20 17.08
C PRO A 382 22.78 4.64 16.62
N TRP A 383 23.56 5.10 15.66
CA TRP A 383 23.34 6.44 15.11
C TRP A 383 24.08 6.59 13.79
N ASP A 384 23.66 7.60 13.03
CA ASP A 384 24.38 8.06 11.86
C ASP A 384 24.07 9.54 11.68
N VAL A 385 24.86 10.20 10.82
CA VAL A 385 24.83 11.66 10.76
C VAL A 385 23.62 12.23 10.04
N GLY A 386 22.68 11.38 9.62
CA GLY A 386 21.51 11.84 8.90
C GLY A 386 20.42 12.35 9.83
N GLU A 387 19.28 12.69 9.21
CA GLU A 387 18.14 13.19 9.95
C GLU A 387 17.54 12.07 10.81
N GLY A 388 17.35 12.37 12.10
CA GLY A 388 16.86 11.35 13.02
C GLY A 388 17.82 10.20 13.22
N GLY A 389 19.11 10.45 13.08
CA GLY A 389 20.08 9.37 13.17
C GLY A 389 20.23 8.82 14.58
N TYR A 390 20.08 9.66 15.60
CA TYR A 390 20.27 9.21 16.97
C TYR A 390 19.19 8.21 17.33
N GLN A 391 19.56 6.93 17.41
CA GLN A 391 18.61 5.85 17.65
C GLN A 391 19.04 5.00 18.84
N VAL A 392 19.70 5.61 19.83
CA VAL A 392 20.11 4.87 21.02
C VAL A 392 18.87 4.36 21.72
N GLY A 393 18.72 3.03 21.78
CA GLY A 393 17.53 2.45 22.37
C GLY A 393 16.37 2.31 21.42
N ASN A 394 16.64 2.19 20.11
CA ASN A 394 15.58 2.07 19.12
C ASN A 394 15.73 0.87 18.19
N PHE A 395 16.82 0.11 18.29
CA PHE A 395 17.05 -1.04 17.43
C PHE A 395 16.17 -2.21 17.86
N PRO A 396 15.89 -3.15 16.97
CA PRO A 396 15.05 -4.29 17.33
C PRO A 396 15.66 -5.06 18.50
N PRO A 397 14.82 -5.74 19.28
CA PRO A 397 15.30 -6.28 20.57
C PRO A 397 16.40 -7.33 20.45
N LEU A 398 16.61 -7.92 19.28
CA LEU A 398 17.70 -8.87 19.13
C LEU A 398 19.08 -8.21 19.19
N TRP A 399 19.13 -6.89 19.18
CA TRP A 399 20.38 -6.16 19.00
C TRP A 399 20.90 -5.61 20.33
N THR A 400 22.20 -5.32 20.34
CA THR A 400 22.87 -4.60 21.41
C THR A 400 23.41 -3.30 20.84
N GLU A 401 23.61 -2.32 21.71
CA GLU A 401 23.97 -0.98 21.28
C GLU A 401 25.07 -0.41 22.16
N TRP A 402 25.94 0.40 21.55
CA TRP A 402 26.80 1.28 22.31
C TRP A 402 25.95 2.30 23.04
N ASN A 403 26.01 2.18 24.24
CA ASN A 403 25.19 3.14 24.98
C ASN A 403 25.99 4.43 25.19
N GLY A 404 25.88 5.36 24.22
CA GLY A 404 26.58 6.63 24.32
C GLY A 404 26.12 7.49 25.48
N LYS A 405 24.90 7.26 25.98
CA LYS A 405 24.42 8.03 27.13
C LYS A 405 25.12 7.60 28.39
N TYR A 406 25.49 6.32 28.49
CA TYR A 406 26.34 5.86 29.60
C TYR A 406 27.66 6.61 29.60
N ARG A 407 28.34 6.67 28.44
CA ARG A 407 29.60 7.39 28.30
C ARG A 407 29.47 8.84 28.79
N ASP A 408 28.45 9.55 28.31
CA ASP A 408 28.30 10.97 28.62
C ASP A 408 27.99 11.19 30.10
N CYS A 409 27.14 10.33 30.66
CA CYS A 409 26.68 10.55 32.03
C CYS A 409 27.81 10.30 33.03
N VAL A 410 28.57 9.22 32.83
CA VAL A 410 29.64 8.86 33.75
C VAL A 410 30.81 9.85 33.64
N ARG A 411 31.04 10.39 32.44
CA ARG A 411 31.99 11.48 32.28
C ARG A 411 31.54 12.74 33.01
N ASP A 412 30.23 13.05 32.94
CA ASP A 412 29.71 14.23 33.59
C ASP A 412 29.80 14.12 35.11
N LEU A 413 29.51 12.94 35.66
CA LEU A 413 29.53 12.73 37.10
C LEU A 413 30.93 12.96 37.68
N TRP A 414 31.94 12.33 37.08
CA TRP A 414 33.29 12.50 37.57
C TRP A 414 33.89 13.84 37.19
N ARG A 415 33.25 14.61 36.29
CA ARG A 415 33.51 16.02 36.03
C ARG A 415 32.89 16.93 37.07
N GLY A 416 31.97 16.42 37.88
CA GLY A 416 31.17 17.27 38.73
C GLY A 416 30.15 18.15 38.01
N GLU A 417 29.55 17.67 36.90
CA GLU A 417 28.46 18.42 36.28
C GLU A 417 27.23 18.48 37.18
N PRO A 418 26.47 19.61 37.12
CA PRO A 418 25.45 19.92 38.14
C PRO A 418 24.45 18.85 38.57
N ARG A 419 23.63 18.33 37.68
CA ARG A 419 22.55 17.44 38.15
C ARG A 419 22.69 16.18 37.35
N THR A 420 23.58 15.31 37.83
CA THR A 420 23.96 14.08 37.17
C THR A 420 23.55 12.85 37.96
N LEU A 421 23.37 12.97 39.28
CA LEU A 421 23.16 11.80 40.12
C LEU A 421 21.93 11.01 39.68
N ALA A 422 20.88 11.70 39.24
CA ALA A 422 19.67 11.01 38.82
C ALA A 422 19.94 10.11 37.62
N GLU A 423 20.39 10.70 36.51
CA GLU A 423 20.71 9.91 35.34
C GLU A 423 21.77 8.86 35.67
N PHE A 424 22.75 9.22 36.50
CA PHE A 424 23.81 8.27 36.84
C PHE A 424 23.23 6.99 37.45
N ALA A 425 22.13 7.23 37.89
CA ALA A 425 21.55 6.03 38.54
C ALA A 425 20.95 5.10 37.51
N SER A 426 20.33 5.57 36.43
CA SER A 426 19.80 4.61 35.43
C SER A 426 20.91 4.09 34.53
N ARG A 427 22.08 4.70 34.50
CA ARG A 427 23.15 4.18 33.64
C ARG A 427 23.92 3.13 34.42
N LEU A 428 23.76 3.10 35.74
CA LEU A 428 24.35 2.03 36.56
C LEU A 428 23.33 0.91 36.55
N THR A 429 22.06 1.24 36.75
CA THR A 429 21.02 0.22 36.68
C THR A 429 21.02 -0.51 35.34
N GLY A 430 21.70 0.01 34.33
CA GLY A 430 21.76 -0.62 33.03
C GLY A 430 20.79 0.00 32.04
N SER A 431 20.65 1.33 32.12
CA SER A 431 19.79 2.10 31.21
C SER A 431 18.39 1.50 31.13
N SER A 432 17.71 1.51 32.28
CA SER A 432 16.32 1.08 32.31
C SER A 432 15.45 1.94 31.41
N ASP A 433 15.78 3.24 31.30
CA ASP A 433 15.00 4.14 30.45
C ASP A 433 15.12 3.76 28.98
N LEU A 434 16.31 3.36 28.55
CA LEU A 434 16.57 3.13 27.14
C LEU A 434 16.23 1.71 26.68
N TYR A 435 16.13 0.74 27.59
CA TYR A 435 16.10 -0.66 27.20
C TYR A 435 15.04 -1.51 27.87
N GLN A 436 14.49 -1.10 29.02
CA GLN A 436 13.51 -1.95 29.69
C GLN A 436 12.22 -2.07 28.89
N ASP A 437 11.69 -0.94 28.42
CA ASP A 437 10.41 -0.95 27.72
C ASP A 437 10.53 -1.64 26.37
N ASP A 438 11.71 -1.59 25.74
CA ASP A 438 11.89 -2.20 24.43
C ASP A 438 11.63 -3.70 24.45
N GLY A 439 11.73 -4.35 25.60
CA GLY A 439 11.68 -5.79 25.69
C GLY A 439 13.05 -6.41 25.81
N ARG A 440 14.08 -5.63 26.10
CA ARG A 440 15.45 -6.08 26.18
C ARG A 440 15.86 -6.30 27.63
N ARG A 441 17.16 -6.51 27.83
CA ARG A 441 17.76 -6.70 29.15
C ARG A 441 18.82 -5.64 29.38
N PRO A 442 19.34 -5.50 30.60
CA PRO A 442 20.48 -4.60 30.82
C PRO A 442 21.64 -4.89 29.90
N LEU A 443 21.85 -6.15 29.53
CA LEU A 443 22.94 -6.55 28.65
C LEU A 443 22.82 -5.94 27.26
N ALA A 444 21.71 -5.26 26.97
CA ALA A 444 21.57 -4.54 25.71
C ALA A 444 22.32 -3.22 25.69
N SER A 445 22.94 -2.83 26.80
CA SER A 445 23.69 -1.59 26.90
C SER A 445 25.17 -1.93 26.97
N VAL A 446 25.88 -1.74 25.85
CA VAL A 446 27.32 -1.89 25.84
C VAL A 446 27.88 -0.62 26.50
N ASN A 447 28.16 -0.70 27.79
CA ASN A 447 28.71 0.45 28.49
C ASN A 447 30.17 0.64 28.13
N PHE A 448 30.57 1.90 27.97
CA PHE A 448 31.93 2.25 27.60
C PHE A 448 32.14 3.73 27.89
N VAL A 449 33.30 4.06 28.44
CA VAL A 449 33.64 5.45 28.69
C VAL A 449 34.46 5.99 27.51
N THR A 450 35.55 5.31 27.20
CA THR A 450 36.38 5.63 26.05
C THR A 450 36.33 4.48 25.04
N CYS A 451 36.61 4.83 23.79
CA CYS A 451 36.66 3.86 22.70
C CYS A 451 37.69 4.35 21.70
N HIS A 452 37.65 3.80 20.48
CA HIS A 452 38.53 4.30 19.44
C HIS A 452 38.26 5.77 19.15
N ASP A 453 37.00 6.19 19.24
CA ASP A 453 36.65 7.59 19.05
C ASP A 453 36.84 8.37 20.34
N GLY A 454 36.93 9.70 20.20
CA GLY A 454 37.16 10.52 21.37
C GLY A 454 38.54 10.30 21.96
N PHE A 455 38.65 10.56 23.26
CA PHE A 455 39.91 10.43 23.96
C PHE A 455 40.13 9.01 24.45
N THR A 456 41.40 8.63 24.56
CA THR A 456 41.74 7.45 25.34
C THR A 456 41.65 7.79 26.82
N LEU A 457 41.69 6.75 27.66
CA LEU A 457 41.41 6.94 29.08
C LEU A 457 42.37 7.93 29.74
N ARG A 458 43.60 8.03 29.23
CA ARG A 458 44.54 9.00 29.78
C ARG A 458 44.24 10.42 29.29
N ASP A 459 43.96 10.57 27.99
CA ASP A 459 43.62 11.89 27.46
C ASP A 459 42.26 12.36 27.96
N LEU A 460 41.38 11.44 28.38
CA LEU A 460 40.07 11.82 28.88
C LEU A 460 40.15 12.60 30.18
N VAL A 461 41.23 12.43 30.95
CA VAL A 461 41.44 13.16 32.20
C VAL A 461 42.62 14.11 32.10
N SER A 462 43.13 14.36 30.89
CA SER A 462 44.29 15.21 30.70
C SER A 462 44.07 16.36 29.73
N TYR A 463 42.95 16.40 29.02
CA TYR A 463 42.72 17.41 27.99
C TYR A 463 41.26 17.84 28.00
N ASN A 464 41.04 19.15 27.90
CA ASN A 464 39.69 19.68 27.76
C ASN A 464 39.21 19.70 26.33
N GLU A 465 40.13 19.74 25.36
CA GLU A 465 39.73 19.81 23.96
C GLU A 465 40.72 19.02 23.11
N LYS A 466 40.27 18.72 21.90
CA LYS A 466 41.04 17.91 20.95
C LYS A 466 42.34 18.61 20.56
N ARG A 467 43.29 17.80 20.11
CA ARG A 467 44.58 18.25 19.59
C ARG A 467 44.91 17.52 18.29
N ASN A 468 43.93 17.53 17.37
CA ASN A 468 44.00 16.73 16.15
C ASN A 468 44.72 17.44 15.01
N GLU A 469 45.66 18.34 15.31
CA GLU A 469 46.44 18.98 14.26
C GLU A 469 47.20 17.96 13.42
N ALA A 470 47.49 16.78 13.99
CA ALA A 470 48.16 15.73 13.22
C ALA A 470 47.33 15.32 12.01
N ASN A 471 46.01 15.31 12.16
CA ASN A 471 45.13 14.92 11.06
C ASN A 471 45.14 15.93 9.91
N GLY A 472 45.79 17.08 10.09
CA GLY A 472 46.00 18.01 9.00
C GLY A 472 44.85 18.95 8.69
N GLU A 473 43.67 18.72 9.27
CA GLU A 473 42.52 19.59 9.02
C GLU A 473 42.46 20.78 9.96
N GLY A 474 43.58 21.15 10.57
CA GLY A 474 43.63 22.34 11.40
C GLY A 474 42.76 22.29 12.64
N ASN A 475 42.75 21.15 13.33
CA ASN A 475 41.99 20.98 14.56
C ASN A 475 40.51 21.31 14.36
N ARG A 476 39.96 20.80 13.26
CA ARG A 476 38.54 20.98 12.94
C ARG A 476 37.75 19.68 12.98
N ASP A 477 38.41 18.53 13.03
CA ASP A 477 37.77 17.23 12.98
C ASP A 477 37.54 16.69 14.39
N GLY A 478 36.81 15.57 14.45
CA GLY A 478 36.56 14.90 15.71
C GLY A 478 35.63 15.70 16.61
N GLU A 479 35.33 15.09 17.76
CA GLU A 479 34.47 15.73 18.74
C GLU A 479 35.11 17.02 19.25
N ASN A 480 34.30 18.07 19.36
CA ASN A 480 34.81 19.38 19.73
C ASN A 480 34.78 19.62 21.24
N TYR A 481 33.78 19.09 21.94
CA TYR A 481 33.86 18.93 23.39
C TYR A 481 33.49 17.49 23.72
N ASN A 482 34.42 16.79 24.35
CA ASN A 482 34.28 15.38 24.69
C ASN A 482 33.75 15.16 26.10
N ARG A 483 33.30 16.22 26.78
CA ARG A 483 32.87 16.17 28.17
C ARG A 483 33.98 15.62 29.05
N SER A 484 35.18 16.16 28.86
CA SER A 484 36.38 15.74 29.58
C SER A 484 36.89 16.87 30.45
N TRP A 485 37.61 16.50 31.50
CA TRP A 485 38.24 17.47 32.40
C TRP A 485 39.71 17.14 32.55
N ASN A 486 40.56 18.17 32.44
CA ASN A 486 42.01 17.99 32.42
C ASN A 486 42.63 17.83 33.81
N CYS A 487 41.84 17.99 34.87
CA CYS A 487 42.27 17.73 36.24
C CYS A 487 43.37 18.69 36.72
N GLY A 488 43.39 19.91 36.20
CA GLY A 488 44.29 20.94 36.71
C GLY A 488 45.31 21.47 35.71
N GLU A 489 45.54 20.78 34.60
CA GLU A 489 46.47 21.24 33.58
C GLU A 489 46.27 20.41 32.32
N GLU A 490 46.22 21.08 31.18
CA GLU A 490 46.03 20.40 29.90
C GLU A 490 47.37 19.88 29.40
N GLY A 491 47.48 18.57 29.23
CA GLY A 491 48.71 17.96 28.78
C GLY A 491 49.51 17.34 29.91
N GLU A 492 50.71 16.91 29.56
CA GLU A 492 51.60 16.29 30.54
C GLU A 492 52.06 17.33 31.56
N THR A 493 51.85 17.02 32.83
CA THR A 493 52.30 17.86 33.94
C THR A 493 53.23 17.05 34.83
N GLU A 494 54.03 17.76 35.61
CA GLU A 494 54.89 17.13 36.61
C GLU A 494 54.24 17.08 37.99
N ASP A 495 53.22 17.91 38.21
CA ASP A 495 52.59 18.03 39.53
C ASP A 495 52.14 16.68 40.06
N VAL A 496 52.57 16.37 41.29
CA VAL A 496 52.11 15.16 41.96
C VAL A 496 50.63 15.22 42.23
N GLY A 497 50.10 16.42 42.49
CA GLY A 497 48.68 16.59 42.73
C GLY A 497 47.80 16.19 41.57
N ILE A 498 48.08 16.77 40.40
CA ILE A 498 47.29 16.45 39.20
C ILE A 498 47.54 15.01 38.77
N THR A 499 48.80 14.58 38.78
CA THR A 499 49.15 13.23 38.34
C THR A 499 48.39 12.21 39.18
N GLU A 500 48.34 12.42 40.49
CA GLU A 500 47.57 11.51 41.34
C GLU A 500 46.08 11.64 41.05
N LEU A 501 45.59 12.86 40.82
CA LEU A 501 44.18 13.06 40.49
C LEU A 501 43.82 12.31 39.20
N ARG A 502 44.63 12.50 38.15
CA ARG A 502 44.34 11.86 36.86
C ARG A 502 44.34 10.34 36.98
N ALA A 503 45.47 9.76 37.40
CA ALA A 503 45.58 8.31 37.49
C ALA A 503 44.50 7.71 38.35
N ARG A 504 44.03 8.46 39.36
CA ARG A 504 42.93 7.99 40.20
C ARG A 504 41.57 8.27 39.56
N GLN A 505 41.45 9.35 38.77
CA GLN A 505 40.24 9.55 37.99
C GLN A 505 40.09 8.38 37.03
N MET A 506 41.22 7.85 36.53
CA MET A 506 41.21 6.67 35.68
C MET A 506 40.61 5.49 36.44
N ARG A 507 40.94 5.41 37.73
CA ARG A 507 40.35 4.41 38.60
C ARG A 507 38.84 4.51 38.82
N ASN A 508 38.25 5.66 38.53
CA ASN A 508 36.81 5.85 38.68
C ASN A 508 36.03 5.44 37.44
N PHE A 509 36.53 5.80 36.26
CA PHE A 509 35.89 5.35 35.02
C PHE A 509 35.93 3.83 34.90
N LEU A 510 37.05 3.22 35.26
CA LEU A 510 37.16 1.77 35.18
C LEU A 510 36.29 1.08 36.23
N ALA A 511 36.20 1.66 37.42
CA ALA A 511 35.38 1.06 38.46
C ALA A 511 33.90 1.21 38.16
N THR A 512 33.48 2.39 37.67
CA THR A 512 32.08 2.58 37.32
C THR A 512 31.68 1.73 36.13
N LEU A 513 32.58 1.60 35.14
CA LEU A 513 32.28 0.79 33.97
C LEU A 513 32.08 -0.68 34.28
N MET A 514 32.96 -1.25 35.11
CA MET A 514 32.87 -2.67 35.47
C MET A 514 31.75 -2.95 36.48
N LEU A 515 31.32 -1.91 37.19
CA LEU A 515 30.32 -2.05 38.24
C LEU A 515 28.92 -1.85 37.67
N SER A 516 28.80 -1.36 36.44
CA SER A 516 27.50 -1.06 35.86
C SER A 516 26.91 -2.30 35.20
N GLN A 517 25.58 -2.31 35.11
CA GLN A 517 24.90 -3.38 34.39
C GLN A 517 25.19 -3.29 32.90
N GLY A 518 24.87 -4.36 32.19
CA GLY A 518 25.19 -4.43 30.78
C GLY A 518 26.61 -4.88 30.55
N VAL A 519 26.97 -4.97 29.27
CA VAL A 519 28.28 -5.48 28.86
C VAL A 519 29.26 -4.31 28.84
N PRO A 520 30.35 -4.36 29.61
CA PRO A 520 31.34 -3.29 29.57
C PRO A 520 32.18 -3.37 28.30
N MET A 521 32.96 -2.32 28.08
CA MET A 521 33.86 -2.28 26.93
C MET A 521 35.08 -1.41 27.20
N LEU A 522 36.26 -1.96 26.96
CA LEU A 522 37.52 -1.26 27.13
C LEU A 522 38.19 -1.09 25.79
N SER A 523 38.59 0.14 25.47
CA SER A 523 39.43 0.36 24.31
C SER A 523 40.84 -0.11 24.60
N HIS A 524 41.52 -0.57 23.56
CA HIS A 524 42.85 -1.16 23.72
C HIS A 524 43.85 -0.11 24.22
N GLY A 525 44.64 -0.49 25.21
CA GLY A 525 45.70 0.33 25.74
C GLY A 525 45.41 0.98 27.08
N ASP A 526 44.13 1.11 27.44
CA ASP A 526 43.78 1.80 28.69
C ASP A 526 44.29 1.08 29.92
N GLU A 527 44.85 -0.13 29.77
CA GLU A 527 45.46 -0.82 30.90
C GLU A 527 46.82 -0.22 31.24
N PHE A 528 47.57 0.19 30.23
CA PHE A 528 48.86 0.85 30.42
C PHE A 528 48.75 2.37 30.36
N GLY A 529 47.55 2.91 30.58
CA GLY A 529 47.33 4.34 30.47
C GLY A 529 47.70 4.86 29.10
N ARG A 530 47.03 4.35 28.07
CA ARG A 530 47.39 4.69 26.70
C ARG A 530 47.04 6.14 26.40
N THR A 531 47.93 6.80 25.67
CA THR A 531 47.83 8.22 25.40
C THR A 531 48.04 8.48 23.92
N GLN A 532 47.11 9.20 23.29
CA GLN A 532 47.26 9.63 21.91
C GLN A 532 47.62 11.12 21.82
N GLY A 533 48.18 11.69 22.88
CA GLY A 533 48.69 13.05 22.87
C GLY A 533 47.64 14.14 22.82
N GLY A 534 46.38 13.81 23.08
CA GLY A 534 45.30 14.76 22.95
C GLY A 534 44.53 14.66 21.66
N ASN A 535 45.00 13.85 20.71
CA ASN A 535 44.26 13.59 19.49
C ASN A 535 43.05 12.72 19.82
N ASN A 536 41.85 13.24 19.58
CA ASN A 536 40.62 12.52 19.87
C ASN A 536 39.99 11.89 18.63
N ASN A 537 40.63 12.00 17.47
CA ASN A 537 40.17 11.37 16.23
C ASN A 537 41.40 10.87 15.49
N ALA A 538 41.80 9.64 15.75
CA ALA A 538 43.04 9.07 15.25
C ALA A 538 42.83 8.17 14.04
N TYR A 539 41.87 8.49 13.19
CA TYR A 539 41.56 7.65 12.03
C TYR A 539 42.71 7.59 11.04
N CYS A 540 43.63 8.54 11.08
CA CYS A 540 44.70 8.63 10.09
C CYS A 540 46.10 8.56 10.68
N GLN A 541 46.24 8.37 11.99
CA GLN A 541 47.54 8.34 12.64
C GLN A 541 48.00 6.89 12.74
N ASP A 542 48.71 6.42 11.71
CA ASP A 542 49.36 5.11 11.73
C ASP A 542 50.82 5.30 12.12
N ASN A 543 51.02 5.58 13.41
CA ASN A 543 52.32 5.95 13.94
C ASN A 543 52.25 5.85 15.46
N GLU A 544 53.28 6.39 16.13
CA GLU A 544 53.38 6.34 17.59
C GLU A 544 52.13 6.86 18.29
N VAL A 545 51.31 7.66 17.61
CA VAL A 545 50.16 8.28 18.26
C VAL A 545 49.18 7.21 18.74
N SER A 546 48.87 6.25 17.89
CA SER A 546 47.78 5.32 18.28
C SER A 546 48.20 3.90 18.57
N TRP A 547 49.43 3.51 18.29
CA TRP A 547 49.88 2.14 18.62
C TRP A 547 50.03 2.05 20.13
N VAL A 548 49.84 0.87 20.70
CA VAL A 548 49.87 0.69 22.18
C VAL A 548 51.28 0.51 22.70
N ARG A 549 51.61 1.21 23.80
CA ARG A 549 52.90 1.10 24.48
C ARG A 549 52.84 -0.04 25.49
N TRP A 550 53.79 -0.96 25.39
CA TRP A 550 53.67 -2.00 26.39
C TRP A 550 54.53 -1.70 27.60
N PRO A 551 54.06 -2.02 28.81
CA PRO A 551 54.52 -1.31 30.00
C PRO A 551 55.91 -1.72 30.46
N LYS A 552 56.66 -0.73 30.94
CA LYS A 552 57.93 -0.96 31.62
C LYS A 552 58.10 0.02 32.79
N GLU A 556 56.15 1.68 36.79
CA GLU A 556 55.40 1.44 38.02
C GLU A 556 53.96 1.90 37.92
N ALA A 557 53.75 3.15 37.48
CA ALA A 557 52.39 3.67 37.36
C ALA A 557 51.61 2.97 36.25
N GLU A 558 52.30 2.58 35.17
CA GLU A 558 51.67 1.92 34.04
C GLU A 558 51.45 0.42 34.26
N ALA A 559 51.91 -0.11 35.40
CA ALA A 559 51.62 -1.48 35.81
C ALA A 559 50.75 -1.56 37.04
N THR A 560 50.78 -0.54 37.91
CA THR A 560 49.84 -0.48 39.01
C THR A 560 48.42 -0.27 38.52
N LEU A 561 48.25 0.61 37.53
CA LEU A 561 46.96 0.75 36.87
C LEU A 561 46.56 -0.53 36.15
N LEU A 562 47.53 -1.27 35.63
CA LEU A 562 47.24 -2.52 34.94
C LEU A 562 46.66 -3.55 35.90
N ARG A 563 47.31 -3.75 37.05
CA ARG A 563 46.75 -4.65 38.05
C ARG A 563 45.54 -4.13 38.81
N PHE A 564 45.22 -2.84 38.68
CA PHE A 564 43.89 -2.39 39.06
C PHE A 564 42.83 -2.88 38.08
N THR A 565 43.08 -2.69 36.79
CA THR A 565 42.10 -3.04 35.77
C THR A 565 41.87 -4.54 35.80
N ARG A 566 42.95 -5.32 35.75
CA ARG A 566 42.83 -6.77 35.75
C ARG A 566 42.04 -7.28 36.94
N SER A 567 42.30 -6.71 38.13
CA SER A 567 41.58 -7.13 39.32
C SER A 567 40.11 -6.73 39.42
N MET A 568 39.71 -5.65 38.76
CA MET A 568 38.31 -5.24 38.77
C MET A 568 37.46 -6.06 37.80
N VAL A 569 38.14 -6.63 36.79
CA VAL A 569 37.46 -7.58 35.91
C VAL A 569 37.24 -8.83 36.75
N ARG A 570 38.18 -9.12 37.67
CA ARG A 570 37.97 -10.23 38.59
C ARG A 570 36.71 -10.04 39.40
N LEU A 571 36.54 -8.86 40.01
CA LEU A 571 35.39 -8.63 40.90
C LEU A 571 34.08 -8.62 40.12
N ARG A 572 34.10 -8.23 38.84
CA ARG A 572 32.89 -8.37 38.05
C ARG A 572 32.62 -9.82 37.70
N ARG A 573 33.67 -10.59 37.43
CA ARG A 573 33.52 -12.02 37.21
C ARG A 573 33.00 -12.72 38.47
N GLU A 574 33.70 -12.52 39.59
CA GLU A 574 33.40 -13.24 40.82
C GLU A 574 32.02 -12.94 41.39
N HIS A 575 31.33 -11.93 40.88
CA HIS A 575 30.09 -11.51 41.54
C HIS A 575 29.00 -11.20 40.52
N PRO A 576 27.95 -12.02 40.45
CA PRO A 576 26.90 -11.82 39.44
C PRO A 576 26.02 -10.61 39.68
N VAL A 577 26.17 -9.88 40.78
CA VAL A 577 25.31 -8.72 41.02
C VAL A 577 25.59 -7.61 40.01
N PHE A 578 26.87 -7.39 39.69
CA PHE A 578 27.24 -6.32 38.78
C PHE A 578 26.92 -6.66 37.33
N ARG A 579 26.66 -7.93 37.03
CA ARG A 579 26.30 -8.36 35.69
C ARG A 579 24.92 -9.01 35.71
N ARG A 580 23.96 -8.36 36.37
CA ARG A 580 22.63 -8.93 36.53
C ARG A 580 21.99 -9.22 35.18
N ARG A 581 21.28 -10.34 35.13
CA ARG A 581 20.59 -10.78 33.92
C ARG A 581 19.26 -10.08 33.70
N ARG A 582 18.74 -9.39 34.71
CA ARG A 582 17.49 -8.66 34.62
C ARG A 582 17.69 -7.25 35.18
N PHE A 583 16.62 -6.49 35.24
CA PHE A 583 16.64 -5.13 35.80
C PHE A 583 16.30 -5.18 37.29
N PHE A 584 16.59 -4.06 37.97
CA PHE A 584 16.25 -3.88 39.38
C PHE A 584 14.85 -3.32 39.51
N HIS A 585 14.26 -3.51 40.69
CA HIS A 585 12.96 -2.89 40.96
C HIS A 585 12.95 -2.29 42.37
N GLY A 586 13.71 -2.89 43.28
CA GLY A 586 13.95 -2.32 44.58
C GLY A 586 12.75 -2.20 45.49
N ARG A 587 11.54 -2.52 45.02
CA ARG A 587 10.33 -2.35 45.83
C ARG A 587 9.35 -3.49 45.65
N PRO A 588 8.79 -4.01 46.75
CA PRO A 588 7.51 -4.71 46.65
C PRO A 588 6.38 -3.72 46.90
N VAL A 589 5.13 -4.15 46.77
CA VAL A 589 4.00 -3.29 47.12
C VAL A 589 3.08 -4.03 48.08
N LEU A 596 11.55 -8.65 48.21
CA LEU A 596 12.94 -8.33 48.52
C LEU A 596 13.38 -7.06 47.83
N THR A 597 14.05 -6.18 48.58
CA THR A 597 14.65 -4.98 48.03
C THR A 597 15.99 -5.34 47.41
N ASP A 598 16.05 -5.36 46.07
CA ASP A 598 17.27 -5.76 45.37
C ASP A 598 18.21 -4.60 45.08
N ILE A 599 17.75 -3.35 45.22
CA ILE A 599 18.62 -2.20 45.13
C ILE A 599 18.08 -1.12 46.07
N ALA A 600 19.00 -0.42 46.73
CA ALA A 600 18.63 0.65 47.65
C ALA A 600 19.59 1.81 47.47
N TRP A 601 19.05 3.00 47.29
CA TRP A 601 19.84 4.21 47.10
C TRP A 601 19.89 4.99 48.42
N PHE A 602 21.09 5.27 48.90
CA PHE A 602 21.29 6.05 50.11
C PHE A 602 22.15 7.26 49.81
N THR A 603 21.98 8.28 50.60
CA THR A 603 22.74 9.51 50.62
C THR A 603 23.97 9.32 51.50
N PRO A 604 25.08 10.03 51.24
CA PRO A 604 26.24 9.96 52.15
C PRO A 604 25.86 10.22 53.60
N GLU A 605 24.75 10.92 53.82
CA GLU A 605 24.20 11.06 55.17
C GLU A 605 23.93 9.69 55.79
N GLY A 606 23.41 8.76 54.99
CA GLY A 606 23.11 7.43 55.46
C GLY A 606 21.63 7.07 55.50
N GLU A 607 20.76 7.86 54.88
CA GLU A 607 19.34 7.60 54.85
C GLU A 607 18.85 7.47 53.41
N GLU A 608 17.77 6.72 53.23
CA GLU A 608 17.26 6.46 51.90
C GLU A 608 16.77 7.74 51.23
N MET A 609 17.10 7.90 49.95
CA MET A 609 16.79 9.12 49.21
C MET A 609 15.30 9.24 48.90
N THR A 610 14.84 10.47 48.72
CA THR A 610 13.46 10.77 48.38
C THR A 610 13.41 11.43 47.00
N SER A 611 12.19 11.54 46.47
CA SER A 611 12.03 12.05 45.11
C SER A 611 12.45 13.51 44.99
N ARG A 612 12.22 14.31 46.03
CA ARG A 612 12.71 15.69 46.01
C ARG A 612 14.23 15.73 46.08
N ASP A 613 14.83 14.87 46.91
CA ASP A 613 16.27 14.76 47.00
C ASP A 613 16.85 13.79 45.98
N TRP A 614 16.04 13.32 45.04
CA TRP A 614 16.55 12.60 43.88
C TRP A 614 16.80 13.54 42.70
N GLN A 615 15.86 14.44 42.44
CA GLN A 615 16.05 15.51 41.46
C GLN A 615 16.62 16.77 42.09
N ALA A 616 17.34 16.63 43.21
CA ALA A 616 18.05 17.76 43.78
C ALA A 616 19.11 18.26 42.80
N ALA A 617 19.13 19.57 42.57
CA ALA A 617 19.99 20.13 41.53
C ALA A 617 21.46 19.91 41.85
N HIS A 618 21.88 20.26 43.06
CA HIS A 618 23.30 20.19 43.45
C HIS A 618 23.50 18.93 44.29
N ALA A 619 23.87 17.84 43.62
CA ALA A 619 24.16 16.58 44.30
C ALA A 619 25.25 15.86 43.52
N GLN A 620 26.27 15.38 44.25
CA GLN A 620 27.38 14.69 43.60
C GLN A 620 27.86 13.48 44.40
N ALA A 621 27.02 12.90 45.24
CA ALA A 621 27.44 11.78 46.07
C ALA A 621 26.32 10.76 46.17
N LEU A 622 26.69 9.48 46.24
CA LEU A 622 25.74 8.40 46.23
C LEU A 622 26.25 7.24 47.06
N THR A 623 25.31 6.45 47.58
CA THR A 623 25.61 5.19 48.27
C THR A 623 24.54 4.19 47.86
N VAL A 624 24.94 3.15 47.14
CA VAL A 624 24.00 2.18 46.57
C VAL A 624 24.26 0.83 47.21
N PHE A 625 23.20 0.22 47.75
CA PHE A 625 23.26 -1.13 48.28
C PHE A 625 22.73 -2.09 47.23
N LEU A 626 23.55 -3.08 46.88
CA LEU A 626 23.21 -4.07 45.85
C LEU A 626 23.00 -5.41 46.52
N ASN A 627 21.74 -5.85 46.61
CA ASN A 627 21.42 -7.10 47.28
C ASN A 627 21.95 -8.28 46.49
N GLY A 628 22.61 -9.21 47.18
CA GLY A 628 23.18 -10.37 46.54
C GLY A 628 22.31 -11.60 46.64
N ASN A 629 21.52 -11.69 47.71
CA ASN A 629 20.59 -12.81 47.87
C ASN A 629 19.34 -12.65 47.03
N ALA A 630 19.07 -11.45 46.52
CA ALA A 630 17.84 -11.16 45.79
C ALA A 630 18.06 -11.10 44.29
N ILE A 631 18.94 -11.95 43.75
CA ILE A 631 19.12 -12.05 42.30
C ILE A 631 18.02 -12.94 41.76
N SER A 632 16.90 -12.33 41.36
CA SER A 632 15.73 -13.07 40.89
C SER A 632 15.97 -13.54 39.46
N GLU A 633 16.95 -14.44 39.32
CA GLU A 633 17.35 -14.97 38.03
C GLU A 633 17.72 -16.43 38.19
N PRO A 634 17.30 -17.28 37.26
CA PRO A 634 17.74 -18.68 37.28
C PRO A 634 19.07 -18.83 36.55
N GLY A 635 19.82 -19.85 36.97
CA GLY A 635 21.06 -20.21 36.33
C GLY A 635 20.83 -21.17 35.17
N THR A 636 21.95 -21.70 34.66
CA THR A 636 21.88 -22.56 33.48
C THR A 636 20.99 -23.77 33.72
N GLN A 637 20.97 -24.30 34.95
CA GLN A 637 20.14 -25.45 35.30
C GLN A 637 19.09 -25.09 36.34
N GLY A 638 18.65 -23.83 36.36
CA GLY A 638 17.66 -23.39 37.33
C GLY A 638 18.22 -23.06 38.70
N GLU A 639 19.54 -23.10 38.87
CA GLU A 639 20.15 -22.77 40.15
C GLU A 639 19.80 -21.34 40.54
N ARG A 640 19.57 -21.14 41.84
CA ARG A 640 19.35 -19.80 42.37
C ARG A 640 20.71 -19.08 42.47
N ILE A 641 20.86 -18.00 41.72
CA ILE A 641 22.11 -17.25 41.72
C ILE A 641 22.24 -16.51 43.04
N ALA A 642 23.29 -16.83 43.80
CA ALA A 642 23.56 -16.19 45.07
C ALA A 642 24.83 -15.35 44.97
N ASP A 643 24.94 -14.37 45.86
CA ASP A 643 26.08 -13.47 45.87
C ASP A 643 26.11 -12.72 47.19
N ASP A 644 27.28 -12.20 47.54
CA ASP A 644 27.38 -11.30 48.68
C ASP A 644 26.72 -9.97 48.35
N SER A 645 26.17 -9.33 49.37
CA SER A 645 25.58 -8.02 49.21
C SER A 645 26.69 -6.98 49.15
N PHE A 646 26.62 -6.10 48.15
CA PHE A 646 27.65 -5.10 47.93
C PHE A 646 27.11 -3.70 48.22
N LEU A 647 28.03 -2.82 48.63
CA LEU A 647 27.71 -1.44 48.99
C LEU A 647 28.66 -0.52 48.25
N LEU A 648 28.13 0.28 47.31
CA LEU A 648 28.93 1.19 46.51
C LEU A 648 28.78 2.62 47.01
N MET A 649 29.90 3.34 47.07
CA MET A 649 29.88 4.72 47.54
C MET A 649 30.56 5.70 46.57
N PHE A 650 29.73 6.45 45.86
CA PHE A 650 30.19 7.40 44.84
C PHE A 650 30.23 8.81 45.42
N ASN A 651 31.34 9.51 45.16
CA ASN A 651 31.49 10.89 45.61
C ASN A 651 32.13 11.69 44.48
N ALA A 652 31.29 12.25 43.61
CA ALA A 652 31.76 13.16 42.58
C ALA A 652 31.91 14.60 43.07
N SER A 653 31.85 14.79 44.39
CA SER A 653 32.07 16.11 44.97
C SER A 653 33.51 16.53 44.79
N ALA A 654 33.74 17.84 44.91
CA ALA A 654 35.09 18.40 44.83
C ALA A 654 35.79 18.41 46.18
N LYS A 655 35.12 18.04 47.26
CA LYS A 655 35.68 18.05 48.60
C LYS A 655 35.44 16.70 49.27
N GLU A 656 36.10 16.50 50.41
CA GLU A 656 35.97 15.26 51.18
C GLU A 656 34.61 15.23 51.87
N LEU A 657 33.75 14.30 51.47
CA LEU A 657 32.47 14.10 52.12
C LEU A 657 32.54 12.92 53.08
N GLU A 658 31.75 13.01 54.15
CA GLU A 658 31.72 11.99 55.19
C GLU A 658 30.57 11.02 54.91
N PHE A 659 30.91 9.76 54.67
CA PHE A 659 29.94 8.74 54.29
C PHE A 659 29.59 7.86 55.48
N VAL A 660 28.31 7.50 55.59
CA VAL A 660 27.81 6.67 56.68
C VAL A 660 27.34 5.33 56.10
N VAL A 661 27.60 4.25 56.83
CA VAL A 661 27.24 2.91 56.40
C VAL A 661 25.92 2.52 57.06
N PRO A 662 24.99 1.91 56.33
CA PRO A 662 23.70 1.51 56.91
C PRO A 662 23.82 0.17 57.63
N ASP A 663 22.72 -0.23 58.28
CA ASP A 663 22.61 -1.49 59.01
C ASP A 663 23.62 -1.54 60.16
N ARG A 667 25.95 -4.98 62.32
CA ARG A 667 26.88 -5.92 61.68
C ARG A 667 27.98 -5.16 60.95
N TYR A 668 28.80 -5.86 60.17
CA TYR A 668 30.04 -5.36 59.60
C TYR A 668 29.97 -5.28 58.08
N TRP A 669 30.98 -4.62 57.51
CA TRP A 669 31.18 -4.51 56.08
C TRP A 669 32.67 -4.49 55.79
N ARG A 670 33.05 -4.88 54.57
CA ARG A 670 34.45 -5.00 54.18
C ARG A 670 34.75 -4.14 52.96
N MET A 671 35.71 -3.23 53.11
CA MET A 671 36.13 -2.38 52.00
C MET A 671 36.92 -3.18 50.97
N VAL A 672 36.31 -3.45 49.82
CA VAL A 672 36.91 -4.31 48.81
C VAL A 672 37.49 -3.46 47.68
N VAL A 673 36.90 -2.29 47.45
CA VAL A 673 37.38 -1.38 46.41
C VAL A 673 37.51 0.01 47.01
N ASP A 674 38.60 0.70 46.66
CA ASP A 674 38.77 2.11 47.01
C ASP A 674 39.64 2.75 45.93
N THR A 675 39.04 3.66 45.17
CA THR A 675 39.75 4.34 44.10
C THR A 675 40.87 5.24 44.64
N SER A 676 40.70 5.78 45.85
CA SER A 676 41.49 6.93 46.27
C SER A 676 42.95 6.58 46.54
N ASP A 677 43.25 5.37 47.07
CA ASP A 677 44.65 5.22 47.46
C ASP A 677 45.48 4.66 46.30
N PRO A 678 46.65 5.25 46.04
CA PRO A 678 47.41 4.89 44.82
C PRO A 678 48.02 3.51 44.83
N GLU A 679 48.07 2.83 45.98
CA GLU A 679 48.57 1.46 45.97
C GLU A 679 47.72 0.55 45.11
N GLY A 680 46.51 0.98 44.77
CA GLY A 680 45.65 0.22 43.89
C GLY A 680 44.81 -0.68 44.77
N MET A 681 43.53 -0.41 44.90
CA MET A 681 42.75 -1.24 45.79
C MET A 681 41.52 -1.86 45.11
N PRO A 682 41.67 -2.36 43.89
CA PRO A 682 40.94 -3.56 43.53
C PRO A 682 41.65 -4.79 44.10
N PRO A 683 43.01 -4.93 44.01
CA PRO A 683 43.58 -6.18 44.51
C PRO A 683 44.00 -6.13 45.97
N GLN A 684 44.42 -4.97 46.45
CA GLN A 684 44.89 -4.86 47.81
C GLN A 684 43.70 -4.73 48.75
N GLN A 685 43.76 -5.45 49.86
CA GLN A 685 42.58 -5.55 50.70
C GLN A 685 42.39 -4.26 51.49
N GLY A 686 41.17 -4.08 51.99
CA GLY A 686 40.82 -2.90 52.74
C GLY A 686 40.38 -3.22 54.16
N PRO A 687 40.31 -2.19 54.99
CA PRO A 687 39.82 -2.37 56.36
C PRO A 687 38.35 -2.73 56.40
N GLU A 688 37.81 -2.92 57.60
CA GLU A 688 36.40 -3.20 57.78
C GLU A 688 35.72 -1.96 58.36
N LEU A 689 34.65 -1.52 57.71
CA LEU A 689 33.86 -0.41 58.21
C LEU A 689 32.81 -0.96 59.17
N ALA A 690 32.45 -0.15 60.16
CA ALA A 690 31.57 -0.63 61.22
C ALA A 690 30.23 -1.09 60.66
N GLY A 691 29.45 -0.17 60.12
CA GLY A 691 28.10 -0.50 59.68
C GLY A 691 27.13 0.57 60.13
N GLY A 692 27.62 1.48 60.95
CA GLY A 692 26.88 2.67 61.32
C GLY A 692 27.81 3.87 61.34
N GLU A 693 29.11 3.58 61.28
CA GLU A 693 30.12 4.60 61.47
C GLU A 693 30.32 5.44 60.22
N ARG A 694 30.74 6.68 60.43
CA ARG A 694 31.04 7.58 59.33
C ARG A 694 32.43 7.28 58.77
N VAL A 695 32.59 7.51 57.47
CA VAL A 695 33.87 7.31 56.78
C VAL A 695 34.11 8.49 55.87
N THR A 696 35.16 9.25 56.13
CA THR A 696 35.52 10.39 55.28
C THR A 696 36.06 9.86 53.96
N LEU A 697 35.32 10.10 52.89
CA LEU A 697 35.65 9.61 51.55
C LEU A 697 36.16 10.77 50.71
N ALA A 698 37.32 10.57 50.08
CA ALA A 698 38.01 11.63 49.37
C ALA A 698 37.20 12.13 48.17
N PRO A 699 37.51 13.32 47.65
CA PRO A 699 36.75 13.84 46.50
C PRO A 699 37.13 13.15 45.20
N LEU A 700 36.12 12.93 44.36
CA LEU A 700 36.28 12.17 43.11
C LEU A 700 36.85 10.78 43.40
N SER A 701 36.27 10.17 44.41
CA SER A 701 36.67 8.83 44.84
C SER A 701 35.46 7.92 44.79
N LEU A 702 35.69 6.63 44.90
CA LEU A 702 34.63 5.61 44.79
C LEU A 702 35.09 4.44 45.65
N THR A 703 34.18 3.85 46.39
CA THR A 703 34.49 2.77 47.34
C THR A 703 33.42 1.70 47.19
N VAL A 704 33.75 0.46 47.45
CA VAL A 704 32.81 -0.66 47.40
C VAL A 704 32.98 -1.49 48.66
N LEU A 705 31.87 -1.83 49.30
CA LEU A 705 31.86 -2.68 50.48
C LEU A 705 31.24 -4.03 50.14
N ARG A 706 31.60 -5.05 50.91
CA ARG A 706 31.12 -6.41 50.69
C ARG A 706 30.65 -7.02 52.01
N ARG A 707 29.55 -7.76 51.95
CA ARG A 707 29.03 -8.51 53.09
C ARG A 707 28.01 -9.52 52.61
N PRO A 708 28.14 -10.80 52.99
CA PRO A 708 27.16 -11.82 52.60
C PRO A 708 26.03 -11.98 53.62
N MET B 4 9.33 -31.99 38.11
CA MET B 4 9.56 -31.32 36.80
C MET B 4 10.75 -30.42 36.97
N GLN B 5 11.68 -30.45 36.03
CA GLN B 5 12.84 -29.56 36.11
C GLN B 5 12.75 -28.66 34.90
N VAL B 6 12.83 -27.37 35.12
CA VAL B 6 12.73 -26.41 33.99
C VAL B 6 13.98 -25.55 34.00
N TRP B 7 14.76 -25.67 32.94
CA TRP B 7 15.94 -24.84 32.75
C TRP B 7 15.62 -23.73 31.74
N PRO B 8 16.29 -22.58 31.85
CA PRO B 8 15.94 -21.45 30.97
C PRO B 8 16.05 -21.77 29.49
N GLY B 9 16.95 -22.67 29.10
CA GLY B 9 17.03 -23.05 27.70
C GLY B 9 17.60 -21.94 26.83
N GLN B 10 17.21 -21.96 25.56
CA GLN B 10 17.68 -21.00 24.58
C GLN B 10 16.52 -20.58 23.68
N ALA B 11 16.61 -19.37 23.13
CA ALA B 11 15.57 -18.86 22.24
C ALA B 11 15.69 -19.39 20.83
N TYR B 12 16.75 -20.13 20.51
CA TYR B 12 16.91 -20.70 19.18
C TYR B 12 17.26 -22.18 19.27
N PRO B 13 16.69 -23.02 18.39
CA PRO B 13 15.72 -22.56 17.39
C PRO B 13 14.28 -22.56 17.89
N LEU B 14 13.45 -21.72 17.30
CA LEU B 14 12.06 -21.61 17.70
C LEU B 14 11.36 -22.97 17.58
N GLY B 15 10.44 -23.23 18.51
CA GLY B 15 9.78 -24.50 18.57
C GLY B 15 10.45 -25.44 19.56
N ALA B 16 10.03 -26.70 19.48
CA ALA B 16 10.53 -27.74 20.37
C ALA B 16 11.62 -28.54 19.66
N THR B 17 12.84 -28.49 20.20
CA THR B 17 13.97 -29.24 19.66
C THR B 17 14.56 -30.11 20.75
N TYR B 18 14.95 -31.33 20.37
CA TYR B 18 15.30 -32.40 21.30
C TYR B 18 16.82 -32.50 21.39
N ASP B 19 17.39 -31.94 22.45
CA ASP B 19 18.84 -31.92 22.64
C ASP B 19 19.32 -33.17 23.37
N GLY B 20 18.90 -34.34 22.90
CA GLY B 20 19.37 -35.59 23.48
C GLY B 20 18.77 -35.89 24.83
N ALA B 21 19.10 -35.06 25.82
CA ALA B 21 18.59 -35.25 27.18
C ALA B 21 17.11 -34.85 27.26
N GLY B 22 16.80 -33.60 27.00
CA GLY B 22 15.41 -33.15 27.03
C GLY B 22 15.00 -32.40 25.79
N THR B 23 14.01 -31.51 25.93
CA THR B 23 13.51 -30.72 24.81
C THR B 23 13.48 -29.25 25.19
N ASN B 24 13.90 -28.40 24.26
CA ASN B 24 13.86 -26.95 24.45
C ASN B 24 12.72 -26.37 23.65
N PHE B 25 11.81 -25.67 24.34
CA PHE B 25 10.65 -25.03 23.72
C PHE B 25 10.90 -23.54 23.65
N ALA B 26 10.61 -22.94 22.48
CA ALA B 26 10.78 -21.51 22.28
C ALA B 26 9.60 -21.00 21.46
N VAL B 27 8.73 -20.22 22.08
CA VAL B 27 7.55 -19.67 21.42
C VAL B 27 7.65 -18.15 21.44
N PHE B 28 7.06 -17.50 20.44
CA PHE B 28 7.12 -16.06 20.28
C PHE B 28 5.76 -15.43 20.52
N SER B 29 5.76 -14.35 21.31
CA SER B 29 4.61 -13.45 21.39
C SER B 29 5.09 -12.14 21.99
N GLU B 30 5.10 -11.07 21.21
CA GLU B 30 5.52 -9.77 21.68
C GLU B 30 4.38 -8.99 22.34
N ALA B 31 3.22 -9.61 22.52
CA ALA B 31 2.09 -9.01 23.21
C ALA B 31 1.49 -10.00 24.20
N ALA B 32 2.35 -10.75 24.89
CA ALA B 32 1.92 -11.73 25.88
C ALA B 32 2.53 -11.38 27.23
N HIS B 33 1.67 -11.15 28.23
CA HIS B 33 2.16 -10.96 29.59
C HIS B 33 2.81 -12.22 30.11
N ARG B 34 2.14 -13.36 29.93
CA ARG B 34 2.63 -14.65 30.41
C ARG B 34 2.32 -15.72 29.37
N ILE B 35 3.27 -16.62 29.16
CA ILE B 35 3.10 -17.77 28.28
C ILE B 35 3.39 -19.04 29.08
N GLU B 36 2.52 -20.03 28.94
CA GLU B 36 2.67 -21.30 29.63
C GLU B 36 2.75 -22.44 28.62
N LEU B 37 3.68 -23.36 28.86
CA LEU B 37 3.82 -24.56 28.03
C LEU B 37 3.06 -25.70 28.67
N CYS B 38 2.14 -26.29 27.91
CA CYS B 38 1.29 -27.37 28.41
C CYS B 38 1.79 -28.71 27.87
N LEU B 39 2.02 -29.64 28.77
CA LEU B 39 2.52 -30.98 28.42
C LEU B 39 1.33 -31.95 28.51
N LEU B 40 0.71 -32.23 27.37
CA LEU B 40 -0.43 -33.12 27.34
C LEU B 40 -0.01 -34.57 27.55
N HIS B 41 -0.84 -35.32 28.27
CA HIS B 41 -0.62 -36.74 28.50
C HIS B 41 -1.58 -37.55 27.63
N ASP B 42 -1.55 -38.86 27.81
CA ASP B 42 -2.47 -39.75 27.10
C ASP B 42 -3.88 -39.70 27.67
N ASP B 43 -4.14 -38.87 28.66
CA ASP B 43 -5.45 -38.72 29.29
C ASP B 43 -5.82 -37.24 29.39
N GLY B 44 -5.55 -36.48 28.34
CA GLY B 44 -5.71 -35.03 28.43
C GLY B 44 -4.73 -34.47 29.43
N SER B 45 -5.24 -33.74 30.41
CA SER B 45 -4.54 -33.50 31.67
C SER B 45 -3.18 -32.82 31.47
N GLU B 46 -3.25 -31.53 31.09
CA GLU B 46 -2.06 -30.71 30.98
C GLU B 46 -1.15 -30.86 32.20
N THR B 47 0.15 -30.66 31.97
CA THR B 47 1.13 -30.41 33.02
C THR B 47 1.80 -29.10 32.60
N ALA B 48 1.22 -27.99 33.02
CA ALA B 48 1.58 -26.68 32.49
C ALA B 48 2.87 -26.17 33.13
N VAL B 49 3.67 -25.46 32.33
CA VAL B 49 4.93 -24.88 32.76
C VAL B 49 5.03 -23.47 32.18
N GLU B 50 5.26 -22.50 33.05
CA GLU B 50 5.46 -21.13 32.60
C GLU B 50 6.85 -20.96 32.00
N LEU B 51 6.91 -20.44 30.77
CA LEU B 51 8.18 -20.11 30.13
C LEU B 51 8.53 -18.67 30.52
N ARG B 52 9.17 -18.55 31.69
CA ARG B 52 9.42 -17.24 32.26
C ARG B 52 10.46 -16.46 31.45
N GLU B 53 11.48 -17.16 30.96
CA GLU B 53 12.60 -16.49 30.30
C GLU B 53 12.14 -15.90 28.97
N THR B 54 12.06 -14.56 28.91
CA THR B 54 11.74 -13.83 27.69
C THR B 54 13.01 -13.20 27.16
N ASP B 55 13.39 -13.58 25.93
CA ASP B 55 14.56 -13.03 25.26
C ASP B 55 14.14 -12.56 23.87
N ALA B 56 14.21 -11.25 23.64
CA ALA B 56 13.82 -10.65 22.37
C ALA B 56 12.42 -11.09 21.96
N PHE B 57 11.53 -11.13 22.95
CA PHE B 57 10.11 -11.45 22.81
C PHE B 57 9.83 -12.93 22.55
N VAL B 58 10.85 -13.79 22.59
CA VAL B 58 10.67 -15.22 22.52
C VAL B 58 10.73 -15.79 23.93
N ARG B 59 9.69 -16.52 24.33
CA ARG B 59 9.62 -17.14 25.64
C ARG B 59 10.03 -18.60 25.52
N HIS B 60 11.00 -19.00 26.33
CA HIS B 60 11.66 -20.29 26.13
C HIS B 60 12.00 -20.94 27.47
N ALA B 61 12.21 -22.25 27.40
CA ALA B 61 12.69 -23.04 28.53
C ALA B 61 13.22 -24.36 27.99
N TYR B 62 14.06 -25.00 28.79
CA TYR B 62 14.56 -26.34 28.50
C TYR B 62 14.07 -27.28 29.58
N LEU B 63 13.26 -28.25 29.20
CA LEU B 63 12.71 -29.22 30.14
C LEU B 63 13.43 -30.55 29.95
N PRO B 64 14.44 -30.88 30.75
CA PRO B 64 15.07 -32.19 30.64
C PRO B 64 14.07 -33.30 30.96
N GLY B 65 14.30 -34.47 30.37
CA GLY B 65 13.41 -35.59 30.50
C GLY B 65 12.32 -35.65 29.45
N VAL B 66 11.88 -34.49 28.95
CA VAL B 66 10.89 -34.46 27.88
C VAL B 66 11.53 -35.01 26.61
N MET B 67 10.81 -35.86 25.90
CA MET B 67 11.35 -36.63 24.80
C MET B 67 10.36 -36.67 23.63
N PRO B 68 10.79 -37.14 22.46
CA PRO B 68 9.87 -37.21 21.32
C PRO B 68 8.56 -37.96 21.60
N GLY B 69 7.53 -37.59 20.84
CA GLY B 69 6.20 -38.08 21.08
C GLY B 69 5.43 -37.31 22.13
N GLN B 70 6.07 -36.40 22.85
CA GLN B 70 5.40 -35.61 23.87
C GLN B 70 4.41 -34.64 23.23
N ARG B 71 3.13 -34.82 23.53
CA ARG B 71 2.10 -33.92 23.04
C ARG B 71 2.12 -32.64 23.88
N TYR B 72 2.30 -31.50 23.22
CA TYR B 72 2.43 -30.24 23.93
C TYR B 72 1.69 -29.13 23.19
N GLY B 73 1.45 -28.05 23.91
CA GLY B 73 0.80 -26.87 23.37
C GLY B 73 1.10 -25.68 24.27
N PHE B 74 0.63 -24.51 23.84
CA PHE B 74 0.91 -23.27 24.54
C PHE B 74 -0.39 -22.61 25.01
N ARG B 75 -0.30 -21.92 26.13
CA ARG B 75 -1.40 -21.11 26.66
C ARG B 75 -0.87 -19.70 26.88
N VAL B 76 -1.38 -18.75 26.10
CA VAL B 76 -0.86 -17.38 26.09
C VAL B 76 -1.77 -16.53 26.96
N HIS B 77 -1.28 -16.15 28.14
CA HIS B 77 -2.00 -15.23 29.01
C HIS B 77 -1.72 -13.81 28.54
N GLY B 78 -2.69 -13.21 27.86
CA GLY B 78 -2.57 -11.86 27.37
C GLY B 78 -3.90 -11.17 27.31
N PRO B 79 -3.90 -9.93 26.81
CA PRO B 79 -5.15 -9.14 26.78
C PRO B 79 -6.04 -9.58 25.63
N TYR B 80 -7.30 -9.84 25.92
CA TYR B 80 -8.31 -10.08 24.90
C TYR B 80 -9.00 -8.75 24.61
N ALA B 81 -8.52 -8.05 23.59
CA ALA B 81 -9.03 -6.72 23.24
C ALA B 81 -9.07 -6.59 21.72
N PRO B 82 -10.12 -7.10 21.08
CA PRO B 82 -10.23 -6.95 19.62
C PRO B 82 -10.25 -5.50 19.18
N GLU B 83 -10.68 -4.58 20.04
CA GLU B 83 -10.63 -3.17 19.71
C GLU B 83 -9.19 -2.73 19.42
N ARG B 84 -8.22 -3.30 20.13
CA ARG B 84 -6.82 -3.04 19.87
C ARG B 84 -6.19 -4.03 18.89
N GLY B 85 -6.85 -5.17 18.65
CA GLY B 85 -6.34 -6.19 17.77
C GLY B 85 -5.70 -7.38 18.45
N LEU B 86 -5.76 -7.44 19.78
CA LEU B 86 -5.20 -8.55 20.53
C LEU B 86 -6.33 -9.50 20.92
N ARG B 87 -6.23 -10.75 20.49
CA ARG B 87 -7.22 -11.77 20.80
C ARG B 87 -6.60 -12.89 21.64
N CYS B 88 -5.73 -12.50 22.58
CA CYS B 88 -5.06 -13.48 23.43
C CYS B 88 -6.07 -14.16 24.35
N ASN B 89 -5.86 -15.45 24.59
CA ASN B 89 -6.79 -16.23 25.40
C ASN B 89 -6.04 -17.41 25.99
N ALA B 90 -6.01 -17.50 27.31
CA ALA B 90 -5.35 -18.60 28.00
C ALA B 90 -6.27 -19.81 28.18
N ALA B 91 -7.50 -19.75 27.69
CA ALA B 91 -8.36 -20.92 27.62
C ALA B 91 -8.21 -21.67 26.30
N LYS B 92 -7.35 -21.18 25.41
CA LYS B 92 -7.13 -21.80 24.11
C LYS B 92 -5.74 -22.41 24.10
N LEU B 93 -5.67 -23.72 23.87
CA LEU B 93 -4.40 -24.43 23.76
C LEU B 93 -3.86 -24.20 22.35
N LEU B 94 -2.93 -23.26 22.21
CA LEU B 94 -2.39 -22.93 20.90
C LEU B 94 -1.40 -23.99 20.44
N LEU B 95 -1.39 -24.24 19.14
CA LEU B 95 -0.33 -25.05 18.54
C LEU B 95 0.97 -24.27 18.53
N ASP B 96 2.06 -25.01 18.46
CA ASP B 96 3.35 -24.41 18.13
C ASP B 96 3.37 -24.15 16.63
N PRO B 97 3.55 -22.89 16.19
CA PRO B 97 3.67 -22.67 14.74
C PRO B 97 4.84 -23.42 14.12
N TYR B 98 5.95 -23.52 14.85
CA TYR B 98 7.13 -24.27 14.42
C TYR B 98 7.02 -25.76 14.75
N ALA B 99 5.82 -26.26 15.01
CA ALA B 99 5.65 -27.68 15.32
C ALA B 99 6.05 -28.53 14.13
N ARG B 100 6.95 -29.49 14.37
CA ARG B 100 7.46 -30.35 13.32
C ARG B 100 6.57 -31.58 13.10
N ALA B 101 5.58 -31.81 13.96
CA ALA B 101 4.61 -32.88 13.76
C ALA B 101 3.40 -32.59 14.62
N VAL B 102 2.22 -32.50 14.00
CA VAL B 102 0.97 -32.19 14.69
C VAL B 102 0.09 -33.43 14.66
N SER B 103 -0.48 -33.77 15.81
CA SER B 103 -1.34 -34.95 15.96
C SER B 103 -2.78 -34.52 16.16
N GLY B 104 -3.70 -35.39 15.74
CA GLY B 104 -5.12 -35.17 15.92
C GLY B 104 -5.74 -34.35 14.81
N ARG B 105 -7.06 -34.21 14.92
CA ARG B 105 -7.84 -33.39 14.01
C ARG B 105 -8.68 -32.42 14.84
N VAL B 106 -9.15 -31.36 14.17
CA VAL B 106 -9.92 -30.33 14.86
C VAL B 106 -11.32 -30.86 15.15
N ARG B 107 -11.66 -30.94 16.43
CA ARG B 107 -12.97 -31.40 16.88
C ARG B 107 -13.89 -30.18 16.88
N TRP B 108 -14.54 -29.94 15.75
CA TRP B 108 -15.26 -28.69 15.53
C TRP B 108 -16.41 -28.53 16.51
N GLY B 109 -16.34 -27.47 17.30
CA GLY B 109 -17.38 -27.15 18.26
C GLY B 109 -17.28 -25.70 18.69
N GLU B 110 -18.02 -25.39 19.76
CA GLU B 110 -18.03 -24.04 20.31
C GLU B 110 -16.73 -23.67 21.03
N ALA B 111 -15.84 -24.64 21.25
CA ALA B 111 -14.71 -24.44 22.17
C ALA B 111 -13.45 -23.89 21.51
N VAL B 112 -13.32 -24.01 20.19
CA VAL B 112 -12.05 -23.71 19.51
C VAL B 112 -12.01 -22.29 18.96
N TYR B 113 -12.96 -21.43 19.31
CA TYR B 113 -13.17 -20.19 18.57
C TYR B 113 -12.70 -18.92 19.27
N GLY B 114 -12.65 -18.89 20.60
CA GLY B 114 -12.18 -17.72 21.30
C GLY B 114 -13.21 -16.63 21.49
N TYR B 115 -14.37 -16.75 20.85
CA TYR B 115 -15.51 -15.88 21.07
C TYR B 115 -16.75 -16.72 21.24
N PRO B 116 -17.69 -16.30 22.10
CA PRO B 116 -18.98 -17.00 22.16
C PRO B 116 -19.70 -16.90 20.82
N PHE B 117 -20.44 -17.96 20.50
CA PHE B 117 -20.99 -18.15 19.15
C PHE B 117 -21.93 -17.02 18.72
N GLY B 118 -22.38 -16.18 19.64
CA GLY B 118 -23.29 -15.11 19.26
C GLY B 118 -22.64 -13.74 19.24
N ARG B 119 -21.65 -13.55 20.11
CA ARG B 119 -21.00 -12.26 20.31
C ARG B 119 -19.53 -12.39 19.96
N PRO B 120 -19.15 -12.07 18.72
CA PRO B 120 -17.73 -12.14 18.33
C PRO B 120 -16.91 -11.03 18.95
N ASP B 121 -17.54 -10.25 19.82
CA ASP B 121 -16.92 -9.17 20.55
C ASP B 121 -16.47 -9.58 21.94
N ALA B 122 -16.88 -10.75 22.41
CA ALA B 122 -16.68 -11.18 23.78
C ALA B 122 -15.58 -12.24 23.85
N ARG B 123 -15.37 -12.77 25.05
CA ARG B 123 -14.32 -13.74 25.34
C ARG B 123 -14.92 -15.11 25.56
N ASN B 124 -14.33 -16.13 24.95
CA ASN B 124 -14.78 -17.52 25.11
C ASN B 124 -13.82 -18.19 26.08
N ASP B 125 -14.27 -18.38 27.31
CA ASP B 125 -13.48 -19.08 28.33
C ASP B 125 -13.81 -20.57 28.35
N LEU B 126 -13.74 -21.20 27.19
CA LEU B 126 -13.84 -22.65 27.07
C LEU B 126 -12.48 -23.22 26.74
N ASP B 127 -12.18 -24.38 27.33
CA ASP B 127 -10.88 -25.02 27.09
C ASP B 127 -10.81 -25.57 25.68
N SER B 128 -9.76 -25.18 24.96
CA SER B 128 -9.57 -25.65 23.59
C SER B 128 -8.88 -27.00 23.51
N ALA B 129 -8.22 -27.43 24.60
CA ALA B 129 -7.37 -28.61 24.64
C ALA B 129 -8.03 -29.87 24.06
N PRO B 130 -9.19 -30.32 24.56
CA PRO B 130 -9.72 -31.60 24.08
C PRO B 130 -10.27 -31.56 22.67
N ASP B 131 -10.33 -30.40 22.04
CA ASP B 131 -10.87 -30.27 20.70
C ASP B 131 -9.87 -29.75 19.67
N THR B 132 -8.65 -29.41 20.09
CA THR B 132 -7.64 -28.87 19.20
C THR B 132 -6.61 -29.89 18.74
N MET B 133 -5.83 -29.49 17.73
CA MET B 133 -4.65 -30.25 17.33
C MET B 133 -3.52 -30.09 18.35
N THR B 134 -2.70 -31.11 18.51
CA THR B 134 -1.62 -31.08 19.48
C THR B 134 -0.30 -31.13 18.72
N SER B 135 0.58 -30.18 19.01
CA SER B 135 1.95 -30.25 18.54
C SER B 135 2.71 -31.35 19.29
N VAL B 136 3.63 -32.01 18.58
CA VAL B 136 4.34 -33.17 19.10
C VAL B 136 5.84 -32.95 18.98
N VAL B 137 6.58 -33.34 20.02
CA VAL B 137 8.03 -33.34 19.94
C VAL B 137 8.47 -34.44 18.97
N VAL B 138 9.52 -34.14 18.20
CA VAL B 138 9.96 -35.02 17.11
C VAL B 138 11.42 -35.38 17.33
N ASN B 139 11.73 -36.67 17.18
CA ASN B 139 13.12 -37.09 17.10
C ASN B 139 13.59 -36.83 15.67
N PRO B 140 14.49 -35.87 15.47
CA PRO B 140 14.84 -35.46 14.11
C PRO B 140 15.73 -36.44 13.37
N TYR B 141 16.12 -37.56 13.97
CA TYR B 141 17.03 -38.48 13.31
C TYR B 141 16.39 -39.09 12.09
N PHE B 142 17.11 -39.05 10.97
CA PHE B 142 16.75 -39.80 9.78
C PHE B 142 18.03 -40.09 9.03
N ASP B 143 18.22 -41.34 8.63
CA ASP B 143 19.42 -41.74 7.90
C ASP B 143 19.13 -41.65 6.41
N TRP B 144 19.37 -40.47 5.84
CA TRP B 144 19.55 -40.38 4.41
C TRP B 144 20.88 -41.06 4.07
N GLY B 145 20.82 -42.10 3.24
CA GLY B 145 22.03 -42.80 2.89
C GLY B 145 22.69 -42.09 1.73
N ASP B 146 22.83 -42.76 0.60
CA ASP B 146 23.11 -41.98 -0.60
C ASP B 146 21.86 -41.23 -0.98
N ASP B 147 21.71 -40.00 -0.50
CA ASP B 147 20.59 -39.14 -0.84
C ASP B 147 21.17 -37.81 -1.34
N ARG B 148 21.52 -37.78 -2.62
CA ARG B 148 21.84 -36.53 -3.27
C ARG B 148 20.55 -35.92 -3.79
N ARG B 149 20.46 -34.60 -3.70
CA ARG B 149 19.34 -33.93 -4.33
C ARG B 149 19.53 -33.98 -5.83
N PRO B 150 18.60 -34.56 -6.58
CA PRO B 150 18.78 -34.64 -8.04
C PRO B 150 18.60 -33.27 -8.67
N ARG B 151 19.68 -32.48 -8.69
CA ARG B 151 19.58 -31.09 -9.14
C ARG B 151 19.32 -31.05 -10.63
N THR B 152 18.14 -31.53 -11.03
CA THR B 152 17.77 -31.59 -12.44
C THR B 152 17.76 -30.19 -13.04
N GLU B 153 18.51 -30.02 -14.13
CA GLU B 153 18.58 -28.73 -14.79
C GLU B 153 17.20 -28.27 -15.21
N TYR B 154 17.03 -26.95 -15.29
CA TYR B 154 15.69 -26.39 -15.44
C TYR B 154 15.09 -26.73 -16.80
N HIS B 155 15.91 -26.78 -17.84
CA HIS B 155 15.44 -27.08 -19.18
C HIS B 155 15.27 -28.57 -19.44
N HIS B 156 15.35 -29.40 -18.40
CA HIS B 156 15.03 -30.82 -18.50
C HIS B 156 13.80 -31.20 -17.68
N THR B 157 13.18 -30.22 -17.02
CA THR B 157 12.14 -30.51 -16.04
C THR B 157 10.80 -30.82 -16.70
N VAL B 158 10.08 -31.78 -16.12
CA VAL B 158 8.70 -32.09 -16.48
C VAL B 158 7.97 -32.24 -15.16
N ILE B 159 7.23 -31.22 -14.75
CA ILE B 159 6.58 -31.18 -13.45
C ILE B 159 5.23 -31.90 -13.55
N TYR B 160 5.03 -32.87 -12.66
CA TYR B 160 3.79 -33.63 -12.57
C TYR B 160 3.07 -33.19 -11.31
N GLU B 161 2.09 -32.29 -11.46
CA GLU B 161 1.30 -31.88 -10.30
C GLU B 161 0.43 -33.05 -9.86
N ALA B 162 0.58 -33.46 -8.60
CA ALA B 162 -0.13 -34.61 -8.08
C ALA B 162 -0.48 -34.37 -6.62
N HIS B 163 -1.59 -34.97 -6.19
CA HIS B 163 -1.99 -34.95 -4.79
C HIS B 163 -1.51 -36.23 -4.11
N VAL B 164 -1.13 -36.12 -2.84
CA VAL B 164 -0.63 -37.27 -2.10
C VAL B 164 -1.71 -38.35 -2.02
N LYS B 165 -2.90 -37.98 -1.55
CA LYS B 165 -3.96 -38.97 -1.40
C LYS B 165 -4.56 -39.36 -2.74
N GLY B 166 -4.74 -38.40 -3.64
CA GLY B 166 -5.38 -38.67 -4.91
C GLY B 166 -4.56 -39.49 -5.88
N LEU B 167 -3.23 -39.49 -5.73
CA LEU B 167 -2.39 -40.23 -6.65
C LEU B 167 -2.52 -41.73 -6.44
N THR B 168 -2.65 -42.17 -5.19
CA THR B 168 -2.48 -43.57 -4.85
C THR B 168 -3.66 -44.29 -4.20
N MET B 169 -4.73 -43.58 -3.84
CA MET B 169 -5.85 -44.19 -3.13
C MET B 169 -6.58 -45.28 -3.93
N LEU B 170 -6.46 -45.20 -5.26
CA LEU B 170 -7.16 -46.10 -6.16
C LEU B 170 -6.17 -46.91 -6.99
N HIS B 171 -4.95 -47.05 -6.51
CA HIS B 171 -3.95 -47.84 -7.21
C HIS B 171 -4.12 -49.32 -6.88
N PRO B 172 -4.48 -50.18 -7.84
CA PRO B 172 -4.62 -51.61 -7.53
C PRO B 172 -3.29 -52.32 -7.48
N ASP B 173 -2.30 -51.70 -6.82
CA ASP B 173 -0.99 -52.31 -6.65
C ASP B 173 -0.42 -52.17 -5.25
N LEU B 174 -0.90 -51.23 -4.44
CA LEU B 174 -0.44 -50.99 -3.09
C LEU B 174 -1.35 -51.69 -2.08
N PRO B 175 -0.82 -52.04 -0.91
CA PRO B 175 -1.71 -52.51 0.16
C PRO B 175 -2.63 -51.39 0.62
N GLU B 176 -3.77 -51.80 1.19
CA GLU B 176 -4.76 -50.84 1.68
C GLU B 176 -4.14 -49.86 2.67
N GLU B 177 -3.12 -50.30 3.41
CA GLU B 177 -2.48 -49.42 4.39
C GLU B 177 -1.81 -48.23 3.71
N LEU B 178 -1.21 -48.46 2.53
CA LEU B 178 -0.46 -47.42 1.84
C LEU B 178 -1.31 -46.62 0.85
N ARG B 179 -2.54 -47.03 0.57
CA ARG B 179 -3.37 -46.35 -0.41
C ARG B 179 -3.74 -44.95 0.11
N GLY B 180 -3.12 -43.92 -0.46
CA GLY B 180 -3.46 -42.56 -0.14
C GLY B 180 -2.53 -41.84 0.82
N THR B 181 -1.38 -42.42 1.15
CA THR B 181 -0.46 -41.84 2.11
C THR B 181 0.89 -41.55 1.44
N TYR B 182 1.83 -41.03 2.24
CA TYR B 182 3.15 -40.71 1.72
C TYR B 182 3.90 -41.97 1.29
N ALA B 183 3.84 -43.03 2.11
CA ALA B 183 4.58 -44.24 1.80
C ALA B 183 4.10 -44.89 0.51
N GLY B 184 2.81 -44.80 0.21
CA GLY B 184 2.32 -45.30 -1.07
C GLY B 184 2.85 -44.49 -2.24
N LEU B 185 3.04 -43.18 -2.05
CA LEU B 185 3.66 -42.36 -3.06
C LEU B 185 5.09 -42.80 -3.34
N ALA B 186 5.73 -43.49 -2.40
CA ALA B 186 7.10 -43.98 -2.56
C ALA B 186 7.14 -45.44 -2.97
N HIS B 187 6.00 -46.05 -3.26
CA HIS B 187 5.98 -47.44 -3.71
C HIS B 187 6.67 -47.57 -5.06
N PRO B 188 7.38 -48.67 -5.30
CA PRO B 188 8.05 -48.84 -6.61
C PRO B 188 7.09 -48.86 -7.78
N SER B 189 5.80 -49.13 -7.56
CA SER B 189 4.83 -49.13 -8.64
C SER B 189 4.40 -47.72 -9.02
N VAL B 190 4.45 -46.78 -8.09
CA VAL B 190 4.10 -45.38 -8.38
C VAL B 190 5.30 -44.61 -8.91
N ILE B 191 6.45 -44.73 -8.24
CA ILE B 191 7.66 -44.06 -8.73
C ILE B 191 8.01 -44.57 -10.12
N GLY B 192 7.84 -45.88 -10.35
CA GLY B 192 8.08 -46.42 -11.67
C GLY B 192 7.17 -45.84 -12.73
N HIS B 193 5.91 -45.56 -12.36
CA HIS B 193 4.96 -45.01 -13.33
C HIS B 193 5.34 -43.59 -13.72
N LEU B 194 5.78 -42.78 -12.76
CA LEU B 194 6.30 -41.46 -13.09
C LEU B 194 7.60 -41.56 -13.87
N ARG B 195 8.43 -42.56 -13.57
CA ARG B 195 9.60 -42.84 -14.38
C ARG B 195 9.19 -43.22 -15.81
N GLU B 196 8.18 -44.09 -15.93
CA GLU B 196 7.63 -44.40 -17.24
C GLU B 196 7.12 -43.15 -17.94
N LEU B 197 6.41 -42.29 -17.20
CA LEU B 197 5.87 -41.06 -17.79
C LEU B 197 6.96 -40.09 -18.20
N GLY B 198 8.10 -40.14 -17.52
CA GLY B 198 9.20 -39.24 -17.84
C GLY B 198 9.26 -37.97 -17.03
N VAL B 199 8.42 -37.83 -16.00
CA VAL B 199 8.44 -36.62 -15.19
C VAL B 199 9.71 -36.59 -14.36
N THR B 200 10.22 -35.37 -14.12
CA THR B 200 11.45 -35.19 -13.37
C THR B 200 11.25 -34.47 -12.05
N ALA B 201 10.04 -33.99 -11.77
CA ALA B 201 9.75 -33.28 -10.53
C ALA B 201 8.30 -33.50 -10.15
N LEU B 202 8.07 -33.98 -8.93
CA LEU B 202 6.72 -34.19 -8.42
C LEU B 202 6.27 -32.94 -7.65
N GLU B 203 5.20 -32.31 -8.11
CA GLU B 203 4.62 -31.17 -7.40
C GLU B 203 3.52 -31.70 -6.49
N LEU B 204 3.83 -31.81 -5.19
CA LEU B 204 2.90 -32.35 -4.22
C LEU B 204 2.04 -31.22 -3.69
N MET B 205 0.75 -31.29 -3.98
CA MET B 205 -0.23 -30.35 -3.43
C MET B 205 -0.11 -30.32 -1.91
N PRO B 206 -0.46 -29.16 -1.29
CA PRO B 206 0.02 -28.86 0.07
C PRO B 206 0.14 -30.02 1.04
N VAL B 207 1.34 -30.20 1.59
CA VAL B 207 1.60 -31.21 2.60
C VAL B 207 1.80 -30.62 3.98
N HIS B 208 2.01 -29.30 4.09
CA HIS B 208 1.87 -28.62 5.37
C HIS B 208 0.51 -29.01 5.96
N GLN B 209 0.51 -29.37 7.24
CA GLN B 209 -0.73 -29.82 7.85
C GLN B 209 -1.77 -28.72 7.85
N PHE B 210 -2.96 -29.03 7.36
CA PHE B 210 -4.04 -28.08 7.22
C PHE B 210 -5.23 -28.53 8.05
N VAL B 211 -6.21 -27.64 8.18
CA VAL B 211 -7.42 -27.89 8.95
C VAL B 211 -8.59 -28.04 7.98
N ASN B 212 -9.45 -29.02 8.26
CA ASN B 212 -10.73 -29.12 7.57
C ASN B 212 -11.60 -27.94 7.96
N ASP B 213 -12.03 -27.17 6.96
CA ASP B 213 -12.88 -26.00 7.22
C ASP B 213 -14.14 -26.42 7.97
N HIS B 214 -14.48 -25.66 9.02
CA HIS B 214 -15.72 -25.91 9.74
C HIS B 214 -16.92 -25.85 8.80
N ARG B 215 -16.92 -24.88 7.89
CA ARG B 215 -18.00 -24.81 6.90
C ARG B 215 -18.04 -26.05 6.03
N LEU B 216 -16.89 -26.68 5.77
CA LEU B 216 -16.86 -27.91 4.99
C LEU B 216 -17.28 -29.10 5.84
N VAL B 217 -16.81 -29.17 7.09
CA VAL B 217 -17.10 -30.33 7.94
C VAL B 217 -18.58 -30.40 8.26
N ASP B 218 -19.18 -29.29 8.69
CA ASP B 218 -20.61 -29.29 8.94
C ASP B 218 -21.35 -29.07 7.63
N ALA B 219 -20.89 -29.77 6.59
CA ALA B 219 -21.64 -29.89 5.36
C ALA B 219 -21.55 -31.28 4.75
N GLY B 220 -20.90 -32.25 5.40
CA GLY B 220 -20.64 -33.55 4.84
C GLY B 220 -19.27 -33.70 4.19
N LEU B 221 -18.65 -32.60 3.79
CA LEU B 221 -17.40 -32.63 3.04
C LEU B 221 -16.22 -32.36 3.97
N SER B 222 -15.02 -32.37 3.39
CA SER B 222 -13.79 -32.11 4.11
C SER B 222 -12.84 -31.35 3.18
N ASN B 223 -11.81 -30.75 3.77
CA ASN B 223 -10.81 -30.03 3.01
C ASN B 223 -9.91 -31.03 2.28
N TYR B 224 -10.02 -31.08 0.96
CA TYR B 224 -9.30 -32.06 0.16
C TYR B 224 -7.98 -31.52 -0.37
N TRP B 225 -8.02 -30.36 -1.05
CA TRP B 225 -6.78 -29.80 -1.61
C TRP B 225 -5.80 -29.43 -0.51
N GLY B 226 -6.30 -28.81 0.57
CA GLY B 226 -5.45 -28.50 1.70
C GLY B 226 -4.72 -27.18 1.63
N TYR B 227 -5.23 -26.20 0.89
CA TYR B 227 -4.63 -24.88 0.89
C TYR B 227 -5.10 -24.11 2.12
N ASN B 228 -5.02 -24.73 3.30
CA ASN B 228 -5.52 -24.15 4.53
C ASN B 228 -4.60 -24.53 5.69
N THR B 229 -3.30 -24.41 5.49
CA THR B 229 -2.33 -24.99 6.41
C THR B 229 -2.27 -24.20 7.72
N ILE B 230 -1.91 -24.90 8.80
CA ILE B 230 -1.70 -24.29 10.11
C ILE B 230 -0.28 -24.49 10.59
N GLY B 231 0.33 -25.59 10.16
CA GLY B 231 1.70 -25.87 10.57
C GLY B 231 2.62 -25.90 9.37
N PHE B 232 3.47 -24.89 9.25
CA PHE B 232 4.37 -24.78 8.12
C PHE B 232 5.61 -25.64 8.26
N PHE B 233 5.60 -26.55 9.24
CA PHE B 233 6.74 -27.40 9.52
C PHE B 233 6.38 -28.87 9.70
N ALA B 234 5.09 -29.22 9.67
CA ALA B 234 4.64 -30.56 9.96
C ALA B 234 3.93 -31.15 8.74
N PRO B 235 4.27 -32.38 8.34
CA PRO B 235 3.51 -33.03 7.26
C PRO B 235 2.08 -33.30 7.71
N HIS B 236 1.16 -33.29 6.75
CA HIS B 236 -0.24 -33.50 7.06
C HIS B 236 -0.45 -34.91 7.61
N ASN B 237 -0.90 -34.98 8.87
CA ASN B 237 -1.01 -36.25 9.58
C ASN B 237 -2.09 -37.16 9.02
N ALA B 238 -2.96 -36.66 8.12
CA ALA B 238 -3.95 -37.53 7.49
C ALA B 238 -3.37 -38.31 6.32
N TYR B 239 -2.26 -37.87 5.75
CA TYR B 239 -1.53 -38.62 4.74
C TYR B 239 -0.49 -39.55 5.36
N ALA B 240 -0.62 -39.86 6.65
CA ALA B 240 0.35 -40.67 7.36
C ALA B 240 -0.33 -41.95 7.84
N SER B 241 0.16 -43.09 7.35
CA SER B 241 -0.29 -44.38 7.84
C SER B 241 0.49 -44.85 9.06
N TRP B 242 1.72 -44.37 9.24
CA TRP B 242 2.57 -44.80 10.35
C TRP B 242 2.22 -44.10 11.66
N GLY B 243 1.21 -43.25 11.68
CA GLY B 243 0.79 -42.55 12.89
C GLY B 243 1.08 -41.06 12.81
N ASP B 244 0.56 -40.35 13.81
CA ASP B 244 0.71 -38.90 13.89
C ASP B 244 1.53 -38.41 15.06
N ARG B 245 2.07 -39.32 15.89
CA ARG B 245 2.92 -38.91 17.01
C ARG B 245 4.35 -38.69 16.55
N GLY B 246 4.53 -37.86 15.52
CA GLY B 246 5.84 -37.64 14.96
C GLY B 246 6.31 -38.69 13.97
N GLN B 247 5.46 -39.66 13.62
CA GLN B 247 5.81 -40.65 12.62
C GLN B 247 5.51 -40.19 11.20
N GLN B 248 4.68 -39.15 11.05
CA GLN B 248 4.39 -38.61 9.73
C GLN B 248 5.61 -37.92 9.13
N VAL B 249 6.44 -37.29 9.96
CA VAL B 249 7.68 -36.72 9.47
C VAL B 249 8.67 -37.81 9.06
N LEU B 250 8.46 -39.04 9.55
CA LEU B 250 9.28 -40.17 9.12
C LEU B 250 8.81 -40.69 7.75
N GLU B 251 7.50 -40.76 7.56
CA GLU B 251 6.97 -41.16 6.25
C GLU B 251 7.44 -40.21 5.15
N PHE B 252 7.35 -38.91 5.40
CA PHE B 252 7.67 -37.93 4.37
C PHE B 252 9.16 -38.00 4.02
N LYS B 253 10.03 -38.03 5.03
CA LYS B 253 11.45 -38.11 4.78
C LYS B 253 11.81 -39.36 3.98
N SER B 254 11.16 -40.49 4.31
CA SER B 254 11.45 -41.73 3.59
C SER B 254 10.84 -41.73 2.20
N ALA B 255 9.68 -41.09 2.02
CA ALA B 255 9.09 -40.99 0.70
C ALA B 255 9.92 -40.09 -0.21
N VAL B 256 10.64 -39.13 0.37
CA VAL B 256 11.53 -38.28 -0.43
C VAL B 256 12.73 -39.07 -0.92
N ARG B 257 13.45 -39.73 0.01
CA ARG B 257 14.63 -40.48 -0.38
C ARG B 257 14.29 -41.60 -1.36
N ALA B 258 13.07 -42.11 -1.31
CA ALA B 258 12.65 -43.11 -2.29
C ALA B 258 12.41 -42.48 -3.64
N LEU B 259 11.86 -41.26 -3.68
CA LEU B 259 11.72 -40.55 -4.94
C LEU B 259 13.08 -40.14 -5.49
N HIS B 260 13.97 -39.64 -4.64
CA HIS B 260 15.30 -39.26 -5.10
C HIS B 260 16.09 -40.46 -5.58
N GLN B 261 15.86 -41.63 -4.98
CA GLN B 261 16.56 -42.84 -5.40
C GLN B 261 16.26 -43.22 -6.85
N ALA B 262 15.18 -42.69 -7.41
CA ALA B 262 14.87 -42.87 -8.82
C ALA B 262 15.15 -41.63 -9.66
N GLY B 263 15.53 -40.52 -9.03
CA GLY B 263 15.83 -39.31 -9.77
C GLY B 263 14.67 -38.38 -9.98
N ILE B 264 13.68 -38.40 -9.10
CA ILE B 264 12.53 -37.51 -9.18
C ILE B 264 12.67 -36.42 -8.13
N GLU B 265 12.50 -35.17 -8.55
CA GLU B 265 12.52 -34.05 -7.63
C GLU B 265 11.18 -33.92 -6.90
N VAL B 266 11.24 -33.49 -5.65
CA VAL B 266 10.05 -33.23 -4.85
C VAL B 266 9.94 -31.72 -4.70
N ILE B 267 9.01 -31.12 -5.44
CA ILE B 267 8.71 -29.70 -5.35
C ILE B 267 7.33 -29.60 -4.70
N LEU B 268 7.28 -29.30 -3.41
CA LEU B 268 5.99 -29.32 -2.74
C LEU B 268 5.28 -27.97 -2.82
N ASP B 269 3.97 -28.00 -2.61
CA ASP B 269 3.12 -26.83 -2.71
C ASP B 269 3.02 -26.16 -1.33
N VAL B 270 3.40 -24.89 -1.26
CA VAL B 270 3.41 -24.15 -0.01
C VAL B 270 2.32 -23.07 -0.05
N VAL B 271 1.64 -22.90 1.06
CA VAL B 271 0.59 -21.88 1.21
C VAL B 271 0.99 -21.02 2.40
N TYR B 272 1.74 -19.95 2.12
CA TYR B 272 2.15 -19.01 3.16
C TYR B 272 1.33 -17.73 3.15
N ASN B 273 0.29 -17.66 2.32
CA ASN B 273 -0.49 -16.45 2.19
C ASN B 273 -1.63 -16.33 3.19
N HIS B 274 -2.07 -17.44 3.79
CA HIS B 274 -3.15 -17.37 4.76
C HIS B 274 -3.13 -18.60 5.65
N THR B 275 -3.85 -18.51 6.76
CA THR B 275 -3.93 -19.56 7.77
C THR B 275 -5.35 -20.10 7.86
N ALA B 276 -5.47 -21.32 8.41
CA ALA B 276 -6.79 -21.91 8.61
C ALA B 276 -7.57 -21.24 9.73
N GLU B 277 -6.97 -20.32 10.47
CA GLU B 277 -7.72 -19.55 11.45
C GLU B 277 -8.71 -18.60 10.80
N GLY B 278 -8.55 -18.33 9.49
CA GLY B 278 -9.49 -17.56 8.71
C GLY B 278 -9.64 -16.14 9.23
N ASN B 279 -10.82 -15.58 8.98
CA ASN B 279 -11.12 -14.20 9.34
C ASN B 279 -11.39 -14.10 10.84
N HIS B 280 -11.93 -12.95 11.26
CA HIS B 280 -12.21 -12.71 12.67
C HIS B 280 -13.26 -13.66 13.24
N LEU B 281 -14.00 -14.37 12.40
CA LEU B 281 -15.00 -15.34 12.85
C LEU B 281 -14.48 -16.77 12.82
N GLY B 282 -13.15 -16.94 12.73
CA GLY B 282 -12.57 -18.26 12.68
C GLY B 282 -12.09 -18.72 14.04
N PRO B 283 -11.54 -19.93 14.10
CA PRO B 283 -11.07 -20.46 15.39
C PRO B 283 -9.80 -19.75 15.84
N THR B 284 -9.40 -20.06 17.07
CA THR B 284 -8.16 -19.58 17.66
C THR B 284 -7.28 -20.81 17.89
N LEU B 285 -6.49 -21.17 16.88
CA LEU B 285 -5.73 -22.42 16.91
C LEU B 285 -4.25 -22.21 17.19
N SER B 286 -3.55 -21.41 16.38
CA SER B 286 -2.12 -21.25 16.58
C SER B 286 -1.72 -19.79 16.81
N MET B 287 -2.03 -18.89 15.88
CA MET B 287 -1.38 -17.59 15.85
C MET B 287 -2.21 -16.43 16.39
N ARG B 288 -3.52 -16.47 16.10
CA ARG B 288 -4.43 -15.52 16.72
C ARG B 288 -4.35 -15.47 18.23
N GLY B 289 -3.95 -16.59 18.86
CA GLY B 289 -3.74 -16.63 20.29
C GLY B 289 -2.34 -16.26 20.73
N LEU B 290 -1.35 -16.36 19.82
CA LEU B 290 0.02 -16.00 20.19
C LEU B 290 0.22 -14.50 20.16
N ASP B 291 0.16 -13.92 18.95
CA ASP B 291 0.30 -12.47 18.77
C ASP B 291 -0.46 -12.13 17.48
N ASN B 292 -1.72 -11.71 17.65
CA ASN B 292 -2.58 -11.52 16.49
C ASN B 292 -2.11 -10.39 15.58
N PRO B 293 -1.74 -9.19 16.06
CA PRO B 293 -1.38 -8.12 15.13
C PRO B 293 0.00 -8.24 14.51
N SER B 294 0.86 -9.13 14.99
CA SER B 294 2.19 -9.29 14.41
C SER B 294 2.27 -10.47 13.45
N TYR B 295 1.25 -11.32 13.40
CA TYR B 295 1.18 -12.42 12.44
C TYR B 295 0.25 -12.12 11.28
N TYR B 296 -0.87 -11.49 11.53
CA TYR B 296 -1.90 -11.28 10.52
C TYR B 296 -1.93 -9.83 10.07
N ARG B 297 -2.30 -9.64 8.80
CA ARG B 297 -2.53 -8.30 8.25
C ARG B 297 -3.87 -7.81 8.76
N LEU B 298 -3.85 -7.13 9.90
CA LEU B 298 -5.07 -6.59 10.46
C LEU B 298 -5.56 -5.41 9.63
N ALA B 299 -6.87 -5.35 9.41
CA ALA B 299 -7.45 -4.21 8.74
C ALA B 299 -7.48 -3.02 9.68
N ASP B 300 -7.41 -1.81 9.11
CA ASP B 300 -7.80 -0.63 9.83
C ASP B 300 -9.16 -0.89 10.48
N ASP B 301 -9.29 -0.53 11.77
CA ASP B 301 -10.20 -1.18 12.73
C ASP B 301 -9.73 -2.61 13.05
N PRO B 302 -8.68 -2.74 13.88
CA PRO B 302 -8.05 -4.04 14.17
C PRO B 302 -8.94 -5.28 14.33
N ARG B 303 -10.19 -5.14 14.81
CA ARG B 303 -11.04 -6.31 14.94
C ARG B 303 -11.11 -7.10 13.65
N TYR B 304 -11.15 -6.40 12.52
CA TYR B 304 -11.42 -7.01 11.22
C TYR B 304 -10.10 -7.23 10.48
N TYR B 305 -10.12 -8.21 9.58
CA TYR B 305 -8.91 -8.71 8.95
C TYR B 305 -9.07 -8.25 7.50
N MET B 306 -7.95 -7.93 6.86
CA MET B 306 -7.95 -7.75 5.39
C MET B 306 -7.58 -9.08 4.76
N ASP B 307 -8.03 -9.34 3.54
CA ASP B 307 -7.88 -10.68 2.96
C ASP B 307 -7.69 -10.45 1.46
N THR B 308 -6.45 -10.59 1.01
CA THR B 308 -6.13 -10.60 -0.42
C THR B 308 -6.07 -12.01 -0.99
N THR B 309 -6.54 -13.00 -0.24
CA THR B 309 -6.58 -14.38 -0.69
C THR B 309 -7.99 -14.93 -0.80
N GLY B 310 -9.00 -14.17 -0.38
CA GLY B 310 -10.38 -14.63 -0.43
C GLY B 310 -10.72 -15.75 0.51
N THR B 311 -9.81 -16.12 1.40
CA THR B 311 -9.99 -17.25 2.32
C THR B 311 -9.89 -16.80 3.77
N GLY B 312 -10.54 -15.69 4.10
CA GLY B 312 -10.59 -15.22 5.48
C GLY B 312 -9.54 -14.21 5.88
N ASN B 313 -8.27 -14.61 5.87
CA ASN B 313 -7.23 -13.71 6.38
C ASN B 313 -6.02 -13.63 5.47
N SER B 314 -4.98 -12.95 5.97
CA SER B 314 -3.71 -12.83 5.27
C SER B 314 -2.63 -12.56 6.31
N LEU B 315 -1.39 -12.87 5.95
CA LEU B 315 -0.27 -12.77 6.89
C LEU B 315 0.48 -11.46 6.68
N LEU B 316 0.98 -10.91 7.78
CA LEU B 316 1.69 -9.63 7.74
C LEU B 316 3.07 -9.90 7.15
N MET B 317 3.25 -9.49 5.89
CA MET B 317 4.49 -9.80 5.17
C MET B 317 5.58 -8.72 5.36
N ARG B 318 5.39 -7.90 6.39
CA ARG B 318 6.35 -6.85 6.73
C ARG B 318 6.89 -7.10 8.12
N SER B 319 6.15 -7.78 8.99
CA SER B 319 6.68 -8.11 10.31
C SER B 319 7.76 -9.18 10.18
N PRO B 320 8.89 -9.01 10.87
CA PRO B 320 9.95 -10.03 10.77
C PRO B 320 9.52 -11.39 11.29
N HIS B 321 8.71 -11.41 12.36
CA HIS B 321 8.29 -12.65 12.99
C HIS B 321 7.43 -13.52 12.08
N VAL B 322 6.93 -12.97 10.97
CA VAL B 322 6.24 -13.78 9.97
C VAL B 322 7.21 -14.20 8.87
N LEU B 323 8.00 -13.25 8.38
CA LEU B 323 9.02 -13.56 7.38
C LEU B 323 10.00 -14.61 7.91
N GLN B 324 10.42 -14.48 9.17
CA GLN B 324 11.26 -15.49 9.79
C GLN B 324 10.57 -16.85 9.76
N LEU B 325 9.30 -16.90 10.18
CA LEU B 325 8.55 -18.15 10.21
C LEU B 325 8.42 -18.75 8.82
N ILE B 326 8.30 -17.92 7.78
CA ILE B 326 8.21 -18.44 6.42
C ILE B 326 9.52 -19.02 5.90
N MET B 327 10.62 -18.33 6.14
CA MET B 327 11.94 -18.83 5.74
C MET B 327 12.44 -19.98 6.62
N ASP B 328 12.17 -19.87 7.94
CA ASP B 328 12.52 -20.95 8.84
C ASP B 328 11.76 -22.19 8.41
N SER B 329 10.59 -22.01 7.79
CA SER B 329 9.86 -23.13 7.21
C SER B 329 10.48 -23.57 5.90
N LEU B 330 10.69 -22.63 4.98
CA LEU B 330 11.27 -22.97 3.68
C LEU B 330 12.60 -23.68 3.82
N ARG B 331 13.46 -23.20 4.74
CA ARG B 331 14.73 -23.87 4.96
C ARG B 331 14.53 -25.24 5.61
N TYR B 332 13.54 -25.36 6.49
CA TYR B 332 13.30 -26.64 7.17
C TYR B 332 13.01 -27.73 6.17
N TRP B 333 12.20 -27.46 5.15
CA TRP B 333 11.86 -28.49 4.19
C TRP B 333 12.98 -28.72 3.17
N VAL B 334 13.91 -27.77 3.02
CA VAL B 334 15.04 -27.99 2.12
C VAL B 334 16.13 -28.81 2.82
N THR B 335 16.46 -28.45 4.06
CA THR B 335 17.59 -29.07 4.74
C THR B 335 17.17 -30.24 5.62
N GLU B 336 16.04 -30.14 6.31
CA GLU B 336 15.58 -31.25 7.15
C GLU B 336 14.74 -32.26 6.38
N MET B 337 13.98 -31.81 5.39
CA MET B 337 13.08 -32.71 4.65
C MET B 337 13.57 -32.96 3.22
N HIS B 338 14.67 -32.32 2.85
CA HIS B 338 15.36 -32.56 1.58
C HIS B 338 14.47 -32.30 0.37
N VAL B 339 13.51 -31.38 0.50
CA VAL B 339 12.64 -31.02 -0.62
C VAL B 339 13.45 -30.25 -1.66
N ASP B 340 13.11 -30.45 -2.93
CA ASP B 340 13.89 -29.89 -4.03
C ASP B 340 13.38 -28.54 -4.52
N GLY B 341 12.14 -28.17 -4.23
CA GLY B 341 11.62 -26.91 -4.72
C GLY B 341 10.31 -26.56 -4.07
N PHE B 342 9.86 -25.33 -4.33
CA PHE B 342 8.62 -24.82 -3.77
C PHE B 342 7.77 -24.19 -4.87
N ARG B 343 6.46 -24.35 -4.73
CA ARG B 343 5.48 -23.68 -5.57
C ARG B 343 4.52 -22.95 -4.66
N PHE B 344 4.47 -21.62 -4.77
CA PHE B 344 3.71 -20.76 -3.87
C PHE B 344 2.34 -20.49 -4.46
N ASP B 345 1.29 -20.86 -3.73
CA ASP B 345 -0.07 -20.51 -4.12
C ASP B 345 -0.33 -19.05 -3.77
N LEU B 346 -0.93 -18.31 -4.70
CA LEU B 346 -1.20 -16.90 -4.55
C LEU B 346 0.05 -16.15 -4.09
N ALA B 347 1.10 -16.28 -4.90
CA ALA B 347 2.41 -15.76 -4.53
C ALA B 347 2.45 -14.24 -4.46
N ALA B 348 1.51 -13.56 -5.11
CA ALA B 348 1.48 -12.10 -5.03
C ALA B 348 1.22 -11.62 -3.60
N THR B 349 0.41 -12.36 -2.83
CA THR B 349 0.15 -11.99 -1.45
C THR B 349 1.44 -11.89 -0.65
N LEU B 350 2.42 -12.73 -0.96
CA LEU B 350 3.69 -12.68 -0.24
C LEU B 350 4.48 -11.42 -0.57
N ALA B 351 4.27 -10.84 -1.76
CA ALA B 351 4.97 -9.65 -2.17
C ALA B 351 4.34 -8.36 -1.65
N ARG B 352 3.13 -8.44 -1.09
CA ARG B 352 2.42 -7.27 -0.57
C ARG B 352 3.04 -6.87 0.77
N GLN B 353 4.05 -6.02 0.73
CA GLN B 353 4.68 -5.61 1.98
C GLN B 353 3.77 -4.68 2.77
N PHE B 354 3.18 -3.68 2.11
CA PHE B 354 2.22 -2.81 2.78
C PHE B 354 0.81 -2.99 2.21
N HIS B 355 0.58 -2.60 0.96
CA HIS B 355 -0.63 -2.99 0.25
C HIS B 355 -0.29 -3.39 -1.17
N GLU B 356 0.64 -2.65 -1.77
CA GLU B 356 1.00 -2.85 -3.17
C GLU B 356 1.80 -4.12 -3.33
N VAL B 357 1.75 -4.69 -4.54
CA VAL B 357 2.58 -5.84 -4.86
C VAL B 357 3.99 -5.30 -5.10
N ASP B 358 4.81 -5.34 -4.06
CA ASP B 358 6.14 -4.73 -4.08
C ASP B 358 7.10 -5.85 -4.45
N ARG B 359 7.69 -5.77 -5.65
CA ARG B 359 8.70 -6.75 -6.02
C ARG B 359 10.07 -6.43 -5.42
N LEU B 360 10.12 -5.46 -4.51
CA LEU B 360 11.29 -5.17 -3.69
C LEU B 360 10.92 -5.43 -2.23
N SER B 361 9.83 -6.17 -1.99
CA SER B 361 9.38 -6.44 -0.64
C SER B 361 10.40 -7.33 0.09
N SER B 362 10.30 -7.33 1.42
CA SER B 362 11.25 -8.08 2.22
C SER B 362 11.15 -9.58 1.97
N PHE B 363 9.99 -10.06 1.50
CA PHE B 363 9.87 -11.47 1.14
C PHE B 363 10.82 -11.81 0.00
N PHE B 364 10.75 -11.06 -1.09
CA PHE B 364 11.62 -11.33 -2.24
C PHE B 364 13.09 -11.14 -1.87
N ASP B 365 13.41 -10.05 -1.19
CA ASP B 365 14.79 -9.80 -0.78
C ASP B 365 15.32 -10.93 0.11
N LEU B 366 14.45 -11.44 1.00
CA LEU B 366 14.82 -12.58 1.84
C LEU B 366 15.11 -13.81 1.00
N VAL B 367 14.15 -14.21 0.17
CA VAL B 367 14.29 -15.41 -0.64
C VAL B 367 15.45 -15.27 -1.63
N GLN B 368 15.68 -14.06 -2.13
CA GLN B 368 16.72 -13.85 -3.13
C GLN B 368 18.12 -14.09 -2.57
N GLN B 369 18.32 -13.85 -1.28
CA GLN B 369 19.66 -13.90 -0.70
C GLN B 369 19.98 -15.20 0.02
N ASP B 370 19.00 -15.83 0.65
CA ASP B 370 19.29 -16.98 1.50
C ASP B 370 19.83 -18.13 0.65
N PRO B 371 20.99 -18.69 1.00
CA PRO B 371 21.59 -19.72 0.13
C PRO B 371 20.76 -20.98 0.04
N VAL B 372 20.13 -21.38 1.15
CA VAL B 372 19.37 -22.62 1.17
C VAL B 372 18.16 -22.54 0.25
N VAL B 373 17.43 -21.43 0.29
CA VAL B 373 16.18 -21.32 -0.44
C VAL B 373 16.37 -20.78 -1.86
N SER B 374 17.35 -19.89 -2.07
CA SER B 374 17.55 -19.31 -3.39
C SER B 374 18.05 -20.30 -4.42
N GLN B 375 18.49 -21.49 -4.01
CA GLN B 375 18.97 -22.49 -4.94
C GLN B 375 17.93 -23.52 -5.33
N VAL B 376 16.96 -23.80 -4.46
CA VAL B 376 15.88 -24.70 -4.84
C VAL B 376 14.98 -24.02 -5.87
N LYS B 377 14.29 -24.83 -6.66
CA LYS B 377 13.41 -24.31 -7.70
C LYS B 377 12.28 -23.48 -7.08
N LEU B 378 12.27 -22.19 -7.38
CA LEU B 378 11.25 -21.27 -6.89
C LEU B 378 10.21 -21.07 -7.98
N ILE B 379 9.05 -21.70 -7.79
CA ILE B 379 7.94 -21.62 -8.73
C ILE B 379 6.81 -20.87 -8.04
N ALA B 380 6.08 -20.05 -8.79
CA ALA B 380 5.09 -19.18 -8.21
C ALA B 380 3.79 -19.21 -9.02
N GLU B 381 2.68 -19.05 -8.32
CA GLU B 381 1.40 -18.72 -8.93
C GLU B 381 1.30 -17.20 -8.85
N PRO B 382 1.71 -16.48 -9.90
CA PRO B 382 2.05 -15.06 -9.78
C PRO B 382 0.85 -14.11 -9.76
N TRP B 383 -0.10 -14.37 -8.87
CA TRP B 383 -1.27 -13.51 -8.75
C TRP B 383 -1.98 -13.80 -7.44
N ASP B 384 -2.90 -12.92 -7.09
CA ASP B 384 -3.85 -13.14 -6.01
C ASP B 384 -5.13 -12.39 -6.36
N VAL B 385 -6.08 -12.36 -5.43
CA VAL B 385 -7.41 -11.86 -5.71
C VAL B 385 -7.61 -10.44 -5.18
N GLY B 386 -6.52 -9.71 -4.95
CA GLY B 386 -6.60 -8.33 -4.48
C GLY B 386 -6.35 -7.32 -5.59
N GLU B 387 -6.45 -6.06 -5.22
CA GLU B 387 -6.21 -4.96 -6.17
C GLU B 387 -4.78 -5.04 -6.71
N GLY B 388 -4.66 -5.04 -8.03
CA GLY B 388 -3.37 -5.20 -8.66
C GLY B 388 -2.75 -6.55 -8.35
N GLY B 389 -3.56 -7.61 -8.49
CA GLY B 389 -3.11 -8.94 -8.16
C GLY B 389 -2.42 -9.67 -9.28
N TYR B 390 -2.93 -9.52 -10.50
CA TYR B 390 -2.38 -10.21 -11.65
C TYR B 390 -0.99 -9.69 -11.95
N GLN B 391 0.03 -10.50 -11.64
CA GLN B 391 1.43 -10.08 -11.77
C GLN B 391 2.23 -11.05 -12.62
N VAL B 392 1.59 -11.67 -13.61
CA VAL B 392 2.29 -12.59 -14.49
C VAL B 392 3.32 -11.81 -15.31
N GLY B 393 4.59 -12.15 -15.11
CA GLY B 393 5.67 -11.45 -15.77
C GLY B 393 6.24 -10.28 -15.01
N ASN B 394 6.05 -10.24 -13.69
CA ASN B 394 6.53 -9.13 -12.87
C ASN B 394 7.37 -9.54 -11.69
N PHE B 395 7.36 -10.81 -11.28
CA PHE B 395 8.17 -11.28 -10.17
C PHE B 395 9.66 -11.04 -10.46
N PRO B 396 10.50 -11.02 -9.43
CA PRO B 396 11.93 -10.87 -9.66
C PRO B 396 12.45 -11.98 -10.54
N PRO B 397 13.55 -11.74 -11.26
CA PRO B 397 14.01 -12.72 -12.27
C PRO B 397 14.44 -14.06 -11.69
N LEU B 398 14.75 -14.13 -10.39
CA LEU B 398 15.09 -15.40 -9.77
C LEU B 398 13.91 -16.36 -9.67
N TRP B 399 12.73 -15.97 -10.14
CA TRP B 399 11.51 -16.73 -9.94
C TRP B 399 11.01 -17.32 -11.25
N THR B 400 10.20 -18.36 -11.11
CA THR B 400 9.48 -18.99 -12.20
C THR B 400 7.98 -18.89 -11.90
N GLU B 401 7.19 -18.62 -12.92
CA GLU B 401 5.78 -18.31 -12.74
C GLU B 401 4.91 -19.32 -13.48
N TRP B 402 3.78 -19.66 -12.87
CA TRP B 402 2.71 -20.29 -13.62
C TRP B 402 2.23 -19.35 -14.70
N ASN B 403 2.40 -19.75 -15.96
CA ASN B 403 2.06 -18.89 -17.09
C ASN B 403 0.56 -18.99 -17.34
N GLY B 404 -0.19 -18.19 -16.56
CA GLY B 404 -1.62 -18.10 -16.80
C GLY B 404 -1.96 -17.62 -18.18
N LYS B 405 -1.11 -16.77 -18.76
CA LYS B 405 -1.29 -16.36 -20.14
C LYS B 405 -1.03 -17.49 -21.12
N TYR B 406 -0.37 -18.57 -20.67
CA TYR B 406 -0.21 -19.73 -21.53
C TYR B 406 -1.47 -20.59 -21.54
N ARG B 407 -1.97 -20.97 -20.36
CA ARG B 407 -3.15 -21.83 -20.30
C ARG B 407 -4.34 -21.17 -20.97
N ASP B 408 -4.49 -19.85 -20.82
CA ASP B 408 -5.64 -19.17 -21.41
C ASP B 408 -5.49 -19.00 -22.92
N CYS B 409 -4.30 -18.57 -23.37
CA CYS B 409 -4.09 -18.31 -24.78
C CYS B 409 -3.79 -19.56 -25.59
N VAL B 410 -3.80 -20.74 -24.97
CA VAL B 410 -3.75 -22.01 -25.67
C VAL B 410 -5.09 -22.73 -25.60
N ARG B 411 -5.76 -22.66 -24.45
CA ARG B 411 -7.13 -23.17 -24.35
C ARG B 411 -8.02 -22.51 -25.39
N ASP B 412 -7.78 -21.22 -25.68
CA ASP B 412 -8.59 -20.52 -26.67
C ASP B 412 -8.25 -20.94 -28.09
N LEU B 413 -6.99 -21.30 -28.35
CA LEU B 413 -6.60 -21.71 -29.71
C LEU B 413 -7.39 -22.93 -30.16
N TRP B 414 -7.26 -24.03 -29.43
CA TRP B 414 -8.00 -25.24 -29.76
C TRP B 414 -9.48 -25.14 -29.43
N ARG B 415 -9.92 -24.03 -28.85
CA ARG B 415 -11.33 -23.75 -28.64
C ARG B 415 -12.00 -23.19 -29.89
N GLY B 416 -11.22 -22.84 -30.91
CA GLY B 416 -11.77 -22.20 -32.09
C GLY B 416 -11.92 -20.70 -31.97
N GLU B 417 -11.41 -20.09 -30.91
CA GLU B 417 -11.52 -18.66 -30.73
C GLU B 417 -10.66 -17.92 -31.75
N PRO B 418 -11.09 -16.73 -32.19
CA PRO B 418 -10.21 -15.91 -33.03
C PRO B 418 -9.16 -15.18 -32.21
N ARG B 419 -8.56 -15.90 -31.27
CA ARG B 419 -7.38 -15.39 -30.58
C ARG B 419 -6.23 -15.35 -31.58
N THR B 420 -5.68 -14.16 -31.80
CA THR B 420 -4.72 -13.95 -32.88
C THR B 420 -3.55 -14.93 -32.75
N LEU B 421 -3.00 -15.31 -33.91
CA LEU B 421 -1.91 -16.27 -33.94
C LEU B 421 -0.70 -15.76 -33.16
N ALA B 422 -0.40 -14.45 -33.29
CA ALA B 422 0.75 -13.88 -32.61
C ALA B 422 0.64 -13.99 -31.09
N GLU B 423 -0.58 -14.10 -30.56
CA GLU B 423 -0.74 -14.34 -29.13
C GLU B 423 -0.29 -15.75 -28.76
N PHE B 424 -0.78 -16.74 -29.51
CA PHE B 424 -0.35 -18.12 -29.29
C PHE B 424 1.10 -18.33 -29.71
N ALA B 425 1.57 -17.56 -30.70
CA ALA B 425 2.93 -17.75 -31.21
C ALA B 425 3.98 -17.41 -30.16
N SER B 426 3.78 -16.30 -29.43
CA SER B 426 4.72 -15.95 -28.38
C SER B 426 4.67 -16.93 -27.22
N ARG B 427 3.52 -17.58 -27.02
CA ARG B 427 3.41 -18.57 -25.95
C ARG B 427 4.16 -19.86 -26.31
N LEU B 428 4.19 -20.22 -27.59
CA LEU B 428 5.05 -21.32 -28.03
C LEU B 428 6.51 -20.95 -27.87
N THR B 429 6.88 -19.73 -28.29
CA THR B 429 8.23 -19.23 -28.12
C THR B 429 8.64 -19.12 -26.66
N GLY B 430 7.70 -19.26 -25.72
CA GLY B 430 8.00 -19.23 -24.31
C GLY B 430 7.73 -17.88 -23.68
N SER B 431 6.65 -17.24 -24.11
CA SER B 431 6.22 -15.94 -23.59
C SER B 431 7.37 -14.94 -23.61
N SER B 432 7.82 -14.64 -24.84
CA SER B 432 8.86 -13.62 -25.01
C SER B 432 8.41 -12.29 -24.42
N ASP B 433 7.16 -11.91 -24.68
CA ASP B 433 6.65 -10.64 -24.18
C ASP B 433 6.75 -10.54 -22.66
N LEU B 434 6.43 -11.62 -21.96
CA LEU B 434 6.32 -11.55 -20.50
C LEU B 434 7.68 -11.60 -19.82
N TYR B 435 8.63 -12.36 -20.36
CA TYR B 435 9.83 -12.73 -19.62
C TYR B 435 11.14 -12.27 -20.25
N GLN B 436 11.11 -11.73 -21.47
CA GLN B 436 12.36 -11.31 -22.10
C GLN B 436 12.92 -10.05 -21.45
N ASP B 437 12.10 -9.02 -21.31
CA ASP B 437 12.58 -7.73 -20.81
C ASP B 437 12.88 -7.76 -19.32
N ASP B 438 12.31 -8.71 -18.58
CA ASP B 438 12.58 -8.80 -17.15
C ASP B 438 13.99 -9.29 -16.85
N GLY B 439 14.65 -9.90 -17.81
CA GLY B 439 15.95 -10.50 -17.60
C GLY B 439 15.92 -11.97 -17.30
N ARG B 440 14.93 -12.71 -17.79
CA ARG B 440 14.76 -14.13 -17.52
C ARG B 440 14.98 -14.92 -18.81
N ARG B 441 14.71 -16.22 -18.72
CA ARG B 441 14.84 -17.15 -19.83
C ARG B 441 13.46 -17.75 -20.13
N PRO B 442 13.29 -18.42 -21.27
CA PRO B 442 12.02 -19.13 -21.49
C PRO B 442 11.65 -20.09 -20.38
N LEU B 443 12.63 -20.63 -19.64
CA LEU B 443 12.40 -21.55 -18.55
C LEU B 443 11.70 -20.86 -17.39
N ALA B 444 11.45 -19.56 -17.53
CA ALA B 444 10.70 -18.84 -16.51
C ALA B 444 9.19 -19.03 -16.65
N SER B 445 8.73 -19.63 -17.74
CA SER B 445 7.31 -19.88 -17.97
C SER B 445 7.02 -21.33 -17.62
N VAL B 446 6.34 -21.55 -16.50
CA VAL B 446 5.84 -22.88 -16.17
C VAL B 446 4.57 -23.07 -16.97
N ASN B 447 4.70 -23.62 -18.18
CA ASN B 447 3.55 -23.82 -19.03
C ASN B 447 2.66 -24.92 -18.47
N PHE B 448 1.35 -24.74 -18.61
CA PHE B 448 0.39 -25.76 -18.23
C PHE B 448 -0.92 -25.45 -18.92
N VAL B 449 -1.65 -26.49 -19.28
CA VAL B 449 -2.97 -26.35 -19.87
C VAL B 449 -4.06 -26.58 -18.83
N THR B 450 -3.90 -27.60 -18.00
CA THR B 450 -4.81 -27.88 -16.90
C THR B 450 -4.02 -27.97 -15.60
N CYS B 451 -4.73 -27.83 -14.49
CA CYS B 451 -4.15 -27.99 -13.17
C CYS B 451 -5.25 -28.47 -12.23
N HIS B 452 -5.00 -28.37 -10.92
CA HIS B 452 -6.03 -28.70 -9.95
C HIS B 452 -7.21 -27.75 -10.09
N ASP B 453 -6.94 -26.47 -10.30
CA ASP B 453 -8.02 -25.50 -10.54
C ASP B 453 -8.60 -25.71 -11.94
N GLY B 454 -9.91 -25.54 -12.05
CA GLY B 454 -10.56 -25.72 -13.33
C GLY B 454 -10.75 -27.19 -13.67
N PHE B 455 -10.98 -27.43 -14.96
CA PHE B 455 -11.25 -28.77 -15.44
C PHE B 455 -9.96 -29.57 -15.59
N THR B 456 -10.07 -30.88 -15.40
CA THR B 456 -9.05 -31.79 -15.88
C THR B 456 -9.02 -31.77 -17.41
N LEU B 457 -8.01 -32.42 -17.99
CA LEU B 457 -7.84 -32.34 -19.43
C LEU B 457 -9.03 -32.93 -20.18
N ARG B 458 -9.65 -33.98 -19.63
CA ARG B 458 -10.83 -34.54 -20.30
C ARG B 458 -12.04 -33.65 -20.11
N ASP B 459 -12.27 -33.16 -18.89
CA ASP B 459 -13.36 -32.21 -18.66
C ASP B 459 -13.10 -30.87 -19.35
N LEU B 460 -11.87 -30.61 -19.80
CA LEU B 460 -11.61 -29.41 -20.59
C LEU B 460 -12.24 -29.51 -21.96
N VAL B 461 -12.37 -30.72 -22.51
CA VAL B 461 -12.98 -30.93 -23.80
C VAL B 461 -14.31 -31.67 -23.69
N SER B 462 -14.91 -31.67 -22.50
CA SER B 462 -16.18 -32.35 -22.28
C SER B 462 -17.25 -31.46 -21.64
N TYR B 463 -16.93 -30.22 -21.29
CA TYR B 463 -17.87 -29.36 -20.59
C TYR B 463 -17.66 -27.91 -21.01
N ASN B 464 -18.75 -27.21 -21.32
CA ASN B 464 -18.67 -25.78 -21.55
C ASN B 464 -18.55 -25.02 -20.24
N GLU B 465 -19.37 -25.39 -19.25
CA GLU B 465 -19.40 -24.70 -17.97
C GLU B 465 -19.31 -25.72 -16.84
N LYS B 466 -19.19 -25.20 -15.62
CA LYS B 466 -18.92 -26.02 -14.44
C LYS B 466 -20.19 -26.71 -13.94
N ARG B 467 -19.97 -27.76 -13.15
CA ARG B 467 -21.03 -28.53 -12.49
C ARG B 467 -20.67 -28.79 -11.03
N ASN B 468 -20.31 -27.73 -10.31
CA ASN B 468 -19.85 -27.85 -8.94
C ASN B 468 -21.00 -27.84 -7.94
N GLU B 469 -22.20 -28.26 -8.39
CA GLU B 469 -23.32 -28.39 -7.47
C GLU B 469 -23.01 -29.35 -6.34
N ALA B 470 -22.14 -30.34 -6.58
CA ALA B 470 -21.77 -31.28 -5.53
C ALA B 470 -20.92 -30.62 -4.43
N ASN B 471 -20.37 -29.44 -4.69
CA ASN B 471 -19.57 -28.73 -3.70
C ASN B 471 -20.42 -28.06 -2.62
N GLY B 472 -21.75 -28.16 -2.70
CA GLY B 472 -22.59 -27.59 -1.68
C GLY B 472 -22.69 -26.08 -1.68
N GLU B 473 -22.24 -25.42 -2.75
CA GLU B 473 -22.36 -23.97 -2.86
C GLU B 473 -23.23 -23.56 -4.03
N GLY B 474 -24.01 -24.50 -4.58
CA GLY B 474 -24.96 -24.19 -5.63
C GLY B 474 -24.33 -23.70 -6.92
N ASN B 475 -23.27 -24.39 -7.37
CA ASN B 475 -22.60 -24.09 -8.64
C ASN B 475 -22.13 -22.64 -8.70
N ARG B 476 -21.81 -22.06 -7.55
CA ARG B 476 -21.35 -20.68 -7.48
C ARG B 476 -19.84 -20.56 -7.27
N ASP B 477 -19.15 -21.66 -7.00
CA ASP B 477 -17.72 -21.65 -6.77
C ASP B 477 -16.97 -21.99 -8.06
N GLY B 478 -15.65 -21.76 -8.02
CA GLY B 478 -14.80 -22.05 -9.16
C GLY B 478 -15.02 -21.14 -10.34
N GLU B 479 -14.20 -21.31 -11.38
CA GLU B 479 -14.34 -20.52 -12.59
C GLU B 479 -15.70 -20.77 -13.23
N ASN B 480 -16.36 -19.68 -13.65
CA ASN B 480 -17.64 -19.80 -14.34
C ASN B 480 -17.47 -20.11 -15.82
N TYR B 481 -16.29 -19.83 -16.38
CA TYR B 481 -16.00 -20.11 -17.79
C TYR B 481 -14.51 -20.40 -17.88
N ASN B 482 -14.17 -21.57 -18.42
CA ASN B 482 -12.81 -22.06 -18.40
C ASN B 482 -12.16 -22.05 -19.78
N ARG B 483 -12.68 -21.23 -20.69
CA ARG B 483 -12.24 -21.23 -22.09
C ARG B 483 -12.27 -22.64 -22.65
N SER B 484 -13.35 -23.36 -22.34
CA SER B 484 -13.52 -24.76 -22.67
C SER B 484 -14.57 -24.93 -23.75
N TRP B 485 -14.50 -26.09 -24.42
CA TRP B 485 -15.48 -26.46 -25.43
C TRP B 485 -15.85 -27.92 -25.25
N ASN B 486 -17.15 -28.21 -25.23
CA ASN B 486 -17.64 -29.55 -24.97
C ASN B 486 -17.58 -30.46 -26.20
N CYS B 487 -17.09 -29.95 -27.34
CA CYS B 487 -16.80 -30.72 -28.54
C CYS B 487 -18.02 -31.38 -29.17
N GLY B 488 -19.23 -30.98 -28.78
CA GLY B 488 -20.42 -31.53 -29.40
C GLY B 488 -21.56 -31.84 -28.44
N GLU B 489 -21.22 -32.22 -27.20
CA GLU B 489 -22.22 -32.54 -26.20
C GLU B 489 -21.59 -32.40 -24.83
N GLU B 490 -22.20 -31.60 -23.96
CA GLU B 490 -21.66 -31.37 -22.63
C GLU B 490 -21.90 -32.59 -21.76
N GLY B 491 -20.82 -33.29 -21.42
CA GLY B 491 -20.90 -34.51 -20.64
C GLY B 491 -20.54 -35.73 -21.48
N GLU B 492 -20.63 -36.88 -20.82
CA GLU B 492 -20.32 -38.14 -21.48
C GLU B 492 -21.28 -38.39 -22.64
N THR B 493 -20.73 -38.87 -23.75
CA THR B 493 -21.52 -39.12 -24.95
C THR B 493 -21.08 -40.44 -25.59
N GLU B 494 -22.06 -41.16 -26.14
CA GLU B 494 -21.78 -42.39 -26.86
C GLU B 494 -21.34 -42.14 -28.30
N ASP B 495 -21.65 -40.96 -28.84
CA ASP B 495 -21.31 -40.63 -30.21
C ASP B 495 -19.80 -40.69 -30.43
N VAL B 496 -19.37 -41.54 -31.38
CA VAL B 496 -17.95 -41.67 -31.67
C VAL B 496 -17.41 -40.42 -32.34
N GLY B 497 -18.26 -39.62 -32.98
CA GLY B 497 -17.78 -38.40 -33.62
C GLY B 497 -17.08 -37.40 -32.71
N ILE B 498 -17.70 -37.08 -31.58
CA ILE B 498 -17.06 -36.19 -30.62
C ILE B 498 -16.02 -36.90 -29.74
N THR B 499 -16.21 -38.22 -29.57
CA THR B 499 -15.30 -39.00 -28.73
C THR B 499 -13.96 -38.98 -29.44
N GLU B 500 -13.94 -39.34 -30.73
CA GLU B 500 -12.71 -39.22 -31.50
C GLU B 500 -12.17 -37.79 -31.46
N LEU B 501 -13.07 -36.82 -31.43
CA LEU B 501 -12.66 -35.41 -31.36
C LEU B 501 -12.03 -35.08 -30.01
N ARG B 502 -12.74 -35.41 -28.92
CA ARG B 502 -12.27 -35.08 -27.59
C ARG B 502 -10.90 -35.69 -27.29
N ALA B 503 -10.82 -37.03 -27.34
CA ALA B 503 -9.57 -37.71 -27.06
C ALA B 503 -8.43 -37.21 -27.93
N ARG B 504 -8.75 -36.72 -29.13
CA ARG B 504 -7.74 -36.13 -30.00
C ARG B 504 -7.48 -34.67 -29.65
N GLN B 505 -8.48 -33.96 -29.12
CA GLN B 505 -8.21 -32.62 -28.61
C GLN B 505 -7.29 -32.74 -27.41
N MET B 506 -7.46 -33.80 -26.62
CA MET B 506 -6.56 -34.08 -25.51
C MET B 506 -5.12 -34.20 -26.03
N ARG B 507 -4.98 -34.91 -27.15
CA ARG B 507 -3.67 -35.00 -27.80
C ARG B 507 -3.08 -33.66 -28.20
N ASN B 508 -3.92 -32.74 -28.71
CA ASN B 508 -3.44 -31.44 -29.14
C ASN B 508 -2.90 -30.63 -27.95
N PHE B 509 -3.61 -30.64 -26.83
CA PHE B 509 -3.14 -29.92 -25.65
C PHE B 509 -1.82 -30.50 -25.14
N LEU B 510 -1.71 -31.84 -25.12
CA LEU B 510 -0.48 -32.47 -24.67
C LEU B 510 0.66 -32.20 -25.64
N ALA B 511 0.38 -32.21 -26.94
CA ALA B 511 1.42 -31.93 -27.94
C ALA B 511 1.82 -30.46 -27.89
N THR B 512 0.86 -29.55 -27.79
CA THR B 512 1.17 -28.14 -27.67
C THR B 512 1.99 -27.87 -26.41
N LEU B 513 1.68 -28.57 -25.32
CA LEU B 513 2.39 -28.37 -24.06
C LEU B 513 3.85 -28.79 -24.13
N MET B 514 4.10 -29.98 -24.67
CA MET B 514 5.46 -30.52 -24.73
C MET B 514 6.30 -29.90 -25.86
N LEU B 515 5.62 -29.25 -26.81
CA LEU B 515 6.30 -28.59 -27.91
C LEU B 515 6.63 -27.14 -27.57
N SER B 516 6.07 -26.61 -26.48
CA SER B 516 6.28 -25.21 -26.12
C SER B 516 7.62 -25.04 -25.43
N GLN B 517 7.98 -23.79 -25.16
CA GLN B 517 9.21 -23.46 -24.47
C GLN B 517 8.95 -23.30 -22.97
N GLY B 518 10.02 -23.47 -22.20
CA GLY B 518 9.94 -23.34 -20.76
C GLY B 518 9.84 -24.69 -20.07
N VAL B 519 8.91 -24.79 -19.12
CA VAL B 519 8.77 -26.01 -18.32
C VAL B 519 7.31 -26.44 -18.31
N PRO B 520 6.96 -27.53 -18.99
CA PRO B 520 5.57 -27.99 -18.99
C PRO B 520 5.22 -28.57 -17.64
N MET B 521 3.91 -28.64 -17.37
CA MET B 521 3.42 -29.25 -16.15
C MET B 521 2.15 -30.02 -16.46
N LEU B 522 2.00 -31.19 -15.84
CA LEU B 522 0.85 -32.06 -16.08
C LEU B 522 0.11 -32.27 -14.76
N SER B 523 -1.20 -32.05 -14.78
CA SER B 523 -2.03 -32.43 -13.65
C SER B 523 -2.17 -33.94 -13.60
N HIS B 524 -2.14 -34.49 -12.39
CA HIS B 524 -2.14 -35.95 -12.23
C HIS B 524 -3.43 -36.54 -12.77
N GLY B 525 -3.29 -37.56 -13.62
CA GLY B 525 -4.41 -38.29 -14.17
C GLY B 525 -4.67 -38.05 -15.64
N ASP B 526 -4.11 -36.99 -16.22
CA ASP B 526 -4.35 -36.68 -17.62
C ASP B 526 -3.77 -37.73 -18.57
N GLU B 527 -2.93 -38.63 -18.06
CA GLU B 527 -2.49 -39.77 -18.87
C GLU B 527 -3.62 -40.77 -19.04
N PHE B 528 -4.44 -40.96 -18.01
CA PHE B 528 -5.55 -41.89 -18.04
C PHE B 528 -6.87 -41.23 -18.41
N GLY B 529 -6.84 -39.98 -18.88
CA GLY B 529 -8.06 -39.26 -19.18
C GLY B 529 -8.91 -39.05 -17.94
N ARG B 530 -8.28 -38.55 -16.88
CA ARG B 530 -8.96 -38.37 -15.61
C ARG B 530 -10.12 -37.39 -15.75
N THR B 531 -11.19 -37.64 -14.99
CA THR B 531 -12.44 -36.90 -15.13
C THR B 531 -13.01 -36.61 -13.76
N GLN B 532 -13.43 -35.36 -13.55
CA GLN B 532 -14.10 -34.95 -12.32
C GLN B 532 -15.58 -34.67 -12.53
N GLY B 533 -16.15 -35.19 -13.62
CA GLY B 533 -17.58 -35.03 -13.88
C GLY B 533 -18.02 -33.62 -14.13
N GLY B 534 -17.13 -32.74 -14.56
CA GLY B 534 -17.45 -31.34 -14.76
C GLY B 534 -17.26 -30.47 -13.53
N ASN B 535 -16.76 -31.03 -12.43
CA ASN B 535 -16.47 -30.24 -11.24
C ASN B 535 -15.12 -29.56 -11.44
N ASN B 536 -15.14 -28.24 -11.65
CA ASN B 536 -13.93 -27.48 -11.91
C ASN B 536 -13.34 -26.84 -10.65
N ASN B 537 -13.88 -27.18 -9.48
CA ASN B 537 -13.29 -26.73 -8.21
C ASN B 537 -13.54 -27.84 -7.20
N ALA B 538 -12.58 -28.76 -7.08
CA ALA B 538 -12.72 -29.96 -6.26
C ALA B 538 -11.95 -29.85 -4.95
N TYR B 539 -11.86 -28.64 -4.39
CA TYR B 539 -11.14 -28.44 -3.13
C TYR B 539 -11.78 -29.21 -1.99
N CYS B 540 -13.09 -29.47 -2.07
CA CYS B 540 -13.81 -30.14 -1.01
C CYS B 540 -14.16 -31.58 -1.31
N GLN B 541 -13.94 -32.04 -2.55
CA GLN B 541 -14.26 -33.42 -2.92
C GLN B 541 -13.09 -34.32 -2.55
N ASP B 542 -13.11 -34.82 -1.33
CA ASP B 542 -12.16 -35.86 -0.90
C ASP B 542 -12.83 -37.22 -1.09
N ASN B 543 -13.04 -37.55 -2.37
CA ASN B 543 -13.73 -38.77 -2.75
C ASN B 543 -13.30 -39.14 -4.16
N GLU B 544 -14.03 -40.06 -4.77
CA GLU B 544 -13.68 -40.60 -6.08
C GLU B 544 -13.78 -39.57 -7.20
N VAL B 545 -14.32 -38.38 -6.92
CA VAL B 545 -14.33 -37.32 -7.92
C VAL B 545 -12.90 -36.92 -8.28
N SER B 546 -12.01 -36.89 -7.29
CA SER B 546 -10.66 -36.40 -7.49
C SER B 546 -9.58 -37.45 -7.30
N TRP B 547 -9.92 -38.70 -6.97
CA TRP B 547 -8.93 -39.75 -7.05
C TRP B 547 -8.54 -40.00 -8.51
N VAL B 548 -7.53 -40.86 -8.70
CA VAL B 548 -7.03 -41.20 -10.03
C VAL B 548 -7.46 -42.62 -10.36
N ARG B 549 -8.12 -42.80 -11.50
CA ARG B 549 -8.56 -44.11 -11.97
C ARG B 549 -7.44 -44.71 -12.82
N TRP B 550 -6.74 -45.68 -12.28
CA TRP B 550 -5.60 -46.29 -12.95
C TRP B 550 -5.94 -47.30 -14.04
N PRO B 551 -6.68 -48.37 -13.76
CA PRO B 551 -6.51 -49.60 -14.55
C PRO B 551 -7.42 -49.78 -15.76
N GLU B 556 -8.43 -49.62 -23.14
CA GLU B 556 -7.68 -49.39 -24.38
C GLU B 556 -7.59 -47.92 -24.73
N ALA B 557 -8.69 -47.18 -24.58
CA ALA B 557 -8.65 -45.74 -24.81
C ALA B 557 -7.86 -45.03 -23.72
N GLU B 558 -7.86 -45.57 -22.51
CA GLU B 558 -7.10 -45.00 -21.40
C GLU B 558 -5.68 -45.53 -21.32
N ALA B 559 -5.22 -46.26 -22.35
CA ALA B 559 -3.84 -46.72 -22.43
C ALA B 559 -3.14 -46.28 -23.71
N THR B 560 -3.88 -45.95 -24.77
CA THR B 560 -3.28 -45.35 -25.95
C THR B 560 -2.97 -43.88 -25.72
N LEU B 561 -3.89 -43.16 -25.07
CA LEU B 561 -3.60 -41.80 -24.63
C LEU B 561 -2.43 -41.77 -23.64
N LEU B 562 -2.30 -42.80 -22.81
CA LEU B 562 -1.18 -42.88 -21.88
C LEU B 562 0.15 -43.02 -22.64
N ARG B 563 0.24 -44.02 -23.52
CA ARG B 563 1.46 -44.20 -24.30
C ARG B 563 1.64 -43.11 -25.34
N PHE B 564 0.61 -42.31 -25.61
CA PHE B 564 0.80 -41.06 -26.33
C PHE B 564 1.61 -40.08 -25.49
N THR B 565 1.16 -39.84 -24.25
CA THR B 565 1.84 -38.90 -23.37
C THR B 565 3.27 -39.33 -23.09
N ARG B 566 3.48 -40.62 -22.82
CA ARG B 566 4.82 -41.12 -22.50
C ARG B 566 5.79 -40.86 -23.65
N SER B 567 5.38 -41.18 -24.88
CA SER B 567 6.24 -40.95 -26.03
C SER B 567 6.41 -39.52 -26.53
N MET B 568 5.50 -38.63 -26.16
CA MET B 568 5.67 -37.20 -26.43
C MET B 568 6.65 -36.47 -25.51
N VAL B 569 6.65 -36.90 -24.25
CA VAL B 569 7.62 -36.37 -23.29
C VAL B 569 8.97 -36.91 -23.73
N ARG B 570 9.01 -38.12 -24.32
CA ARG B 570 10.26 -38.63 -24.86
C ARG B 570 10.81 -37.72 -25.94
N LEU B 571 9.93 -37.18 -26.79
CA LEU B 571 10.37 -36.30 -27.87
C LEU B 571 11.03 -35.05 -27.34
N ARG B 572 10.44 -34.43 -26.31
CA ARG B 572 11.06 -33.26 -25.71
C ARG B 572 12.39 -33.61 -25.04
N ARG B 573 12.44 -34.76 -24.37
CA ARG B 573 13.68 -35.21 -23.74
C ARG B 573 14.77 -35.46 -24.79
N GLU B 574 14.40 -36.09 -25.91
CA GLU B 574 15.40 -36.45 -26.92
C GLU B 574 15.89 -35.23 -27.69
N HIS B 575 15.05 -34.21 -27.84
CA HIS B 575 15.33 -33.11 -28.77
C HIS B 575 15.43 -31.79 -28.04
N PRO B 576 16.62 -31.19 -27.94
CA PRO B 576 16.79 -29.96 -27.15
C PRO B 576 16.17 -28.71 -27.77
N VAL B 577 15.47 -28.81 -28.90
CA VAL B 577 14.86 -27.61 -29.49
C VAL B 577 13.63 -27.20 -28.70
N PHE B 578 12.77 -28.17 -28.36
CA PHE B 578 11.55 -27.86 -27.63
C PHE B 578 11.82 -27.48 -26.17
N ARG B 579 13.08 -27.54 -25.72
CA ARG B 579 13.49 -27.04 -24.41
C ARG B 579 14.72 -26.17 -24.65
N ARG B 580 14.49 -24.91 -25.01
CA ARG B 580 15.57 -24.00 -25.35
C ARG B 580 15.94 -23.16 -24.13
N ARG B 581 17.24 -22.94 -23.96
CA ARG B 581 17.78 -22.22 -22.82
C ARG B 581 17.81 -20.71 -23.03
N ARG B 582 17.57 -20.24 -24.24
CA ARG B 582 17.46 -18.82 -24.56
C ARG B 582 16.24 -18.60 -25.43
N PHE B 583 16.02 -17.35 -25.83
CA PHE B 583 14.92 -17.00 -26.72
C PHE B 583 15.37 -17.07 -28.17
N PHE B 584 14.41 -17.30 -29.06
CA PHE B 584 14.66 -17.17 -30.48
C PHE B 584 14.80 -15.70 -30.86
N HIS B 585 15.36 -15.46 -32.05
CA HIS B 585 15.41 -14.10 -32.58
C HIS B 585 14.92 -14.06 -34.02
N GLY B 586 15.07 -15.17 -34.75
CA GLY B 586 14.42 -15.36 -36.02
C GLY B 586 15.03 -14.63 -37.20
N ARG B 587 15.87 -13.61 -36.98
CA ARG B 587 16.38 -12.85 -38.11
C ARG B 587 17.57 -11.98 -37.73
N PRO B 588 18.62 -11.97 -38.54
CA PRO B 588 19.65 -10.94 -38.39
C PRO B 588 19.35 -9.72 -39.25
N VAL B 589 20.22 -8.72 -39.23
CA VAL B 589 20.05 -7.56 -40.09
C VAL B 589 21.23 -7.44 -41.05
N LEU B 596 20.86 -19.44 -42.34
CA LEU B 596 20.20 -20.26 -41.34
C LEU B 596 19.55 -19.42 -40.24
N THR B 597 18.25 -19.23 -40.34
CA THR B 597 17.52 -18.61 -39.24
C THR B 597 17.18 -19.68 -38.20
N ASP B 598 17.00 -19.23 -36.96
CA ASP B 598 16.73 -20.17 -35.87
C ASP B 598 15.24 -20.44 -35.68
N ILE B 599 14.37 -19.66 -36.31
CA ILE B 599 12.94 -19.97 -36.32
C ILE B 599 12.29 -19.27 -37.50
N ALA B 600 11.45 -19.99 -38.24
CA ALA B 600 10.76 -19.44 -39.39
C ALA B 600 9.27 -19.80 -39.31
N TRP B 601 8.43 -18.79 -39.46
CA TRP B 601 6.98 -18.98 -39.42
C TRP B 601 6.45 -19.02 -40.85
N PHE B 602 5.47 -19.90 -41.08
CA PHE B 602 4.94 -20.11 -42.41
C PHE B 602 3.43 -20.25 -42.36
N THR B 603 2.80 -19.95 -43.45
CA THR B 603 1.39 -20.12 -43.78
C THR B 603 1.16 -21.53 -44.31
N PRO B 604 -0.01 -22.13 -44.06
CA PRO B 604 -0.30 -23.44 -44.66
C PRO B 604 -0.16 -23.44 -46.18
N GLU B 605 -0.27 -22.26 -46.80
CA GLU B 605 0.02 -22.12 -48.22
C GLU B 605 1.47 -22.48 -48.55
N GLY B 606 2.36 -22.37 -47.57
CA GLY B 606 3.76 -22.71 -47.76
C GLY B 606 4.69 -21.52 -47.81
N GLU B 607 4.17 -20.30 -47.92
CA GLU B 607 4.99 -19.11 -48.02
C GLU B 607 5.09 -18.41 -46.67
N GLU B 608 6.21 -17.69 -46.49
CA GLU B 608 6.52 -17.09 -45.19
C GLU B 608 5.47 -16.04 -44.81
N MET B 609 5.32 -15.82 -43.51
CA MET B 609 4.30 -14.93 -42.98
C MET B 609 4.79 -13.49 -42.86
N THR B 610 3.98 -12.56 -43.35
CA THR B 610 4.27 -11.13 -43.25
C THR B 610 3.58 -10.55 -42.02
N SER B 611 3.70 -9.23 -41.86
CA SER B 611 3.09 -8.58 -40.71
C SER B 611 1.58 -8.44 -40.85
N ARG B 612 1.07 -8.35 -42.08
CA ARG B 612 -0.36 -8.21 -42.28
C ARG B 612 -1.10 -9.49 -41.94
N ASP B 613 -0.63 -10.62 -42.48
CA ASP B 613 -1.26 -11.90 -42.17
C ASP B 613 -0.93 -12.39 -40.77
N TRP B 614 0.00 -11.73 -40.06
CA TRP B 614 0.22 -12.05 -38.65
C TRP B 614 -0.89 -11.48 -37.79
N GLN B 615 -1.24 -10.20 -38.02
CA GLN B 615 -2.39 -9.59 -37.38
C GLN B 615 -3.67 -9.79 -38.19
N ALA B 616 -3.73 -10.83 -39.01
CA ALA B 616 -4.96 -11.19 -39.69
C ALA B 616 -6.05 -11.50 -38.66
N ALA B 617 -7.27 -11.04 -38.95
CA ALA B 617 -8.35 -11.16 -37.98
C ALA B 617 -8.76 -12.61 -37.76
N HIS B 618 -9.07 -13.32 -38.84
CA HIS B 618 -9.58 -14.69 -38.77
C HIS B 618 -8.53 -15.62 -39.38
N ALA B 619 -7.72 -16.23 -38.52
CA ALA B 619 -6.71 -17.19 -38.95
C ALA B 619 -6.57 -18.27 -37.88
N GLN B 620 -6.35 -19.51 -38.32
CA GLN B 620 -6.28 -20.63 -37.39
C GLN B 620 -5.20 -21.65 -37.73
N ALA B 621 -4.30 -21.37 -38.67
CA ALA B 621 -3.34 -22.36 -39.12
C ALA B 621 -1.92 -21.80 -39.06
N LEU B 622 -0.97 -22.69 -38.84
CA LEU B 622 0.42 -22.31 -38.64
C LEU B 622 1.34 -23.40 -39.15
N THR B 623 2.57 -22.99 -39.51
CA THR B 623 3.63 -23.93 -39.85
C THR B 623 4.94 -23.30 -39.39
N VAL B 624 5.48 -23.79 -38.28
CA VAL B 624 6.64 -23.19 -37.62
C VAL B 624 7.86 -24.06 -37.89
N PHE B 625 8.93 -23.43 -38.34
CA PHE B 625 10.20 -24.11 -38.59
C PHE B 625 11.13 -23.83 -37.41
N LEU B 626 11.64 -24.89 -36.79
CA LEU B 626 12.58 -24.79 -35.68
C LEU B 626 13.89 -25.42 -36.12
N ASN B 627 14.93 -24.59 -36.25
CA ASN B 627 16.22 -25.06 -36.71
C ASN B 627 16.96 -25.79 -35.60
N GLY B 628 17.60 -26.90 -35.96
CA GLY B 628 18.34 -27.69 -35.01
C GLY B 628 19.83 -27.41 -35.02
N ASN B 629 20.32 -26.90 -36.15
CA ASN B 629 21.72 -26.48 -36.26
C ASN B 629 21.99 -25.16 -35.56
N ALA B 630 20.95 -24.41 -35.18
CA ALA B 630 21.13 -23.04 -34.72
C ALA B 630 20.64 -22.84 -33.29
N ILE B 631 20.97 -23.76 -32.38
CA ILE B 631 20.74 -23.55 -30.95
C ILE B 631 21.98 -22.82 -30.45
N SER B 632 21.91 -21.49 -30.45
CA SER B 632 23.03 -20.66 -30.03
C SER B 632 23.20 -20.71 -28.52
N GLU B 633 23.54 -21.88 -27.99
CA GLU B 633 23.66 -22.10 -26.56
C GLU B 633 24.79 -23.08 -26.30
N PRO B 634 25.44 -22.99 -25.15
CA PRO B 634 26.44 -24.01 -24.78
C PRO B 634 25.82 -25.11 -23.93
N GLY B 635 26.49 -26.27 -23.96
CA GLY B 635 26.18 -27.33 -23.06
C GLY B 635 26.85 -27.11 -21.71
N THR B 636 26.82 -28.15 -20.87
CA THR B 636 27.42 -28.05 -19.55
C THR B 636 28.91 -27.76 -19.65
N GLN B 637 29.59 -28.31 -20.65
CA GLN B 637 31.02 -28.12 -20.85
C GLN B 637 31.31 -27.30 -22.10
N GLY B 638 30.50 -26.28 -22.35
CA GLY B 638 30.65 -25.45 -23.53
C GLY B 638 30.34 -26.15 -24.84
N GLU B 639 29.91 -27.41 -24.79
CA GLU B 639 29.61 -28.16 -26.00
C GLU B 639 28.47 -27.51 -26.77
N ARG B 640 28.61 -27.49 -28.10
CA ARG B 640 27.54 -26.99 -28.95
C ARG B 640 26.40 -28.00 -28.99
N ILE B 641 25.19 -27.54 -28.72
CA ILE B 641 24.02 -28.40 -28.64
C ILE B 641 23.44 -28.54 -30.04
N ALA B 642 23.51 -29.74 -30.59
CA ALA B 642 22.95 -30.05 -31.91
C ALA B 642 21.63 -30.79 -31.77
N ASP B 643 20.83 -30.72 -32.83
CA ASP B 643 19.51 -31.34 -32.84
C ASP B 643 19.02 -31.41 -34.26
N ASP B 644 18.06 -32.30 -34.49
CA ASP B 644 17.33 -32.30 -35.76
C ASP B 644 16.49 -31.04 -35.87
N SER B 645 16.26 -30.62 -37.11
CA SER B 645 15.30 -29.56 -37.36
C SER B 645 13.90 -30.14 -37.38
N PHE B 646 12.92 -29.33 -36.99
CA PHE B 646 11.54 -29.76 -36.90
C PHE B 646 10.65 -28.82 -37.68
N LEU B 647 9.40 -29.24 -37.87
CA LEU B 647 8.43 -28.46 -38.64
C LEU B 647 7.05 -28.74 -38.07
N LEU B 648 6.56 -27.82 -37.25
CA LEU B 648 5.31 -28.00 -36.52
C LEU B 648 4.15 -27.42 -37.32
N MET B 649 3.12 -28.23 -37.54
CA MET B 649 1.99 -27.78 -38.35
C MET B 649 0.68 -27.71 -37.56
N PHE B 650 0.35 -26.51 -37.10
CA PHE B 650 -0.82 -26.27 -36.29
C PHE B 650 -2.03 -25.92 -37.16
N ASN B 651 -3.19 -26.47 -36.79
CA ASN B 651 -4.42 -26.20 -37.53
C ASN B 651 -5.58 -26.25 -36.53
N ALA B 652 -5.95 -25.07 -36.02
CA ALA B 652 -7.15 -24.93 -35.19
C ALA B 652 -8.39 -24.67 -36.02
N SER B 653 -8.28 -24.76 -37.35
CA SER B 653 -9.42 -24.52 -38.22
C SER B 653 -10.49 -25.58 -38.03
N ALA B 654 -11.75 -25.15 -38.08
CA ALA B 654 -12.88 -26.06 -38.01
C ALA B 654 -13.13 -26.80 -39.31
N LYS B 655 -12.21 -26.70 -40.28
CA LYS B 655 -12.32 -27.39 -41.56
C LYS B 655 -10.95 -27.92 -41.95
N GLU B 656 -10.96 -28.96 -42.77
CA GLU B 656 -9.71 -29.53 -43.27
C GLU B 656 -8.93 -28.48 -44.05
N LEU B 657 -7.70 -28.24 -43.63
CA LEU B 657 -6.81 -27.30 -44.32
C LEU B 657 -5.65 -28.05 -44.94
N GLU B 658 -5.18 -27.52 -46.07
CA GLU B 658 -4.13 -28.16 -46.86
C GLU B 658 -2.81 -27.44 -46.59
N PHE B 659 -1.82 -28.19 -46.11
CA PHE B 659 -0.56 -27.63 -45.66
C PHE B 659 0.55 -27.97 -46.65
N VAL B 660 1.33 -26.96 -47.02
CA VAL B 660 2.46 -27.13 -47.94
C VAL B 660 3.74 -27.01 -47.13
N VAL B 661 4.70 -27.87 -47.43
CA VAL B 661 5.99 -27.91 -46.75
C VAL B 661 6.96 -27.01 -47.52
N PRO B 662 7.96 -26.39 -46.87
CA PRO B 662 8.98 -25.66 -47.63
C PRO B 662 10.15 -26.53 -48.13
N HIS B 665 11.61 -27.41 -51.37
CA HIS B 665 11.07 -28.33 -52.37
C HIS B 665 11.80 -29.67 -52.53
N GLY B 666 13.10 -29.62 -52.82
CA GLY B 666 13.76 -30.81 -53.34
C GLY B 666 14.09 -31.88 -52.32
N ARG B 667 14.06 -31.55 -51.04
CA ARG B 667 14.55 -32.44 -50.00
C ARG B 667 13.40 -32.98 -49.16
N TYR B 668 13.69 -34.03 -48.40
CA TYR B 668 12.66 -34.81 -47.72
C TYR B 668 12.42 -34.31 -46.29
N TRP B 669 11.46 -34.94 -45.63
CA TRP B 669 11.13 -34.70 -44.23
C TRP B 669 10.59 -36.00 -43.66
N ARG B 670 10.30 -36.00 -42.36
CA ARG B 670 9.78 -37.19 -41.69
C ARG B 670 8.77 -36.72 -40.65
N MET B 671 7.48 -36.92 -40.94
CA MET B 671 6.44 -36.64 -39.95
C MET B 671 6.60 -37.58 -38.76
N VAL B 672 6.90 -36.99 -37.60
CA VAL B 672 7.11 -37.77 -36.38
C VAL B 672 5.93 -37.59 -35.41
N VAL B 673 5.07 -36.60 -35.64
CA VAL B 673 3.91 -36.34 -34.79
C VAL B 673 2.69 -36.04 -35.66
N ASP B 674 1.53 -36.54 -35.22
CA ASP B 674 0.25 -36.25 -35.86
C ASP B 674 -0.85 -36.57 -34.85
N THR B 675 -1.55 -35.54 -34.38
CA THR B 675 -2.63 -35.73 -33.44
C THR B 675 -3.78 -36.56 -34.03
N SER B 676 -3.86 -36.65 -35.36
CA SER B 676 -5.13 -36.97 -36.01
C SER B 676 -5.54 -38.43 -35.84
N ASP B 677 -4.58 -39.36 -35.66
CA ASP B 677 -5.09 -40.74 -35.71
C ASP B 677 -5.25 -41.31 -34.31
N PRO B 678 -6.37 -41.99 -34.02
CA PRO B 678 -6.60 -42.47 -32.65
C PRO B 678 -5.79 -43.69 -32.28
N GLU B 679 -4.49 -43.66 -32.54
CA GLU B 679 -3.57 -44.68 -32.08
C GLU B 679 -2.29 -44.11 -31.50
N GLY B 680 -2.08 -42.81 -31.57
CA GLY B 680 -0.89 -42.18 -31.06
C GLY B 680 0.22 -42.17 -32.10
N MET B 681 0.53 -41.00 -32.64
CA MET B 681 1.65 -40.83 -33.54
C MET B 681 3.04 -40.69 -32.88
N PRO B 682 3.14 -40.09 -31.68
CA PRO B 682 4.43 -40.14 -30.99
C PRO B 682 4.82 -41.57 -30.74
N PRO B 683 3.84 -42.39 -30.36
CA PRO B 683 4.11 -43.81 -30.15
C PRO B 683 4.46 -44.52 -31.44
N GLN B 684 3.69 -44.29 -32.50
CA GLN B 684 3.87 -45.00 -33.75
C GLN B 684 4.72 -44.18 -34.73
N GLN B 685 4.81 -44.67 -35.96
CA GLN B 685 5.81 -44.22 -36.92
C GLN B 685 5.13 -43.42 -38.04
N GLY B 686 5.94 -42.67 -38.79
CA GLY B 686 5.43 -41.72 -39.74
C GLY B 686 5.87 -41.89 -41.18
N PRO B 687 5.00 -41.50 -42.11
CA PRO B 687 5.42 -41.40 -43.52
C PRO B 687 6.32 -40.20 -43.72
N GLU B 688 7.29 -40.35 -44.62
CA GLU B 688 8.34 -39.37 -44.80
C GLU B 688 8.01 -38.45 -45.97
N LEU B 689 7.72 -37.19 -45.64
CA LEU B 689 7.28 -36.20 -46.62
C LEU B 689 8.48 -35.51 -47.27
N ALA B 690 8.20 -34.75 -48.32
CA ALA B 690 9.24 -34.07 -49.09
C ALA B 690 9.05 -32.56 -49.00
N GLY B 691 9.82 -31.84 -49.79
CA GLY B 691 9.83 -30.39 -49.71
C GLY B 691 8.53 -29.72 -50.08
N GLY B 692 8.13 -29.76 -51.34
CA GLY B 692 6.92 -29.07 -51.75
C GLY B 692 5.68 -29.94 -51.70
N GLU B 693 5.67 -30.93 -50.83
CA GLU B 693 4.62 -31.95 -50.83
C GLU B 693 3.29 -31.39 -50.37
N ARG B 694 2.24 -31.69 -51.14
CA ARG B 694 0.89 -31.39 -50.70
C ARG B 694 0.51 -32.33 -49.56
N VAL B 695 0.11 -31.75 -48.43
CA VAL B 695 -0.21 -32.49 -47.21
C VAL B 695 -1.47 -31.89 -46.62
N THR B 696 -2.58 -32.60 -46.73
CA THR B 696 -3.83 -32.16 -46.14
C THR B 696 -3.88 -32.54 -44.66
N LEU B 697 -4.32 -31.60 -43.83
CA LEU B 697 -4.30 -31.76 -42.38
C LEU B 697 -5.71 -31.56 -41.83
N ALA B 698 -6.13 -32.47 -40.94
CA ALA B 698 -7.50 -32.51 -40.46
C ALA B 698 -7.84 -31.30 -39.61
N PRO B 699 -9.13 -31.03 -39.39
CA PRO B 699 -9.50 -29.88 -38.55
C PRO B 699 -9.22 -30.16 -37.08
N LEU B 700 -8.64 -29.16 -36.40
CA LEU B 700 -8.24 -29.27 -34.99
C LEU B 700 -7.26 -30.42 -34.81
N SER B 701 -6.11 -30.30 -35.46
CA SER B 701 -5.09 -31.34 -35.43
C SER B 701 -3.71 -30.70 -35.34
N LEU B 702 -2.70 -31.56 -35.22
CA LEU B 702 -1.30 -31.13 -35.12
C LEU B 702 -0.44 -32.11 -35.90
N THR B 703 0.73 -31.62 -36.34
CA THR B 703 1.65 -32.46 -37.09
C THR B 703 3.05 -31.87 -36.97
N VAL B 704 4.03 -32.74 -36.74
CA VAL B 704 5.43 -32.35 -36.60
C VAL B 704 6.27 -33.19 -37.56
N LEU B 705 7.20 -32.53 -38.26
CA LEU B 705 8.11 -33.20 -39.16
C LEU B 705 9.52 -33.22 -38.55
N ARG B 706 10.44 -33.90 -39.23
CA ARG B 706 11.79 -34.05 -38.71
C ARG B 706 12.76 -34.21 -39.88
N ARG B 707 13.75 -33.31 -39.95
CA ARG B 707 14.83 -33.40 -40.93
C ARG B 707 16.08 -33.90 -40.23
N PRO B 708 16.48 -35.17 -40.43
CA PRO B 708 17.70 -35.69 -39.81
C PRO B 708 18.97 -35.17 -40.48
N GLN C 5 -30.12 29.32 25.17
CA GLN C 5 -31.07 28.66 24.28
C GLN C 5 -30.33 27.88 23.19
N VAL C 6 -30.53 26.57 23.18
CA VAL C 6 -29.78 25.66 22.31
C VAL C 6 -30.76 24.79 21.54
N TRP C 7 -30.78 24.95 20.22
CA TRP C 7 -31.61 24.16 19.33
C TRP C 7 -30.78 23.04 18.70
N PRO C 8 -31.43 21.95 18.26
CA PRO C 8 -30.66 20.84 17.67
C PRO C 8 -29.94 21.21 16.38
N GLY C 9 -30.59 21.97 15.51
CA GLY C 9 -29.96 22.39 14.28
C GLY C 9 -29.71 21.24 13.32
N GLN C 10 -28.92 21.54 12.28
CA GLN C 10 -28.63 20.60 11.21
C GLN C 10 -27.20 20.10 11.33
N ALA C 11 -26.93 18.99 10.64
CA ALA C 11 -25.59 18.45 10.51
C ALA C 11 -24.87 18.93 9.27
N TYR C 12 -25.44 19.93 8.57
CA TYR C 12 -24.84 20.42 7.34
C TYR C 12 -25.15 21.90 7.16
N PRO C 13 -24.19 22.69 6.66
CA PRO C 13 -22.83 22.21 6.37
C PRO C 13 -21.96 22.16 7.63
N LEU C 14 -20.82 21.49 7.53
CA LEU C 14 -19.94 21.36 8.67
C LEU C 14 -19.32 22.72 9.02
N GLY C 15 -19.01 22.90 10.29
CA GLY C 15 -18.46 24.16 10.76
C GLY C 15 -19.50 25.04 11.42
N ALA C 16 -19.29 26.35 11.38
CA ALA C 16 -20.19 27.33 11.97
C ALA C 16 -20.76 28.20 10.87
N THR C 17 -22.05 28.03 10.59
CA THR C 17 -22.70 28.75 9.50
C THR C 17 -23.77 29.67 10.06
N TYR C 18 -23.75 30.92 9.63
CA TYR C 18 -24.61 31.98 10.17
C TYR C 18 -25.93 31.97 9.41
N ASP C 19 -26.96 31.41 10.03
CA ASP C 19 -28.29 31.32 9.41
C ASP C 19 -29.17 32.51 9.79
N GLY C 20 -28.64 33.73 9.60
CA GLY C 20 -29.42 34.93 9.83
C GLY C 20 -29.64 35.25 11.29
N ALA C 21 -30.43 34.43 11.97
CA ALA C 21 -30.72 34.68 13.38
C ALA C 21 -29.52 34.36 14.25
N GLY C 22 -29.07 33.10 14.21
CA GLY C 22 -27.92 32.64 14.96
C GLY C 22 -26.96 31.87 14.07
N THR C 23 -26.19 31.00 14.71
CA THR C 23 -25.21 30.18 14.02
C THR C 23 -25.42 28.71 14.36
N ASN C 24 -25.39 27.86 13.33
CA ASN C 24 -25.40 26.42 13.52
C ASN C 24 -23.97 25.92 13.51
N PHE C 25 -23.63 25.10 14.51
CA PHE C 25 -22.30 24.54 14.65
C PHE C 25 -22.36 23.05 14.36
N ALA C 26 -21.37 22.55 13.63
CA ALA C 26 -21.34 21.13 13.26
C ALA C 26 -19.89 20.68 13.20
N VAL C 27 -19.49 19.86 14.17
CA VAL C 27 -18.15 19.29 14.21
C VAL C 27 -18.29 17.77 14.24
N PHE C 28 -17.30 17.09 13.66
CA PHE C 28 -17.34 15.65 13.48
C PHE C 28 -16.32 14.96 14.38
N SER C 29 -16.75 13.86 15.00
CA SER C 29 -15.84 12.93 15.65
C SER C 29 -16.56 11.62 15.89
N GLU C 30 -16.09 10.54 15.27
CA GLU C 30 -16.60 9.20 15.55
C GLU C 30 -15.86 8.54 16.72
N ALA C 31 -15.10 9.31 17.49
CA ALA C 31 -14.39 8.82 18.67
C ALA C 31 -14.55 9.82 19.81
N ALA C 32 -15.77 10.31 20.01
CA ALA C 32 -16.04 11.33 21.01
C ALA C 32 -17.31 10.95 21.76
N HIS C 33 -17.17 10.69 23.06
CA HIS C 33 -18.35 10.44 23.89
C HIS C 33 -19.19 11.70 24.04
N ARG C 34 -18.54 12.84 24.30
CA ARG C 34 -19.19 14.13 24.39
C ARG C 34 -18.35 15.17 23.68
N ILE C 35 -19.00 16.05 22.93
CA ILE C 35 -18.36 17.22 22.32
C ILE C 35 -19.09 18.46 22.80
N GLU C 36 -18.34 19.46 23.25
CA GLU C 36 -18.90 20.68 23.80
C GLU C 36 -18.40 21.89 23.03
N LEU C 37 -19.32 22.81 22.76
CA LEU C 37 -19.01 24.04 22.02
C LEU C 37 -18.66 25.14 23.02
N CYS C 38 -17.41 25.59 22.98
CA CYS C 38 -16.96 26.68 23.82
C CYS C 38 -17.09 28.00 23.07
N LEU C 39 -17.63 29.01 23.73
CA LEU C 39 -17.86 30.33 23.14
C LEU C 39 -17.00 31.34 23.89
N LEU C 40 -15.91 31.78 23.26
CA LEU C 40 -14.96 32.68 23.92
C LEU C 40 -15.46 34.11 23.89
N HIS C 41 -15.38 34.77 25.04
CA HIS C 41 -15.63 36.19 25.16
C HIS C 41 -14.31 36.94 25.09
N ASP C 42 -14.33 38.24 25.40
CA ASP C 42 -13.12 39.03 25.41
C ASP C 42 -12.36 38.95 26.72
N ASP C 43 -12.93 38.31 27.74
CA ASP C 43 -12.26 38.06 29.01
C ASP C 43 -11.99 36.57 29.20
N GLY C 44 -11.64 35.88 28.12
CA GLY C 44 -11.60 34.43 28.13
C GLY C 44 -13.01 33.89 28.30
N SER C 45 -13.24 33.15 29.38
CA SER C 45 -14.58 32.92 29.92
C SER C 45 -15.50 32.26 28.88
N GLU C 46 -15.19 30.98 28.61
CA GLU C 46 -16.04 30.17 27.75
C GLU C 46 -17.51 30.18 28.18
N THR C 47 -18.39 29.87 27.25
CA THR C 47 -19.78 29.49 27.54
C THR C 47 -19.98 28.14 26.86
N ALA C 48 -19.69 27.07 27.60
CA ALA C 48 -19.62 25.74 27.02
C ALA C 48 -21.01 25.17 26.79
N VAL C 49 -21.26 24.71 25.56
CA VAL C 49 -22.53 24.11 25.16
C VAL C 49 -22.26 22.70 24.67
N GLU C 50 -23.00 21.74 25.22
CA GLU C 50 -22.86 20.34 24.82
C GLU C 50 -23.66 20.08 23.55
N LEU C 51 -22.98 19.62 22.50
CA LEU C 51 -23.64 19.33 21.22
C LEU C 51 -24.19 17.89 21.27
N ARG C 52 -25.29 17.75 22.01
CA ARG C 52 -25.85 16.43 22.28
C ARG C 52 -26.30 15.74 20.99
N GLU C 53 -26.93 16.48 20.09
CA GLU C 53 -27.48 15.89 18.88
C GLU C 53 -26.39 15.50 17.89
N THR C 54 -25.94 14.25 17.96
CA THR C 54 -25.09 13.70 16.93
C THR C 54 -25.96 13.24 15.75
N ASP C 55 -25.33 13.13 14.58
CA ASP C 55 -26.03 12.59 13.40
C ASP C 55 -24.96 12.03 12.47
N ALA C 56 -24.84 10.70 12.44
CA ALA C 56 -23.81 10.01 11.69
C ALA C 56 -22.43 10.58 12.04
N PHE C 57 -22.19 10.73 13.34
CA PHE C 57 -20.94 11.13 13.98
C PHE C 57 -20.64 12.62 13.85
N VAL C 58 -21.50 13.40 13.20
CA VAL C 58 -21.39 14.85 13.21
C VAL C 58 -22.22 15.38 14.38
N ARG C 59 -21.55 16.02 15.33
CA ARG C 59 -22.23 16.68 16.44
C ARG C 59 -22.65 18.07 16.03
N HIS C 60 -23.83 18.50 16.49
CA HIS C 60 -24.34 19.78 16.01
C HIS C 60 -25.35 20.34 16.99
N ALA C 61 -25.50 21.66 16.93
CA ALA C 61 -26.51 22.42 17.65
C ALA C 61 -26.57 23.82 17.06
N TYR C 62 -27.79 24.32 16.84
CA TYR C 62 -28.00 25.67 16.37
C TYR C 62 -28.27 26.57 17.58
N LEU C 63 -27.36 27.52 17.82
CA LEU C 63 -27.54 28.46 18.92
C LEU C 63 -28.10 29.76 18.35
N PRO C 64 -29.40 30.02 18.47
CA PRO C 64 -29.91 31.33 18.05
C PRO C 64 -29.35 32.43 18.94
N GLY C 65 -28.81 33.47 18.30
CA GLY C 65 -28.17 34.57 18.99
C GLY C 65 -26.69 34.68 18.72
N VAL C 66 -26.03 33.56 18.38
CA VAL C 66 -24.62 33.62 18.03
C VAL C 66 -24.51 34.34 16.70
N MET C 67 -23.49 35.18 16.56
CA MET C 67 -23.32 36.02 15.40
C MET C 67 -21.86 36.10 14.98
N PRO C 68 -21.57 36.61 13.78
CA PRO C 68 -20.18 36.79 13.38
C PRO C 68 -19.30 37.57 14.35
N GLY C 69 -18.00 37.25 14.34
CA GLY C 69 -17.07 37.75 15.31
C GLY C 69 -16.96 36.91 16.56
N GLN C 70 -17.91 36.00 16.79
CA GLN C 70 -17.84 35.11 17.94
C GLN C 70 -16.63 34.20 17.84
N ARG C 71 -15.81 34.21 18.90
CA ARG C 71 -14.68 33.30 19.00
C ARG C 71 -15.14 32.01 19.67
N TYR C 72 -14.97 30.89 18.99
CA TYR C 72 -15.47 29.62 19.50
C TYR C 72 -14.45 28.51 19.26
N GLY C 73 -14.65 27.42 19.99
CA GLY C 73 -13.82 26.24 19.87
C GLY C 73 -14.58 25.04 20.38
N PHE C 74 -13.92 23.89 20.37
CA PHE C 74 -14.53 22.64 20.80
C PHE C 74 -13.67 21.98 21.86
N ARG C 75 -14.33 21.26 22.77
CA ARG C 75 -13.67 20.45 23.78
C ARG C 75 -14.22 19.03 23.67
N VAL C 76 -13.40 18.12 23.15
CA VAL C 76 -13.83 16.75 22.87
C VAL C 76 -13.55 15.89 24.09
N HIS C 77 -14.62 15.37 24.69
CA HIS C 77 -14.49 14.43 25.80
C HIS C 77 -14.43 13.02 25.22
N GLY C 78 -13.24 12.42 25.24
CA GLY C 78 -13.03 11.09 24.73
C GLY C 78 -11.81 10.45 25.34
N PRO C 79 -11.66 9.14 25.14
CA PRO C 79 -10.54 8.42 25.76
C PRO C 79 -9.20 8.86 25.20
N TYR C 80 -8.25 9.09 26.11
CA TYR C 80 -6.87 9.36 25.72
C TYR C 80 -6.13 8.03 25.74
N ALA C 81 -5.92 7.46 24.55
CA ALA C 81 -5.35 6.11 24.42
C ALA C 81 -4.42 6.07 23.22
N PRO C 82 -3.19 6.57 23.38
CA PRO C 82 -2.23 6.50 22.26
C PRO C 82 -1.91 5.08 21.83
N GLU C 83 -1.94 4.12 22.76
CA GLU C 83 -1.71 2.73 22.38
C GLU C 83 -2.82 2.21 21.48
N ARG C 84 -4.03 2.78 21.59
CA ARG C 84 -5.13 2.45 20.70
C ARG C 84 -5.28 3.44 19.56
N GLY C 85 -4.70 4.64 19.70
CA GLY C 85 -4.72 5.64 18.64
C GLY C 85 -5.55 6.87 18.93
N LEU C 86 -6.22 6.94 20.07
CA LEU C 86 -7.07 8.07 20.42
C LEU C 86 -6.28 9.03 21.30
N ARG C 87 -6.17 10.28 20.88
CA ARG C 87 -5.51 11.32 21.65
C ARG C 87 -6.49 12.44 21.99
N CYS C 88 -7.72 12.06 22.32
CA CYS C 88 -8.72 13.04 22.73
C CYS C 88 -8.32 13.65 24.07
N ASN C 89 -8.63 14.94 24.22
CA ASN C 89 -8.27 15.65 25.45
C ASN C 89 -9.22 16.83 25.61
N ALA C 90 -10.13 16.75 26.59
CA ALA C 90 -11.01 17.86 26.89
C ALA C 90 -10.26 19.06 27.45
N ALA C 91 -9.01 18.89 27.87
CA ALA C 91 -8.22 20.00 28.38
C ALA C 91 -7.76 20.97 27.28
N LYS C 92 -7.85 20.57 26.01
CA LYS C 92 -7.40 21.39 24.91
C LYS C 92 -8.60 21.97 24.16
N LEU C 93 -8.50 23.24 23.79
CA LEU C 93 -9.57 23.92 23.05
C LEU C 93 -9.30 23.74 21.56
N LEU C 94 -9.91 22.72 20.99
CA LEU C 94 -9.66 22.39 19.58
C LEU C 94 -10.23 23.45 18.66
N LEU C 95 -9.54 23.66 17.54
CA LEU C 95 -10.07 24.49 16.48
C LEU C 95 -11.12 23.72 15.68
N ASP C 96 -11.95 24.46 14.97
CA ASP C 96 -12.85 23.87 14.01
C ASP C 96 -12.10 23.68 12.69
N PRO C 97 -11.99 22.45 12.17
CA PRO C 97 -11.34 22.27 10.87
C PRO C 97 -12.02 23.05 9.76
N TYR C 98 -13.34 23.21 9.83
CA TYR C 98 -14.10 23.99 8.87
C TYR C 98 -14.18 25.46 9.25
N ALA C 99 -13.28 25.93 10.12
CA ALA C 99 -13.28 27.33 10.52
C ALA C 99 -13.02 28.22 9.31
N ARG C 100 -14.00 29.03 8.95
CA ARG C 100 -13.85 29.97 7.85
C ARG C 100 -13.00 31.19 8.23
N ALA C 101 -12.69 31.35 9.52
CA ALA C 101 -11.82 32.44 9.95
C ALA C 101 -11.23 32.07 11.31
N VAL C 102 -9.91 32.19 11.43
CA VAL C 102 -9.20 31.90 12.66
C VAL C 102 -8.47 33.15 13.12
N SER C 103 -8.67 33.51 14.38
CA SER C 103 -8.09 34.71 14.96
C SER C 103 -7.03 34.35 15.99
N GLY C 104 -5.96 35.15 16.04
CA GLY C 104 -4.88 34.92 16.97
C GLY C 104 -3.83 33.99 16.42
N ARG C 105 -2.81 33.74 17.25
CA ARG C 105 -1.73 32.82 16.92
C ARG C 105 -1.48 31.90 18.11
N VAL C 106 -0.55 30.97 17.93
CA VAL C 106 -0.29 29.92 18.91
C VAL C 106 0.74 30.43 19.92
N ARG C 107 0.29 30.67 21.15
CA ARG C 107 1.19 30.99 22.25
C ARG C 107 1.92 29.72 22.67
N TRP C 108 3.11 29.50 22.12
CA TRP C 108 3.81 28.23 22.30
C TRP C 108 4.20 28.04 23.77
N GLY C 109 3.75 26.93 24.34
CA GLY C 109 4.08 26.61 25.71
C GLY C 109 3.82 25.15 26.01
N GLU C 110 3.86 24.83 27.31
CA GLU C 110 3.65 23.46 27.76
C GLU C 110 2.20 23.01 27.63
N ALA C 111 1.27 23.91 27.30
CA ALA C 111 -0.15 23.60 27.40
C ALA C 111 -0.81 23.21 26.09
N VAL C 112 -0.21 23.50 24.94
CA VAL C 112 -0.86 23.29 23.65
C VAL C 112 -0.60 21.88 23.14
N TYR C 113 0.03 21.04 23.96
CA TYR C 113 0.65 19.83 23.44
C TYR C 113 -0.13 18.54 23.73
N GLY C 114 -1.02 18.53 24.72
CA GLY C 114 -1.81 17.34 24.97
C GLY C 114 -1.07 16.19 25.63
N TYR C 115 0.22 16.33 25.88
CA TYR C 115 1.01 15.36 26.63
C TYR C 115 2.03 16.14 27.47
N PRO C 116 2.37 15.64 28.65
CA PRO C 116 3.39 16.32 29.46
C PRO C 116 4.75 16.29 28.77
N PHE C 117 5.52 17.36 29.00
CA PHE C 117 6.71 17.64 28.18
C PHE C 117 7.82 16.62 28.33
N GLY C 118 7.62 15.55 29.09
CA GLY C 118 8.57 14.47 29.14
C GLY C 118 7.87 13.12 29.18
N ARG C 119 6.65 13.08 28.64
CA ARG C 119 5.75 11.96 28.82
C ARG C 119 4.84 11.75 27.62
N PRO C 120 5.37 11.49 26.41
CA PRO C 120 4.48 11.43 25.23
C PRO C 120 3.23 10.59 25.42
N ASP C 121 3.33 9.48 26.14
CA ASP C 121 2.21 8.56 26.34
C ASP C 121 1.26 9.00 27.45
N ALA C 122 1.54 10.09 28.14
CA ALA C 122 0.69 10.57 29.21
C ALA C 122 -0.20 11.70 28.70
N ARG C 123 -1.11 12.16 29.56
CA ARG C 123 -2.10 13.16 29.22
C ARG C 123 -1.73 14.49 29.86
N ASN C 124 -1.97 15.57 29.12
CA ASN C 124 -1.69 16.94 29.57
C ASN C 124 -3.01 17.59 29.97
N ASP C 125 -3.21 17.78 31.26
CA ASP C 125 -4.40 18.46 31.78
C ASP C 125 -4.11 19.94 32.01
N LEU C 126 -3.65 20.60 30.96
CA LEU C 126 -3.46 22.05 30.94
C LEU C 126 -4.43 22.67 29.96
N ASP C 127 -5.14 23.70 30.40
CA ASP C 127 -6.07 24.39 29.53
C ASP C 127 -5.33 25.03 28.36
N SER C 128 -5.83 24.79 27.15
CA SER C 128 -5.20 25.31 25.94
C SER C 128 -5.83 26.60 25.45
N ALA C 129 -7.00 26.97 25.98
CA ALA C 129 -7.75 28.14 25.51
C ALA C 129 -6.91 29.41 25.40
N PRO C 130 -6.17 29.85 26.42
CA PRO C 130 -5.44 31.12 26.30
C PRO C 130 -4.29 31.07 25.33
N ASP C 131 -3.77 29.89 25.01
CA ASP C 131 -2.59 29.78 24.13
C ASP C 131 -2.93 29.33 22.72
N THR C 132 -4.16 28.92 22.45
CA THR C 132 -4.55 28.42 21.14
C THR C 132 -5.10 29.52 20.24
N MET C 133 -5.10 29.23 18.95
CA MET C 133 -5.86 30.03 18.00
C MET C 133 -7.34 29.77 18.22
N THR C 134 -8.20 30.69 17.76
CA THR C 134 -9.64 30.55 17.97
C THR C 134 -10.36 30.73 16.65
N SER C 135 -11.27 29.80 16.35
CA SER C 135 -12.13 29.95 15.19
C SER C 135 -13.16 31.04 15.42
N VAL C 136 -13.49 31.75 14.34
CA VAL C 136 -14.40 32.89 14.39
C VAL C 136 -15.58 32.63 13.46
N VAL C 137 -16.78 32.90 13.95
CA VAL C 137 -17.96 32.86 13.10
C VAL C 137 -17.91 34.01 12.11
N VAL C 138 -18.28 33.73 10.86
CA VAL C 138 -18.12 34.68 9.77
C VAL C 138 -19.48 34.99 9.17
N ASN C 139 -19.69 36.26 8.82
CA ASN C 139 -20.82 36.63 7.97
C ASN C 139 -20.40 36.41 6.53
N PRO C 140 -20.95 35.40 5.85
CA PRO C 140 -20.47 35.06 4.50
C PRO C 140 -20.81 36.08 3.45
N TYR C 141 -21.45 37.20 3.80
CA TYR C 141 -21.87 38.16 2.80
C TYR C 141 -20.68 38.80 2.11
N PHE C 142 -20.78 38.93 0.79
CA PHE C 142 -19.85 39.73 0.02
C PHE C 142 -20.51 40.09 -1.30
N ASP C 143 -20.37 41.35 -1.69
CA ASP C 143 -20.99 41.86 -2.91
C ASP C 143 -19.94 41.86 -4.02
N TRP C 144 -19.73 40.68 -4.60
CA TRP C 144 -19.08 40.62 -5.90
C TRP C 144 -20.03 41.21 -6.94
N GLY C 145 -19.52 42.14 -7.73
CA GLY C 145 -20.36 42.81 -8.70
C GLY C 145 -20.28 42.07 -10.00
N ASP C 146 -19.62 42.65 -11.00
CA ASP C 146 -19.26 41.93 -12.21
C ASP C 146 -17.96 41.16 -11.93
N ASP C 147 -18.09 40.05 -11.21
CA ASP C 147 -16.95 39.22 -10.84
C ASP C 147 -16.95 37.90 -11.60
N ARG C 148 -17.38 37.91 -12.87
CA ARG C 148 -17.24 36.73 -13.69
C ARG C 148 -15.76 36.43 -13.90
N ARG C 149 -15.36 35.19 -13.61
CA ARG C 149 -13.96 34.86 -13.58
C ARG C 149 -13.38 34.86 -14.99
N PRO C 150 -12.12 35.28 -15.15
CA PRO C 150 -11.47 35.12 -16.46
C PRO C 150 -11.13 33.67 -16.72
N ARG C 151 -11.89 33.01 -17.61
CA ARG C 151 -11.55 31.67 -18.07
C ARG C 151 -10.45 31.76 -19.12
N THR C 152 -9.34 32.38 -18.70
CA THR C 152 -8.18 32.52 -19.57
C THR C 152 -7.68 31.15 -19.95
N GLU C 153 -7.69 30.85 -21.24
CA GLU C 153 -7.46 29.49 -21.70
C GLU C 153 -6.09 29.00 -21.29
N TYR C 154 -5.96 27.66 -21.23
CA TYR C 154 -4.75 27.06 -20.67
C TYR C 154 -3.53 27.38 -21.52
N HIS C 155 -3.70 27.51 -22.83
CA HIS C 155 -2.59 27.85 -23.71
C HIS C 155 -2.32 29.34 -23.78
N HIS C 156 -3.08 30.17 -23.06
CA HIS C 156 -2.78 31.57 -22.89
C HIS C 156 -2.26 31.89 -21.50
N THR C 157 -2.04 30.87 -20.67
CA THR C 157 -1.73 31.09 -19.26
C THR C 157 -0.25 31.39 -19.06
N VAL C 158 0.02 32.35 -18.19
CA VAL C 158 1.37 32.64 -17.70
C VAL C 158 1.25 32.70 -16.18
N ILE C 159 1.70 31.64 -15.51
CA ILE C 159 1.53 31.53 -14.07
C ILE C 159 2.67 32.28 -13.37
N TYR C 160 2.30 33.09 -12.37
CA TYR C 160 3.26 33.88 -11.59
C TYR C 160 3.17 33.39 -10.15
N GLU C 161 4.11 32.54 -9.75
CA GLU C 161 4.15 32.10 -8.36
C GLU C 161 4.67 33.24 -7.48
N ALA C 162 3.86 33.65 -6.52
CA ALA C 162 4.18 34.79 -5.67
C ALA C 162 3.68 34.54 -4.26
N HIS C 163 4.40 35.10 -3.29
CA HIS C 163 3.97 35.06 -1.91
C HIS C 163 3.14 36.28 -1.57
N VAL C 164 2.20 36.10 -0.65
CA VAL C 164 1.33 37.21 -0.24
C VAL C 164 2.15 38.30 0.45
N LYS C 165 2.86 37.93 1.51
CA LYS C 165 3.64 38.91 2.25
C LYS C 165 4.88 39.35 1.48
N GLY C 166 5.45 38.46 0.66
CA GLY C 166 6.70 38.80 -0.01
C GLY C 166 6.54 39.75 -1.17
N LEU C 167 5.40 39.69 -1.87
CA LEU C 167 5.23 40.50 -3.08
C LEU C 167 5.16 41.98 -2.76
N THR C 168 4.48 42.35 -1.66
CA THR C 168 4.13 43.75 -1.41
C THR C 168 4.76 44.40 -0.20
N MET C 169 5.43 43.65 0.68
CA MET C 169 5.96 44.20 1.92
C MET C 169 6.98 45.32 1.72
N LEU C 170 7.66 45.29 0.58
CA LEU C 170 8.72 46.25 0.28
C LEU C 170 8.39 47.10 -0.94
N HIS C 171 7.12 47.17 -1.33
CA HIS C 171 6.74 47.98 -2.47
C HIS C 171 6.77 49.46 -2.07
N PRO C 172 7.61 50.29 -2.70
CA PRO C 172 7.61 51.72 -2.37
C PRO C 172 6.45 52.45 -3.01
N ASP C 173 5.28 51.84 -2.96
CA ASP C 173 4.05 52.45 -3.49
C ASP C 173 2.83 52.24 -2.61
N LEU C 174 2.89 51.33 -1.64
CA LEU C 174 1.70 51.09 -0.86
C LEU C 174 1.82 51.75 0.51
N PRO C 175 0.69 52.12 1.12
CA PRO C 175 0.74 52.56 2.52
C PRO C 175 1.27 51.45 3.41
N GLU C 176 2.01 51.84 4.45
CA GLU C 176 2.56 50.88 5.40
C GLU C 176 1.50 49.90 5.92
N GLU C 177 0.25 50.36 6.02
CA GLU C 177 -0.83 49.49 6.47
C GLU C 177 -1.09 48.35 5.49
N LEU C 178 -0.85 48.59 4.19
CA LEU C 178 -1.15 47.59 3.17
C LEU C 178 0.02 46.67 2.86
N ARG C 179 1.25 47.13 3.03
CA ARG C 179 2.43 46.38 2.63
C ARG C 179 2.46 44.98 3.26
N GLY C 180 2.38 43.97 2.41
CA GLY C 180 2.52 42.59 2.85
C GLY C 180 1.23 41.88 3.22
N THR C 181 0.07 42.43 2.87
CA THR C 181 -1.21 41.85 3.25
C THR C 181 -2.02 41.48 1.99
N TYR C 182 -3.20 40.92 2.23
CA TYR C 182 -4.10 40.60 1.12
C TYR C 182 -4.54 41.85 0.37
N ALA C 183 -4.76 42.94 1.09
CA ALA C 183 -5.27 44.16 0.45
C ALA C 183 -4.19 44.83 -0.38
N GLY C 184 -2.94 44.79 0.07
CA GLY C 184 -1.85 45.30 -0.75
C GLY C 184 -1.69 44.54 -2.05
N LEU C 185 -2.07 43.26 -2.04
CA LEU C 185 -2.12 42.49 -3.27
C LEU C 185 -3.16 43.06 -4.24
N ALA C 186 -4.17 43.75 -3.70
CA ALA C 186 -5.22 44.37 -4.49
C ALA C 186 -4.89 45.79 -4.92
N HIS C 187 -3.73 46.30 -4.54
CA HIS C 187 -3.39 47.68 -4.86
C HIS C 187 -3.13 47.82 -6.36
N PRO C 188 -3.56 48.93 -6.97
CA PRO C 188 -3.42 49.07 -8.43
C PRO C 188 -1.97 49.06 -8.90
N SER C 189 -1.03 49.55 -8.11
CA SER C 189 0.37 49.56 -8.52
C SER C 189 1.00 48.17 -8.51
N VAL C 190 0.36 47.19 -7.88
CA VAL C 190 0.85 45.82 -7.89
C VAL C 190 0.21 45.07 -9.05
N ILE C 191 -1.12 45.09 -9.09
CA ILE C 191 -1.84 44.45 -10.19
C ILE C 191 -1.40 45.02 -11.52
N GLY C 192 -1.16 46.34 -11.56
CA GLY C 192 -0.63 46.96 -12.77
C GLY C 192 0.70 46.39 -13.18
N HIS C 193 1.55 46.03 -12.22
CA HIS C 193 2.85 45.46 -12.55
C HIS C 193 2.71 44.05 -13.12
N LEU C 194 1.82 43.23 -12.53
CA LEU C 194 1.55 41.91 -13.09
C LEU C 194 0.94 42.02 -14.48
N ARG C 195 0.05 43.00 -14.68
CA ARG C 195 -0.48 43.27 -16.00
C ARG C 195 0.63 43.67 -16.97
N GLU C 196 1.56 44.52 -16.50
CA GLU C 196 2.67 44.94 -17.34
C GLU C 196 3.59 43.78 -17.68
N LEU C 197 3.65 42.76 -16.81
CA LEU C 197 4.54 41.63 -17.04
C LEU C 197 3.97 40.70 -18.13
N GLY C 198 2.72 40.29 -17.98
CA GLY C 198 2.10 39.41 -18.95
C GLY C 198 1.43 38.21 -18.32
N VAL C 199 1.48 38.13 -17.00
CA VAL C 199 0.93 36.98 -16.29
C VAL C 199 -0.59 36.99 -16.40
N THR C 200 -1.17 35.80 -16.50
CA THR C 200 -2.61 35.63 -16.52
C THR C 200 -3.10 34.78 -15.35
N ALA C 201 -2.24 34.51 -14.38
CA ALA C 201 -2.61 33.70 -13.22
C ALA C 201 -1.60 33.95 -12.11
N LEU C 202 -2.09 34.28 -10.92
CA LEU C 202 -1.25 34.53 -9.75
C LEU C 202 -1.28 33.30 -8.87
N GLU C 203 -0.16 32.59 -8.78
CA GLU C 203 -0.06 31.46 -7.87
C GLU C 203 0.38 31.97 -6.50
N LEU C 204 -0.50 31.83 -5.52
CA LEU C 204 -0.30 32.40 -4.19
C LEU C 204 0.16 31.32 -3.24
N MET C 205 1.38 31.46 -2.72
CA MET C 205 1.93 30.56 -1.71
C MET C 205 0.97 30.50 -0.54
N PRO C 206 0.92 29.35 0.16
CA PRO C 206 -0.25 28.99 0.97
C PRO C 206 -0.91 30.12 1.75
N VAL C 207 -2.18 30.37 1.44
CA VAL C 207 -2.99 31.34 2.17
C VAL C 207 -3.91 30.67 3.18
N HIS C 208 -4.10 29.35 3.08
CA HIS C 208 -4.70 28.60 4.18
C HIS C 208 -3.95 28.95 5.46
N GLN C 209 -4.69 29.32 6.49
CA GLN C 209 -4.05 29.77 7.72
C GLN C 209 -3.19 28.64 8.30
N PHE C 210 -1.96 28.99 8.67
CA PHE C 210 -1.01 28.00 9.13
C PHE C 210 -0.45 28.36 10.50
N VAL C 211 0.51 27.58 10.97
CA VAL C 211 1.08 27.73 12.30
C VAL C 211 2.57 27.98 12.16
N ASN C 212 3.10 28.88 12.99
CA ASN C 212 4.54 29.05 13.09
C ASN C 212 5.12 27.87 13.85
N ASP C 213 6.00 27.11 13.20
CA ASP C 213 6.57 25.91 13.80
C ASP C 213 7.21 26.23 15.14
N HIS C 214 6.85 25.45 16.16
CA HIS C 214 7.41 25.65 17.50
C HIS C 214 8.93 25.61 17.46
N ARG C 215 9.51 24.67 16.71
CA ARG C 215 10.96 24.62 16.54
C ARG C 215 11.50 25.83 15.82
N LEU C 216 10.66 26.55 15.07
CA LEU C 216 11.08 27.78 14.41
C LEU C 216 10.88 29.01 15.26
N VAL C 217 9.89 28.99 16.17
CA VAL C 217 9.57 30.18 16.96
C VAL C 217 10.66 30.44 18.00
N ASP C 218 10.93 29.45 18.84
CA ASP C 218 12.03 29.61 19.80
C ASP C 218 13.36 29.30 19.10
N ALA C 219 13.54 29.90 17.92
CA ALA C 219 14.81 29.87 17.22
C ALA C 219 15.09 31.21 16.54
N GLY C 220 14.30 32.24 16.84
CA GLY C 220 14.41 33.52 16.16
C GLY C 220 13.70 33.61 14.83
N LEU C 221 13.23 32.48 14.29
CA LEU C 221 12.63 32.41 12.97
C LEU C 221 11.12 32.25 13.08
N SER C 222 10.48 32.04 11.93
CA SER C 222 9.04 31.83 11.87
C SER C 222 8.71 31.18 10.54
N ASN C 223 7.60 30.43 10.52
CA ASN C 223 7.15 29.81 9.28
C ASN C 223 6.78 30.87 8.27
N TYR C 224 7.49 30.89 7.14
CA TYR C 224 7.33 31.94 6.14
C TYR C 224 6.51 31.51 4.94
N TRP C 225 6.83 30.36 4.33
CA TRP C 225 6.10 29.93 3.16
C TRP C 225 4.66 29.52 3.52
N GLY C 226 4.49 28.84 4.64
CA GLY C 226 3.17 28.50 5.12
C GLY C 226 2.65 27.13 4.75
N TYR C 227 3.52 26.18 4.43
CA TYR C 227 3.06 24.82 4.14
C TYR C 227 2.85 24.06 5.44
N ASN C 228 2.15 24.68 6.39
CA ASN C 228 1.93 24.11 7.72
C ASN C 228 0.53 24.48 8.21
N THR C 229 -0.48 24.31 7.34
CA THR C 229 -1.81 24.84 7.61
C THR C 229 -2.55 24.00 8.65
N ILE C 230 -3.52 24.64 9.33
CA ILE C 230 -4.45 23.96 10.23
C ILE C 230 -5.87 24.19 9.79
N GLY C 231 -6.11 25.30 9.10
CA GLY C 231 -7.46 25.60 8.68
C GLY C 231 -7.53 25.67 7.17
N PHE C 232 -8.19 24.68 6.59
CA PHE C 232 -8.30 24.60 5.14
C PHE C 232 -9.45 25.43 4.61
N PHE C 233 -9.96 26.35 5.42
CA PHE C 233 -11.06 27.22 5.02
C PHE C 233 -10.70 28.67 5.33
N ALA C 234 -9.84 28.88 6.31
CA ALA C 234 -9.59 30.26 6.75
C ALA C 234 -8.39 30.85 6.02
N PRO C 235 -8.48 32.12 5.63
CA PRO C 235 -7.29 32.82 5.14
C PRO C 235 -6.36 33.16 6.29
N HIS C 236 -5.07 33.24 5.98
CA HIS C 236 -4.07 33.45 7.02
C HIS C 236 -4.25 34.82 7.66
N ASN C 237 -4.47 34.84 8.97
CA ASN C 237 -4.74 36.09 9.67
C ASN C 237 -3.54 37.03 9.64
N ALA C 238 -2.32 36.48 9.61
CA ALA C 238 -1.14 37.33 9.57
C ALA C 238 -1.03 38.13 8.28
N TYR C 239 -1.74 37.73 7.23
CA TYR C 239 -1.78 38.47 5.98
C TYR C 239 -2.97 39.43 5.91
N ALA C 240 -3.54 39.80 7.06
CA ALA C 240 -4.73 40.63 7.11
C ALA C 240 -4.43 41.90 7.88
N SER C 241 -4.54 43.03 7.19
CA SER C 241 -4.42 44.34 7.83
C SER C 241 -5.76 44.88 8.33
N TRP C 242 -6.86 44.19 8.05
CA TRP C 242 -8.18 44.63 8.48
C TRP C 242 -8.65 43.95 9.75
N GLY C 243 -7.90 42.99 10.27
CA GLY C 243 -8.26 42.28 11.49
C GLY C 243 -8.33 40.78 11.27
N ASP C 244 -8.49 40.08 12.39
CA ASP C 244 -8.57 38.63 12.39
C ASP C 244 -9.91 38.07 12.85
N ARG C 245 -10.82 38.91 13.35
CA ARG C 245 -12.15 38.46 13.75
C ARG C 245 -13.06 38.30 12.52
N GLY C 246 -12.66 37.38 11.64
CA GLY C 246 -13.34 37.20 10.38
C GLY C 246 -13.11 38.31 9.38
N GLN C 247 -12.40 39.38 9.76
CA GLN C 247 -12.13 40.46 8.83
C GLN C 247 -11.18 40.04 7.72
N GLN C 248 -10.37 39.00 7.96
CA GLN C 248 -9.43 38.54 6.93
C GLN C 248 -10.12 37.90 5.74
N VAL C 249 -11.26 37.24 5.95
CA VAL C 249 -11.99 36.67 4.84
C VAL C 249 -12.54 37.76 3.92
N LEU C 250 -12.63 38.99 4.43
CA LEU C 250 -13.08 40.11 3.60
C LEU C 250 -11.94 40.68 2.77
N GLU C 251 -10.74 40.75 3.34
CA GLU C 251 -9.56 41.16 2.57
C GLU C 251 -9.39 40.28 1.34
N PHE C 252 -9.40 38.96 1.55
CA PHE C 252 -9.13 38.03 0.47
C PHE C 252 -10.18 38.15 -0.63
N LYS C 253 -11.46 38.21 -0.25
CA LYS C 253 -12.53 38.29 -1.24
C LYS C 253 -12.39 39.55 -2.10
N SER C 254 -12.18 40.70 -1.45
CA SER C 254 -11.95 41.93 -2.20
C SER C 254 -10.59 41.93 -2.90
N ALA C 255 -9.65 41.09 -2.43
CA ALA C 255 -8.39 40.93 -3.15
C ALA C 255 -8.54 40.04 -4.37
N VAL C 256 -9.53 39.15 -4.37
CA VAL C 256 -9.83 38.35 -5.56
C VAL C 256 -10.53 39.21 -6.60
N ARG C 257 -11.57 39.95 -6.18
CA ARG C 257 -12.32 40.77 -7.12
C ARG C 257 -11.45 41.88 -7.71
N ALA C 258 -10.39 42.29 -7.02
CA ALA C 258 -9.46 43.25 -7.61
C ALA C 258 -8.59 42.58 -8.68
N LEU C 259 -8.21 41.32 -8.46
CA LEU C 259 -7.47 40.59 -9.47
C LEU C 259 -8.37 40.20 -10.64
N HIS C 260 -9.59 39.73 -10.34
CA HIS C 260 -10.51 39.37 -11.41
C HIS C 260 -10.89 40.58 -12.27
N GLN C 261 -10.92 41.77 -11.68
CA GLN C 261 -11.23 42.98 -12.45
C GLN C 261 -10.18 43.30 -13.49
N ALA C 262 -8.94 42.82 -13.30
CA ALA C 262 -7.87 43.07 -14.25
C ALA C 262 -7.62 41.89 -15.19
N GLY C 263 -8.38 40.80 -15.03
CA GLY C 263 -8.20 39.64 -15.89
C GLY C 263 -7.14 38.67 -15.44
N ILE C 264 -6.74 38.70 -14.18
CA ILE C 264 -5.73 37.79 -13.63
C ILE C 264 -6.44 36.69 -12.85
N GLU C 265 -6.07 35.44 -13.11
CA GLU C 265 -6.58 34.33 -12.34
C GLU C 265 -5.85 34.24 -10.99
N VAL C 266 -6.51 33.61 -10.03
CA VAL C 266 -5.95 33.43 -8.69
C VAL C 266 -5.90 31.93 -8.44
N ILE C 267 -4.72 31.34 -8.62
CA ILE C 267 -4.48 29.93 -8.34
C ILE C 267 -3.73 29.88 -7.01
N LEU C 268 -4.42 29.61 -5.91
CA LEU C 268 -3.75 29.59 -4.62
C LEU C 268 -3.14 28.22 -4.35
N ASP C 269 -1.96 28.23 -3.73
CA ASP C 269 -1.28 27.00 -3.36
C ASP C 269 -1.98 26.38 -2.16
N VAL C 270 -2.24 25.07 -2.24
CA VAL C 270 -2.91 24.34 -1.17
C VAL C 270 -2.02 23.22 -0.68
N VAL C 271 -2.05 22.97 0.62
CA VAL C 271 -1.24 21.92 1.25
C VAL C 271 -2.22 21.04 2.02
N TYR C 272 -2.73 20.01 1.37
CA TYR C 272 -3.65 19.08 2.01
C TYR C 272 -2.97 17.81 2.50
N ASN C 273 -1.68 17.64 2.22
CA ASN C 273 -1.00 16.40 2.58
C ASN C 273 -0.79 16.30 4.09
N HIS C 274 -0.37 17.39 4.74
CA HIS C 274 -0.01 17.32 6.14
C HIS C 274 -0.54 18.55 6.89
N THR C 275 -0.70 18.38 8.20
CA THR C 275 -1.22 19.40 9.09
C THR C 275 -0.08 19.98 9.93
N ALA C 276 -0.34 21.11 10.57
CA ALA C 276 0.64 21.70 11.48
C ALA C 276 0.69 20.99 12.83
N GLU C 277 -0.25 20.10 13.11
CA GLU C 277 -0.18 19.33 14.35
C GLU C 277 1.02 18.40 14.36
N GLY C 278 1.59 18.10 13.19
CA GLY C 278 2.76 17.26 13.09
C GLY C 278 2.46 15.83 13.52
N ASN C 279 3.55 15.12 13.84
CA ASN C 279 3.47 13.76 14.35
C ASN C 279 3.11 13.79 15.84
N HIS C 280 3.26 12.66 16.52
CA HIS C 280 3.26 12.71 17.98
C HIS C 280 4.39 13.65 18.44
N LEU C 281 4.38 13.97 19.72
CA LEU C 281 5.20 15.05 20.30
C LEU C 281 4.83 16.41 19.74
N GLY C 282 3.77 16.51 18.93
CA GLY C 282 3.37 17.76 18.37
C GLY C 282 2.16 18.33 19.08
N PRO C 283 1.77 19.55 18.72
CA PRO C 283 0.64 20.19 19.42
C PRO C 283 -0.69 19.53 19.11
N THR C 284 -1.58 19.57 20.09
CA THR C 284 -2.96 19.09 19.94
C THR C 284 -3.82 20.33 19.71
N LEU C 285 -4.07 20.64 18.44
CA LEU C 285 -4.74 21.89 18.09
C LEU C 285 -6.08 21.70 17.41
N SER C 286 -6.14 20.94 16.32
CA SER C 286 -7.39 20.86 15.55
C SER C 286 -7.93 19.43 15.47
N MET C 287 -7.15 18.49 14.95
CA MET C 287 -7.70 17.19 14.54
C MET C 287 -7.27 16.04 15.43
N ARG C 288 -6.07 16.17 16.00
CA ARG C 288 -5.63 15.25 17.03
C ARG C 288 -6.62 15.02 18.16
N GLY C 289 -7.23 16.10 18.65
CA GLY C 289 -8.22 15.99 19.70
C GLY C 289 -9.61 15.64 19.21
N LEU C 290 -9.90 15.83 17.92
CA LEU C 290 -11.24 15.50 17.42
C LEU C 290 -11.36 14.01 17.15
N ASP C 291 -10.61 13.51 16.17
CA ASP C 291 -10.61 12.08 15.85
C ASP C 291 -9.25 11.77 15.22
N ASN C 292 -8.32 11.28 16.04
CA ASN C 292 -6.97 11.05 15.54
C ASN C 292 -6.91 9.91 14.52
N PRO C 293 -7.53 8.75 14.74
CA PRO C 293 -7.36 7.66 13.76
C PRO C 293 -8.04 7.92 12.42
N SER C 294 -9.15 8.66 12.38
CA SER C 294 -9.89 8.85 11.15
C SER C 294 -9.43 10.07 10.36
N TYR C 295 -8.51 10.86 10.89
CA TYR C 295 -7.97 12.02 10.20
C TYR C 295 -6.54 11.83 9.72
N TYR C 296 -5.68 11.25 10.54
CA TYR C 296 -4.26 11.11 10.24
C TYR C 296 -3.92 9.68 9.83
N ARG C 297 -2.89 9.56 8.99
CA ARG C 297 -2.33 8.27 8.64
C ARG C 297 -1.43 7.83 9.79
N LEU C 298 -1.99 7.03 10.69
CA LEU C 298 -1.22 6.49 11.80
C LEU C 298 -0.35 5.33 11.33
N ALA C 299 0.77 5.13 12.01
CA ALA C 299 1.64 4.01 11.71
C ALA C 299 0.95 2.71 12.11
N ASP C 300 1.60 1.58 11.80
CA ASP C 300 1.07 0.29 12.24
C ASP C 300 1.46 0.06 13.69
N ASP C 301 1.29 1.10 14.49
CA ASP C 301 1.39 1.21 15.94
C ASP C 301 0.70 2.52 16.26
N PRO C 302 -0.66 2.53 16.37
CA PRO C 302 -1.44 3.77 16.21
C PRO C 302 -0.90 4.98 16.96
N ARG C 303 0.00 4.75 17.90
CA ARG C 303 0.66 5.83 18.62
C ARG C 303 1.47 6.73 17.68
N TYR C 304 2.07 6.15 16.65
CA TYR C 304 3.00 6.87 15.78
C TYR C 304 2.31 7.25 14.48
N TYR C 305 2.94 8.17 13.75
CA TYR C 305 2.33 8.81 12.59
C TYR C 305 3.16 8.50 11.36
N MET C 306 2.53 7.89 10.37
CA MET C 306 3.15 7.71 9.05
C MET C 306 3.37 9.08 8.42
N ASP C 307 4.51 9.27 7.76
CA ASP C 307 4.93 10.58 7.28
C ASP C 307 5.55 10.40 5.89
N THR C 308 4.75 10.62 4.85
CA THR C 308 5.23 10.62 3.48
C THR C 308 5.55 12.03 2.99
N THR C 309 5.51 13.02 3.88
CA THR C 309 5.85 14.40 3.53
C THR C 309 7.12 14.89 4.22
N GLY C 310 7.66 14.13 5.16
CA GLY C 310 8.83 14.58 5.89
C GLY C 310 8.59 15.74 6.82
N THR C 311 7.34 15.98 7.20
CA THR C 311 6.95 17.12 8.03
C THR C 311 6.06 16.66 9.17
N GLY C 312 6.41 15.56 9.82
CA GLY C 312 5.67 15.10 10.97
C GLY C 312 4.59 14.08 10.66
N ASN C 313 3.51 14.52 10.01
CA ASN C 313 2.36 13.64 9.83
C ASN C 313 1.88 13.56 8.38
N SER C 314 0.76 12.87 8.19
CA SER C 314 0.09 12.80 6.89
C SER C 314 -1.40 12.58 7.15
N LEU C 315 -2.20 12.82 6.12
CA LEU C 315 -3.64 12.75 6.24
C LEU C 315 -4.16 11.47 5.59
N LEU C 316 -5.13 10.83 6.25
CA LEU C 316 -5.67 9.56 5.77
C LEU C 316 -6.53 9.84 4.55
N MET C 317 -6.04 9.47 3.38
CA MET C 317 -6.72 9.75 2.12
C MET C 317 -7.69 8.63 1.70
N ARG C 318 -8.12 7.85 2.69
CA ARG C 318 -9.07 6.77 2.46
C ARG C 318 -10.28 6.95 3.37
N SER C 319 -10.12 7.56 4.53
CA SER C 319 -11.27 7.88 5.37
C SER C 319 -12.08 9.00 4.72
N PRO C 320 -13.40 8.83 4.57
CA PRO C 320 -14.18 9.84 3.84
C PRO C 320 -14.23 11.19 4.53
N HIS C 321 -14.14 11.22 5.85
CA HIS C 321 -14.22 12.49 6.58
C HIS C 321 -13.07 13.41 6.22
N VAL C 322 -11.92 12.86 5.84
CA VAL C 322 -10.83 13.66 5.32
C VAL C 322 -11.12 14.07 3.88
N LEU C 323 -11.53 13.10 3.06
CA LEU C 323 -11.88 13.41 1.67
C LEU C 323 -12.98 14.46 1.60
N GLN C 324 -14.00 14.32 2.43
CA GLN C 324 -15.03 15.36 2.52
C GLN C 324 -14.41 16.69 2.95
N LEU C 325 -13.46 16.66 3.88
CA LEU C 325 -12.84 17.88 4.36
C LEU C 325 -12.03 18.57 3.26
N ILE C 326 -11.27 17.80 2.49
CA ILE C 326 -10.48 18.39 1.42
C ILE C 326 -11.30 18.97 0.28
N MET C 327 -12.38 18.31 -0.09
CA MET C 327 -13.27 18.81 -1.14
C MET C 327 -14.15 19.96 -0.68
N ASP C 328 -14.71 19.83 0.53
CA ASP C 328 -15.48 20.93 1.10
C ASP C 328 -14.58 22.14 1.20
N SER C 329 -13.28 21.92 1.45
CA SER C 329 -12.32 23.02 1.38
C SER C 329 -12.12 23.47 -0.06
N LEU C 330 -11.89 22.52 -0.97
CA LEU C 330 -11.64 22.86 -2.36
C LEU C 330 -12.83 23.54 -3.01
N ARG C 331 -14.05 23.14 -2.63
CA ARG C 331 -15.23 23.82 -3.15
C ARG C 331 -15.44 25.18 -2.49
N TYR C 332 -15.06 25.31 -1.22
CA TYR C 332 -15.22 26.58 -0.52
C TYR C 332 -14.52 27.71 -1.26
N TRP C 333 -13.23 27.54 -1.54
CA TRP C 333 -12.46 28.61 -2.15
C TRP C 333 -12.89 28.92 -3.58
N VAL C 334 -13.64 28.03 -4.21
CA VAL C 334 -14.13 28.27 -5.57
C VAL C 334 -15.47 28.97 -5.57
N THR C 335 -16.46 28.43 -4.86
CA THR C 335 -17.81 28.98 -4.85
C THR C 335 -18.04 29.97 -3.73
N GLU C 336 -17.04 30.23 -2.89
CA GLU C 336 -17.17 31.25 -1.86
C GLU C 336 -16.09 32.31 -1.92
N MET C 337 -14.86 31.96 -2.31
CA MET C 337 -13.76 32.91 -2.40
C MET C 337 -13.39 33.18 -3.86
N HIS C 338 -14.12 32.52 -4.77
CA HIS C 338 -13.98 32.73 -6.20
C HIS C 338 -12.57 32.51 -6.73
N VAL C 339 -11.86 31.55 -6.15
CA VAL C 339 -10.52 31.21 -6.58
C VAL C 339 -10.57 30.41 -7.87
N ASP C 340 -9.64 30.70 -8.78
CA ASP C 340 -9.69 30.16 -10.14
C ASP C 340 -9.04 28.79 -10.29
N GLY C 341 -8.33 28.30 -9.28
CA GLY C 341 -7.69 27.01 -9.41
C GLY C 341 -6.85 26.69 -8.19
N PHE C 342 -6.21 25.52 -8.25
CA PHE C 342 -5.41 25.04 -7.13
C PHE C 342 -4.10 24.45 -7.64
N ARG C 343 -3.06 24.62 -6.83
CA ARG C 343 -1.80 23.91 -7.01
C ARG C 343 -1.51 23.16 -5.72
N PHE C 344 -1.29 21.84 -5.84
CA PHE C 344 -1.20 20.96 -4.69
C PHE C 344 0.23 20.69 -4.24
N ASP C 345 0.53 21.02 -2.98
CA ASP C 345 1.84 20.71 -2.41
C ASP C 345 2.04 19.24 -2.11
N LEU C 346 3.09 18.65 -2.68
CA LEU C 346 3.36 17.21 -2.56
C LEU C 346 2.09 16.43 -2.92
N ALA C 347 1.73 16.49 -4.20
CA ALA C 347 0.46 15.95 -4.66
C ALA C 347 0.42 14.43 -4.65
N ALA C 348 1.58 13.77 -4.65
CA ALA C 348 1.59 12.31 -4.63
C ALA C 348 0.98 11.77 -3.34
N THR C 349 1.15 12.49 -2.23
CA THR C 349 0.57 12.08 -0.97
C THR C 349 -0.95 12.02 -1.04
N LEU C 350 -1.56 12.86 -1.88
CA LEU C 350 -3.01 12.88 -1.98
C LEU C 350 -3.56 11.64 -2.68
N ALA C 351 -2.72 10.92 -3.43
CA ALA C 351 -3.12 9.67 -4.06
C ALA C 351 -2.74 8.45 -3.25
N ARG C 352 -2.06 8.63 -2.12
CA ARG C 352 -1.62 7.51 -1.28
C ARG C 352 -2.82 7.01 -0.49
N GLN C 353 -3.64 6.19 -1.16
CA GLN C 353 -4.88 5.73 -0.54
C GLN C 353 -4.60 4.76 0.60
N PHE C 354 -3.69 3.80 0.41
CA PHE C 354 -3.26 2.95 1.51
C PHE C 354 -1.79 3.16 1.85
N HIS C 355 -0.88 2.77 0.96
CA HIS C 355 0.53 3.13 1.04
C HIS C 355 1.15 3.45 -0.32
N GLU C 356 0.60 2.92 -1.41
CA GLU C 356 1.07 3.14 -2.76
C GLU C 356 0.49 4.44 -3.31
N VAL C 357 1.09 4.91 -4.41
CA VAL C 357 0.53 6.06 -5.14
C VAL C 357 -0.42 5.48 -6.18
N ASP C 358 -1.65 5.22 -5.72
CA ASP C 358 -2.69 4.73 -6.61
C ASP C 358 -3.11 5.74 -7.67
N ARG C 359 -3.15 5.30 -8.93
CA ARG C 359 -3.66 6.14 -9.99
C ARG C 359 -5.21 6.24 -10.13
N LEU C 360 -5.90 5.25 -9.57
CA LEU C 360 -7.33 5.32 -9.33
C LEU C 360 -7.79 5.60 -7.89
N SER C 361 -6.98 6.34 -7.15
CA SER C 361 -7.26 6.61 -5.74
C SER C 361 -8.54 7.43 -5.60
N SER C 362 -9.13 7.37 -4.40
CA SER C 362 -10.41 8.02 -4.14
C SER C 362 -10.30 9.54 -4.22
N PHE C 363 -9.11 10.11 -4.05
CA PHE C 363 -8.96 11.55 -4.20
C PHE C 363 -9.11 11.96 -5.66
N PHE C 364 -8.40 11.29 -6.57
CA PHE C 364 -8.51 11.60 -7.98
C PHE C 364 -9.90 11.32 -8.51
N ASP C 365 -10.55 10.27 -8.00
CA ASP C 365 -11.92 9.98 -8.41
C ASP C 365 -12.87 11.07 -7.93
N LEU C 366 -12.61 11.63 -6.75
CA LEU C 366 -13.45 12.70 -6.22
C LEU C 366 -13.30 13.98 -7.03
N VAL C 367 -12.07 14.35 -7.37
CA VAL C 367 -11.82 15.61 -8.07
C VAL C 367 -12.24 15.50 -9.53
N GLN C 368 -12.02 14.35 -10.16
CA GLN C 368 -12.31 14.18 -11.58
C GLN C 368 -13.81 14.32 -11.88
N GLN C 369 -14.67 14.16 -10.88
CA GLN C 369 -16.11 14.16 -11.11
C GLN C 369 -16.83 15.39 -10.59
N ASP C 370 -16.26 16.10 -9.62
CA ASP C 370 -16.97 17.23 -9.01
C ASP C 370 -17.10 18.37 -10.00
N PRO C 371 -18.28 18.93 -10.21
CA PRO C 371 -18.43 19.99 -11.21
C PRO C 371 -17.76 21.30 -10.81
N VAL C 372 -17.68 21.59 -9.52
CA VAL C 372 -17.09 22.84 -9.07
C VAL C 372 -15.58 22.80 -9.16
N VAL C 373 -14.98 21.63 -8.89
CA VAL C 373 -13.54 21.53 -8.73
C VAL C 373 -12.87 21.03 -10.02
N SER C 374 -13.56 20.15 -10.75
CA SER C 374 -12.96 19.62 -11.98
C SER C 374 -12.87 20.67 -13.09
N GLN C 375 -13.39 21.88 -12.87
CA GLN C 375 -13.32 22.93 -13.88
C GLN C 375 -12.33 24.03 -13.57
N VAL C 376 -12.00 24.25 -12.29
CA VAL C 376 -10.89 25.14 -11.97
C VAL C 376 -9.58 24.46 -12.33
N LYS C 377 -8.53 25.26 -12.47
CA LYS C 377 -7.24 24.75 -12.93
C LYS C 377 -6.65 23.84 -11.86
N LEU C 378 -6.36 22.59 -12.24
CA LEU C 378 -5.87 21.56 -11.34
C LEU C 378 -4.40 21.30 -11.68
N ILE C 379 -3.51 21.88 -10.88
CA ILE C 379 -2.07 21.73 -11.05
C ILE C 379 -1.52 21.01 -9.83
N ALA C 380 -0.47 20.21 -10.05
CA ALA C 380 0.05 19.34 -9.01
C ALA C 380 1.57 19.38 -9.00
N GLU C 381 2.14 19.26 -7.80
CA GLU C 381 3.55 18.92 -7.65
C GLU C 381 3.61 17.40 -7.61
N PRO C 382 3.91 16.76 -8.73
CA PRO C 382 3.64 15.32 -8.90
C PRO C 382 4.63 14.39 -8.19
N TRP C 383 4.85 14.63 -6.90
CA TRP C 383 5.76 13.79 -6.13
C TRP C 383 5.61 14.10 -4.65
N ASP C 384 6.10 13.17 -3.83
CA ASP C 384 6.33 13.38 -2.40
C ASP C 384 7.64 12.67 -2.05
N VAL C 385 7.92 12.53 -0.77
CA VAL C 385 9.20 12.00 -0.32
C VAL C 385 9.08 10.54 0.14
N GLY C 386 8.06 9.82 -0.33
CA GLY C 386 7.86 8.44 0.05
C GLY C 386 8.34 7.46 -1.01
N GLU C 387 8.21 6.18 -0.67
CA GLU C 387 8.58 5.12 -1.60
C GLU C 387 7.73 5.19 -2.85
N GLY C 388 8.38 5.24 -4.01
CA GLY C 388 7.66 5.42 -5.26
C GLY C 388 6.90 6.72 -5.30
N GLY C 389 7.50 7.80 -4.81
CA GLY C 389 6.85 9.09 -4.75
C GLY C 389 6.96 9.87 -6.04
N TYR C 390 8.04 9.67 -6.78
CA TYR C 390 8.26 10.39 -8.03
C TYR C 390 7.23 9.94 -9.06
N GLN C 391 6.24 10.79 -9.32
CA GLN C 391 5.14 10.45 -10.22
C GLN C 391 4.96 11.50 -11.31
N VAL C 392 6.06 12.07 -11.79
CA VAL C 392 6.00 13.05 -12.88
C VAL C 392 5.52 12.32 -14.13
N GLY C 393 4.34 12.67 -14.61
CA GLY C 393 3.76 12.01 -15.76
C GLY C 393 2.91 10.80 -15.46
N ASN C 394 2.35 10.71 -14.25
CA ASN C 394 1.53 9.58 -13.85
C ASN C 394 0.13 9.95 -13.39
N PHE C 395 -0.13 11.23 -13.10
CA PHE C 395 -1.42 11.65 -12.60
C PHE C 395 -2.49 11.45 -13.67
N PRO C 396 -3.76 11.40 -13.28
CA PRO C 396 -4.83 11.27 -14.26
C PRO C 396 -4.79 12.38 -15.28
N PRO C 397 -5.24 12.14 -16.50
CA PRO C 397 -5.09 13.14 -17.58
C PRO C 397 -5.81 14.44 -17.32
N LEU C 398 -6.76 14.48 -16.39
CA LEU C 398 -7.42 15.74 -16.02
C LEU C 398 -6.53 16.65 -15.19
N TRP C 399 -5.24 16.33 -15.05
CA TRP C 399 -4.35 17.06 -14.19
C TRP C 399 -3.19 17.66 -14.96
N THR C 400 -2.62 18.71 -14.38
CA THR C 400 -1.38 19.27 -14.87
C THR C 400 -0.31 19.01 -13.81
N GLU C 401 0.95 19.02 -14.21
CA GLU C 401 2.05 18.70 -13.31
C GLU C 401 3.16 19.72 -13.44
N TRP C 402 3.77 20.07 -12.31
CA TRP C 402 5.09 20.71 -12.34
C TRP C 402 6.07 19.76 -13.00
N ASN C 403 6.61 20.15 -14.15
CA ASN C 403 7.54 19.30 -14.87
C ASN C 403 8.91 19.45 -14.22
N GLY C 404 9.17 18.65 -13.20
CA GLY C 404 10.50 18.64 -12.60
C GLY C 404 11.57 18.24 -13.60
N LYS C 405 11.26 17.27 -14.47
CA LYS C 405 12.18 16.87 -15.51
C LYS C 405 12.36 17.95 -16.58
N TYR C 406 11.57 19.02 -16.53
CA TYR C 406 11.87 20.20 -17.34
C TYR C 406 12.87 21.10 -16.61
N ARG C 407 12.60 21.41 -15.34
CA ARG C 407 13.48 22.25 -14.55
C ARG C 407 14.89 21.65 -14.49
N ASP C 408 14.99 20.36 -14.17
CA ASP C 408 16.30 19.73 -14.03
C ASP C 408 17.01 19.63 -15.38
N CYS C 409 16.30 19.27 -16.43
CA CYS C 409 16.93 19.09 -17.74
C CYS C 409 17.17 20.42 -18.47
N VAL C 410 16.57 21.51 -18.02
CA VAL C 410 16.92 22.83 -18.54
C VAL C 410 18.06 23.44 -17.75
N ARG C 411 18.03 23.30 -16.42
CA ARG C 411 19.15 23.73 -15.60
C ARG C 411 20.45 23.04 -16.01
N ASP C 412 20.35 21.82 -16.57
CA ASP C 412 21.54 21.08 -16.96
C ASP C 412 22.06 21.51 -18.34
N LEU C 413 21.17 21.97 -19.22
CA LEU C 413 21.62 22.39 -20.55
C LEU C 413 22.56 23.59 -20.46
N TRP C 414 22.06 24.70 -19.92
CA TRP C 414 22.88 25.89 -19.73
C TRP C 414 23.93 25.70 -18.64
N ARG C 415 23.92 24.56 -17.94
CA ARG C 415 25.01 24.17 -17.06
C ARG C 415 26.18 23.56 -17.81
N GLY C 416 26.02 23.29 -19.10
CA GLY C 416 27.06 22.67 -19.88
C GLY C 416 27.28 21.20 -19.57
N GLU C 417 26.22 20.49 -19.14
CA GLU C 417 26.40 19.07 -18.86
C GLU C 417 26.10 18.25 -20.11
N PRO C 418 27.04 17.41 -20.54
CA PRO C 418 27.12 16.98 -21.95
C PRO C 418 26.34 15.70 -22.30
N ARG C 419 25.08 15.60 -21.87
CA ARG C 419 24.20 14.61 -22.46
C ARG C 419 22.76 15.12 -22.53
N THR C 420 22.58 16.39 -22.89
CA THR C 420 21.26 17.00 -22.81
C THR C 420 20.79 17.55 -24.16
N LEU C 421 20.93 16.76 -25.22
CA LEU C 421 20.47 17.19 -26.54
C LEU C 421 19.04 16.71 -26.83
N ALA C 422 18.85 15.39 -26.88
CA ALA C 422 17.52 14.85 -27.12
C ALA C 422 16.65 14.94 -25.87
N GLU C 423 17.27 14.90 -24.69
CA GLU C 423 16.53 15.08 -23.45
C GLU C 423 15.94 16.49 -23.37
N PHE C 424 16.69 17.49 -23.84
CA PHE C 424 16.17 18.85 -23.89
C PHE C 424 15.22 19.07 -25.06
N ALA C 425 15.46 18.39 -26.19
CA ALA C 425 14.63 18.58 -27.37
C ALA C 425 13.16 18.24 -27.08
N SER C 426 12.93 17.16 -26.34
CA SER C 426 11.56 16.80 -25.96
C SER C 426 10.99 17.72 -24.89
N ARG C 427 11.84 18.45 -24.15
CA ARG C 427 11.35 19.39 -23.16
C ARG C 427 10.89 20.70 -23.80
N LEU C 428 11.55 21.12 -24.88
CA LEU C 428 11.00 22.18 -25.71
C LEU C 428 9.65 21.77 -26.27
N THR C 429 9.53 20.52 -26.71
CA THR C 429 8.30 19.96 -27.28
C THR C 429 7.23 19.74 -26.23
N GLY C 430 7.47 20.11 -24.98
CA GLY C 430 6.48 19.93 -23.94
C GLY C 430 6.36 18.50 -23.46
N SER C 431 7.50 17.81 -23.34
CA SER C 431 7.57 16.48 -22.74
C SER C 431 6.61 15.50 -23.42
N SER C 432 6.89 15.24 -24.70
CA SER C 432 6.15 14.19 -25.40
C SER C 432 6.26 12.86 -24.66
N ASP C 433 7.41 12.59 -24.06
CA ASP C 433 7.62 11.33 -23.36
C ASP C 433 6.72 11.23 -22.13
N LEU C 434 6.53 12.32 -21.40
CA LEU C 434 5.80 12.29 -20.13
C LEU C 434 4.30 12.40 -20.29
N TYR C 435 3.79 12.98 -21.38
CA TYR C 435 2.39 13.38 -21.45
C TYR C 435 1.66 12.96 -22.71
N GLN C 436 2.35 12.59 -23.79
CA GLN C 436 1.64 12.27 -25.03
C GLN C 436 0.77 11.03 -24.87
N ASP C 437 1.38 9.90 -24.51
CA ASP C 437 0.63 8.65 -24.44
C ASP C 437 -0.40 8.64 -23.32
N ASP C 438 -0.18 9.41 -22.26
CA ASP C 438 -1.14 9.48 -21.17
C ASP C 438 -2.50 10.01 -21.62
N GLY C 439 -2.58 10.59 -22.80
CA GLY C 439 -3.80 11.23 -23.26
C GLY C 439 -3.89 12.72 -23.01
N ARG C 440 -2.80 13.34 -22.58
CA ARG C 440 -2.79 14.75 -22.20
C ARG C 440 -2.34 15.61 -23.38
N ARG C 441 -2.07 16.88 -23.09
CA ARG C 441 -1.64 17.86 -24.08
C ARG C 441 -0.31 18.47 -23.65
N PRO C 442 0.38 19.20 -24.52
CA PRO C 442 1.60 19.89 -24.07
C PRO C 442 1.37 20.78 -22.86
N LEU C 443 0.20 21.41 -22.77
CA LEU C 443 -0.14 22.27 -21.64
C LEU C 443 -0.15 21.52 -20.31
N ALA C 444 -0.04 20.19 -20.31
CA ALA C 444 0.06 19.44 -19.08
C ALA C 444 1.40 19.59 -18.39
N SER C 445 2.33 20.33 -18.98
CA SER C 445 3.66 20.56 -18.39
C SER C 445 3.72 22.00 -17.89
N VAL C 446 3.64 22.19 -16.57
CA VAL C 446 3.93 23.48 -15.96
C VAL C 446 5.44 23.65 -15.97
N ASN C 447 5.96 24.35 -16.99
CA ASN C 447 7.39 24.53 -17.10
C ASN C 447 7.86 25.65 -16.19
N PHE C 448 9.01 25.43 -15.56
CA PHE C 448 9.62 26.44 -14.71
C PHE C 448 11.09 26.09 -14.53
N VAL C 449 11.90 27.14 -14.38
CA VAL C 449 13.33 26.96 -14.19
C VAL C 449 13.66 27.19 -12.72
N THR C 450 12.88 28.04 -12.07
CA THR C 450 13.06 28.36 -10.66
C THR C 450 11.71 28.59 -10.02
N CYS C 451 11.61 28.25 -8.74
CA CYS C 451 10.41 28.46 -7.95
C CYS C 451 10.83 28.92 -6.56
N HIS C 452 9.88 28.92 -5.63
CA HIS C 452 10.21 29.24 -4.24
C HIS C 452 11.24 28.27 -3.69
N ASP C 453 11.15 26.99 -4.08
CA ASP C 453 12.16 26.02 -3.73
C ASP C 453 13.39 26.20 -4.61
N GLY C 454 14.53 25.77 -4.09
CA GLY C 454 15.78 25.93 -4.82
C GLY C 454 16.19 27.38 -4.94
N PHE C 455 17.11 27.62 -5.87
CA PHE C 455 17.65 28.95 -6.08
C PHE C 455 16.67 29.83 -6.87
N THR C 456 16.73 31.13 -6.59
CA THR C 456 16.09 32.09 -7.47
C THR C 456 16.92 32.23 -8.75
N LEU C 457 16.35 32.96 -9.72
CA LEU C 457 16.93 32.98 -11.06
C LEU C 457 18.37 33.51 -11.05
N ARG C 458 18.69 34.45 -10.17
CA ARG C 458 20.08 34.91 -10.10
C ARG C 458 20.92 33.95 -9.26
N ASP C 459 20.40 33.52 -8.10
CA ASP C 459 21.13 32.54 -7.30
C ASP C 459 21.33 31.22 -8.04
N LEU C 460 20.53 30.96 -9.08
CA LEU C 460 20.78 29.80 -9.91
C LEU C 460 22.05 29.96 -10.75
N VAL C 461 22.36 31.19 -11.15
CA VAL C 461 23.56 31.47 -11.92
C VAL C 461 24.62 32.15 -11.06
N SER C 462 24.51 32.05 -9.74
CA SER C 462 25.48 32.70 -8.86
C SER C 462 25.93 31.85 -7.68
N TYR C 463 25.47 30.60 -7.56
CA TYR C 463 25.84 29.76 -6.44
C TYR C 463 25.87 28.31 -6.86
N ASN C 464 26.99 27.63 -6.59
CA ASN C 464 27.07 26.19 -6.84
C ASN C 464 26.43 25.38 -5.72
N GLU C 465 26.32 25.94 -4.52
CA GLU C 465 25.72 25.22 -3.41
C GLU C 465 25.01 26.21 -2.49
N LYS C 466 24.14 25.65 -1.66
CA LYS C 466 23.26 26.45 -0.81
C LYS C 466 24.05 27.16 0.29
N ARG C 467 23.42 28.19 0.85
CA ARG C 467 23.96 28.93 1.98
C ARG C 467 22.89 29.08 3.05
N ASN C 468 22.21 27.98 3.36
CA ASN C 468 21.14 28.00 4.35
C ASN C 468 21.69 27.88 5.77
N GLU C 469 22.66 28.74 6.10
CA GLU C 469 23.13 28.81 7.49
C GLU C 469 22.20 29.66 8.34
N ALA C 470 21.58 30.68 7.74
CA ALA C 470 20.65 31.52 8.48
C ALA C 470 19.40 30.78 8.92
N ASN C 471 19.13 29.61 8.35
CA ASN C 471 17.95 28.83 8.72
C ASN C 471 18.12 28.08 10.03
N GLY C 472 19.31 28.08 10.61
CA GLY C 472 19.55 27.45 11.89
C GLY C 472 19.93 25.99 11.85
N GLU C 473 19.61 25.28 10.77
CA GLU C 473 19.92 23.87 10.65
C GLU C 473 21.32 23.62 10.10
N GLY C 474 22.19 24.63 10.14
CA GLY C 474 23.58 24.46 9.78
C GLY C 474 23.84 23.98 8.36
N ASN C 475 23.15 24.58 7.39
CA ASN C 475 23.34 24.28 5.98
C ASN C 475 23.11 22.80 5.67
N ARG C 476 22.17 22.17 6.39
CA ARG C 476 21.82 20.78 6.18
C ARG C 476 20.46 20.60 5.53
N ASP C 477 19.74 21.68 5.27
CA ASP C 477 18.42 21.63 4.67
C ASP C 477 18.48 22.11 3.23
N GLY C 478 17.37 21.93 2.51
CA GLY C 478 17.25 22.39 1.16
C GLY C 478 17.98 21.52 0.15
N GLU C 479 17.75 21.82 -1.12
CA GLU C 479 18.35 21.06 -2.21
C GLU C 479 19.87 21.18 -2.18
N ASN C 480 20.54 20.05 -1.97
CA ASN C 480 22.00 20.04 -2.00
C ASN C 480 22.55 20.13 -3.41
N TYR C 481 21.81 19.64 -4.40
CA TYR C 481 22.24 19.58 -5.79
C TYR C 481 21.21 20.32 -6.64
N ASN C 482 21.42 21.62 -6.82
CA ASN C 482 20.50 22.47 -7.54
C ASN C 482 20.73 22.49 -9.04
N ARG C 483 21.69 21.70 -9.54
CA ARG C 483 22.10 21.73 -10.95
C ARG C 483 22.41 23.16 -11.38
N SER C 484 23.13 23.88 -10.53
CA SER C 484 23.43 25.29 -10.71
C SER C 484 24.91 25.48 -11.04
N TRP C 485 25.20 26.63 -11.65
CA TRP C 485 26.57 27.04 -11.94
C TRP C 485 26.76 28.47 -11.47
N ASN C 486 27.86 28.71 -10.74
CA ASN C 486 28.18 30.03 -10.24
C ASN C 486 28.80 30.92 -11.29
N CYS C 487 29.09 30.38 -12.48
CA CYS C 487 29.65 31.14 -13.60
C CYS C 487 30.98 31.80 -13.24
N GLY C 488 31.85 31.05 -12.55
CA GLY C 488 33.21 31.47 -12.28
C GLY C 488 33.46 31.91 -10.85
N GLU C 489 32.46 32.51 -10.19
CA GLU C 489 32.63 33.00 -8.83
C GLU C 489 31.33 32.81 -8.06
N GLU C 490 31.43 32.24 -6.87
CA GLU C 490 30.26 32.07 -6.02
C GLU C 490 30.02 33.33 -5.21
N GLY C 491 28.76 33.73 -5.09
CA GLY C 491 28.42 34.98 -4.44
C GLY C 491 28.53 36.14 -5.41
N GLU C 492 28.22 37.33 -4.91
CA GLU C 492 28.28 38.52 -5.74
C GLU C 492 29.70 38.79 -6.20
N THR C 493 29.82 39.40 -7.38
CA THR C 493 31.11 39.66 -8.00
C THR C 493 31.09 41.05 -8.63
N GLU C 494 32.26 41.67 -8.72
CA GLU C 494 32.43 42.93 -9.42
C GLU C 494 32.85 42.74 -10.87
N ASP C 495 33.37 41.56 -11.21
CA ASP C 495 33.85 41.29 -12.57
C ASP C 495 32.72 41.50 -13.59
N VAL C 496 32.96 42.43 -14.52
CA VAL C 496 31.96 42.68 -15.58
C VAL C 496 31.75 41.44 -16.42
N GLY C 497 32.78 40.60 -16.58
CA GLY C 497 32.63 39.40 -17.37
C GLY C 497 31.57 38.44 -16.86
N ILE C 498 31.69 38.06 -15.59
CA ILE C 498 30.76 37.10 -15.01
C ILE C 498 29.38 37.71 -14.79
N THR C 499 29.35 38.96 -14.33
CA THR C 499 28.09 39.64 -14.08
C THR C 499 27.28 39.68 -15.38
N GLU C 500 27.94 40.01 -16.49
CA GLU C 500 27.27 39.97 -17.78
C GLU C 500 26.94 38.54 -18.19
N LEU C 501 27.85 37.60 -17.89
CA LEU C 501 27.57 36.19 -18.15
C LEU C 501 26.35 35.74 -17.37
N ARG C 502 26.31 36.05 -16.07
CA ARG C 502 25.17 35.68 -15.24
C ARG C 502 23.87 36.29 -15.77
N ALA C 503 23.82 37.63 -15.83
CA ALA C 503 22.60 38.31 -16.25
C ALA C 503 22.15 37.90 -17.64
N ARG C 504 23.06 37.38 -18.47
CA ARG C 504 22.69 36.85 -19.77
C ARG C 504 22.35 35.36 -19.71
N GLN C 505 23.00 34.60 -18.84
CA GLN C 505 22.52 33.25 -18.56
C GLN C 505 21.12 33.34 -17.95
N MET C 506 20.84 34.41 -17.21
CA MET C 506 19.49 34.68 -16.72
C MET C 506 18.54 34.80 -17.89
N ARG C 507 18.96 35.57 -18.90
CA ARG C 507 18.16 35.69 -20.11
C ARG C 507 17.87 34.36 -20.79
N ASN C 508 18.82 33.42 -20.72
CA ASN C 508 18.64 32.12 -21.36
C ASN C 508 17.46 31.36 -20.76
N PHE C 509 17.44 31.22 -19.42
CA PHE C 509 16.35 30.51 -18.76
C PHE C 509 15.00 31.15 -19.10
N LEU C 510 14.92 32.48 -19.03
CA LEU C 510 13.70 33.17 -19.40
C LEU C 510 13.38 32.97 -20.88
N ALA C 511 14.40 33.02 -21.74
CA ALA C 511 14.16 32.85 -23.17
C ALA C 511 13.71 31.43 -23.49
N THR C 512 14.24 30.42 -22.79
CA THR C 512 13.82 29.05 -23.05
C THR C 512 12.51 28.71 -22.39
N LEU C 513 12.23 29.29 -21.21
CA LEU C 513 10.98 29.00 -20.52
C LEU C 513 9.73 29.40 -21.29
N MET C 514 9.76 30.55 -21.95
CA MET C 514 8.62 31.02 -22.73
C MET C 514 8.64 30.53 -24.19
N LEU C 515 9.79 29.96 -24.59
CA LEU C 515 9.96 29.42 -25.93
C LEU C 515 9.54 27.96 -25.92
N SER C 516 9.37 27.35 -24.74
CA SER C 516 9.04 25.94 -24.64
C SER C 516 7.56 25.73 -24.93
N GLN C 517 7.09 24.51 -24.71
CA GLN C 517 5.67 24.19 -24.82
C GLN C 517 5.06 24.09 -23.43
N GLY C 518 3.74 23.95 -23.39
CA GLY C 518 3.05 23.87 -22.12
C GLY C 518 2.78 25.25 -21.53
N VAL C 519 2.78 25.31 -20.21
CA VAL C 519 2.51 26.53 -19.47
C VAL C 519 3.75 26.89 -18.66
N PRO C 520 4.32 28.08 -18.85
CA PRO C 520 5.50 28.46 -18.08
C PRO C 520 5.11 29.01 -16.71
N MET C 521 6.12 29.11 -15.85
CA MET C 521 5.92 29.64 -14.50
C MET C 521 7.13 30.38 -13.98
N LEU C 522 6.91 31.62 -13.55
CA LEU C 522 7.95 32.49 -13.03
C LEU C 522 7.79 32.63 -11.52
N SER C 523 8.89 32.47 -10.79
CA SER C 523 8.89 32.78 -9.36
C SER C 523 8.96 34.28 -9.17
N HIS C 524 8.22 34.78 -8.18
CA HIS C 524 8.11 36.22 -7.98
C HIS C 524 9.47 36.85 -7.67
N GLY C 525 9.79 37.91 -8.41
CA GLY C 525 10.99 38.70 -8.19
C GLY C 525 12.04 38.55 -9.28
N ASP C 526 12.04 37.42 -9.99
CA ASP C 526 13.08 37.16 -10.98
C ASP C 526 13.09 38.20 -12.10
N GLU C 527 12.02 39.00 -12.22
CA GLU C 527 12.03 40.11 -13.16
C GLU C 527 13.03 41.18 -12.75
N PHE C 528 13.24 41.36 -11.45
CA PHE C 528 14.21 42.32 -10.93
C PHE C 528 15.48 41.64 -10.43
N GLY C 529 15.77 40.43 -10.90
CA GLY C 529 16.92 39.70 -10.42
C GLY C 529 16.90 39.49 -8.92
N ARG C 530 15.77 38.96 -8.43
CA ARG C 530 15.60 38.76 -7.00
C ARG C 530 16.64 37.78 -6.48
N THR C 531 17.25 38.12 -5.35
CA THR C 531 18.38 37.37 -4.81
C THR C 531 18.08 36.98 -3.37
N GLN C 532 18.27 35.70 -3.05
CA GLN C 532 18.14 35.21 -1.68
C GLN C 532 19.50 34.97 -1.03
N GLY C 533 20.56 35.58 -1.59
CA GLY C 533 21.88 35.48 -1.00
C GLY C 533 22.51 34.11 -1.02
N GLY C 534 21.98 33.17 -1.80
CA GLY C 534 22.45 31.80 -1.77
C GLY C 534 21.55 30.85 -1.01
N ASN C 535 20.55 31.37 -0.31
CA ASN C 535 19.58 30.51 0.37
C ASN C 535 18.65 29.90 -0.67
N ASN C 536 18.60 28.57 -0.72
CA ASN C 536 17.74 27.86 -1.66
C ASN C 536 16.55 27.18 -0.98
N ASN C 537 16.40 27.35 0.34
CA ASN C 537 15.24 26.85 1.07
C ASN C 537 14.89 27.91 2.11
N ALA C 538 14.03 28.86 1.72
CA ALA C 538 13.72 30.03 2.52
C ALA C 538 12.37 29.93 3.21
N TYR C 539 11.98 28.72 3.62
CA TYR C 539 10.70 28.52 4.28
C TYR C 539 10.62 29.21 5.63
N CYS C 540 11.75 29.55 6.24
CA CYS C 540 11.77 30.16 7.56
C CYS C 540 12.24 31.61 7.55
N GLN C 541 12.72 32.12 6.41
CA GLN C 541 13.19 33.49 6.32
C GLN C 541 12.01 34.40 5.98
N ASP C 542 11.29 34.79 7.03
CA ASP C 542 10.25 35.83 6.92
C ASP C 542 10.88 37.20 7.12
N ASN C 543 11.79 37.54 6.21
CA ASN C 543 12.59 38.74 6.31
C ASN C 543 13.04 39.14 4.91
N GLU C 544 14.01 40.04 4.83
CA GLU C 544 14.44 40.61 3.55
C GLU C 544 15.17 39.61 2.67
N VAL C 545 15.44 38.39 3.16
CA VAL C 545 16.01 37.36 2.30
C VAL C 545 15.01 36.97 1.22
N SER C 546 13.72 36.95 1.56
CA SER C 546 12.70 36.50 0.62
C SER C 546 11.62 37.56 0.35
N TRP C 547 11.81 38.79 0.82
CA TRP C 547 10.97 39.87 0.32
C TRP C 547 11.38 40.21 -1.12
N VAL C 548 10.58 41.06 -1.75
CA VAL C 548 10.84 41.52 -3.11
C VAL C 548 11.40 42.93 -3.06
N ARG C 549 12.54 43.13 -3.70
CA ARG C 549 13.14 44.45 -3.84
C ARG C 549 12.62 45.08 -5.12
N TRP C 550 11.82 46.12 -5.00
CA TRP C 550 11.35 46.80 -6.21
C TRP C 550 12.39 47.82 -6.65
N PRO C 551 12.75 47.85 -7.93
CA PRO C 551 14.07 48.32 -8.33
C PRO C 551 14.16 49.79 -8.68
N LYS C 552 15.40 50.30 -8.57
CA LYS C 552 15.83 51.58 -9.11
C LYS C 552 17.26 51.35 -9.60
N GLU C 556 19.75 50.26 -13.55
CA GLU C 556 19.82 49.96 -14.97
C GLU C 556 19.80 48.47 -15.26
N ALA C 557 20.48 47.67 -14.44
CA ALA C 557 20.47 46.23 -14.63
C ALA C 557 19.10 45.64 -14.28
N GLU C 558 18.55 46.01 -13.13
CA GLU C 558 17.27 45.47 -12.69
C GLU C 558 16.08 46.01 -13.48
N ALA C 559 16.31 46.87 -14.46
CA ALA C 559 15.26 47.33 -15.36
C ALA C 559 15.42 46.83 -16.78
N THR C 560 16.67 46.68 -17.24
CA THR C 560 16.91 46.05 -18.53
C THR C 560 16.54 44.57 -18.48
N LEU C 561 16.85 43.90 -17.37
CA LEU C 561 16.41 42.53 -17.18
C LEU C 561 14.88 42.44 -17.12
N LEU C 562 14.24 43.46 -16.54
CA LEU C 562 12.79 43.46 -16.45
C LEU C 562 12.15 43.68 -17.81
N ARG C 563 12.59 44.70 -18.53
CA ARG C 563 12.05 44.94 -19.87
C ARG C 563 12.40 43.81 -20.83
N PHE C 564 13.37 42.97 -20.47
CA PHE C 564 13.58 41.72 -21.19
C PHE C 564 12.44 40.75 -20.91
N THR C 565 12.09 40.55 -19.64
CA THR C 565 11.10 39.55 -19.28
C THR C 565 9.72 39.92 -19.83
N ARG C 566 9.33 41.19 -19.71
CA ARG C 566 8.01 41.63 -20.16
C ARG C 566 7.81 41.33 -21.64
N SER C 567 8.79 41.71 -22.47
CA SER C 567 8.67 41.50 -23.91
C SER C 567 8.68 40.07 -24.41
N MET C 568 9.35 39.17 -23.70
CA MET C 568 9.38 37.77 -24.09
C MET C 568 8.06 37.04 -23.81
N VAL C 569 7.35 37.55 -22.81
CA VAL C 569 6.00 37.10 -22.55
C VAL C 569 5.15 37.71 -23.66
N ARG C 570 5.53 38.90 -24.14
CA ARG C 570 4.80 39.49 -25.25
C ARG C 570 5.02 38.72 -26.55
N LEU C 571 6.16 38.04 -26.67
CA LEU C 571 6.38 37.17 -27.83
C LEU C 571 5.51 35.92 -27.76
N ARG C 572 5.36 35.36 -26.56
CA ARG C 572 4.53 34.17 -26.40
C ARG C 572 3.06 34.50 -26.60
N ARG C 573 2.63 35.69 -26.18
CA ARG C 573 1.25 36.11 -26.42
C ARG C 573 0.95 36.22 -27.90
N GLU C 574 1.82 36.91 -28.65
CA GLU C 574 1.57 37.18 -30.05
C GLU C 574 1.73 35.97 -30.96
N HIS C 575 2.29 34.87 -30.47
CA HIS C 575 2.63 33.79 -31.38
C HIS C 575 2.21 32.43 -30.84
N PRO C 576 1.16 31.82 -31.39
CA PRO C 576 0.67 30.53 -30.88
C PRO C 576 1.57 29.34 -31.16
N VAL C 577 2.72 29.50 -31.82
CA VAL C 577 3.59 28.36 -32.05
C VAL C 577 4.27 27.94 -30.75
N PHE C 578 4.59 28.89 -29.88
CA PHE C 578 5.21 28.58 -28.61
C PHE C 578 4.18 28.18 -27.54
N ARG C 579 2.89 28.29 -27.85
CA ARG C 579 1.82 27.88 -26.95
C ARG C 579 0.87 26.93 -27.66
N ARG C 580 1.44 25.92 -28.32
CA ARG C 580 0.64 24.99 -29.12
C ARG C 580 -0.32 24.19 -28.24
N ARG C 581 -1.44 23.77 -28.79
CA ARG C 581 -2.44 23.03 -28.01
C ARG C 581 -2.39 21.56 -28.39
N ARG C 582 -1.27 21.13 -28.94
CA ARG C 582 -1.11 19.72 -29.35
C ARG C 582 0.37 19.42 -29.55
N PHE C 583 0.70 18.18 -29.83
CA PHE C 583 2.13 17.85 -29.92
C PHE C 583 2.60 17.90 -31.36
N PHE C 584 3.87 18.22 -31.52
CA PHE C 584 4.49 18.22 -32.84
C PHE C 584 4.65 16.80 -33.36
N HIS C 585 4.72 16.68 -34.69
CA HIS C 585 5.08 15.39 -35.29
C HIS C 585 6.22 15.51 -36.30
N GLY C 586 6.25 16.59 -37.08
CA GLY C 586 7.41 16.90 -37.90
C GLY C 586 7.75 15.90 -38.97
N ARG C 587 6.82 14.99 -39.32
CA ARG C 587 7.15 13.98 -40.31
C ARG C 587 5.90 13.37 -40.95
N PRO C 588 5.80 13.41 -42.27
CA PRO C 588 4.79 12.60 -42.96
C PRO C 588 5.37 11.25 -43.38
N VAL C 589 4.47 10.33 -43.70
CA VAL C 589 4.87 9.00 -44.15
C VAL C 589 4.40 8.76 -45.58
N LEU C 596 2.75 18.72 -44.26
CA LEU C 596 3.76 19.71 -43.90
C LEU C 596 4.54 19.27 -42.68
N THR C 597 5.83 19.60 -42.66
CA THR C 597 6.67 19.37 -41.48
C THR C 597 6.49 20.53 -40.53
N ASP C 598 5.93 20.26 -39.35
CA ASP C 598 5.64 21.32 -38.39
C ASP C 598 6.78 21.61 -37.43
N ILE C 599 7.80 20.76 -37.39
CA ILE C 599 9.01 21.04 -36.62
C ILE C 599 10.19 20.37 -37.31
N ALA C 600 11.25 21.13 -37.52
CA ALA C 600 12.45 20.64 -38.19
C ALA C 600 13.66 20.95 -37.32
N TRP C 601 14.49 19.94 -37.07
CA TRP C 601 15.67 20.08 -36.24
C TRP C 601 16.90 20.14 -37.13
N PHE C 602 17.76 21.13 -36.88
CA PHE C 602 18.98 21.33 -37.65
C PHE C 602 20.16 21.50 -36.71
N THR C 603 21.31 21.14 -37.20
CA THR C 603 22.60 21.36 -36.57
C THR C 603 23.13 22.74 -36.95
N PRO C 604 23.88 23.41 -36.06
CA PRO C 604 24.49 24.70 -36.43
C PRO C 604 25.28 24.65 -37.73
N GLU C 605 25.70 23.44 -38.12
CA GLU C 605 26.28 23.24 -39.44
C GLU C 605 25.32 23.66 -40.54
N GLY C 606 24.01 23.60 -40.27
CA GLY C 606 23.01 23.99 -41.23
C GLY C 606 22.23 22.86 -41.87
N GLU C 607 22.42 21.62 -41.40
CA GLU C 607 21.79 20.46 -42.02
C GLU C 607 20.94 19.71 -41.00
N GLU C 608 19.91 19.03 -41.52
CA GLU C 608 18.96 18.32 -40.67
C GLU C 608 19.67 17.22 -39.89
N MET C 609 19.30 17.06 -38.63
CA MET C 609 19.95 16.10 -37.74
C MET C 609 19.53 14.66 -38.05
N THR C 610 20.43 13.72 -37.77
CA THR C 610 20.19 12.30 -37.92
C THR C 610 20.17 11.63 -36.56
N SER C 611 19.75 10.36 -36.55
CA SER C 611 19.64 9.62 -35.30
C SER C 611 21.01 9.43 -34.65
N ARG C 612 22.08 9.30 -35.45
CA ARG C 612 23.41 9.23 -34.88
C ARG C 612 23.84 10.59 -34.32
N ASP C 613 23.49 11.68 -35.01
CA ASP C 613 23.75 13.01 -34.49
C ASP C 613 22.80 13.37 -33.36
N TRP C 614 21.67 12.67 -33.24
CA TRP C 614 20.77 12.89 -32.12
C TRP C 614 21.23 12.18 -30.85
N GLN C 615 21.99 11.10 -30.99
CA GLN C 615 22.59 10.43 -29.84
C GLN C 615 23.99 10.93 -29.54
N ALA C 616 24.48 11.92 -30.30
CA ALA C 616 25.81 12.47 -30.10
C ALA C 616 26.02 12.87 -28.65
N ALA C 617 27.06 12.30 -28.04
CA ALA C 617 27.29 12.51 -26.61
C ALA C 617 27.59 13.98 -26.32
N HIS C 618 28.65 14.50 -26.91
CA HIS C 618 29.20 15.81 -26.52
C HIS C 618 28.79 16.92 -27.49
N ALA C 619 27.56 16.90 -27.99
CA ALA C 619 27.02 18.00 -28.78
C ALA C 619 26.18 18.90 -27.90
N GLN C 620 26.23 20.21 -28.16
CA GLN C 620 25.61 21.17 -27.26
C GLN C 620 24.84 22.29 -27.96
N ALA C 621 24.72 22.27 -29.27
CA ALA C 621 24.03 23.33 -30.00
C ALA C 621 22.88 22.75 -30.82
N LEU C 622 22.00 23.63 -31.28
CA LEU C 622 20.79 23.20 -31.94
C LEU C 622 20.21 24.35 -32.76
N THR C 623 19.51 23.99 -33.83
CA THR C 623 18.73 24.93 -34.63
C THR C 623 17.36 24.32 -34.86
N VAL C 624 16.33 24.95 -34.32
CA VAL C 624 14.97 24.42 -34.34
C VAL C 624 14.11 25.29 -35.26
N PHE C 625 13.45 24.66 -36.22
CA PHE C 625 12.49 25.32 -37.08
C PHE C 625 11.08 25.01 -36.59
N LEU C 626 10.28 26.06 -36.41
CA LEU C 626 8.91 25.92 -35.93
C LEU C 626 7.98 26.49 -36.99
N ASN C 627 7.29 25.59 -37.71
CA ASN C 627 6.48 25.99 -38.85
C ASN C 627 5.27 26.79 -38.38
N GLY C 628 5.15 28.02 -38.86
CA GLY C 628 4.04 28.87 -38.45
C GLY C 628 2.73 28.46 -39.10
N ASN C 629 2.78 28.06 -40.38
CA ASN C 629 1.57 27.66 -41.08
C ASN C 629 1.05 26.31 -40.61
N ALA C 630 1.91 25.45 -40.07
CA ALA C 630 1.53 24.09 -39.71
C ALA C 630 1.07 23.99 -38.26
N ILE C 631 0.11 24.83 -37.87
CA ILE C 631 -0.56 24.71 -36.58
C ILE C 631 -1.83 23.91 -36.83
N SER C 632 -1.72 22.59 -36.66
CA SER C 632 -2.82 21.67 -36.96
C SER C 632 -3.83 21.64 -35.82
N GLU C 633 -4.35 22.82 -35.49
CA GLU C 633 -5.26 22.97 -34.37
C GLU C 633 -6.36 23.96 -34.74
N PRO C 634 -7.59 23.74 -34.26
CA PRO C 634 -8.66 24.69 -34.49
C PRO C 634 -8.66 25.80 -33.45
N GLY C 635 -9.27 26.93 -33.82
CA GLY C 635 -9.45 28.04 -32.92
C GLY C 635 -10.76 27.93 -32.15
N THR C 636 -11.07 29.01 -31.42
CA THR C 636 -12.26 29.02 -30.58
C THR C 636 -13.52 28.68 -31.37
N GLN C 637 -13.60 29.16 -32.61
CA GLN C 637 -14.72 28.89 -33.50
C GLN C 637 -14.27 28.11 -34.73
N GLY C 638 -13.35 27.17 -34.54
CA GLY C 638 -12.84 26.38 -35.65
C GLY C 638 -11.91 27.12 -36.59
N GLU C 639 -11.59 28.37 -36.31
CA GLU C 639 -10.68 29.14 -37.15
C GLU C 639 -9.32 28.45 -37.23
N ARG C 640 -8.69 28.54 -38.40
CA ARG C 640 -7.35 27.99 -38.57
C ARG C 640 -6.34 28.97 -37.99
N ILE C 641 -5.69 28.56 -36.90
CA ILE C 641 -4.65 29.40 -36.31
C ILE C 641 -3.43 29.37 -37.22
N ALA C 642 -2.91 30.55 -37.54
CA ALA C 642 -1.70 30.68 -38.33
C ALA C 642 -0.69 31.53 -37.56
N ASP C 643 0.54 31.53 -38.04
CA ASP C 643 1.62 32.21 -37.33
C ASP C 643 2.80 32.36 -38.27
N ASP C 644 3.76 33.19 -37.86
CA ASP C 644 5.04 33.24 -38.53
C ASP C 644 5.85 31.98 -38.20
N SER C 645 6.62 31.52 -39.18
CA SER C 645 7.54 30.42 -38.94
C SER C 645 8.75 30.94 -38.17
N PHE C 646 9.06 30.30 -37.05
CA PHE C 646 10.16 30.72 -36.21
C PHE C 646 11.36 29.78 -36.35
N LEU C 647 12.53 30.31 -36.02
CA LEU C 647 13.79 29.57 -36.10
C LEU C 647 14.56 29.83 -34.82
N LEU C 648 14.69 28.81 -33.98
CA LEU C 648 15.35 28.92 -32.68
C LEU C 648 16.75 28.34 -32.75
N MET C 649 17.73 29.09 -32.25
CA MET C 649 19.11 28.62 -32.24
C MET C 649 19.71 28.55 -30.84
N PHE C 650 19.96 27.34 -30.37
CA PHE C 650 20.49 27.09 -29.04
C PHE C 650 21.99 26.82 -29.10
N ASN C 651 22.71 27.34 -28.12
CA ASN C 651 24.15 27.09 -28.03
C ASN C 651 24.52 27.03 -26.55
N ALA C 652 24.50 25.83 -25.99
CA ALA C 652 25.03 25.59 -24.66
C ALA C 652 26.52 25.26 -24.69
N SER C 653 27.16 25.41 -25.85
CA SER C 653 28.59 25.23 -25.96
C SER C 653 29.33 26.22 -25.08
N ALA C 654 30.48 25.80 -24.56
CA ALA C 654 31.34 26.70 -23.80
C ALA C 654 32.11 27.66 -24.67
N LYS C 655 31.88 27.58 -25.97
CA LYS C 655 32.66 28.49 -26.80
C LYS C 655 31.83 28.99 -27.96
N GLU C 656 32.29 30.07 -28.57
CA GLU C 656 31.71 30.71 -29.76
C GLU C 656 31.38 29.63 -30.75
N LEU C 657 30.14 29.55 -31.19
CA LEU C 657 29.73 28.53 -32.17
C LEU C 657 29.15 29.29 -33.36
N GLU C 658 29.44 28.83 -34.57
CA GLU C 658 28.98 29.47 -35.81
C GLU C 658 27.75 28.73 -36.31
N PHE C 659 26.71 29.44 -36.70
CA PHE C 659 25.44 28.84 -37.10
C PHE C 659 25.14 29.19 -38.55
N VAL C 660 24.75 28.18 -39.33
CA VAL C 660 24.25 28.38 -40.69
C VAL C 660 22.73 28.34 -40.62
N VAL C 661 22.09 29.30 -41.27
CA VAL C 661 20.62 29.37 -41.33
C VAL C 661 20.15 28.40 -42.41
N PRO C 662 19.02 27.71 -42.22
CA PRO C 662 18.47 26.91 -43.31
C PRO C 662 18.07 27.80 -44.47
N ASP C 663 17.63 27.18 -45.57
CA ASP C 663 17.26 27.83 -46.84
C ASP C 663 17.12 29.35 -46.83
N TYR C 668 14.90 34.72 -46.41
CA TYR C 668 15.02 35.77 -45.40
C TYR C 668 14.44 35.66 -43.99
N TRP C 669 15.25 36.02 -42.99
CA TRP C 669 14.88 35.84 -41.58
C TRP C 669 15.24 37.06 -40.77
N ARG C 670 14.33 37.46 -39.89
CA ARG C 670 14.54 38.61 -39.03
C ARG C 670 14.90 38.13 -37.64
N MET C 671 16.04 38.59 -37.13
CA MET C 671 16.41 38.27 -35.74
C MET C 671 15.50 39.05 -34.82
N VAL C 672 14.84 38.35 -33.89
CA VAL C 672 13.84 39.00 -33.05
C VAL C 672 14.27 38.86 -31.59
N VAL C 673 14.96 37.76 -31.28
CA VAL C 673 15.41 37.50 -29.92
C VAL C 673 16.89 37.13 -29.97
N ASP C 674 17.65 37.68 -29.02
CA ASP C 674 19.07 37.36 -28.91
C ASP C 674 19.49 37.54 -27.46
N THR C 675 19.89 36.44 -26.83
CA THR C 675 20.36 36.49 -25.45
C THR C 675 21.65 37.31 -25.32
N SER C 676 22.45 37.36 -26.39
CA SER C 676 23.83 37.82 -26.28
C SER C 676 23.91 39.28 -25.83
N ASP C 677 23.39 40.20 -26.66
CA ASP C 677 23.68 41.61 -26.42
C ASP C 677 23.11 42.07 -25.09
N PRO C 678 23.91 42.76 -24.26
CA PRO C 678 23.49 43.01 -22.87
C PRO C 678 22.40 44.05 -22.72
N GLU C 679 22.07 44.79 -23.78
CA GLU C 679 20.99 45.76 -23.70
C GLU C 679 19.63 45.09 -23.66
N GLY C 680 19.57 43.84 -24.10
CA GLY C 680 18.40 43.01 -23.98
C GLY C 680 17.62 42.99 -25.28
N MET C 681 17.82 41.96 -26.09
CA MET C 681 17.04 41.86 -27.31
C MET C 681 15.96 40.81 -27.07
N PRO C 682 15.07 41.13 -26.14
CA PRO C 682 13.73 40.60 -26.15
C PRO C 682 12.87 41.58 -26.92
N PRO C 683 12.97 42.97 -26.54
CA PRO C 683 12.29 44.47 -26.94
C PRO C 683 13.01 45.24 -28.04
N GLN C 684 14.31 45.00 -28.22
CA GLN C 684 15.18 45.73 -29.15
C GLN C 684 15.02 45.19 -30.55
N GLN C 685 15.74 45.79 -31.47
CA GLN C 685 15.65 45.48 -32.92
C GLN C 685 16.41 44.21 -33.28
N GLY C 686 16.29 43.81 -34.54
CA GLY C 686 17.08 42.65 -34.93
C GLY C 686 17.66 42.82 -36.31
N PRO C 687 18.90 42.39 -36.56
CA PRO C 687 19.44 42.43 -37.89
C PRO C 687 18.79 41.26 -38.62
N GLU C 688 18.43 41.43 -39.87
CA GLU C 688 17.74 40.41 -40.64
C GLU C 688 18.76 39.45 -41.26
N LEU C 689 18.74 38.20 -40.81
CA LEU C 689 19.61 37.17 -41.36
C LEU C 689 19.09 36.70 -42.71
N ALA C 690 20.00 36.55 -43.67
CA ALA C 690 19.66 35.94 -44.94
C ALA C 690 19.63 34.43 -44.77
N GLY C 691 18.57 33.80 -45.27
CA GLY C 691 18.43 32.37 -45.11
C GLY C 691 19.55 31.61 -45.79
N GLY C 692 20.50 31.12 -45.00
CA GLY C 692 21.58 30.34 -45.53
C GLY C 692 22.99 30.86 -45.28
N GLU C 693 23.13 31.88 -44.44
CA GLU C 693 24.45 32.45 -44.18
C GLU C 693 24.93 32.11 -42.79
N ARG C 694 26.25 31.99 -42.65
CA ARG C 694 26.85 31.70 -41.35
C ARG C 694 26.84 32.94 -40.47
N VAL C 695 26.44 32.75 -39.21
CA VAL C 695 26.35 33.85 -38.24
C VAL C 695 26.90 33.34 -36.92
N THR C 696 28.00 33.95 -36.46
CA THR C 696 28.63 33.51 -35.22
C THR C 696 27.74 33.84 -34.04
N LEU C 697 27.56 32.86 -33.15
CA LEU C 697 26.68 32.99 -32.00
C LEU C 697 27.50 32.73 -30.74
N ALA C 698 27.44 33.68 -29.80
CA ALA C 698 28.27 33.65 -28.60
C ALA C 698 27.95 32.42 -27.75
N PRO C 699 28.88 32.01 -26.88
CA PRO C 699 28.65 30.80 -26.09
C PRO C 699 27.61 31.01 -25.00
N LEU C 700 26.84 29.96 -24.72
CA LEU C 700 25.76 29.99 -23.74
C LEU C 700 24.75 31.09 -24.08
N SER C 701 24.40 31.19 -25.36
CA SER C 701 23.53 32.25 -25.86
C SER C 701 22.39 31.65 -26.66
N LEU C 702 21.46 32.52 -27.06
CA LEU C 702 20.28 32.14 -27.80
C LEU C 702 20.02 33.13 -28.93
N THR C 703 19.22 32.71 -29.90
CA THR C 703 18.85 33.55 -31.03
C THR C 703 17.59 32.99 -31.66
N VAL C 704 16.63 33.88 -31.96
CA VAL C 704 15.36 33.50 -32.56
C VAL C 704 15.15 34.29 -33.83
N LEU C 705 14.68 33.62 -34.88
CA LEU C 705 14.42 34.23 -36.17
C LEU C 705 12.94 34.12 -36.50
N ARG C 706 12.47 34.99 -37.39
CA ARG C 706 11.05 35.09 -37.71
C ARG C 706 10.86 35.27 -39.21
N ARG C 707 10.16 34.33 -39.84
CA ARG C 707 9.72 34.48 -41.21
C ARG C 707 8.24 34.85 -41.21
N PRO C 708 7.88 36.09 -41.57
CA PRO C 708 6.48 36.51 -41.62
C PRO C 708 5.81 36.16 -42.94
N GLN D 5 -20.64 23.77 -39.74
CA GLN D 5 -19.78 24.54 -38.83
C GLN D 5 -19.62 23.81 -37.51
N VAL D 6 -18.36 23.51 -37.16
CA VAL D 6 -18.03 22.72 -35.98
C VAL D 6 -16.95 23.45 -35.20
N TRP D 7 -17.22 23.74 -33.93
CA TRP D 7 -16.26 24.37 -33.03
C TRP D 7 -15.78 23.36 -31.99
N PRO D 8 -14.55 23.53 -31.48
CA PRO D 8 -14.06 22.57 -30.46
C PRO D 8 -14.95 22.51 -29.22
N GLY D 9 -15.45 23.64 -28.76
CA GLY D 9 -16.36 23.62 -27.62
C GLY D 9 -15.67 23.22 -26.33
N GLN D 10 -16.49 22.81 -25.37
CA GLN D 10 -16.05 22.46 -24.03
C GLN D 10 -16.12 20.96 -23.80
N ALA D 11 -15.27 20.47 -22.91
CA ALA D 11 -15.34 19.08 -22.48
C ALA D 11 -16.38 18.86 -21.40
N TYR D 12 -16.76 19.91 -20.68
CA TYR D 12 -17.70 19.81 -19.57
C TYR D 12 -18.91 20.71 -19.82
N PRO D 13 -20.12 20.25 -19.46
CA PRO D 13 -20.34 18.90 -18.91
C PRO D 13 -20.59 17.87 -20.00
N LEU D 14 -20.50 16.60 -19.64
CA LEU D 14 -20.72 15.53 -20.61
C LEU D 14 -22.18 15.52 -21.06
N GLY D 15 -22.39 15.13 -22.31
CA GLY D 15 -23.72 15.10 -22.88
C GLY D 15 -23.96 16.24 -23.86
N ALA D 16 -25.23 16.39 -24.22
CA ALA D 16 -25.66 17.41 -25.18
C ALA D 16 -26.25 18.57 -24.39
N THR D 17 -25.41 19.56 -24.09
CA THR D 17 -25.82 20.74 -23.35
C THR D 17 -26.01 21.89 -24.32
N TYR D 18 -27.26 22.34 -24.45
CA TYR D 18 -27.65 23.36 -25.41
C TYR D 18 -27.60 24.73 -24.76
N ASP D 19 -26.89 25.68 -25.39
CA ASP D 19 -26.72 27.04 -24.85
C ASP D 19 -27.09 28.07 -25.91
N GLY D 20 -28.38 28.34 -26.03
CA GLY D 20 -28.85 29.48 -26.81
C GLY D 20 -28.68 29.36 -28.31
N ALA D 21 -27.43 29.40 -28.78
CA ALA D 21 -27.15 29.40 -30.21
C ALA D 21 -27.06 27.98 -30.78
N GLY D 22 -26.25 27.13 -30.15
CA GLY D 22 -26.11 25.76 -30.61
C GLY D 22 -25.99 24.77 -29.47
N THR D 23 -25.64 23.53 -29.79
CA THR D 23 -25.49 22.48 -28.80
C THR D 23 -24.02 22.09 -28.69
N ASN D 24 -23.59 21.75 -27.47
CA ASN D 24 -22.25 21.25 -27.21
C ASN D 24 -22.36 19.78 -26.83
N PHE D 25 -21.65 18.93 -27.57
CA PHE D 25 -21.64 17.49 -27.34
C PHE D 25 -20.31 17.08 -26.74
N ALA D 26 -20.36 16.16 -25.78
CA ALA D 26 -19.16 15.67 -25.12
C ALA D 26 -19.40 14.24 -24.67
N VAL D 27 -18.62 13.29 -25.19
CA VAL D 27 -18.71 11.90 -24.83
C VAL D 27 -17.32 11.41 -24.46
N PHE D 28 -17.26 10.44 -23.55
CA PHE D 28 -16.00 9.91 -23.07
C PHE D 28 -15.76 8.51 -23.61
N SER D 29 -14.53 8.25 -24.04
CA SER D 29 -14.07 6.89 -24.34
C SER D 29 -12.56 6.90 -24.37
N GLU D 30 -11.94 6.23 -23.39
CA GLU D 30 -10.48 6.14 -23.34
C GLU D 30 -9.92 5.03 -24.22
N ALA D 31 -10.79 4.23 -24.86
CA ALA D 31 -10.39 3.17 -25.76
C ALA D 31 -11.08 3.34 -27.11
N ALA D 32 -11.06 4.58 -27.61
CA ALA D 32 -11.67 4.92 -28.90
C ALA D 32 -10.63 5.67 -29.72
N HIS D 33 -10.18 5.07 -30.82
CA HIS D 33 -9.26 5.76 -31.71
C HIS D 33 -9.95 6.92 -32.42
N ARG D 34 -11.23 6.77 -32.76
CA ARG D 34 -12.01 7.82 -33.39
C ARG D 34 -13.44 7.73 -32.90
N ILE D 35 -14.03 8.88 -32.57
CA ILE D 35 -15.45 8.97 -32.22
C ILE D 35 -16.12 9.94 -33.20
N GLU D 36 -17.33 9.59 -33.63
CA GLU D 36 -18.12 10.42 -34.52
C GLU D 36 -19.47 10.73 -33.87
N LEU D 37 -19.98 11.92 -34.16
CA LEU D 37 -21.30 12.34 -33.72
C LEU D 37 -22.25 12.30 -34.91
N CYS D 38 -23.26 11.45 -34.83
CA CYS D 38 -24.24 11.29 -35.89
C CYS D 38 -25.49 12.07 -35.56
N LEU D 39 -25.80 13.07 -36.38
CA LEU D 39 -26.99 13.88 -36.22
C LEU D 39 -28.12 13.27 -37.05
N LEU D 40 -29.19 12.86 -36.39
CA LEU D 40 -30.28 12.13 -37.04
C LEU D 40 -31.40 13.08 -37.42
N HIS D 41 -31.84 12.99 -38.67
CA HIS D 41 -33.00 13.72 -39.17
C HIS D 41 -34.15 12.74 -39.39
N ASP D 42 -35.28 13.28 -39.84
CA ASP D 42 -36.51 12.49 -39.88
C ASP D 42 -36.45 11.37 -40.89
N ASP D 43 -35.69 11.52 -41.97
CA ASP D 43 -35.53 10.47 -42.97
C ASP D 43 -34.25 9.68 -42.73
N GLY D 44 -34.12 9.12 -41.53
CA GLY D 44 -32.89 8.48 -41.13
C GLY D 44 -31.75 9.48 -41.15
N SER D 45 -30.88 9.37 -42.16
CA SER D 45 -30.05 10.47 -42.63
C SER D 45 -29.13 11.01 -41.52
N GLU D 46 -28.16 10.17 -41.15
CA GLU D 46 -27.06 10.64 -40.31
C GLU D 46 -26.34 11.79 -40.99
N THR D 47 -26.14 12.89 -40.26
CA THR D 47 -25.21 13.95 -40.63
C THR D 47 -24.07 13.86 -39.62
N ALA D 48 -23.04 13.10 -39.98
CA ALA D 48 -21.99 12.72 -39.04
C ALA D 48 -20.93 13.80 -38.91
N VAL D 49 -20.48 14.02 -37.68
CA VAL D 49 -19.38 14.95 -37.38
C VAL D 49 -18.42 14.24 -36.44
N GLU D 50 -17.15 14.15 -36.84
CA GLU D 50 -16.13 13.61 -35.96
C GLU D 50 -15.81 14.62 -34.86
N LEU D 51 -15.62 14.12 -33.65
CA LEU D 51 -15.26 14.96 -32.51
C LEU D 51 -13.74 14.84 -32.34
N ARG D 52 -13.01 15.68 -33.08
CA ARG D 52 -11.55 15.59 -33.08
C ARG D 52 -10.95 16.01 -31.74
N GLU D 53 -11.48 17.07 -31.14
CA GLU D 53 -10.91 17.64 -29.92
C GLU D 53 -11.24 16.75 -28.73
N THR D 54 -10.33 15.85 -28.42
CA THR D 54 -10.35 15.13 -27.16
C THR D 54 -9.81 16.03 -26.05
N ASP D 55 -10.13 15.68 -24.80
CA ASP D 55 -9.53 16.36 -23.66
C ASP D 55 -9.63 15.43 -22.47
N ALA D 56 -8.50 14.86 -22.06
CA ALA D 56 -8.45 13.86 -21.00
C ALA D 56 -9.46 12.74 -21.28
N PHE D 57 -9.53 12.32 -22.54
CA PHE D 57 -10.31 11.22 -23.08
C PHE D 57 -11.79 11.56 -23.26
N VAL D 58 -12.21 12.80 -23.03
CA VAL D 58 -13.56 13.25 -23.35
C VAL D 58 -13.49 13.96 -24.70
N ARG D 59 -14.04 13.32 -25.73
CA ARG D 59 -14.11 13.91 -27.06
C ARG D 59 -15.34 14.77 -27.17
N HIS D 60 -15.18 15.95 -27.77
CA HIS D 60 -16.22 16.97 -27.71
C HIS D 60 -16.14 17.86 -28.94
N ALA D 61 -17.25 18.54 -29.22
CA ALA D 61 -17.34 19.54 -30.27
C ALA D 61 -18.65 20.31 -30.09
N TYR D 62 -18.58 21.62 -30.27
CA TYR D 62 -19.75 22.48 -30.21
C TYR D 62 -20.22 22.78 -31.63
N LEU D 63 -21.44 22.34 -31.94
CA LEU D 63 -22.00 22.54 -33.27
C LEU D 63 -22.99 23.69 -33.22
N PRO D 64 -22.64 24.89 -33.66
CA PRO D 64 -23.60 25.99 -33.65
C PRO D 64 -24.77 25.72 -34.59
N GLY D 65 -25.98 26.01 -34.11
CA GLY D 65 -27.19 25.81 -34.87
C GLY D 65 -28.00 24.62 -34.42
N VAL D 66 -27.35 23.57 -33.92
CA VAL D 66 -28.06 22.37 -33.49
C VAL D 66 -29.00 22.71 -32.34
N MET D 67 -30.24 22.28 -32.47
CA MET D 67 -31.32 22.70 -31.56
C MET D 67 -31.81 21.56 -30.67
N PRO D 68 -32.64 21.88 -29.67
CA PRO D 68 -33.36 20.83 -28.95
C PRO D 68 -34.28 20.06 -29.89
N GLY D 69 -34.72 18.89 -29.43
CA GLY D 69 -35.42 17.96 -30.29
C GLY D 69 -34.56 17.26 -31.33
N GLN D 70 -33.36 17.77 -31.60
CA GLN D 70 -32.44 17.08 -32.50
C GLN D 70 -32.05 15.72 -31.92
N ARG D 71 -32.39 14.67 -32.65
CA ARG D 71 -31.98 13.32 -32.26
C ARG D 71 -30.55 13.07 -32.73
N TYR D 72 -29.76 12.42 -31.87
CA TYR D 72 -28.35 12.23 -32.15
C TYR D 72 -27.88 10.93 -31.51
N GLY D 73 -26.64 10.57 -31.82
CA GLY D 73 -26.02 9.37 -31.27
C GLY D 73 -24.56 9.35 -31.67
N PHE D 74 -23.82 8.47 -31.02
CA PHE D 74 -22.38 8.38 -31.21
C PHE D 74 -22.01 7.11 -31.96
N ARG D 75 -20.94 7.21 -32.75
CA ARG D 75 -20.38 6.08 -33.49
C ARG D 75 -18.89 6.00 -33.14
N VAL D 76 -18.53 5.00 -32.36
CA VAL D 76 -17.17 4.88 -31.81
C VAL D 76 -16.38 3.93 -32.70
N HIS D 77 -15.42 4.49 -33.45
CA HIS D 77 -14.43 3.67 -34.11
C HIS D 77 -13.40 3.20 -33.10
N GLY D 78 -13.19 1.89 -33.03
CA GLY D 78 -12.28 1.32 -32.08
C GLY D 78 -12.07 -0.16 -32.31
N PRO D 79 -11.03 -0.72 -31.70
CA PRO D 79 -10.72 -2.14 -31.90
C PRO D 79 -11.82 -3.03 -31.31
N TYR D 80 -12.39 -3.89 -32.15
CA TYR D 80 -13.27 -4.96 -31.68
C TYR D 80 -12.38 -6.14 -31.32
N ALA D 81 -12.19 -6.34 -30.03
CA ALA D 81 -11.36 -7.45 -29.54
C ALA D 81 -11.80 -7.82 -28.14
N PRO D 82 -12.91 -8.56 -27.99
CA PRO D 82 -13.34 -8.98 -26.64
C PRO D 82 -12.32 -9.85 -25.93
N GLU D 83 -11.46 -10.54 -26.68
CA GLU D 83 -10.37 -11.31 -26.06
C GLU D 83 -9.47 -10.45 -25.19
N ARG D 84 -9.44 -9.14 -25.44
CA ARG D 84 -8.78 -8.19 -24.56
C ARG D 84 -9.75 -7.30 -23.81
N GLY D 85 -11.04 -7.34 -24.13
CA GLY D 85 -12.06 -6.60 -23.42
C GLY D 85 -12.63 -5.40 -24.14
N LEU D 86 -12.34 -5.23 -25.41
CA LEU D 86 -12.83 -4.09 -26.19
C LEU D 86 -13.90 -4.57 -27.15
N ARG D 87 -15.08 -3.98 -27.06
CA ARG D 87 -16.21 -4.30 -27.93
C ARG D 87 -16.67 -3.06 -28.70
N CYS D 88 -15.70 -2.23 -29.12
CA CYS D 88 -16.03 -1.03 -29.88
C CYS D 88 -16.48 -1.42 -31.28
N ASN D 89 -17.71 -1.03 -31.63
CA ASN D 89 -18.28 -1.32 -32.94
C ASN D 89 -18.79 0.00 -33.53
N ALA D 90 -18.21 0.39 -34.67
CA ALA D 90 -18.64 1.62 -35.32
C ALA D 90 -19.97 1.48 -36.04
N ALA D 91 -20.35 0.26 -36.44
CA ALA D 91 -21.64 0.04 -37.08
C ALA D 91 -22.82 0.25 -36.13
N LYS D 92 -22.56 0.41 -34.83
CA LYS D 92 -23.62 0.58 -33.84
C LYS D 92 -23.73 2.04 -33.46
N LEU D 93 -24.97 2.54 -33.39
CA LEU D 93 -25.24 3.92 -33.04
C LEU D 93 -25.41 4.00 -31.53
N LEU D 94 -24.33 4.34 -30.82
CA LEU D 94 -24.36 4.35 -29.36
C LEU D 94 -25.14 5.54 -28.84
N LEU D 95 -25.96 5.29 -27.82
CA LEU D 95 -26.62 6.37 -27.12
C LEU D 95 -25.60 7.22 -26.36
N ASP D 96 -25.99 8.45 -26.09
CA ASP D 96 -25.27 9.25 -25.11
C ASP D 96 -25.64 8.75 -23.72
N PRO D 97 -24.68 8.31 -22.91
CA PRO D 97 -25.02 7.95 -21.53
C PRO D 97 -25.61 9.11 -20.76
N TYR D 98 -25.12 10.32 -21.02
CA TYR D 98 -25.63 11.54 -20.43
C TYR D 98 -26.80 12.13 -21.21
N ALA D 99 -27.45 11.33 -22.05
CA ALA D 99 -28.63 11.79 -22.78
C ALA D 99 -29.75 12.08 -21.80
N ARG D 100 -30.20 13.33 -21.78
CA ARG D 100 -31.27 13.74 -20.88
C ARG D 100 -32.65 13.40 -21.43
N ALA D 101 -32.73 12.85 -22.64
CA ALA D 101 -33.98 12.36 -23.20
C ALA D 101 -33.67 11.31 -24.25
N VAL D 102 -34.31 10.15 -24.13
CA VAL D 102 -34.10 9.03 -25.04
C VAL D 102 -35.41 8.76 -25.78
N SER D 103 -35.40 9.02 -27.08
CA SER D 103 -36.60 8.84 -27.90
C SER D 103 -36.60 7.47 -28.57
N GLY D 104 -37.80 6.93 -28.75
CA GLY D 104 -37.97 5.65 -29.39
C GLY D 104 -37.67 4.48 -28.46
N ARG D 105 -38.14 3.31 -28.87
CA ARG D 105 -37.89 2.06 -28.17
C ARG D 105 -36.99 1.17 -29.00
N VAL D 106 -36.42 0.16 -28.33
CA VAL D 106 -35.48 -0.74 -29.01
C VAL D 106 -36.25 -1.62 -29.98
N ARG D 107 -35.95 -1.48 -31.27
CA ARG D 107 -36.52 -2.32 -32.32
C ARG D 107 -35.66 -3.57 -32.41
N TRP D 108 -36.01 -4.58 -31.61
CA TRP D 108 -35.16 -5.75 -31.41
C TRP D 108 -34.92 -6.50 -32.72
N GLY D 109 -33.67 -6.50 -33.19
CA GLY D 109 -33.32 -7.20 -34.41
C GLY D 109 -31.90 -7.74 -34.39
N GLU D 110 -31.45 -8.25 -35.53
CA GLU D 110 -30.11 -8.81 -35.64
C GLU D 110 -29.03 -7.74 -35.66
N ALA D 111 -29.40 -6.45 -35.72
CA ALA D 111 -28.42 -5.37 -35.85
C ALA D 111 -28.10 -4.68 -34.54
N VAL D 112 -28.94 -4.80 -33.52
CA VAL D 112 -28.66 -4.14 -32.25
C VAL D 112 -27.64 -4.89 -31.42
N TYR D 113 -27.21 -6.07 -31.85
CA TYR D 113 -26.17 -6.84 -31.18
C TYR D 113 -24.84 -6.65 -31.89
N GLY D 114 -23.77 -6.50 -31.12
CA GLY D 114 -22.46 -6.26 -31.69
C GLY D 114 -21.80 -7.45 -32.36
N TYR D 115 -22.44 -8.61 -32.33
CA TYR D 115 -21.89 -9.85 -32.85
C TYR D 115 -22.87 -10.48 -33.82
N PRO D 116 -22.40 -11.26 -34.79
CA PRO D 116 -23.33 -12.02 -35.64
C PRO D 116 -24.08 -13.05 -34.81
N PHE D 117 -25.32 -13.32 -35.22
CA PHE D 117 -26.24 -14.09 -34.39
C PHE D 117 -25.85 -15.55 -34.33
N GLY D 118 -24.75 -15.86 -33.65
CA GLY D 118 -24.27 -17.22 -33.54
C GLY D 118 -22.75 -17.30 -33.60
N ARG D 119 -22.11 -16.15 -33.76
CA ARG D 119 -20.65 -16.05 -33.77
C ARG D 119 -20.25 -14.96 -32.78
N PRO D 120 -20.37 -15.24 -31.47
CA PRO D 120 -20.27 -14.17 -30.47
C PRO D 120 -18.94 -13.46 -30.45
N ASP D 121 -17.86 -14.08 -30.91
CA ASP D 121 -16.55 -13.45 -30.93
C ASP D 121 -16.19 -12.91 -32.30
N ALA D 122 -17.13 -12.97 -33.25
CA ALA D 122 -17.01 -12.25 -34.50
C ALA D 122 -17.63 -10.87 -34.33
N ARG D 123 -17.73 -10.10 -35.41
CA ARG D 123 -18.23 -8.74 -35.34
C ARG D 123 -19.44 -8.57 -36.26
N ASN D 124 -20.41 -7.79 -35.79
CA ASN D 124 -21.64 -7.51 -36.53
C ASN D 124 -21.51 -6.16 -37.21
N ASP D 125 -21.36 -6.18 -38.53
CA ASP D 125 -21.29 -4.95 -39.32
C ASP D 125 -22.66 -4.64 -39.94
N LEU D 126 -23.64 -4.42 -39.07
CA LEU D 126 -24.98 -4.03 -39.48
C LEU D 126 -25.39 -2.78 -38.73
N ASP D 127 -25.89 -1.79 -39.47
CA ASP D 127 -26.17 -0.48 -38.90
C ASP D 127 -27.26 -0.58 -37.84
N SER D 128 -26.89 -0.27 -36.60
CA SER D 128 -27.84 -0.28 -35.49
C SER D 128 -28.78 0.93 -35.49
N ALA D 129 -28.56 1.89 -36.38
CA ALA D 129 -29.28 3.16 -36.31
C ALA D 129 -30.80 3.00 -36.40
N PRO D 130 -31.38 2.35 -37.42
CA PRO D 130 -32.84 2.37 -37.55
C PRO D 130 -33.57 1.52 -36.53
N ASP D 131 -32.85 0.76 -35.70
CA ASP D 131 -33.48 -0.11 -34.71
C ASP D 131 -33.25 0.32 -33.27
N THR D 132 -32.27 1.19 -33.02
CA THR D 132 -31.92 1.56 -31.66
C THR D 132 -32.75 2.72 -31.12
N MET D 133 -32.59 2.99 -29.83
CA MET D 133 -33.11 4.22 -29.24
C MET D 133 -32.28 5.40 -29.71
N THR D 134 -32.73 6.61 -29.43
CA THR D 134 -32.02 7.81 -29.89
C THR D 134 -31.95 8.82 -28.77
N SER D 135 -30.75 9.36 -28.56
CA SER D 135 -30.57 10.48 -27.65
C SER D 135 -31.09 11.76 -28.31
N VAL D 136 -31.67 12.64 -27.49
CA VAL D 136 -32.32 13.85 -27.99
C VAL D 136 -31.72 15.06 -27.27
N VAL D 137 -31.41 16.10 -28.03
CA VAL D 137 -31.04 17.37 -27.44
C VAL D 137 -32.26 17.99 -26.76
N VAL D 138 -32.08 18.46 -25.53
CA VAL D 138 -33.18 18.96 -24.71
C VAL D 138 -32.92 20.41 -24.36
N ASN D 139 -33.99 21.20 -24.35
CA ASN D 139 -33.96 22.54 -23.77
C ASN D 139 -34.15 22.37 -22.26
N PRO D 140 -33.12 22.69 -21.46
CA PRO D 140 -33.21 22.47 -20.01
C PRO D 140 -34.07 23.46 -19.25
N TYR D 141 -34.75 24.37 -19.94
CA TYR D 141 -35.53 25.39 -19.25
C TYR D 141 -36.77 24.79 -18.60
N PHE D 142 -37.02 25.17 -17.35
CA PHE D 142 -38.27 24.86 -16.69
C PHE D 142 -38.51 25.89 -15.60
N ASP D 143 -39.75 26.39 -15.52
CA ASP D 143 -40.09 27.45 -14.58
C ASP D 143 -40.81 26.85 -13.38
N TRP D 144 -40.03 26.29 -12.46
CA TRP D 144 -40.51 26.06 -11.10
C TRP D 144 -40.67 27.42 -10.44
N GLY D 145 -41.91 27.83 -10.18
CA GLY D 145 -42.09 29.15 -9.60
C GLY D 145 -41.81 29.22 -8.12
N ASP D 146 -42.66 28.58 -7.32
CA ASP D 146 -42.50 28.54 -5.87
C ASP D 146 -42.06 27.17 -5.38
N ASP D 147 -41.32 26.43 -6.22
CA ASP D 147 -40.90 25.09 -5.84
C ASP D 147 -39.98 25.18 -4.64
N ARG D 148 -40.45 24.66 -3.50
CA ARG D 148 -39.61 24.42 -2.33
C ARG D 148 -39.72 22.92 -2.06
N ARG D 149 -38.59 22.22 -2.18
CA ARG D 149 -38.51 20.83 -1.75
C ARG D 149 -39.08 20.68 -0.35
N PRO D 150 -40.15 19.95 -0.17
CA PRO D 150 -40.66 19.80 1.20
C PRO D 150 -39.69 18.92 1.96
N ARG D 151 -38.89 19.53 2.83
CA ARG D 151 -37.85 18.81 3.56
C ARG D 151 -38.46 18.10 4.76
N THR D 152 -39.35 17.17 4.43
CA THR D 152 -40.00 16.34 5.44
C THR D 152 -38.95 15.55 6.22
N GLU D 153 -38.90 15.79 7.53
CA GLU D 153 -37.94 15.09 8.38
C GLU D 153 -38.15 13.58 8.29
N TYR D 154 -37.07 12.84 8.53
CA TYR D 154 -37.14 11.39 8.47
C TYR D 154 -38.17 10.84 9.45
N HIS D 155 -38.23 11.41 10.65
CA HIS D 155 -39.15 10.94 11.68
C HIS D 155 -40.59 11.40 11.45
N HIS D 156 -40.86 12.04 10.31
CA HIS D 156 -42.22 12.33 9.88
C HIS D 156 -42.59 11.60 8.59
N THR D 157 -41.70 10.76 8.07
CA THR D 157 -41.80 10.26 6.71
C THR D 157 -42.67 9.00 6.63
N VAL D 158 -43.45 8.91 5.55
CA VAL D 158 -44.18 7.70 5.18
C VAL D 158 -43.91 7.48 3.70
N ILE D 159 -43.10 6.48 3.39
CA ILE D 159 -42.67 6.22 2.01
C ILE D 159 -43.73 5.39 1.30
N TYR D 160 -44.29 5.94 0.23
CA TYR D 160 -45.29 5.25 -0.58
C TYR D 160 -44.60 4.74 -1.85
N GLU D 161 -44.16 3.49 -1.82
CA GLU D 161 -43.59 2.87 -3.02
C GLU D 161 -44.70 2.67 -4.03
N ALA D 162 -44.57 3.33 -5.18
CA ALA D 162 -45.58 3.25 -6.22
C ALA D 162 -44.91 3.29 -7.59
N HIS D 163 -45.41 2.45 -8.49
CA HIS D 163 -44.95 2.47 -9.87
C HIS D 163 -45.75 3.50 -10.66
N VAL D 164 -45.07 4.16 -11.60
CA VAL D 164 -45.71 5.24 -12.35
C VAL D 164 -46.92 4.73 -13.11
N LYS D 165 -46.71 3.74 -13.98
CA LYS D 165 -47.80 3.25 -14.83
C LYS D 165 -48.84 2.49 -14.02
N GLY D 166 -48.41 1.73 -13.01
CA GLY D 166 -49.35 0.91 -12.26
C GLY D 166 -50.23 1.70 -11.32
N LEU D 167 -49.77 2.86 -10.86
CA LEU D 167 -50.55 3.66 -9.92
C LEU D 167 -51.82 4.19 -10.57
N THR D 168 -51.74 4.56 -11.85
CA THR D 168 -52.77 5.38 -12.46
C THR D 168 -53.40 4.89 -13.77
N MET D 169 -52.99 3.75 -14.30
CA MET D 169 -53.51 3.28 -15.58
C MET D 169 -54.98 2.83 -15.50
N LEU D 170 -55.47 2.70 -14.26
CA LEU D 170 -56.82 2.20 -14.02
C LEU D 170 -57.63 3.20 -13.22
N HIS D 171 -57.15 4.42 -13.05
CA HIS D 171 -57.87 5.40 -12.24
C HIS D 171 -59.08 5.94 -13.00
N PRO D 172 -60.30 5.75 -12.50
CA PRO D 172 -61.46 6.30 -13.21
C PRO D 172 -61.65 7.78 -12.91
N ASP D 173 -60.56 8.54 -12.93
CA ASP D 173 -60.62 9.99 -12.74
C ASP D 173 -59.82 10.69 -13.83
N LEU D 174 -58.73 10.08 -14.25
CA LEU D 174 -57.86 10.71 -15.22
C LEU D 174 -58.40 10.51 -16.62
N PRO D 175 -58.06 11.39 -17.56
CA PRO D 175 -58.36 11.12 -18.96
C PRO D 175 -57.52 9.95 -19.46
N GLU D 176 -58.01 9.32 -20.54
CA GLU D 176 -57.30 8.20 -21.14
C GLU D 176 -55.88 8.58 -21.52
N GLU D 177 -55.65 9.82 -21.95
CA GLU D 177 -54.33 10.26 -22.35
C GLU D 177 -53.37 10.37 -21.17
N LEU D 178 -53.89 10.57 -19.95
CA LEU D 178 -53.04 10.76 -18.79
C LEU D 178 -52.90 9.53 -17.91
N ARG D 179 -53.74 8.51 -18.11
CA ARG D 179 -53.66 7.30 -17.30
C ARG D 179 -52.31 6.61 -17.51
N GLY D 180 -51.67 6.25 -16.41
CA GLY D 180 -50.42 5.50 -16.49
C GLY D 180 -49.22 6.31 -16.92
N THR D 181 -49.31 7.64 -16.91
CA THR D 181 -48.21 8.51 -17.31
C THR D 181 -47.76 9.37 -16.14
N TYR D 182 -46.74 10.21 -16.40
CA TYR D 182 -46.25 11.11 -15.36
C TYR D 182 -47.29 12.17 -15.02
N ALA D 183 -47.90 12.79 -16.03
CA ALA D 183 -48.85 13.87 -15.78
C ALA D 183 -50.07 13.38 -15.01
N GLY D 184 -50.46 12.11 -15.22
CA GLY D 184 -51.53 11.55 -14.42
C GLY D 184 -51.14 11.36 -12.97
N LEU D 185 -49.85 11.15 -12.71
CA LEU D 185 -49.35 11.11 -11.33
C LEU D 185 -49.43 12.49 -10.68
N ALA D 186 -49.42 13.56 -11.46
CA ALA D 186 -49.57 14.91 -10.98
C ALA D 186 -51.02 15.38 -10.94
N HIS D 187 -51.96 14.50 -11.24
CA HIS D 187 -53.38 14.87 -11.27
C HIS D 187 -53.86 15.21 -9.85
N PRO D 188 -54.72 16.20 -9.70
CA PRO D 188 -55.20 16.56 -8.35
C PRO D 188 -55.97 15.45 -7.66
N SER D 189 -56.47 14.45 -8.40
CA SER D 189 -57.15 13.33 -7.77
C SER D 189 -56.17 12.31 -7.23
N VAL D 190 -55.06 12.09 -7.93
CA VAL D 190 -54.06 11.13 -7.47
C VAL D 190 -53.32 11.67 -6.25
N ILE D 191 -52.77 12.88 -6.37
CA ILE D 191 -52.12 13.50 -5.23
C ILE D 191 -53.09 13.68 -4.08
N GLY D 192 -54.38 13.86 -4.39
CA GLY D 192 -55.38 13.92 -3.34
C GLY D 192 -55.45 12.63 -2.53
N HIS D 193 -55.44 11.49 -3.21
CA HIS D 193 -55.45 10.21 -2.50
C HIS D 193 -54.18 10.01 -1.70
N LEU D 194 -53.04 10.51 -2.20
CA LEU D 194 -51.81 10.47 -1.42
C LEU D 194 -51.93 11.37 -0.20
N ARG D 195 -52.45 12.59 -0.39
CA ARG D 195 -52.62 13.51 0.73
C ARG D 195 -53.62 12.98 1.74
N GLU D 196 -54.74 12.42 1.27
CA GLU D 196 -55.72 11.82 2.17
C GLU D 196 -55.10 10.71 3.00
N LEU D 197 -54.18 9.94 2.41
CA LEU D 197 -53.59 8.80 3.09
C LEU D 197 -52.71 9.24 4.25
N GLY D 198 -51.68 10.02 3.96
CA GLY D 198 -50.75 10.46 4.99
C GLY D 198 -49.31 10.29 4.56
N VAL D 199 -49.10 9.86 3.30
CA VAL D 199 -47.75 9.68 2.79
C VAL D 199 -47.05 11.02 2.71
N THR D 200 -45.72 11.00 2.85
CA THR D 200 -44.90 12.18 2.73
C THR D 200 -43.84 12.07 1.65
N ALA D 201 -43.58 10.87 1.14
CA ALA D 201 -42.55 10.67 0.12
C ALA D 201 -43.01 9.58 -0.84
N LEU D 202 -43.18 9.92 -2.10
CA LEU D 202 -43.48 8.94 -3.13
C LEU D 202 -42.20 8.26 -3.57
N GLU D 203 -42.14 6.94 -3.43
CA GLU D 203 -41.04 6.16 -4.02
C GLU D 203 -41.47 5.74 -5.43
N LEU D 204 -40.84 6.35 -6.43
CA LEU D 204 -41.18 6.09 -7.82
C LEU D 204 -40.26 4.98 -8.32
N MET D 205 -40.85 3.81 -8.58
CA MET D 205 -40.14 2.70 -9.20
C MET D 205 -39.55 3.19 -10.52
N PRO D 206 -38.39 2.60 -10.93
CA PRO D 206 -37.48 3.30 -11.86
C PRO D 206 -38.10 4.11 -12.98
N VAL D 207 -37.80 5.41 -12.97
CA VAL D 207 -38.16 6.29 -14.07
C VAL D 207 -36.99 6.55 -15.00
N HIS D 208 -35.78 6.14 -14.62
CA HIS D 208 -34.67 6.12 -15.56
C HIS D 208 -35.08 5.37 -16.82
N GLN D 209 -34.61 5.87 -17.96
CA GLN D 209 -34.91 5.23 -19.23
C GLN D 209 -34.43 3.79 -19.23
N PHE D 210 -35.37 2.84 -19.28
CA PHE D 210 -35.03 1.43 -19.26
C PHE D 210 -35.45 0.77 -20.56
N VAL D 211 -34.91 -0.43 -20.79
CA VAL D 211 -35.05 -1.14 -22.05
C VAL D 211 -35.89 -2.38 -21.84
N ASN D 212 -36.78 -2.66 -22.80
CA ASN D 212 -37.50 -3.92 -22.83
C ASN D 212 -36.54 -5.04 -23.17
N ASP D 213 -36.42 -6.01 -22.27
CA ASP D 213 -35.55 -7.16 -22.51
C ASP D 213 -36.00 -7.92 -23.75
N HIS D 214 -35.04 -8.22 -24.63
CA HIS D 214 -35.36 -9.02 -25.81
C HIS D 214 -35.90 -10.39 -25.41
N ARG D 215 -35.36 -10.97 -24.34
CA ARG D 215 -35.92 -12.19 -23.78
C ARG D 215 -37.38 -12.01 -23.40
N LEU D 216 -37.77 -10.81 -22.96
CA LEU D 216 -39.16 -10.54 -22.63
C LEU D 216 -39.96 -10.15 -23.87
N VAL D 217 -39.35 -9.40 -24.79
CA VAL D 217 -40.07 -8.93 -25.97
C VAL D 217 -40.55 -10.12 -26.81
N ASP D 218 -39.65 -11.04 -27.12
CA ASP D 218 -40.05 -12.27 -27.80
C ASP D 218 -40.54 -13.32 -26.79
N ALA D 219 -41.36 -12.85 -25.85
CA ALA D 219 -42.05 -13.76 -24.95
C ALA D 219 -43.46 -13.29 -24.62
N GLY D 220 -44.03 -12.37 -25.39
CA GLY D 220 -45.34 -11.82 -25.08
C GLY D 220 -45.38 -10.87 -23.89
N LEU D 221 -44.25 -10.57 -23.28
CA LEU D 221 -44.19 -9.74 -22.08
C LEU D 221 -43.33 -8.51 -22.33
N SER D 222 -43.09 -7.74 -21.27
CA SER D 222 -42.25 -6.54 -21.35
C SER D 222 -41.74 -6.22 -19.95
N ASN D 223 -40.62 -5.50 -19.91
CA ASN D 223 -40.00 -5.13 -18.64
C ASN D 223 -40.88 -4.07 -17.97
N TYR D 224 -41.65 -4.49 -16.97
CA TYR D 224 -42.62 -3.62 -16.32
C TYR D 224 -42.00 -2.79 -15.21
N TRP D 225 -41.23 -3.42 -14.32
CA TRP D 225 -40.69 -2.70 -13.17
C TRP D 225 -39.68 -1.64 -13.60
N GLY D 226 -38.89 -1.92 -14.63
CA GLY D 226 -37.92 -0.97 -15.12
C GLY D 226 -36.55 -1.06 -14.49
N TYR D 227 -36.21 -2.18 -13.85
CA TYR D 227 -34.88 -2.33 -13.28
C TYR D 227 -33.91 -2.85 -14.34
N ASN D 228 -33.91 -2.23 -15.53
CA ASN D 228 -32.94 -2.54 -16.58
C ASN D 228 -32.78 -1.29 -17.44
N THR D 229 -31.86 -0.41 -17.03
CA THR D 229 -31.85 0.96 -17.53
C THR D 229 -30.57 1.25 -18.31
N ILE D 230 -30.67 2.20 -19.25
CA ILE D 230 -29.51 2.73 -19.97
C ILE D 230 -29.44 4.23 -19.79
N GLY D 231 -30.58 4.87 -19.57
CA GLY D 231 -30.62 6.30 -19.39
C GLY D 231 -30.63 6.70 -17.94
N PHE D 232 -29.47 7.01 -17.38
CA PHE D 232 -29.38 7.51 -16.02
C PHE D 232 -29.61 9.01 -15.96
N PHE D 233 -29.99 9.62 -17.09
CA PHE D 233 -30.28 11.04 -17.16
C PHE D 233 -31.60 11.34 -17.85
N ALA D 234 -32.24 10.35 -18.46
CA ALA D 234 -33.47 10.56 -19.20
C ALA D 234 -34.64 9.91 -18.50
N PRO D 235 -35.76 10.61 -18.34
CA PRO D 235 -36.97 9.95 -17.85
C PRO D 235 -37.47 8.94 -18.87
N HIS D 236 -38.10 7.88 -18.36
CA HIS D 236 -38.58 6.83 -19.24
C HIS D 236 -39.65 7.38 -20.18
N ASN D 237 -39.39 7.26 -21.49
CA ASN D 237 -40.29 7.85 -22.48
C ASN D 237 -41.58 7.07 -22.65
N ALA D 238 -41.68 5.86 -22.12
CA ALA D 238 -42.94 5.11 -22.20
C ALA D 238 -43.94 5.53 -21.14
N TYR D 239 -43.54 6.36 -20.19
CA TYR D 239 -44.47 6.99 -19.25
C TYR D 239 -44.76 8.43 -19.64
N ALA D 240 -44.47 8.81 -20.88
CA ALA D 240 -44.58 10.19 -21.34
C ALA D 240 -45.73 10.28 -22.34
N SER D 241 -46.79 10.99 -21.96
CA SER D 241 -47.91 11.25 -22.84
C SER D 241 -47.75 12.53 -23.64
N TRP D 242 -46.66 13.27 -23.43
CA TRP D 242 -46.40 14.52 -24.14
C TRP D 242 -45.37 14.36 -25.25
N GLY D 243 -44.92 13.15 -25.53
CA GLY D 243 -43.92 12.90 -26.53
C GLY D 243 -42.59 12.51 -25.93
N ASP D 244 -41.69 12.04 -26.80
CA ASP D 244 -40.39 11.55 -26.38
C ASP D 244 -39.21 12.38 -26.89
N ARG D 245 -39.46 13.36 -27.77
CA ARG D 245 -38.39 14.20 -28.30
C ARG D 245 -37.99 15.29 -27.30
N GLY D 246 -37.54 14.84 -26.13
CA GLY D 246 -37.19 15.76 -25.08
C GLY D 246 -38.36 16.36 -24.33
N GLN D 247 -39.56 15.84 -24.53
CA GLN D 247 -40.74 16.36 -23.85
C GLN D 247 -41.10 15.56 -22.60
N GLN D 248 -40.57 14.34 -22.46
CA GLN D 248 -40.79 13.57 -21.24
C GLN D 248 -40.16 14.25 -20.03
N VAL D 249 -39.03 14.94 -20.23
CA VAL D 249 -38.41 15.66 -19.13
C VAL D 249 -39.29 16.81 -18.66
N LEU D 250 -40.21 17.28 -19.49
CA LEU D 250 -41.14 18.32 -19.07
C LEU D 250 -42.26 17.76 -18.20
N GLU D 251 -42.75 16.56 -18.54
CA GLU D 251 -43.73 15.90 -17.71
C GLU D 251 -43.19 15.65 -16.31
N PHE D 252 -42.00 15.04 -16.23
CA PHE D 252 -41.44 14.68 -14.92
C PHE D 252 -41.13 15.92 -14.09
N LYS D 253 -40.74 17.02 -14.74
CA LYS D 253 -40.52 18.26 -13.99
C LYS D 253 -41.84 18.85 -13.51
N SER D 254 -42.84 18.89 -14.39
CA SER D 254 -44.17 19.36 -13.98
C SER D 254 -44.85 18.40 -13.02
N ALA D 255 -44.48 17.11 -13.05
CA ALA D 255 -45.05 16.16 -12.10
C ALA D 255 -44.42 16.27 -10.72
N VAL D 256 -43.12 16.57 -10.65
CA VAL D 256 -42.48 16.78 -9.37
C VAL D 256 -43.01 18.05 -8.71
N ARG D 257 -43.12 19.13 -9.49
CA ARG D 257 -43.58 20.40 -8.94
C ARG D 257 -45.00 20.29 -8.41
N ALA D 258 -45.85 19.49 -9.06
CA ALA D 258 -47.21 19.31 -8.57
C ALA D 258 -47.24 18.49 -7.28
N LEU D 259 -46.34 17.50 -7.17
CA LEU D 259 -46.22 16.77 -5.92
C LEU D 259 -45.63 17.64 -4.82
N HIS D 260 -44.59 18.41 -5.14
CA HIS D 260 -44.01 19.32 -4.17
C HIS D 260 -45.03 20.34 -3.68
N GLN D 261 -45.94 20.77 -4.56
CA GLN D 261 -46.94 21.76 -4.17
C GLN D 261 -47.84 21.22 -3.07
N ALA D 262 -48.22 19.95 -3.15
CA ALA D 262 -48.99 19.31 -2.09
C ALA D 262 -48.11 18.81 -0.95
N GLY D 263 -46.85 19.18 -0.93
CA GLY D 263 -45.94 18.77 0.14
C GLY D 263 -45.63 17.29 0.15
N ILE D 264 -45.36 16.70 -1.02
CA ILE D 264 -45.06 15.28 -1.13
C ILE D 264 -43.70 15.13 -1.79
N GLU D 265 -42.77 14.49 -1.09
CA GLU D 265 -41.44 14.27 -1.62
C GLU D 265 -41.47 13.27 -2.78
N VAL D 266 -40.44 13.35 -3.62
CA VAL D 266 -40.24 12.40 -4.71
C VAL D 266 -38.91 11.71 -4.47
N ILE D 267 -38.96 10.42 -4.17
CA ILE D 267 -37.77 9.60 -3.95
C ILE D 267 -37.81 8.51 -5.01
N LEU D 268 -37.05 8.68 -6.08
CA LEU D 268 -37.15 7.74 -7.19
C LEU D 268 -36.16 6.59 -7.04
N ASP D 269 -36.49 5.49 -7.70
CA ASP D 269 -35.73 4.24 -7.61
C ASP D 269 -34.67 4.21 -8.70
N VAL D 270 -33.41 4.07 -8.30
CA VAL D 270 -32.28 4.15 -9.21
C VAL D 270 -31.59 2.79 -9.26
N VAL D 271 -31.19 2.37 -10.45
CA VAL D 271 -30.50 1.10 -10.66
C VAL D 271 -29.15 1.43 -11.29
N TYR D 272 -28.13 1.63 -10.47
CA TYR D 272 -26.78 1.90 -10.95
C TYR D 272 -25.90 0.66 -10.92
N ASN D 273 -26.45 -0.48 -10.50
CA ASN D 273 -25.63 -1.69 -10.39
C ASN D 273 -25.45 -2.40 -11.72
N HIS D 274 -26.44 -2.34 -12.61
CA HIS D 274 -26.36 -3.04 -13.88
C HIS D 274 -27.07 -2.23 -14.97
N THR D 275 -26.61 -2.40 -16.20
CA THR D 275 -27.13 -1.71 -17.36
C THR D 275 -27.99 -2.67 -18.20
N ALA D 276 -28.81 -2.09 -19.07
CA ALA D 276 -29.70 -2.86 -19.91
C ALA D 276 -28.98 -3.62 -21.03
N GLU D 277 -27.70 -3.33 -21.26
CA GLU D 277 -26.94 -4.08 -22.25
C GLU D 277 -26.67 -5.52 -21.81
N GLY D 278 -26.92 -5.85 -20.54
CA GLY D 278 -26.75 -7.20 -20.03
C GLY D 278 -25.30 -7.64 -20.09
N ASN D 279 -25.13 -8.96 -20.15
CA ASN D 279 -23.82 -9.57 -20.27
C ASN D 279 -23.37 -9.50 -21.72
N HIS D 280 -22.31 -10.24 -22.06
CA HIS D 280 -22.09 -10.59 -23.46
C HIS D 280 -23.29 -11.40 -23.96
N LEU D 281 -23.33 -11.62 -25.27
CA LEU D 281 -24.53 -12.08 -25.98
C LEU D 281 -25.65 -11.05 -25.91
N GLY D 282 -25.37 -9.84 -25.44
CA GLY D 282 -26.36 -8.81 -25.32
C GLY D 282 -26.12 -7.67 -26.29
N PRO D 283 -27.05 -6.73 -26.36
CA PRO D 283 -26.95 -5.66 -27.35
C PRO D 283 -25.84 -4.67 -27.00
N THR D 284 -25.36 -3.99 -28.05
CA THR D 284 -24.39 -2.92 -27.92
C THR D 284 -25.16 -1.61 -28.12
N LEU D 285 -25.68 -1.06 -27.01
CA LEU D 285 -26.56 0.10 -27.08
C LEU D 285 -25.87 1.38 -26.63
N SER D 286 -25.35 1.42 -25.41
CA SER D 286 -24.85 2.68 -24.85
C SER D 286 -23.39 2.59 -24.46
N MET D 287 -23.00 1.67 -23.58
CA MET D 287 -21.70 1.74 -22.94
C MET D 287 -20.65 0.74 -23.47
N ARG D 288 -21.14 -0.45 -23.81
CA ARG D 288 -20.30 -1.43 -24.49
C ARG D 288 -19.51 -0.91 -25.69
N GLY D 289 -20.17 -0.14 -26.56
CA GLY D 289 -19.49 0.43 -27.71
C GLY D 289 -18.65 1.65 -27.41
N LEU D 290 -18.90 2.32 -26.28
CA LEU D 290 -18.14 3.53 -25.96
C LEU D 290 -16.76 3.18 -25.40
N ASP D 291 -16.74 2.58 -24.21
CA ASP D 291 -15.51 2.10 -23.59
C ASP D 291 -15.91 0.93 -22.68
N ASN D 292 -15.84 -0.27 -23.23
CA ASN D 292 -16.34 -1.45 -22.53
C ASN D 292 -15.53 -1.78 -21.28
N PRO D 293 -14.20 -1.78 -21.33
CA PRO D 293 -13.43 -2.19 -20.13
C PRO D 293 -13.55 -1.23 -18.96
N SER D 294 -13.90 0.04 -19.19
CA SER D 294 -13.91 1.03 -18.11
C SER D 294 -15.32 1.35 -17.60
N TYR D 295 -16.36 0.81 -18.23
CA TYR D 295 -17.73 1.01 -17.75
C TYR D 295 -18.29 -0.21 -17.03
N TYR D 296 -17.86 -1.42 -17.41
CA TYR D 296 -18.40 -2.65 -16.87
C TYR D 296 -17.32 -3.42 -16.14
N ARG D 297 -17.75 -4.22 -15.15
CA ARG D 297 -16.85 -5.07 -14.39
C ARG D 297 -16.53 -6.30 -15.24
N LEU D 298 -15.40 -6.27 -15.94
CA LEU D 298 -14.95 -7.42 -16.71
C LEU D 298 -14.21 -8.39 -15.80
N ALA D 299 -14.05 -9.63 -16.26
CA ALA D 299 -13.82 -10.73 -15.32
C ALA D 299 -12.90 -11.79 -15.92
N ASP D 300 -11.61 -11.71 -15.59
CA ASP D 300 -10.66 -12.83 -15.67
C ASP D 300 -10.45 -13.31 -17.09
N ASP D 301 -11.28 -12.82 -17.99
CA ASP D 301 -11.38 -13.18 -19.39
C ASP D 301 -12.26 -12.09 -19.98
N PRO D 302 -11.73 -10.86 -20.12
CA PRO D 302 -12.59 -9.66 -20.28
C PRO D 302 -13.72 -9.82 -21.30
N ARG D 303 -13.62 -10.86 -22.12
CA ARG D 303 -14.72 -11.29 -22.97
C ARG D 303 -16.02 -11.47 -22.20
N TYR D 304 -15.95 -11.82 -20.91
CA TYR D 304 -17.12 -12.13 -20.12
C TYR D 304 -17.27 -11.13 -18.97
N TYR D 305 -18.47 -11.07 -18.40
CA TYR D 305 -18.89 -9.98 -17.52
C TYR D 305 -19.19 -10.60 -16.16
N MET D 306 -18.56 -10.08 -15.11
CA MET D 306 -19.00 -10.39 -13.74
C MET D 306 -20.40 -9.85 -13.54
N ASP D 307 -21.22 -10.55 -12.75
CA ASP D 307 -22.61 -10.15 -12.52
C ASP D 307 -22.92 -10.45 -11.06
N THR D 308 -22.85 -9.41 -10.23
CA THR D 308 -23.26 -9.51 -8.83
C THR D 308 -24.68 -9.02 -8.61
N THR D 309 -25.46 -8.89 -9.69
CA THR D 309 -26.86 -8.51 -9.60
C THR D 309 -27.80 -9.57 -10.15
N GLY D 310 -27.27 -10.65 -10.72
CA GLY D 310 -28.10 -11.68 -11.32
C GLY D 310 -28.78 -11.29 -12.61
N THR D 311 -28.47 -10.12 -13.17
CA THR D 311 -29.14 -9.58 -14.35
C THR D 311 -28.13 -9.21 -15.43
N GLY D 312 -27.23 -10.16 -15.75
CA GLY D 312 -26.29 -9.96 -16.85
C GLY D 312 -24.93 -9.38 -16.53
N ASN D 313 -24.85 -8.15 -16.02
CA ASN D 313 -23.56 -7.49 -15.87
C ASN D 313 -23.51 -6.75 -14.54
N SER D 314 -22.48 -5.92 -14.40
CA SER D 314 -22.26 -5.08 -13.23
C SER D 314 -21.33 -3.95 -13.63
N LEU D 315 -21.42 -2.83 -12.93
CA LEU D 315 -20.67 -1.63 -13.27
C LEU D 315 -19.40 -1.54 -12.44
N LEU D 316 -18.32 -1.08 -13.08
CA LEU D 316 -17.01 -0.97 -12.44
C LEU D 316 -17.09 0.26 -11.54
N MET D 317 -17.25 0.02 -10.24
CA MET D 317 -17.45 1.12 -9.29
C MET D 317 -16.13 1.69 -8.66
N ARG D 318 -15.08 1.55 -9.49
CA ARG D 318 -13.75 2.01 -9.11
C ARG D 318 -13.24 2.91 -10.22
N SER D 319 -13.62 2.68 -11.46
CA SER D 319 -13.20 3.56 -12.54
C SER D 319 -13.90 4.91 -12.39
N PRO D 320 -13.17 6.02 -12.38
CA PRO D 320 -13.81 7.32 -12.07
C PRO D 320 -14.87 7.73 -13.06
N HIS D 321 -14.74 7.36 -14.33
CA HIS D 321 -15.74 7.73 -15.32
C HIS D 321 -17.08 7.03 -15.06
N VAL D 322 -17.08 5.95 -14.28
CA VAL D 322 -18.35 5.36 -13.85
C VAL D 322 -18.88 6.07 -12.62
N LEU D 323 -18.00 6.32 -11.64
CA LEU D 323 -18.41 7.08 -10.46
C LEU D 323 -18.87 8.48 -10.85
N GLN D 324 -18.20 9.10 -11.82
CA GLN D 324 -18.64 10.39 -12.31
C GLN D 324 -20.04 10.29 -12.94
N LEU D 325 -20.27 9.24 -13.71
CA LEU D 325 -21.57 9.07 -14.36
C LEU D 325 -22.68 8.89 -13.33
N ILE D 326 -22.43 8.06 -12.30
CA ILE D 326 -23.43 7.86 -11.26
C ILE D 326 -23.76 9.13 -10.47
N MET D 327 -22.76 9.92 -10.15
CA MET D 327 -22.98 11.16 -9.41
C MET D 327 -23.51 12.30 -10.29
N ASP D 328 -23.00 12.38 -11.52
CA ASP D 328 -23.54 13.34 -12.48
C ASP D 328 -25.02 13.02 -12.66
N SER D 329 -25.39 11.75 -12.57
CA SER D 329 -26.80 11.37 -12.63
C SER D 329 -27.53 11.78 -11.36
N LEU D 330 -27.00 11.37 -10.19
CA LEU D 330 -27.65 11.68 -8.93
C LEU D 330 -27.83 13.18 -8.74
N ARG D 331 -26.79 13.97 -9.05
CA ARG D 331 -26.91 15.42 -8.92
C ARG D 331 -27.90 15.98 -9.93
N TYR D 332 -27.91 15.45 -11.17
CA TYR D 332 -28.84 15.92 -12.18
C TYR D 332 -30.29 15.76 -11.70
N TRP D 333 -30.64 14.57 -11.22
CA TRP D 333 -31.99 14.35 -10.77
C TRP D 333 -32.35 15.17 -9.54
N VAL D 334 -31.35 15.61 -8.78
CA VAL D 334 -31.63 16.52 -7.67
C VAL D 334 -31.71 17.95 -8.16
N THR D 335 -30.62 18.50 -8.70
CA THR D 335 -30.59 19.91 -9.04
C THR D 335 -31.37 20.25 -10.29
N GLU D 336 -31.57 19.31 -11.21
CA GLU D 336 -32.29 19.60 -12.44
C GLU D 336 -33.73 19.11 -12.46
N MET D 337 -34.03 17.99 -11.82
CA MET D 337 -35.39 17.44 -11.84
C MET D 337 -36.10 17.62 -10.51
N HIS D 338 -35.38 18.23 -9.55
CA HIS D 338 -35.91 18.53 -8.22
C HIS D 338 -36.45 17.29 -7.48
N VAL D 339 -35.77 16.17 -7.63
CA VAL D 339 -36.16 14.95 -6.93
C VAL D 339 -35.64 14.99 -5.50
N ASP D 340 -36.47 14.56 -4.55
CA ASP D 340 -36.16 14.75 -3.13
C ASP D 340 -35.24 13.67 -2.57
N GLY D 341 -35.22 12.48 -3.17
CA GLY D 341 -34.39 11.43 -2.60
C GLY D 341 -34.16 10.31 -3.59
N PHE D 342 -33.37 9.32 -3.16
CA PHE D 342 -33.05 8.17 -3.98
C PHE D 342 -33.26 6.88 -3.19
N ARG D 343 -33.51 5.81 -3.92
CA ARG D 343 -33.52 4.46 -3.36
C ARG D 343 -32.75 3.57 -4.32
N PHE D 344 -31.72 2.89 -3.81
CA PHE D 344 -30.76 2.17 -4.63
C PHE D 344 -31.07 0.67 -4.72
N ASP D 345 -31.33 0.19 -5.93
CA ASP D 345 -31.45 -1.26 -6.12
C ASP D 345 -30.15 -2.01 -5.91
N LEU D 346 -30.18 -3.03 -5.06
CA LEU D 346 -29.03 -3.87 -4.77
C LEU D 346 -27.80 -3.00 -4.53
N ALA D 347 -27.90 -2.17 -3.48
CA ALA D 347 -26.88 -1.18 -3.18
C ALA D 347 -25.55 -1.79 -2.77
N ALA D 348 -25.52 -3.08 -2.43
CA ALA D 348 -24.24 -3.73 -2.11
C ALA D 348 -23.32 -3.76 -3.32
N THR D 349 -23.89 -3.85 -4.53
CA THR D 349 -23.09 -3.80 -5.74
C THR D 349 -22.35 -2.48 -5.88
N LEU D 350 -22.89 -1.41 -5.30
CA LEU D 350 -22.25 -0.10 -5.36
C LEU D 350 -21.11 0.06 -4.37
N ALA D 351 -21.00 -0.83 -3.39
CA ALA D 351 -19.88 -0.81 -2.44
C ALA D 351 -18.76 -1.76 -2.83
N ARG D 352 -19.00 -2.67 -3.78
CA ARG D 352 -17.96 -3.58 -4.24
C ARG D 352 -16.96 -2.81 -5.10
N GLN D 353 -15.87 -2.31 -4.51
CA GLN D 353 -14.91 -1.56 -5.31
C GLN D 353 -14.12 -2.48 -6.22
N PHE D 354 -13.48 -3.52 -5.66
CA PHE D 354 -12.83 -4.52 -6.49
C PHE D 354 -13.56 -5.85 -6.51
N HIS D 355 -13.76 -6.49 -5.37
CA HIS D 355 -14.42 -7.80 -5.33
C HIS D 355 -15.51 -7.90 -4.29
N GLU D 356 -15.29 -7.31 -3.12
CA GLU D 356 -16.12 -7.56 -1.96
C GLU D 356 -16.76 -6.25 -1.50
N VAL D 357 -17.91 -6.36 -0.87
CA VAL D 357 -18.65 -5.19 -0.39
C VAL D 357 -17.76 -4.41 0.57
N ASP D 358 -17.38 -3.21 0.17
CA ASP D 358 -16.42 -2.38 0.90
C ASP D 358 -17.07 -1.24 1.67
N ARG D 359 -16.94 -1.28 3.01
CA ARG D 359 -17.43 -0.15 3.80
C ARG D 359 -16.91 1.29 3.38
N LEU D 360 -15.60 1.30 3.13
CA LEU D 360 -14.92 2.42 2.49
C LEU D 360 -14.74 2.49 0.97
N SER D 361 -15.72 2.01 0.22
CA SER D 361 -15.65 2.10 -1.24
C SER D 361 -15.65 3.56 -1.67
N SER D 362 -15.08 3.80 -2.86
CA SER D 362 -15.05 5.15 -3.38
C SER D 362 -16.45 5.70 -3.63
N PHE D 363 -17.40 4.81 -3.90
CA PHE D 363 -18.78 5.26 -4.11
C PHE D 363 -19.35 5.88 -2.85
N PHE D 364 -19.16 5.22 -1.71
CA PHE D 364 -19.70 5.74 -0.45
C PHE D 364 -19.01 7.04 -0.04
N ASP D 365 -17.67 7.06 -0.10
CA ASP D 365 -16.93 8.27 0.23
C ASP D 365 -17.29 9.41 -0.71
N LEU D 366 -17.75 9.08 -1.93
CA LEU D 366 -18.17 10.10 -2.88
C LEU D 366 -19.52 10.68 -2.49
N VAL D 367 -20.50 9.82 -2.21
CA VAL D 367 -21.84 10.27 -1.87
C VAL D 367 -21.85 10.94 -0.49
N GLN D 368 -21.01 10.46 0.44
CA GLN D 368 -21.00 10.98 1.79
C GLN D 368 -20.56 12.44 1.86
N GLN D 369 -19.83 12.92 0.84
CA GLN D 369 -19.28 14.27 0.88
C GLN D 369 -20.01 15.27 0.00
N ASP D 370 -20.69 14.81 -1.04
CA ASP D 370 -21.28 15.74 -2.00
C ASP D 370 -22.41 16.52 -1.35
N PRO D 371 -22.40 17.86 -1.43
CA PRO D 371 -23.47 18.63 -0.78
C PRO D 371 -24.84 18.36 -1.37
N VAL D 372 -24.93 18.16 -2.68
CA VAL D 372 -26.22 17.99 -3.33
C VAL D 372 -26.83 16.64 -2.97
N VAL D 373 -26.01 15.60 -2.87
CA VAL D 373 -26.49 14.23 -2.72
C VAL D 373 -26.52 13.80 -1.26
N SER D 374 -25.52 14.18 -0.46
CA SER D 374 -25.52 13.78 0.94
C SER D 374 -26.64 14.42 1.76
N GLN D 375 -27.32 15.43 1.22
CA GLN D 375 -28.39 16.11 1.93
C GLN D 375 -29.77 15.59 1.58
N VAL D 376 -29.95 15.02 0.39
CA VAL D 376 -31.21 14.37 0.04
C VAL D 376 -31.24 13.01 0.72
N LYS D 377 -32.41 12.39 0.75
CA LYS D 377 -32.55 11.11 1.45
C LYS D 377 -31.84 10.01 0.67
N LEU D 378 -30.91 9.32 1.35
CA LEU D 378 -30.18 8.19 0.80
C LEU D 378 -30.68 6.92 1.47
N ILE D 379 -31.44 6.11 0.73
CA ILE D 379 -32.01 4.88 1.24
C ILE D 379 -31.57 3.75 0.33
N ALA D 380 -31.28 2.59 0.92
CA ALA D 380 -30.64 1.50 0.19
C ALA D 380 -31.38 0.19 0.40
N GLU D 381 -31.26 -0.70 -0.59
CA GLU D 381 -31.59 -2.11 -0.45
C GLU D 381 -30.27 -2.83 -0.21
N PRO D 382 -29.90 -3.05 1.06
CA PRO D 382 -28.50 -3.33 1.42
C PRO D 382 -28.04 -4.77 1.18
N TRP D 383 -28.18 -5.23 -0.05
CA TRP D 383 -27.71 -6.56 -0.41
C TRP D 383 -27.67 -6.69 -1.92
N ASP D 384 -26.92 -7.69 -2.39
CA ASP D 384 -26.98 -8.13 -3.78
C ASP D 384 -26.68 -9.63 -3.79
N VAL D 385 -26.63 -10.21 -4.99
CA VAL D 385 -26.56 -11.66 -5.12
C VAL D 385 -25.12 -12.14 -5.12
N GLY D 386 -24.18 -11.26 -4.80
CA GLY D 386 -22.80 -11.65 -4.71
C GLY D 386 -22.45 -12.28 -3.38
N GLU D 387 -21.25 -12.88 -3.32
CA GLU D 387 -20.75 -13.45 -2.08
C GLU D 387 -20.64 -12.36 -1.02
N GLY D 388 -21.18 -12.63 0.17
CA GLY D 388 -21.24 -11.63 1.20
C GLY D 388 -22.08 -10.43 0.83
N GLY D 389 -23.17 -10.65 0.07
CA GLY D 389 -24.00 -9.53 -0.36
C GLY D 389 -24.83 -8.94 0.76
N TYR D 390 -25.30 -9.77 1.69
CA TYR D 390 -26.20 -9.32 2.75
C TYR D 390 -25.46 -8.34 3.66
N GLN D 391 -25.84 -7.06 3.58
CA GLN D 391 -25.15 -6.00 4.32
C GLN D 391 -26.11 -5.19 5.18
N VAL D 392 -27.23 -5.76 5.60
CA VAL D 392 -28.20 -5.03 6.42
C VAL D 392 -27.55 -4.64 7.74
N GLY D 393 -27.40 -3.33 7.95
CA GLY D 393 -26.75 -2.83 9.14
C GLY D 393 -25.26 -2.58 9.01
N ASN D 394 -24.75 -2.42 7.79
CA ASN D 394 -23.33 -2.22 7.56
C ASN D 394 -22.99 -1.00 6.73
N PHE D 395 -23.97 -0.35 6.09
CA PHE D 395 -23.71 0.81 5.27
C PHE D 395 -23.22 1.98 6.12
N PRO D 396 -22.60 2.99 5.49
CA PRO D 396 -22.16 4.15 6.25
C PRO D 396 -23.33 4.80 6.97
N PRO D 397 -23.08 5.44 8.12
CA PRO D 397 -24.19 5.87 8.99
C PRO D 397 -25.10 6.93 8.37
N LEU D 398 -24.68 7.63 7.31
CA LEU D 398 -25.57 8.58 6.66
C LEU D 398 -26.70 7.89 5.91
N TRP D 399 -26.65 6.58 5.74
CA TRP D 399 -27.58 5.87 4.88
C TRP D 399 -28.76 5.31 5.67
N THR D 400 -29.88 5.16 4.96
CA THR D 400 -31.03 4.42 5.43
C THR D 400 -31.11 3.11 4.67
N GLU D 401 -31.71 2.10 5.26
CA GLU D 401 -31.72 0.76 4.68
C GLU D 401 -33.11 0.16 4.71
N TRP D 402 -33.44 -0.58 3.64
CA TRP D 402 -34.61 -1.44 3.66
C TRP D 402 -34.40 -2.54 4.69
N ASN D 403 -35.15 -2.51 5.79
CA ASN D 403 -34.96 -3.48 6.85
C ASN D 403 -35.54 -4.82 6.41
N GLY D 404 -34.68 -5.68 5.84
CA GLY D 404 -35.11 -7.03 5.52
C GLY D 404 -35.43 -7.84 6.75
N LYS D 405 -34.64 -7.68 7.81
CA LYS D 405 -34.88 -8.40 9.05
C LYS D 405 -36.12 -7.92 9.78
N TYR D 406 -36.74 -6.82 9.34
CA TYR D 406 -38.07 -6.46 9.81
C TYR D 406 -39.14 -7.16 8.99
N ARG D 407 -38.98 -7.17 7.67
CA ARG D 407 -39.95 -7.84 6.80
C ARG D 407 -40.02 -9.32 7.09
N ASP D 408 -38.86 -9.98 7.19
CA ASP D 408 -38.85 -11.42 7.43
C ASP D 408 -39.32 -11.77 8.85
N CYS D 409 -39.13 -10.86 9.81
CA CYS D 409 -39.50 -11.13 11.19
C CYS D 409 -40.97 -10.84 11.47
N VAL D 410 -41.50 -9.74 10.93
CA VAL D 410 -42.91 -9.44 11.11
C VAL D 410 -43.78 -10.44 10.36
N ARG D 411 -43.37 -10.80 9.14
CA ARG D 411 -44.05 -11.86 8.40
C ARG D 411 -44.09 -13.15 9.21
N ASP D 412 -42.95 -13.56 9.75
CA ASP D 412 -42.87 -14.79 10.53
C ASP D 412 -43.63 -14.69 11.84
N LEU D 413 -43.90 -13.49 12.33
CA LEU D 413 -44.66 -13.35 13.58
C LEU D 413 -46.13 -13.69 13.35
N TRP D 414 -46.81 -12.94 12.48
CA TRP D 414 -48.19 -13.25 12.16
C TRP D 414 -48.34 -14.51 11.34
N ARG D 415 -47.22 -15.10 10.89
CA ARG D 415 -47.26 -16.44 10.33
C ARG D 415 -47.52 -17.49 11.41
N GLY D 416 -47.15 -17.20 12.64
CA GLY D 416 -47.25 -18.16 13.73
C GLY D 416 -46.00 -18.96 14.01
N GLU D 417 -44.87 -18.62 13.39
CA GLU D 417 -43.64 -19.39 13.60
C GLU D 417 -43.12 -19.13 15.00
N PRO D 418 -42.93 -20.17 15.82
CA PRO D 418 -42.81 -20.02 17.27
C PRO D 418 -41.38 -19.85 17.80
N ARG D 419 -40.63 -18.91 17.22
CA ARG D 419 -39.37 -18.51 17.84
C ARG D 419 -39.11 -17.02 17.66
N THR D 420 -40.16 -16.20 17.64
CA THR D 420 -40.01 -14.83 17.19
C THR D 420 -40.51 -13.82 18.23
N LEU D 421 -40.09 -13.97 19.48
CA LEU D 421 -40.42 -13.01 20.52
C LEU D 421 -39.28 -12.02 20.79
N ALA D 422 -38.07 -12.52 21.01
CA ALA D 422 -36.93 -11.63 21.19
C ALA D 422 -36.53 -10.98 19.88
N GLU D 423 -36.72 -11.68 18.75
CA GLU D 423 -36.40 -11.11 17.46
C GLU D 423 -37.37 -9.98 17.10
N PHE D 424 -38.65 -10.14 17.43
CA PHE D 424 -39.66 -9.16 17.02
C PHE D 424 -39.61 -7.90 17.88
N ALA D 425 -39.33 -8.05 19.18
CA ALA D 425 -39.32 -6.90 20.08
C ALA D 425 -38.28 -5.87 19.65
N SER D 426 -37.09 -6.33 19.26
CA SER D 426 -36.08 -5.40 18.78
C SER D 426 -36.42 -4.83 17.41
N ARG D 427 -37.37 -5.45 16.69
CA ARG D 427 -37.82 -4.89 15.42
C ARG D 427 -38.86 -3.79 15.61
N LEU D 428 -39.70 -3.90 16.64
CA LEU D 428 -40.58 -2.80 16.99
C LEU D 428 -39.75 -1.60 17.47
N THR D 429 -38.66 -1.87 18.17
CA THR D 429 -37.73 -0.84 18.62
C THR D 429 -36.94 -0.23 17.46
N GLY D 430 -37.14 -0.71 16.24
CA GLY D 430 -36.39 -0.19 15.10
C GLY D 430 -35.01 -0.77 14.96
N SER D 431 -34.84 -2.06 15.19
CA SER D 431 -33.57 -2.77 15.01
C SER D 431 -32.47 -2.15 15.85
N SER D 432 -32.64 -2.26 17.17
CA SER D 432 -31.58 -1.88 18.10
C SER D 432 -30.31 -2.66 17.80
N ASP D 433 -30.46 -3.93 17.41
CA ASP D 433 -29.29 -4.75 17.10
C ASP D 433 -28.57 -4.27 15.85
N LEU D 434 -29.33 -3.90 14.82
CA LEU D 434 -28.72 -3.62 13.51
C LEU D 434 -28.09 -2.24 13.45
N TYR D 435 -28.69 -1.24 14.10
CA TYR D 435 -28.35 0.16 13.82
C TYR D 435 -27.82 0.95 15.00
N GLN D 436 -28.00 0.47 16.24
CA GLN D 436 -27.54 1.25 17.39
C GLN D 436 -26.02 1.30 17.44
N ASP D 437 -25.35 0.16 17.21
CA ASP D 437 -23.90 0.11 17.35
C ASP D 437 -23.13 0.91 16.31
N ASP D 438 -23.61 0.96 15.07
CA ASP D 438 -22.92 1.70 14.02
C ASP D 438 -22.95 3.21 14.20
N GLY D 439 -23.71 3.70 15.17
CA GLY D 439 -23.88 5.14 15.36
C GLY D 439 -25.01 5.74 14.56
N ARG D 440 -26.14 5.05 14.52
CA ARG D 440 -27.30 5.44 13.74
C ARG D 440 -28.48 5.70 14.67
N ARG D 441 -29.65 5.89 14.07
CA ARG D 441 -30.89 6.17 14.76
C ARG D 441 -31.95 5.19 14.29
N PRO D 442 -33.04 5.03 15.05
CA PRO D 442 -34.11 4.13 14.59
C PRO D 442 -34.64 4.46 13.20
N LEU D 443 -34.60 5.73 12.80
CA LEU D 443 -35.13 6.16 11.52
C LEU D 443 -34.30 5.61 10.36
N ALA D 444 -33.25 4.87 10.70
CA ALA D 444 -32.45 4.23 9.66
C ALA D 444 -33.01 2.90 9.21
N SER D 445 -34.03 2.39 9.89
CA SER D 445 -34.67 1.11 9.53
C SER D 445 -35.94 1.42 8.75
N VAL D 446 -35.86 1.36 7.42
CA VAL D 446 -37.05 1.52 6.60
C VAL D 446 -37.85 0.24 6.74
N ASN D 447 -38.87 0.27 7.59
CA ASN D 447 -39.69 -0.91 7.83
C ASN D 447 -40.71 -1.07 6.71
N PHE D 448 -40.90 -2.32 6.28
CA PHE D 448 -41.87 -2.62 5.25
C PHE D 448 -42.22 -4.10 5.36
N VAL D 449 -43.49 -4.41 5.16
CA VAL D 449 -43.97 -5.80 5.22
C VAL D 449 -44.09 -6.33 3.80
N THR D 450 -44.42 -5.45 2.85
CA THR D 450 -44.58 -5.83 1.46
C THR D 450 -44.05 -4.70 0.58
N CYS D 451 -43.28 -5.08 -0.44
CA CYS D 451 -42.75 -4.12 -1.41
C CYS D 451 -43.12 -4.59 -2.81
N HIS D 452 -42.53 -3.97 -3.83
CA HIS D 452 -42.77 -4.43 -5.21
C HIS D 452 -42.38 -5.90 -5.36
N ASP D 453 -41.26 -6.30 -4.75
CA ASP D 453 -40.89 -7.70 -4.72
C ASP D 453 -41.80 -8.47 -3.77
N GLY D 454 -41.92 -9.77 -4.01
CA GLY D 454 -42.73 -10.59 -3.13
C GLY D 454 -44.22 -10.36 -3.33
N PHE D 455 -44.98 -10.82 -2.34
CA PHE D 455 -46.44 -10.72 -2.38
C PHE D 455 -46.90 -9.29 -2.12
N THR D 456 -48.13 -9.02 -2.56
CA THR D 456 -48.84 -7.84 -2.10
C THR D 456 -49.44 -8.12 -0.72
N LEU D 457 -50.09 -7.11 -0.14
CA LEU D 457 -50.60 -7.26 1.23
C LEU D 457 -51.70 -8.31 1.30
N ARG D 458 -52.59 -8.34 0.30
CA ARG D 458 -53.64 -9.35 0.33
C ARG D 458 -53.10 -10.72 -0.07
N ASP D 459 -52.23 -10.78 -1.07
CA ASP D 459 -51.59 -12.05 -1.43
C ASP D 459 -50.69 -12.56 -0.33
N LEU D 460 -50.21 -11.68 0.55
CA LEU D 460 -49.38 -12.12 1.67
C LEU D 460 -50.16 -12.97 2.65
N VAL D 461 -51.48 -12.78 2.72
CA VAL D 461 -52.34 -13.55 3.61
C VAL D 461 -53.29 -14.45 2.82
N SER D 462 -52.96 -14.72 1.55
CA SER D 462 -53.82 -15.54 0.70
C SER D 462 -53.09 -16.65 -0.04
N TYR D 463 -51.76 -16.71 0.01
CA TYR D 463 -51.01 -17.66 -0.78
C TYR D 463 -49.83 -18.19 0.01
N ASN D 464 -49.70 -19.52 0.06
CA ASN D 464 -48.53 -20.14 0.68
C ASN D 464 -47.30 -20.06 -0.23
N GLU D 465 -47.48 -20.34 -1.52
CA GLU D 465 -46.39 -20.37 -2.48
C GLU D 465 -46.72 -19.49 -3.66
N LYS D 466 -45.68 -19.18 -4.44
CA LYS D 466 -45.82 -18.29 -5.58
C LYS D 466 -46.68 -18.93 -6.67
N ARG D 467 -47.15 -18.08 -7.57
CA ARG D 467 -47.91 -18.48 -8.76
C ARG D 467 -47.37 -17.74 -9.97
N ASN D 468 -46.04 -17.77 -10.14
CA ASN D 468 -45.33 -16.94 -11.11
C ASN D 468 -45.25 -17.56 -12.50
N GLU D 469 -46.20 -18.44 -12.85
CA GLU D 469 -46.23 -18.96 -14.21
C GLU D 469 -46.51 -17.87 -15.23
N ALA D 470 -47.11 -16.75 -14.81
CA ALA D 470 -47.30 -15.61 -15.70
C ALA D 470 -45.97 -15.14 -16.28
N ASN D 471 -44.90 -15.22 -15.48
CA ASN D 471 -43.60 -14.76 -15.92
C ASN D 471 -42.97 -15.66 -16.97
N GLY D 472 -43.56 -16.83 -17.24
CA GLY D 472 -43.12 -17.68 -18.33
C GLY D 472 -41.98 -18.62 -18.01
N GLU D 473 -41.27 -18.44 -16.90
CA GLU D 473 -40.15 -19.30 -16.56
C GLU D 473 -40.57 -20.57 -15.85
N GLY D 474 -41.83 -20.96 -15.96
CA GLY D 474 -42.31 -22.17 -15.33
C GLY D 474 -42.29 -22.14 -13.82
N ASN D 475 -42.67 -21.01 -13.22
CA ASN D 475 -42.76 -20.87 -11.77
C ASN D 475 -41.42 -21.13 -11.09
N ARG D 476 -40.33 -20.72 -11.75
CA ARG D 476 -38.99 -20.91 -11.22
C ARG D 476 -38.36 -19.60 -10.75
N ASP D 477 -39.05 -18.49 -10.88
CA ASP D 477 -38.50 -17.18 -10.54
C ASP D 477 -39.13 -16.66 -9.25
N GLY D 478 -38.57 -15.55 -8.76
CA GLY D 478 -39.04 -14.94 -7.54
C GLY D 478 -38.70 -15.76 -6.30
N GLU D 479 -39.04 -15.19 -5.15
CA GLU D 479 -38.83 -15.88 -3.89
C GLU D 479 -39.62 -17.18 -3.84
N ASN D 480 -38.99 -18.23 -3.31
CA ASN D 480 -39.63 -19.53 -3.26
C ASN D 480 -40.39 -19.78 -1.97
N TYR D 481 -39.93 -19.22 -0.84
CA TYR D 481 -40.76 -19.09 0.34
C TYR D 481 -40.74 -17.64 0.78
N ASN D 482 -41.92 -17.06 0.89
CA ASN D 482 -42.12 -15.65 1.21
C ASN D 482 -42.53 -15.42 2.66
N ARG D 483 -42.46 -16.46 3.50
CA ARG D 483 -42.88 -16.38 4.90
C ARG D 483 -44.33 -15.90 5.01
N SER D 484 -45.22 -16.60 4.31
CA SER D 484 -46.62 -16.21 4.21
C SER D 484 -47.52 -17.35 4.64
N TRP D 485 -48.74 -17.00 5.03
CA TRP D 485 -49.78 -17.97 5.38
C TRP D 485 -51.05 -17.61 4.64
N ASN D 486 -51.61 -18.59 3.92
CA ASN D 486 -52.83 -18.40 3.13
C ASN D 486 -54.07 -18.22 3.99
N CYS D 487 -53.94 -18.42 5.30
CA CYS D 487 -55.04 -18.24 6.26
C CYS D 487 -56.17 -19.23 6.04
N GLY D 488 -55.87 -20.47 5.62
CA GLY D 488 -56.87 -21.51 5.52
C GLY D 488 -57.20 -21.99 4.13
N GLU D 489 -56.87 -21.22 3.08
CA GLU D 489 -57.16 -21.61 1.72
C GLU D 489 -56.28 -20.78 0.79
N GLU D 490 -55.65 -21.44 -0.19
CA GLU D 490 -54.77 -20.75 -1.12
C GLU D 490 -55.60 -20.19 -2.28
N GLY D 491 -55.55 -18.88 -2.45
CA GLY D 491 -56.35 -18.20 -3.47
C GLY D 491 -57.59 -17.57 -2.87
N GLU D 492 -58.36 -16.94 -3.75
CA GLU D 492 -59.62 -16.34 -3.32
C GLU D 492 -60.57 -17.41 -2.79
N THR D 493 -61.09 -17.17 -1.60
CA THR D 493 -61.98 -18.11 -0.92
C THR D 493 -63.35 -17.46 -0.74
N GLU D 494 -64.31 -18.30 -0.35
CA GLU D 494 -65.67 -17.83 -0.07
C GLU D 494 -66.01 -17.91 1.41
N ASP D 495 -65.19 -18.55 2.23
CA ASP D 495 -65.47 -18.67 3.65
C ASP D 495 -65.37 -17.31 4.34
N VAL D 496 -66.35 -17.03 5.21
CA VAL D 496 -66.28 -15.82 6.03
C VAL D 496 -65.21 -15.98 7.10
N GLY D 497 -64.97 -17.21 7.55
CA GLY D 497 -63.91 -17.45 8.52
C GLY D 497 -62.50 -17.12 8.06
N ILE D 498 -62.22 -17.32 6.78
CA ILE D 498 -60.92 -16.96 6.23
C ILE D 498 -60.89 -15.54 5.65
N THR D 499 -62.02 -15.11 5.09
CA THR D 499 -62.11 -13.77 4.51
C THR D 499 -61.87 -12.77 5.65
N GLU D 500 -62.53 -12.98 6.79
CA GLU D 500 -62.35 -12.07 7.92
C GLU D 500 -60.96 -12.21 8.53
N LEU D 501 -60.45 -13.43 8.60
CA LEU D 501 -59.09 -13.64 9.11
C LEU D 501 -58.07 -12.91 8.26
N ARG D 502 -58.18 -13.03 6.93
CA ARG D 502 -57.27 -12.34 6.02
C ARG D 502 -57.38 -10.82 6.18
N ALA D 503 -58.60 -10.30 6.03
CA ALA D 503 -58.80 -8.86 6.10
C ALA D 503 -58.28 -8.29 7.41
N ARG D 504 -58.37 -9.06 8.50
CA ARG D 504 -57.85 -8.62 9.79
C ARG D 504 -56.36 -8.89 9.92
N GLN D 505 -55.84 -9.92 9.23
CA GLN D 505 -54.39 -10.11 9.18
C GLN D 505 -53.78 -8.92 8.45
N MET D 506 -54.47 -8.43 7.42
CA MET D 506 -54.01 -7.24 6.69
C MET D 506 -53.89 -6.05 7.63
N ARG D 507 -54.87 -5.93 8.53
CA ARG D 507 -54.83 -4.92 9.57
C ARG D 507 -53.90 -5.19 10.74
N ASN D 508 -53.30 -6.38 10.80
CA ASN D 508 -52.22 -6.66 11.74
C ASN D 508 -50.88 -6.19 11.21
N PHE D 509 -50.58 -6.53 9.96
CA PHE D 509 -49.33 -6.09 9.34
C PHE D 509 -49.26 -4.57 9.26
N LEU D 510 -50.36 -3.92 8.89
CA LEU D 510 -50.37 -2.48 8.75
C LEU D 510 -50.20 -1.79 10.10
N ALA D 511 -51.02 -2.16 11.08
CA ALA D 511 -50.91 -1.56 12.41
C ALA D 511 -49.53 -1.79 13.00
N THR D 512 -48.94 -2.97 12.76
CA THR D 512 -47.58 -3.23 13.24
C THR D 512 -46.57 -2.34 12.54
N LEU D 513 -46.72 -2.16 11.21
CA LEU D 513 -45.78 -1.34 10.46
C LEU D 513 -45.68 0.11 10.93
N MET D 514 -46.83 0.73 11.19
CA MET D 514 -46.85 2.11 11.67
C MET D 514 -46.48 2.25 13.15
N LEU D 515 -46.83 1.21 13.93
CA LEU D 515 -46.54 1.21 15.35
C LEU D 515 -45.06 0.92 15.57
N SER D 516 -44.36 0.42 14.57
CA SER D 516 -42.94 0.16 14.70
C SER D 516 -42.16 1.48 14.69
N GLN D 517 -40.84 1.37 14.80
CA GLN D 517 -39.97 2.53 14.75
C GLN D 517 -39.30 2.64 13.39
N GLY D 518 -38.74 3.82 13.12
CA GLY D 518 -38.06 4.05 11.87
C GLY D 518 -38.90 4.76 10.83
N VAL D 519 -38.72 4.39 9.57
CA VAL D 519 -39.47 5.00 8.46
C VAL D 519 -40.33 3.93 7.80
N PRO D 520 -41.66 3.98 7.96
CA PRO D 520 -42.50 2.96 7.34
C PRO D 520 -42.55 3.11 5.83
N MET D 521 -42.85 1.99 5.17
CA MET D 521 -43.03 2.00 3.72
C MET D 521 -44.23 1.17 3.29
N LEU D 522 -45.02 1.72 2.39
CA LEU D 522 -46.21 1.06 1.88
C LEU D 522 -46.06 0.84 0.38
N SER D 523 -46.28 -0.38 -0.06
CA SER D 523 -46.34 -0.66 -1.49
C SER D 523 -47.70 -0.24 -2.04
N HIS D 524 -47.69 0.34 -3.23
CA HIS D 524 -48.89 0.94 -3.78
C HIS D 524 -50.00 -0.08 -3.97
N GLY D 525 -51.22 0.31 -3.60
CA GLY D 525 -52.40 -0.50 -3.76
C GLY D 525 -52.88 -1.18 -2.50
N ASP D 526 -51.99 -1.40 -1.52
CA ASP D 526 -52.35 -2.14 -0.32
C ASP D 526 -53.45 -1.47 0.51
N GLU D 527 -53.78 -0.21 0.19
CA GLU D 527 -54.95 0.42 0.80
C GLU D 527 -56.25 -0.14 0.25
N PHE D 528 -56.20 -0.74 -0.95
CA PHE D 528 -57.38 -1.32 -1.59
C PHE D 528 -57.37 -2.84 -1.55
N GLY D 529 -56.55 -3.44 -0.69
CA GLY D 529 -56.37 -4.87 -0.70
C GLY D 529 -55.87 -5.34 -2.04
N ARG D 530 -54.84 -4.67 -2.55
CA ARG D 530 -54.36 -4.93 -3.90
C ARG D 530 -53.88 -6.38 -4.03
N THR D 531 -54.08 -6.94 -5.22
CA THR D 531 -53.85 -8.37 -5.45
C THR D 531 -53.22 -8.57 -6.81
N GLN D 532 -52.08 -9.25 -6.83
CA GLN D 532 -51.44 -9.69 -8.06
C GLN D 532 -51.75 -11.15 -8.37
N GLY D 533 -52.65 -11.78 -7.61
CA GLY D 533 -53.11 -13.11 -7.89
C GLY D 533 -52.24 -14.22 -7.33
N GLY D 534 -51.23 -13.90 -6.55
CA GLY D 534 -50.25 -14.86 -6.09
C GLY D 534 -48.92 -14.76 -6.80
N ASN D 535 -48.85 -14.01 -7.89
CA ASN D 535 -47.57 -13.71 -8.54
C ASN D 535 -46.76 -12.80 -7.62
N ASN D 536 -45.61 -13.27 -7.18
CA ASN D 536 -44.76 -12.51 -6.27
C ASN D 536 -43.55 -11.91 -6.95
N ASN D 537 -43.40 -12.10 -8.27
CA ASN D 537 -42.34 -11.45 -9.04
C ASN D 537 -42.98 -10.99 -10.35
N ALA D 538 -43.53 -9.78 -10.34
CA ALA D 538 -44.28 -9.24 -11.47
C ALA D 538 -43.46 -8.26 -12.30
N TYR D 539 -42.14 -8.49 -12.38
CA TYR D 539 -41.26 -7.60 -13.13
C TYR D 539 -41.63 -7.53 -14.60
N CYS D 540 -42.41 -8.48 -15.11
CA CYS D 540 -42.76 -8.52 -16.52
C CYS D 540 -44.27 -8.43 -16.77
N GLN D 541 -45.08 -8.24 -15.73
CA GLN D 541 -46.54 -8.15 -15.91
C GLN D 541 -46.93 -6.68 -16.00
N ASP D 542 -46.97 -6.17 -17.23
CA ASP D 542 -47.52 -4.85 -17.50
C ASP D 542 -48.97 -5.01 -17.95
N ASN D 543 -49.79 -5.46 -17.00
CA ASN D 543 -51.17 -5.82 -17.28
C ASN D 543 -51.97 -5.74 -15.98
N GLU D 544 -53.17 -6.32 -16.00
CA GLU D 544 -54.08 -6.25 -14.86
C GLU D 544 -53.48 -6.84 -13.59
N VAL D 545 -52.42 -7.63 -13.70
CA VAL D 545 -51.83 -8.26 -12.51
C VAL D 545 -51.23 -7.21 -11.59
N SER D 546 -50.47 -6.27 -12.15
CA SER D 546 -49.70 -5.32 -11.36
C SER D 546 -50.29 -3.91 -11.32
N TRP D 547 -51.21 -3.58 -12.20
CA TRP D 547 -51.88 -2.28 -12.11
C TRP D 547 -52.77 -2.24 -10.87
N VAL D 548 -53.05 -1.01 -10.42
CA VAL D 548 -53.79 -0.80 -9.18
C VAL D 548 -55.28 -0.70 -9.48
N ARG D 549 -56.08 -1.45 -8.74
CA ARG D 549 -57.53 -1.39 -8.83
C ARG D 549 -58.05 -0.30 -7.89
N TRP D 550 -58.70 0.71 -8.45
CA TRP D 550 -59.29 1.72 -7.59
C TRP D 550 -60.71 1.32 -7.23
N PRO D 551 -61.07 1.31 -5.95
CA PRO D 551 -62.18 0.47 -5.49
C PRO D 551 -63.55 1.12 -5.54
N LYS D 552 -64.55 0.25 -5.66
CA LYS D 552 -65.96 0.58 -5.42
C LYS D 552 -66.53 -0.60 -4.64
N GLU D 556 -67.12 -2.13 -0.12
CA GLU D 556 -67.14 -1.88 1.31
C GLU D 556 -65.90 -2.40 2.02
N ALA D 557 -65.50 -3.65 1.75
CA ALA D 557 -64.32 -4.21 2.37
C ALA D 557 -63.04 -3.58 1.82
N GLU D 558 -63.05 -3.13 0.57
CA GLU D 558 -61.88 -2.51 -0.02
C GLU D 558 -61.74 -1.04 0.35
N ALA D 559 -62.82 -0.41 0.80
CA ALA D 559 -62.76 0.96 1.29
C ALA D 559 -62.77 1.05 2.81
N THR D 560 -62.99 -0.06 3.51
CA THR D 560 -62.88 -0.07 4.96
C THR D 560 -61.42 -0.22 5.38
N LEU D 561 -60.70 -1.16 4.76
CA LEU D 561 -59.26 -1.27 4.97
C LEU D 561 -58.56 0.03 4.61
N LEU D 562 -59.09 0.78 3.63
CA LEU D 562 -58.51 2.06 3.26
C LEU D 562 -58.65 3.07 4.39
N ARG D 563 -59.85 3.17 4.98
CA ARG D 563 -60.04 4.09 6.09
C ARG D 563 -59.39 3.57 7.37
N PHE D 564 -59.12 2.27 7.46
CA PHE D 564 -58.25 1.76 8.51
C PHE D 564 -56.83 2.29 8.33
N THR D 565 -56.32 2.21 7.10
CA THR D 565 -54.94 2.63 6.83
C THR D 565 -54.78 4.13 7.06
N ARG D 566 -55.65 4.93 6.44
CA ARG D 566 -55.55 6.38 6.56
C ARG D 566 -55.52 6.83 8.01
N SER D 567 -56.43 6.30 8.83
CA SER D 567 -56.49 6.65 10.24
C SER D 567 -55.39 6.11 11.14
N MET D 568 -54.68 5.07 10.72
CA MET D 568 -53.54 4.57 11.48
C MET D 568 -52.24 5.33 11.16
N VAL D 569 -52.15 5.81 9.92
CA VAL D 569 -51.07 6.73 9.56
C VAL D 569 -51.34 7.99 10.35
N ARG D 570 -52.61 8.33 10.57
CA ARG D 570 -52.96 9.46 11.43
C ARG D 570 -52.36 9.30 12.83
N LEU D 571 -52.60 8.14 13.44
CA LEU D 571 -52.14 7.91 14.81
C LEU D 571 -50.63 8.08 14.92
N ARG D 572 -49.88 7.53 13.96
CA ARG D 572 -48.43 7.69 13.98
C ARG D 572 -48.03 9.16 13.88
N ARG D 573 -48.80 9.96 13.14
CA ARG D 573 -48.52 11.39 13.06
C ARG D 573 -48.79 12.09 14.39
N GLU D 574 -49.98 11.84 14.97
CA GLU D 574 -50.36 12.54 16.20
C GLU D 574 -49.46 12.22 17.37
N HIS D 575 -48.76 11.09 17.35
CA HIS D 575 -48.09 10.56 18.54
C HIS D 575 -46.62 10.28 18.26
N PRO D 576 -45.71 11.12 18.78
CA PRO D 576 -44.28 10.95 18.45
C PRO D 576 -43.60 9.78 19.15
N VAL D 577 -44.36 8.94 19.86
CA VAL D 577 -43.75 7.78 20.49
C VAL D 577 -43.46 6.71 19.45
N PHE D 578 -44.38 6.47 18.52
CA PHE D 578 -44.16 5.48 17.47
C PHE D 578 -43.18 5.95 16.40
N ARG D 579 -42.69 7.18 16.49
CA ARG D 579 -41.70 7.73 15.58
C ARG D 579 -40.57 8.39 16.35
N ARG D 580 -40.07 7.70 17.38
CA ARG D 580 -39.05 8.26 18.24
C ARG D 580 -37.78 8.56 17.46
N ARG D 581 -37.08 9.62 17.88
CA ARG D 581 -35.85 10.04 17.25
C ARG D 581 -34.63 9.29 17.78
N ARG D 582 -34.76 8.59 18.91
CA ARG D 582 -33.67 7.78 19.45
C ARG D 582 -34.17 6.40 19.85
N PHE D 583 -33.30 5.61 20.48
CA PHE D 583 -33.66 4.27 20.93
C PHE D 583 -34.15 4.30 22.37
N PHE D 584 -34.96 3.30 22.72
CA PHE D 584 -35.39 3.11 24.09
C PHE D 584 -34.26 2.53 24.94
N HIS D 585 -34.37 2.69 26.25
CA HIS D 585 -33.47 2.00 27.17
C HIS D 585 -34.25 1.34 28.31
N GLY D 586 -35.40 1.91 28.66
CA GLY D 586 -36.31 1.29 29.60
C GLY D 586 -35.80 1.01 30.99
N ARG D 587 -34.60 1.48 31.32
CA ARG D 587 -34.03 1.16 32.62
C ARG D 587 -32.95 2.16 33.03
N PRO D 588 -33.09 2.81 34.18
CA PRO D 588 -31.97 3.57 34.75
C PRO D 588 -31.17 2.70 35.72
N VAL D 589 -29.93 3.12 35.93
CA VAL D 589 -29.04 2.38 36.83
C VAL D 589 -28.98 3.05 38.20
N LEU D 596 -36.86 7.37 34.64
CA LEU D 596 -38.11 6.90 34.09
C LEU D 596 -37.91 5.72 33.15
N THR D 597 -38.81 4.74 33.23
CA THR D 597 -38.83 3.61 32.32
C THR D 597 -39.60 4.01 31.07
N ASP D 598 -38.90 4.20 29.96
CA ASP D 598 -39.54 4.68 28.74
C ASP D 598 -40.17 3.57 27.93
N ILE D 599 -39.84 2.31 28.20
CA ILE D 599 -40.53 1.18 27.58
C ILE D 599 -40.55 0.03 28.56
N ALA D 600 -41.72 -0.57 28.74
CA ALA D 600 -41.89 -1.71 29.64
C ALA D 600 -42.58 -2.83 28.88
N TRP D 601 -42.04 -4.04 29.01
CA TRP D 601 -42.61 -5.22 28.37
C TRP D 601 -43.34 -6.06 29.41
N PHE D 602 -44.53 -6.51 29.05
CA PHE D 602 -45.36 -7.30 29.96
C PHE D 602 -45.86 -8.55 29.25
N THR D 603 -45.94 -9.63 30.01
CA THR D 603 -46.59 -10.86 29.56
C THR D 603 -48.11 -10.67 29.64
N PRO D 604 -48.88 -11.28 28.71
CA PRO D 604 -50.35 -11.17 28.78
C PRO D 604 -50.93 -11.53 30.14
N GLU D 605 -50.18 -12.34 30.90
CA GLU D 605 -50.55 -12.58 32.29
C GLU D 605 -50.61 -11.28 33.09
N GLY D 606 -49.79 -10.29 32.72
CA GLY D 606 -49.83 -8.99 33.36
C GLY D 606 -48.55 -8.57 34.07
N GLU D 607 -47.51 -9.41 34.10
CA GLU D 607 -46.29 -9.10 34.84
C GLU D 607 -45.14 -8.87 33.88
N GLU D 608 -44.09 -8.23 34.40
CA GLU D 608 -42.90 -7.94 33.61
C GLU D 608 -42.20 -9.21 33.13
N MET D 609 -41.50 -9.09 32.00
CA MET D 609 -40.84 -10.23 31.40
C MET D 609 -39.39 -10.44 31.82
N THR D 610 -39.05 -11.69 32.16
CA THR D 610 -37.70 -12.06 32.55
C THR D 610 -36.96 -12.62 31.33
N SER D 611 -35.64 -12.67 31.44
CA SER D 611 -34.81 -13.19 30.35
C SER D 611 -35.15 -14.63 30.00
N ARG D 612 -35.71 -15.39 30.94
CA ARG D 612 -36.15 -16.75 30.62
C ARG D 612 -37.46 -16.75 29.85
N ASP D 613 -38.36 -15.82 30.18
CA ASP D 613 -39.59 -15.68 29.43
C ASP D 613 -39.42 -14.79 28.19
N TRP D 614 -38.21 -14.29 27.94
CA TRP D 614 -37.93 -13.55 26.72
C TRP D 614 -37.46 -14.49 25.61
N GLN D 615 -36.56 -15.41 25.93
CA GLN D 615 -36.21 -16.50 25.03
C GLN D 615 -37.11 -17.71 25.23
N ALA D 616 -38.32 -17.51 25.76
CA ALA D 616 -39.29 -18.58 25.89
C ALA D 616 -39.47 -19.30 24.56
N ALA D 617 -39.32 -20.62 24.59
CA ALA D 617 -39.23 -21.40 23.36
C ALA D 617 -40.47 -21.21 22.49
N HIS D 618 -41.66 -21.34 23.09
CA HIS D 618 -42.93 -21.33 22.34
C HIS D 618 -43.86 -20.30 22.97
N ALA D 619 -43.76 -19.05 22.49
CA ALA D 619 -44.60 -17.96 22.99
C ALA D 619 -44.98 -17.07 21.82
N GLN D 620 -46.20 -16.51 21.90
CA GLN D 620 -46.75 -15.75 20.78
C GLN D 620 -47.51 -14.49 21.20
N ALA D 621 -47.35 -14.02 22.44
CA ALA D 621 -48.10 -12.87 22.92
C ALA D 621 -47.18 -11.88 23.61
N LEU D 622 -47.58 -10.61 23.59
CA LEU D 622 -46.75 -9.52 24.09
C LEU D 622 -47.65 -8.40 24.60
N THR D 623 -47.08 -7.58 25.47
CA THR D 623 -47.74 -6.35 25.93
C THR D 623 -46.66 -5.31 26.17
N VAL D 624 -46.65 -4.25 25.36
CA VAL D 624 -45.60 -3.25 25.38
C VAL D 624 -46.16 -1.94 25.91
N PHE D 625 -45.52 -1.41 26.95
CA PHE D 625 -45.84 -0.08 27.47
C PHE D 625 -44.88 0.93 26.87
N LEU D 626 -45.42 2.01 26.31
CA LEU D 626 -44.64 3.05 25.68
C LEU D 626 -44.89 4.36 26.42
N ASN D 627 -43.89 4.81 27.17
CA ASN D 627 -44.04 6.03 27.98
C ASN D 627 -44.04 7.25 27.07
N GLY D 628 -45.08 8.07 27.17
CA GLY D 628 -45.19 9.26 26.37
C GLY D 628 -44.51 10.47 26.98
N ASN D 629 -44.26 10.42 28.29
CA ASN D 629 -43.58 11.49 28.99
C ASN D 629 -42.06 11.37 28.96
N ALA D 630 -41.54 10.20 28.58
CA ALA D 630 -40.11 9.92 28.64
C ALA D 630 -39.42 10.05 27.29
N ILE D 631 -39.96 10.88 26.40
CA ILE D 631 -39.31 11.16 25.12
C ILE D 631 -38.16 12.13 25.40
N SER D 632 -36.95 11.61 25.44
CA SER D 632 -35.76 12.40 25.79
C SER D 632 -35.24 13.24 24.63
N GLU D 633 -36.02 13.41 23.57
CA GLU D 633 -35.51 14.13 22.43
C GLU D 633 -35.99 15.58 22.43
N PRO D 634 -35.17 16.49 21.94
CA PRO D 634 -35.61 17.88 21.79
C PRO D 634 -36.43 18.06 20.52
N GLY D 635 -37.28 19.09 20.55
CA GLY D 635 -37.95 19.53 19.36
C GLY D 635 -37.03 20.35 18.47
N THR D 636 -37.61 20.94 17.43
CA THR D 636 -36.82 21.78 16.54
C THR D 636 -36.26 23.00 17.28
N GLN D 637 -36.99 23.50 18.27
CA GLN D 637 -36.55 24.63 19.09
C GLN D 637 -36.18 24.20 20.50
N GLY D 638 -35.64 23.00 20.66
CA GLY D 638 -35.33 22.47 21.97
C GLY D 638 -36.52 22.13 22.82
N GLU D 639 -37.73 22.24 22.28
CA GLU D 639 -38.94 21.93 23.03
C GLU D 639 -38.98 20.48 23.45
N ARG D 640 -39.49 20.22 24.66
CA ARG D 640 -39.64 18.86 25.15
C ARG D 640 -40.85 18.23 24.47
N ILE D 641 -40.61 17.23 23.62
CA ILE D 641 -41.70 16.54 22.95
C ILE D 641 -42.44 15.69 23.97
N ALA D 642 -43.72 15.98 24.17
CA ALA D 642 -44.58 15.19 25.04
C ALA D 642 -45.48 14.29 24.20
N ASP D 643 -46.13 13.35 24.88
CA ASP D 643 -47.06 12.44 24.24
C ASP D 643 -47.80 11.66 25.32
N ASP D 644 -48.89 11.02 24.91
CA ASP D 644 -49.62 10.12 25.80
C ASP D 644 -48.88 8.80 25.94
N SER D 645 -49.19 8.07 27.01
CA SER D 645 -48.64 6.75 27.21
C SER D 645 -49.48 5.72 26.46
N PHE D 646 -48.83 4.87 25.69
CA PHE D 646 -49.51 3.86 24.89
C PHE D 646 -49.21 2.46 25.42
N LEU D 647 -50.13 1.54 25.14
CA LEU D 647 -50.04 0.16 25.60
C LEU D 647 -50.39 -0.75 24.43
N LEU D 648 -49.37 -1.34 23.82
CA LEU D 648 -49.56 -2.24 22.68
C LEU D 648 -49.77 -3.66 23.17
N MET D 649 -50.82 -4.31 22.65
CA MET D 649 -51.09 -5.69 23.03
C MET D 649 -51.15 -6.62 21.82
N PHE D 650 -50.06 -7.35 21.61
CA PHE D 650 -49.92 -8.27 20.48
C PHE D 650 -50.29 -9.68 20.90
N ASN D 651 -51.07 -10.35 20.07
CA ASN D 651 -51.44 -11.75 20.31
C ASN D 651 -51.38 -12.49 18.97
N ALA D 652 -50.22 -13.05 18.69
CA ALA D 652 -50.03 -13.89 17.50
C ALA D 652 -50.42 -15.35 17.76
N SER D 653 -51.09 -15.62 18.87
CA SER D 653 -51.48 -16.98 19.21
C SER D 653 -52.51 -17.51 18.22
N ALA D 654 -52.61 -18.84 18.17
CA ALA D 654 -53.63 -19.50 17.38
C ALA D 654 -54.96 -19.60 18.11
N LYS D 655 -55.02 -19.17 19.37
CA LYS D 655 -56.24 -19.19 20.15
C LYS D 655 -56.37 -17.88 20.91
N GLU D 656 -57.51 -17.71 21.57
CA GLU D 656 -57.80 -16.48 22.31
C GLU D 656 -57.02 -16.47 23.62
N LEU D 657 -56.19 -15.45 23.81
CA LEU D 657 -55.42 -15.27 25.03
C LEU D 657 -55.97 -14.07 25.81
N GLU D 658 -56.18 -14.27 27.11
CA GLU D 658 -56.67 -13.19 27.96
C GLU D 658 -55.51 -12.30 28.40
N PHE D 659 -55.69 -11.00 28.24
CA PHE D 659 -54.65 -10.01 28.55
C PHE D 659 -55.02 -9.22 29.79
N VAL D 660 -54.02 -8.97 30.64
CA VAL D 660 -54.18 -8.16 31.84
C VAL D 660 -53.47 -6.83 31.63
N VAL D 661 -54.09 -5.74 32.07
CA VAL D 661 -53.52 -4.40 31.95
C VAL D 661 -52.72 -4.12 33.23
N PRO D 662 -51.64 -3.34 33.17
CA PRO D 662 -50.94 -2.96 34.40
C PRO D 662 -51.52 -1.70 35.05
N HIS D 665 -52.98 -0.69 38.35
CA HIS D 665 -54.31 -0.96 38.89
C HIS D 665 -55.25 0.24 38.88
N GLY D 666 -54.87 1.32 39.56
CA GLY D 666 -55.85 2.34 39.89
C GLY D 666 -56.37 3.09 38.68
N ARG D 667 -55.46 3.61 37.85
CA ARG D 667 -55.81 4.56 36.80
C ARG D 667 -56.43 3.84 35.60
N TYR D 668 -56.63 4.58 34.51
CA TYR D 668 -57.44 4.13 33.39
C TYR D 668 -56.61 4.01 32.12
N TRP D 669 -57.26 3.50 31.07
CA TRP D 669 -56.71 3.42 29.73
C TRP D 669 -57.86 3.46 28.74
N ARG D 670 -57.55 3.80 27.49
CA ARG D 670 -58.55 3.93 26.45
C ARG D 670 -58.17 3.06 25.26
N MET D 671 -59.02 2.10 24.93
CA MET D 671 -58.81 1.27 23.75
C MET D 671 -58.91 2.11 22.48
N VAL D 672 -57.77 2.35 21.81
CA VAL D 672 -57.74 3.27 20.68
C VAL D 672 -57.67 2.47 19.40
N VAL D 673 -56.97 1.34 19.44
CA VAL D 673 -56.85 0.45 18.30
C VAL D 673 -57.24 -0.96 18.70
N ASP D 674 -57.94 -1.66 17.82
CA ASP D 674 -58.26 -3.08 18.00
C ASP D 674 -58.39 -3.69 16.61
N THR D 675 -57.32 -4.35 16.14
CA THR D 675 -57.29 -4.91 14.80
C THR D 675 -58.41 -5.93 14.57
N SER D 676 -59.00 -6.48 15.64
CA SER D 676 -59.91 -7.59 15.48
C SER D 676 -61.22 -7.19 14.78
N ASP D 677 -61.75 -6.01 15.10
CA ASP D 677 -63.14 -5.75 14.68
C ASP D 677 -63.22 -5.38 13.20
N PRO D 678 -64.31 -5.77 12.52
CA PRO D 678 -64.37 -5.61 11.05
C PRO D 678 -64.59 -4.18 10.59
N GLU D 679 -65.07 -3.28 11.44
CA GLU D 679 -65.22 -1.90 11.01
C GLU D 679 -63.92 -1.13 10.96
N GLY D 680 -62.89 -1.63 11.63
CA GLY D 680 -61.62 -0.94 11.73
C GLY D 680 -61.69 -0.10 12.98
N MET D 681 -61.09 -0.57 14.06
CA MET D 681 -61.18 0.14 15.33
C MET D 681 -60.31 1.41 15.49
N PRO D 682 -59.18 1.55 14.77
CA PRO D 682 -58.45 2.82 14.84
C PRO D 682 -59.38 4.00 14.55
N PRO D 683 -60.15 3.98 13.45
CA PRO D 683 -61.10 5.10 13.27
C PRO D 683 -62.27 5.07 14.24
N GLN D 684 -62.62 3.90 14.78
CA GLN D 684 -63.70 3.83 15.76
C GLN D 684 -63.24 4.40 17.10
N GLN D 685 -64.21 4.56 18.00
CA GLN D 685 -63.98 5.14 19.33
C GLN D 685 -64.16 4.01 20.34
N GLY D 686 -63.04 3.47 20.82
CA GLY D 686 -63.06 2.24 21.59
C GLY D 686 -63.38 2.46 23.04
N PRO D 687 -63.64 1.36 23.74
CA PRO D 687 -64.07 1.43 25.14
C PRO D 687 -62.93 1.83 26.06
N GLU D 688 -63.32 2.25 27.27
CA GLU D 688 -62.36 2.57 28.31
C GLU D 688 -61.93 1.30 29.03
N LEU D 689 -60.75 1.35 29.63
CA LEU D 689 -60.24 0.23 30.41
C LEU D 689 -59.51 0.76 31.62
N ALA D 690 -59.73 0.11 32.76
CA ALA D 690 -58.93 0.38 33.94
C ALA D 690 -57.71 -0.51 33.91
N GLY D 691 -56.60 0.01 34.40
CA GLY D 691 -55.40 -0.81 34.48
C GLY D 691 -55.62 -2.00 35.39
N GLY D 692 -55.52 -3.21 34.87
CA GLY D 692 -55.62 -4.37 35.73
C GLY D 692 -56.71 -5.37 35.40
N GLU D 693 -57.67 -5.00 34.56
CA GLU D 693 -58.77 -5.90 34.23
C GLU D 693 -58.37 -6.82 33.09
N ARG D 694 -58.82 -8.07 33.17
CA ARG D 694 -58.55 -9.04 32.12
C ARG D 694 -59.36 -8.70 30.87
N VAL D 695 -58.73 -8.87 29.71
CA VAL D 695 -59.36 -8.61 28.42
C VAL D 695 -59.02 -9.76 27.51
N THR D 696 -60.01 -10.59 27.18
CA THR D 696 -59.81 -11.67 26.23
C THR D 696 -59.58 -11.09 24.85
N LEU D 697 -58.43 -11.41 24.26
CA LEU D 697 -58.03 -10.89 22.97
C LEU D 697 -58.00 -12.02 21.95
N ALA D 698 -58.71 -11.85 20.85
CA ALA D 698 -58.87 -12.90 19.87
C ALA D 698 -57.53 -13.26 19.22
N PRO D 699 -57.41 -14.48 18.68
CA PRO D 699 -56.13 -14.91 18.11
C PRO D 699 -55.75 -14.11 16.87
N LEU D 700 -54.45 -13.87 16.71
CA LEU D 700 -53.91 -13.12 15.58
C LEU D 700 -54.53 -11.72 15.49
N SER D 701 -54.48 -11.00 16.60
CA SER D 701 -55.11 -9.70 16.70
C SER D 701 -54.19 -8.72 17.41
N LEU D 702 -54.54 -7.44 17.34
CA LEU D 702 -53.80 -6.37 17.96
C LEU D 702 -54.75 -5.49 18.77
N THR D 703 -54.18 -4.77 19.74
CA THR D 703 -54.95 -3.85 20.56
C THR D 703 -53.99 -2.83 21.16
N VAL D 704 -54.39 -1.56 21.14
CA VAL D 704 -53.58 -0.46 21.64
C VAL D 704 -54.41 0.36 22.60
N LEU D 705 -53.80 0.79 23.70
CA LEU D 705 -54.44 1.64 24.70
C LEU D 705 -53.74 2.99 24.75
N ARG D 706 -54.41 3.96 25.36
CA ARG D 706 -53.90 5.33 25.42
C ARG D 706 -54.17 5.93 26.79
N ARG D 707 -53.10 6.43 27.43
CA ARG D 707 -53.19 7.14 28.70
C ARG D 707 -53.02 8.64 28.43
N PRO D 708 -54.09 9.44 28.46
CA PRO D 708 -53.98 10.89 28.27
C PRO D 708 -53.36 11.59 29.48
#